data_2L81
#
_entry.id   2L81
#
_entity_poly.entity_id   1
_entity_poly.type   'polypeptide(L)'
_entity_poly.pdbx_seq_one_letter_code
;MGHHHHHHSHMDKRLFLDPDTAIERLQRLQQALEMGVSSLMALVTTDWRCYGYMERHINEIRTAVDKVELFLKEYLHFVK
GAVANAACLPELILHNKMKRELQRVEDSHQILSQTSHDLNECSWSLNILAINKPQNKCDDLDRFVMVAKTVPDDAKQLTT
TINTNAEALFRPGPGS
;
_entity_poly.pdbx_strand_id   A
#
# COMPACT_ATOMS: atom_id res chain seq x y z
N MET A 1 8.94 28.10 -4.99
CA MET A 1 9.86 27.18 -4.26
C MET A 1 9.38 26.91 -2.83
N GLY A 2 8.90 25.69 -2.58
CA GLY A 2 8.49 25.30 -1.23
C GLY A 2 7.39 26.16 -0.62
N HIS A 3 6.17 26.03 -1.15
CA HIS A 3 5.03 26.80 -0.66
C HIS A 3 3.89 25.86 -0.23
N HIS A 4 3.37 26.06 0.99
CA HIS A 4 2.32 25.19 1.56
C HIS A 4 1.08 25.98 1.95
N HIS A 5 -0.09 25.59 1.43
CA HIS A 5 -1.38 26.17 1.86
C HIS A 5 -2.56 25.23 1.57
N HIS A 6 -2.42 23.95 1.93
CA HIS A 6 -3.51 22.99 1.74
C HIS A 6 -4.69 23.29 2.70
N HIS A 7 -5.73 23.90 2.17
CA HIS A 7 -6.90 24.24 2.97
C HIS A 7 -8.17 24.30 2.09
N HIS A 8 -9.35 24.34 2.72
CA HIS A 8 -10.64 24.45 2.03
C HIS A 8 -11.10 23.09 1.47
N SER A 9 -10.18 22.37 0.82
CA SER A 9 -10.42 20.98 0.40
C SER A 9 -10.21 20.03 1.60
N HIS A 10 -11.21 19.19 1.89
CA HIS A 10 -11.19 18.41 3.15
C HIS A 10 -11.80 17.01 3.02
N MET A 11 -12.85 16.87 2.22
CA MET A 11 -13.49 15.55 2.04
C MET A 11 -13.87 15.31 0.58
N ASP A 12 -13.17 15.97 -0.32
CA ASP A 12 -13.39 15.83 -1.75
C ASP A 12 -12.97 14.44 -2.25
N LYS A 13 -13.54 13.99 -3.37
CA LYS A 13 -13.12 12.74 -4.01
C LYS A 13 -11.86 13.00 -4.87
N ARG A 14 -10.87 13.62 -4.22
CA ARG A 14 -9.69 14.18 -4.89
C ARG A 14 -8.82 14.89 -3.84
N LEU A 15 -7.76 15.58 -4.28
CA LEU A 15 -6.97 16.40 -3.35
C LEU A 15 -6.35 17.63 -4.05
N PHE A 16 -6.70 18.82 -3.57
CA PHE A 16 -6.12 20.07 -4.10
C PHE A 16 -5.08 20.64 -3.14
N LEU A 17 -3.81 20.56 -3.54
CA LEU A 17 -2.70 21.11 -2.76
C LEU A 17 -1.56 21.56 -3.67
N ASP A 18 -0.60 22.28 -3.12
CA ASP A 18 0.53 22.78 -3.90
C ASP A 18 1.34 21.64 -4.54
N PRO A 19 1.78 21.82 -5.80
CA PRO A 19 2.61 20.80 -6.49
C PRO A 19 3.90 20.50 -5.73
N ASP A 20 4.49 21.55 -5.12
CA ASP A 20 5.64 21.40 -4.23
C ASP A 20 5.29 20.51 -3.02
N THR A 21 4.15 20.83 -2.38
CA THR A 21 3.71 20.11 -1.17
C THR A 21 3.35 18.65 -1.47
N ALA A 22 2.67 18.42 -2.59
CA ALA A 22 2.24 17.07 -2.97
C ALA A 22 3.41 16.09 -3.04
N ILE A 23 4.56 16.57 -3.54
CA ILE A 23 5.76 15.74 -3.66
C ILE A 23 6.19 15.17 -2.30
N GLU A 24 6.41 16.03 -1.31
CA GLU A 24 6.84 15.56 0.01
C GLU A 24 5.79 14.63 0.64
N ARG A 25 4.51 14.97 0.48
CA ARG A 25 3.40 14.16 0.99
C ARG A 25 3.51 12.71 0.49
N LEU A 26 3.69 12.57 -0.83
CA LEU A 26 3.79 11.25 -1.46
C LEU A 26 5.11 10.55 -1.08
N GLN A 27 6.19 11.33 -0.97
CA GLN A 27 7.49 10.80 -0.55
C GLN A 27 7.41 10.16 0.85
N ARG A 28 6.75 10.86 1.77
CA ARG A 28 6.59 10.36 3.15
C ARG A 28 5.84 9.01 3.16
N LEU A 29 4.81 8.90 2.32
CA LEU A 29 4.02 7.67 2.21
C LEU A 29 4.86 6.51 1.65
N GLN A 30 5.67 6.79 0.63
CA GLN A 30 6.58 5.79 0.05
C GLN A 30 7.49 5.18 1.14
N GLN A 31 8.19 6.04 1.87
CA GLN A 31 9.10 5.60 2.94
C GLN A 31 8.32 4.89 4.07
N ALA A 32 7.15 5.43 4.41
CA ALA A 32 6.29 4.85 5.44
C ALA A 32 5.89 3.40 5.08
N LEU A 33 5.54 3.19 3.82
CA LEU A 33 5.21 1.86 3.31
C LEU A 33 6.41 0.91 3.44
N GLU A 34 7.59 1.38 3.06
CA GLU A 34 8.82 0.59 3.16
C GLU A 34 9.12 0.20 4.62
N MET A 35 8.80 1.09 5.56
CA MET A 35 8.98 0.79 6.99
C MET A 35 8.03 -0.34 7.42
N GLY A 36 6.78 -0.30 6.94
CA GLY A 36 5.83 -1.37 7.22
C GLY A 36 6.27 -2.72 6.63
N VAL A 37 6.69 -2.68 5.38
CA VAL A 37 7.22 -3.88 4.70
C VAL A 37 8.46 -4.41 5.42
N SER A 38 9.36 -3.50 5.81
CA SER A 38 10.58 -3.87 6.57
C SER A 38 10.22 -4.57 7.88
N SER A 39 9.20 -4.05 8.56
CA SER A 39 8.68 -4.67 9.79
C SER A 39 8.33 -6.15 9.57
N LEU A 40 7.67 -6.43 8.44
CA LEU A 40 7.34 -7.81 8.04
C LEU A 40 8.61 -8.62 7.75
N MET A 41 9.55 -8.01 7.03
CA MET A 41 10.82 -8.68 6.68
C MET A 41 11.63 -9.07 7.93
N ALA A 42 11.59 -8.22 8.95
CA ALA A 42 12.28 -8.49 10.22
C ALA A 42 11.67 -9.70 10.94
N LEU A 43 10.35 -9.81 10.89
CA LEU A 43 9.63 -10.94 11.49
C LEU A 43 9.76 -12.22 10.66
N VAL A 44 9.86 -12.06 9.34
CA VAL A 44 10.06 -13.19 8.42
C VAL A 44 11.53 -13.25 7.96
N THR A 45 12.39 -13.73 8.85
CA THR A 45 13.84 -13.84 8.55
C THR A 45 14.23 -15.28 8.17
N THR A 46 13.25 -16.17 8.14
CA THR A 46 13.48 -17.59 7.80
C THR A 46 12.21 -18.23 7.25
N ASP A 47 12.32 -19.49 6.82
CA ASP A 47 11.18 -20.23 6.28
C ASP A 47 10.24 -20.70 7.42
N TRP A 48 8.98 -20.95 7.06
CA TRP A 48 7.93 -21.30 8.04
C TRP A 48 8.18 -22.66 8.70
N ARG A 49 9.12 -23.43 8.14
CA ARG A 49 9.51 -24.74 8.70
C ARG A 49 9.90 -24.65 10.18
N CYS A 50 10.25 -23.46 10.66
CA CYS A 50 10.65 -23.27 12.06
C CYS A 50 9.45 -22.87 12.93
N TYR A 51 8.73 -23.86 13.42
CA TYR A 51 7.57 -23.62 14.31
C TYR A 51 8.00 -22.86 15.58
N GLY A 52 9.14 -23.23 16.14
CA GLY A 52 9.65 -22.58 17.34
C GLY A 52 9.74 -21.06 17.20
N TYR A 53 10.35 -20.61 16.11
CA TYR A 53 10.50 -19.17 15.83
C TYR A 53 9.16 -18.52 15.45
N MET A 54 8.45 -19.13 14.51
CA MET A 54 7.17 -18.59 14.01
C MET A 54 6.16 -18.37 15.14
N GLU A 55 6.00 -19.36 16.02
CA GLU A 55 5.06 -19.26 17.15
C GLU A 55 5.39 -18.05 18.04
N ARG A 56 6.68 -17.73 18.15
CA ARG A 56 7.13 -16.64 19.01
C ARG A 56 6.96 -15.26 18.34
N HIS A 57 6.48 -15.26 17.09
CA HIS A 57 6.18 -14.02 16.38
C HIS A 57 4.74 -14.00 15.81
N ILE A 58 3.93 -15.00 16.18
CA ILE A 58 2.59 -15.18 15.59
C ILE A 58 1.68 -13.96 15.87
N ASN A 59 1.87 -13.29 17.01
CA ASN A 59 1.02 -12.15 17.39
C ASN A 59 1.48 -10.86 16.71
N GLU A 60 2.77 -10.55 16.79
CA GLU A 60 3.32 -9.29 16.25
C GLU A 60 3.34 -9.28 14.71
N ILE A 61 3.39 -10.45 14.08
CA ILE A 61 3.33 -10.53 12.62
C ILE A 61 1.97 -10.05 12.10
N ARG A 62 0.92 -10.26 12.89
CA ARG A 62 -0.43 -9.77 12.56
C ARG A 62 -0.44 -8.24 12.48
N THR A 63 0.20 -7.59 13.45
CA THR A 63 0.33 -6.12 13.45
C THR A 63 1.11 -5.63 12.24
N ALA A 64 2.21 -6.35 11.90
CA ALA A 64 3.01 -6.02 10.71
C ALA A 64 2.18 -6.12 9.43
N VAL A 65 1.42 -7.20 9.29
CA VAL A 65 0.45 -7.36 8.20
C VAL A 65 -0.50 -6.15 8.15
N ASP A 66 -1.05 -5.80 9.31
CA ASP A 66 -1.92 -4.64 9.44
C ASP A 66 -1.18 -3.34 9.00
N LYS A 67 0.11 -3.25 9.29
CA LYS A 67 0.92 -2.09 8.90
C LYS A 67 1.06 -1.98 7.38
N VAL A 68 1.46 -3.08 6.73
CA VAL A 68 1.58 -3.12 5.27
C VAL A 68 0.27 -2.69 4.60
N GLU A 69 -0.83 -3.30 5.03
CA GLU A 69 -2.18 -2.94 4.54
C GLU A 69 -2.52 -1.47 4.85
N LEU A 70 -2.16 -1.02 6.05
CA LEU A 70 -2.43 0.35 6.50
C LEU A 70 -1.76 1.39 5.60
N PHE A 71 -0.42 1.37 5.56
CA PHE A 71 0.35 2.33 4.76
C PHE A 71 -0.01 2.26 3.28
N LEU A 72 -0.23 1.04 2.78
CA LEU A 72 -0.63 0.84 1.38
C LEU A 72 -2.03 1.43 1.12
N LYS A 73 -2.94 1.24 2.06
CA LYS A 73 -4.30 1.79 1.96
C LYS A 73 -4.27 3.33 1.98
N GLU A 74 -3.50 3.91 2.90
CA GLU A 74 -3.35 5.37 2.98
C GLU A 74 -2.62 5.92 1.74
N TYR A 75 -1.68 5.14 1.20
CA TYR A 75 -1.00 5.48 -0.04
C TYR A 75 -2.01 5.56 -1.20
N LEU A 76 -2.82 4.51 -1.36
CA LEU A 76 -3.88 4.50 -2.37
C LEU A 76 -4.86 5.68 -2.18
N HIS A 77 -5.20 5.96 -0.93
CA HIS A 77 -6.09 7.08 -0.58
C HIS A 77 -5.55 8.41 -1.13
N PHE A 78 -4.23 8.55 -1.22
CA PHE A 78 -3.60 9.77 -1.73
C PHE A 78 -3.50 9.74 -3.27
N VAL A 79 -2.86 8.70 -3.82
CA VAL A 79 -2.63 8.60 -5.27
C VAL A 79 -3.94 8.60 -6.07
N LYS A 80 -4.98 7.95 -5.55
CA LYS A 80 -6.30 7.95 -6.20
C LYS A 80 -6.84 9.38 -6.33
N GLY A 81 -6.58 10.21 -5.31
CA GLY A 81 -6.96 11.61 -5.36
C GLY A 81 -6.22 12.38 -6.44
N ALA A 82 -4.93 12.08 -6.60
CA ALA A 82 -4.12 12.67 -7.67
C ALA A 82 -4.65 12.24 -9.05
N VAL A 83 -4.89 10.95 -9.23
CA VAL A 83 -5.46 10.42 -10.48
C VAL A 83 -6.79 11.11 -10.80
N ALA A 84 -7.56 11.43 -9.75
CA ALA A 84 -8.81 12.18 -9.90
C ALA A 84 -8.57 13.55 -10.54
N ASN A 85 -7.50 14.22 -10.12
CA ASN A 85 -7.12 15.54 -10.67
C ASN A 85 -6.60 15.40 -12.11
N ALA A 86 -5.93 14.28 -12.39
CA ALA A 86 -5.42 14.00 -13.74
C ALA A 86 -6.54 13.99 -14.79
N ALA A 87 -7.78 13.78 -14.33
CA ALA A 87 -8.95 13.78 -15.22
C ALA A 87 -9.31 15.20 -15.70
N CYS A 88 -8.67 16.22 -15.11
CA CYS A 88 -8.91 17.62 -15.49
C CYS A 88 -7.86 18.12 -16.48
N LEU A 89 -6.97 17.24 -16.93
CA LEU A 89 -5.90 17.61 -17.86
C LEU A 89 -6.39 17.64 -19.32
N PRO A 90 -5.87 18.59 -20.14
CA PRO A 90 -6.26 18.70 -21.56
C PRO A 90 -5.89 17.45 -22.39
N GLU A 91 -4.71 16.88 -22.12
CA GLU A 91 -4.27 15.67 -22.80
C GLU A 91 -5.06 14.44 -22.36
N LEU A 92 -5.18 14.27 -21.04
CA LEU A 92 -5.82 13.08 -20.43
C LEU A 92 -4.88 11.86 -20.52
N ILE A 93 -3.85 11.93 -21.38
CA ILE A 93 -2.94 10.81 -21.61
C ILE A 93 -2.23 10.37 -20.30
N LEU A 94 -1.73 11.36 -19.55
CA LEU A 94 -1.08 11.10 -18.25
C LEU A 94 -2.02 10.33 -17.31
N HIS A 95 -3.31 10.66 -17.36
CA HIS A 95 -4.32 10.02 -16.51
C HIS A 95 -4.37 8.50 -16.74
N ASN A 96 -4.21 8.09 -18.00
CA ASN A 96 -4.20 6.66 -18.36
C ASN A 96 -2.91 5.99 -17.87
N LYS A 97 -1.78 6.67 -18.06
CA LYS A 97 -0.47 6.13 -17.66
C LYS A 97 -0.35 5.97 -16.14
N MET A 98 -0.82 6.96 -15.39
CA MET A 98 -0.71 6.91 -13.92
C MET A 98 -1.69 5.91 -13.29
N LYS A 99 -2.77 5.57 -14.01
CA LYS A 99 -3.74 4.59 -13.48
C LYS A 99 -3.32 3.14 -13.80
N ARG A 100 -2.78 2.90 -15.00
CA ARG A 100 -2.35 1.54 -15.40
C ARG A 100 -1.34 0.96 -14.41
N GLU A 101 -0.33 1.77 -14.04
CA GLU A 101 0.66 1.34 -13.04
C GLU A 101 0.00 1.14 -11.67
N LEU A 102 -0.94 2.04 -11.34
CA LEU A 102 -1.68 1.95 -10.07
C LEU A 102 -2.47 0.63 -9.97
N GLN A 103 -2.92 0.11 -11.12
CA GLN A 103 -3.68 -1.14 -11.16
C GLN A 103 -2.85 -2.33 -10.69
N ARG A 104 -1.52 -2.19 -10.71
CA ARG A 104 -0.63 -3.19 -10.14
C ARG A 104 -0.59 -3.07 -8.61
N VAL A 105 -0.52 -1.84 -8.12
CA VAL A 105 -0.50 -1.58 -6.67
C VAL A 105 -1.83 -1.98 -6.01
N GLU A 106 -2.94 -1.75 -6.71
CA GLU A 106 -4.25 -2.21 -6.24
C GLU A 106 -4.37 -3.75 -6.36
N ASP A 107 -3.85 -4.29 -7.46
CA ASP A 107 -3.86 -5.74 -7.69
C ASP A 107 -3.13 -6.49 -6.56
N SER A 108 -2.04 -5.91 -6.07
CA SER A 108 -1.33 -6.47 -4.92
C SER A 108 -2.15 -6.33 -3.63
N HIS A 109 -2.62 -5.11 -3.37
CA HIS A 109 -3.38 -4.81 -2.14
C HIS A 109 -4.60 -5.74 -1.96
N GLN A 110 -5.32 -6.02 -3.05
CA GLN A 110 -6.51 -6.87 -2.97
C GLN A 110 -6.16 -8.32 -2.57
N ILE A 111 -5.13 -8.91 -3.19
CA ILE A 111 -4.73 -10.29 -2.85
C ILE A 111 -4.10 -10.35 -1.45
N LEU A 112 -3.42 -9.27 -1.05
CA LEU A 112 -2.89 -9.15 0.32
C LEU A 112 -4.03 -9.21 1.35
N SER A 113 -5.07 -8.41 1.11
CA SER A 113 -6.26 -8.40 1.99
C SER A 113 -6.96 -9.77 2.00
N GLN A 114 -7.10 -10.40 0.83
CA GLN A 114 -7.73 -11.73 0.73
C GLN A 114 -7.00 -12.77 1.60
N THR A 115 -5.67 -12.80 1.50
CA THR A 115 -4.87 -13.74 2.30
C THR A 115 -4.96 -13.41 3.79
N SER A 116 -4.62 -12.16 4.15
CA SER A 116 -4.67 -11.70 5.54
C SER A 116 -6.03 -12.01 6.20
N HIS A 117 -7.12 -11.66 5.53
CA HIS A 117 -8.47 -11.91 6.05
C HIS A 117 -8.72 -13.41 6.27
N ASP A 118 -8.32 -14.23 5.30
CA ASP A 118 -8.50 -15.69 5.39
C ASP A 118 -7.70 -16.27 6.58
N LEU A 119 -6.46 -15.80 6.75
CA LEU A 119 -5.63 -16.19 7.89
C LEU A 119 -6.29 -15.78 9.21
N ASN A 120 -6.92 -14.60 9.20
CA ASN A 120 -7.65 -14.11 10.37
C ASN A 120 -8.86 -15.01 10.69
N GLU A 121 -9.57 -15.47 9.65
CA GLU A 121 -10.69 -16.40 9.84
C GLU A 121 -10.19 -17.78 10.30
N CYS A 122 -8.94 -18.09 9.95
CA CYS A 122 -8.26 -19.28 10.47
C CYS A 122 -7.70 -19.02 11.88
N SER A 123 -8.05 -17.85 12.44
CA SER A 123 -7.64 -17.43 13.79
C SER A 123 -6.11 -17.45 13.95
N TRP A 124 -5.40 -17.37 12.81
CA TRP A 124 -3.93 -17.45 12.79
C TRP A 124 -3.42 -18.67 13.55
N SER A 125 -4.19 -19.76 13.53
CA SER A 125 -3.82 -21.00 14.20
C SER A 125 -2.49 -21.55 13.68
N LEU A 126 -1.54 -21.76 14.61
CA LEU A 126 -0.21 -22.27 14.26
C LEU A 126 -0.28 -23.59 13.48
N ASN A 127 -1.35 -24.36 13.69
CA ASN A 127 -1.55 -25.64 13.00
C ASN A 127 -1.61 -25.46 11.48
N ILE A 128 -2.21 -24.35 11.02
CA ILE A 128 -2.35 -24.08 9.58
C ILE A 128 -1.14 -23.30 9.04
N LEU A 129 -0.57 -22.43 9.87
CA LEU A 129 0.52 -21.53 9.45
C LEU A 129 1.91 -22.15 9.65
N ALA A 130 2.26 -22.46 10.91
CA ALA A 130 3.60 -22.95 11.24
C ALA A 130 3.75 -24.45 10.97
N ILE A 131 2.66 -25.20 11.11
CA ILE A 131 2.64 -26.64 10.81
C ILE A 131 2.08 -26.87 9.40
N ASN A 132 2.44 -25.97 8.48
CA ASN A 132 1.92 -26.00 7.11
C ASN A 132 2.61 -27.09 6.26
N LYS A 133 1.90 -27.57 5.23
CA LYS A 133 2.42 -28.63 4.36
C LYS A 133 3.52 -28.10 3.41
N PRO A 134 4.64 -28.84 3.27
CA PRO A 134 5.76 -28.44 2.39
C PRO A 134 5.33 -28.21 0.92
N GLN A 135 4.46 -29.08 0.39
CA GLN A 135 3.94 -28.93 -0.96
C GLN A 135 2.62 -28.14 -0.96
N ASN A 136 2.71 -26.83 -1.16
CA ASN A 136 1.54 -25.95 -1.20
C ASN A 136 1.76 -24.77 -2.17
N LYS A 137 1.09 -24.83 -3.32
CA LYS A 137 1.10 -23.69 -4.26
C LYS A 137 0.08 -22.65 -3.81
N CYS A 138 -0.85 -23.07 -2.96
CA CYS A 138 -1.82 -22.17 -2.33
C CYS A 138 -1.28 -21.63 -1.00
N ASP A 139 0.04 -21.44 -0.94
CA ASP A 139 0.72 -20.92 0.24
C ASP A 139 0.44 -19.41 0.42
N ASP A 140 -0.81 -19.08 0.73
CA ASP A 140 -1.26 -17.69 0.85
C ASP A 140 -0.42 -16.89 1.87
N LEU A 141 -0.02 -17.57 2.95
CA LEU A 141 0.83 -16.97 3.99
C LEU A 141 2.16 -16.47 3.39
N ASP A 142 2.79 -17.30 2.57
CA ASP A 142 4.07 -16.94 1.94
C ASP A 142 3.87 -15.98 0.77
N ARG A 143 2.78 -16.18 0.03
CA ARG A 143 2.43 -15.27 -1.08
C ARG A 143 2.31 -13.82 -0.58
N PHE A 144 1.67 -13.64 0.58
CA PHE A 144 1.55 -12.32 1.20
C PHE A 144 2.95 -11.68 1.36
N VAL A 145 3.91 -12.47 1.83
CA VAL A 145 5.27 -11.98 2.06
C VAL A 145 5.94 -11.54 0.75
N MET A 146 6.03 -12.44 -0.23
CA MET A 146 6.68 -12.13 -1.52
C MET A 146 6.02 -10.92 -2.22
N VAL A 147 4.70 -10.80 -2.11
CA VAL A 147 3.98 -9.66 -2.70
C VAL A 147 4.20 -8.38 -1.89
N ALA A 148 4.05 -8.46 -0.58
CA ALA A 148 4.22 -7.30 0.31
C ALA A 148 5.59 -6.63 0.12
N LYS A 149 6.62 -7.44 -0.13
CA LYS A 149 7.99 -6.92 -0.28
C LYS A 149 8.26 -6.35 -1.69
N THR A 150 7.35 -6.59 -2.64
CA THR A 150 7.47 -5.99 -3.99
C THR A 150 6.59 -4.73 -4.12
N VAL A 151 5.57 -4.62 -3.27
CA VAL A 151 4.65 -3.48 -3.28
C VAL A 151 5.38 -2.11 -3.26
N PRO A 152 6.37 -1.90 -2.36
CA PRO A 152 7.12 -0.63 -2.31
C PRO A 152 7.81 -0.27 -3.64
N ASP A 153 8.18 -1.29 -4.43
CA ASP A 153 8.85 -1.07 -5.71
C ASP A 153 7.83 -0.67 -6.79
N ASP A 154 6.72 -1.43 -6.87
CA ASP A 154 5.63 -1.11 -7.79
C ASP A 154 5.00 0.25 -7.46
N ALA A 155 4.85 0.53 -6.16
CA ALA A 155 4.34 1.84 -5.70
C ALA A 155 5.30 2.97 -6.11
N LYS A 156 6.60 2.70 -5.99
CA LYS A 156 7.65 3.66 -6.38
C LYS A 156 7.45 4.16 -7.83
N GLN A 157 6.84 3.32 -8.68
CA GLN A 157 6.52 3.72 -10.05
C GLN A 157 5.53 4.90 -10.04
N LEU A 158 4.46 4.76 -9.25
CA LEU A 158 3.46 5.83 -9.10
C LEU A 158 4.07 7.05 -8.41
N THR A 159 4.76 6.81 -7.30
CA THR A 159 5.44 7.87 -6.54
C THR A 159 6.25 8.78 -7.46
N THR A 160 7.11 8.20 -8.30
CA THR A 160 7.95 8.97 -9.21
C THR A 160 7.12 9.68 -10.30
N THR A 161 6.17 8.97 -10.89
CA THR A 161 5.33 9.51 -11.97
C THR A 161 4.55 10.76 -11.52
N ILE A 162 3.87 10.65 -10.39
CA ILE A 162 3.09 11.78 -9.86
C ILE A 162 4.00 12.95 -9.47
N ASN A 163 5.08 12.66 -8.74
CA ASN A 163 6.02 13.69 -8.29
C ASN A 163 6.64 14.49 -9.46
N THR A 164 7.00 13.80 -10.55
CA THR A 164 7.62 14.47 -11.70
C THR A 164 6.60 15.30 -12.50
N ASN A 165 5.34 14.84 -12.54
CA ASN A 165 4.26 15.57 -13.23
C ASN A 165 3.40 16.39 -12.25
N ALA A 166 3.90 16.56 -11.02
CA ALA A 166 3.17 17.27 -9.96
C ALA A 166 2.76 18.69 -10.39
N GLU A 167 3.67 19.39 -11.07
CA GLU A 167 3.41 20.75 -11.55
C GLU A 167 2.28 20.80 -12.59
N ALA A 168 2.06 19.67 -13.28
CA ALA A 168 0.98 19.57 -14.27
C ALA A 168 -0.34 19.14 -13.63
N LEU A 169 -0.25 18.27 -12.62
CA LEU A 169 -1.42 17.77 -11.89
C LEU A 169 -1.96 18.84 -10.92
N PHE A 170 -1.06 19.54 -10.26
CA PHE A 170 -1.43 20.53 -9.23
C PHE A 170 -1.01 21.94 -9.64
N ARG A 171 -2.00 22.81 -9.84
CA ARG A 171 -1.75 24.19 -10.25
C ARG A 171 -2.01 25.17 -9.09
N PRO A 172 -0.95 25.85 -8.60
CA PRO A 172 -1.06 26.77 -7.45
C PRO A 172 -1.48 28.20 -7.85
N GLY A 173 -1.68 28.41 -9.15
CA GLY A 173 -2.05 29.72 -9.66
C GLY A 173 -0.95 30.36 -10.50
N PRO A 174 -1.26 31.37 -11.32
CA PRO A 174 -0.26 32.03 -12.21
C PRO A 174 0.83 32.78 -11.42
N GLY A 175 2.04 32.80 -11.98
CA GLY A 175 3.16 33.51 -11.34
C GLY A 175 3.99 34.32 -12.34
N SER A 176 3.50 35.53 -12.66
CA SER A 176 4.18 36.40 -13.63
C SER A 176 4.90 37.58 -12.94
N MET A 1 -23.45 -17.61 19.88
CA MET A 1 -23.74 -17.63 18.41
C MET A 1 -22.58 -17.04 17.60
N GLY A 2 -21.96 -15.98 18.09
CA GLY A 2 -20.82 -15.37 17.41
C GLY A 2 -21.24 -14.35 16.34
N HIS A 3 -21.02 -14.70 15.07
CA HIS A 3 -21.38 -13.85 13.94
C HIS A 3 -20.79 -12.42 14.05
N HIS A 4 -19.50 -12.33 14.38
CA HIS A 4 -18.83 -11.04 14.57
C HIS A 4 -18.35 -10.44 13.23
N HIS A 5 -19.15 -10.62 12.19
CA HIS A 5 -18.80 -10.16 10.83
C HIS A 5 -19.20 -8.69 10.61
N HIS A 6 -18.21 -7.79 10.61
CA HIS A 6 -18.45 -6.37 10.34
C HIS A 6 -17.17 -5.65 9.88
N HIS A 7 -17.30 -4.84 8.83
CA HIS A 7 -16.19 -4.02 8.32
C HIS A 7 -16.32 -2.56 8.76
N HIS A 8 -15.21 -1.82 8.73
CA HIS A 8 -15.20 -0.40 9.06
C HIS A 8 -14.05 0.33 8.33
N SER A 9 -14.39 1.15 7.34
CA SER A 9 -13.39 1.90 6.57
C SER A 9 -14.03 3.06 5.81
N HIS A 10 -13.30 4.17 5.67
CA HIS A 10 -13.79 5.36 4.98
C HIS A 10 -12.74 5.92 4.00
N MET A 11 -13.19 6.25 2.78
CA MET A 11 -12.29 6.81 1.75
C MET A 11 -12.79 8.17 1.25
N ASP A 12 -11.86 9.04 0.88
CA ASP A 12 -12.20 10.39 0.39
C ASP A 12 -12.48 10.39 -1.12
N LYS A 13 -12.82 11.56 -1.66
CA LYS A 13 -13.09 11.70 -3.10
C LYS A 13 -11.82 12.11 -3.87
N ARG A 14 -11.26 13.28 -3.53
CA ARG A 14 -10.02 13.76 -4.15
C ARG A 14 -9.41 14.92 -3.34
N LEU A 15 -8.08 15.01 -3.38
CA LEU A 15 -7.34 16.05 -2.66
C LEU A 15 -7.11 17.31 -3.53
N PHE A 16 -6.97 18.46 -2.87
CA PHE A 16 -6.67 19.73 -3.56
C PHE A 16 -5.49 20.45 -2.91
N LEU A 17 -4.41 20.65 -3.67
CA LEU A 17 -3.20 21.31 -3.16
C LEU A 17 -2.27 21.75 -4.29
N ASP A 18 -1.18 22.43 -3.94
CA ASP A 18 -0.21 22.90 -4.92
C ASP A 18 0.65 21.75 -5.48
N PRO A 19 1.11 21.87 -6.75
CA PRO A 19 1.92 20.83 -7.40
C PRO A 19 3.21 20.50 -6.63
N ASP A 20 4.04 21.51 -6.40
CA ASP A 20 5.31 21.35 -5.68
C ASP A 20 5.07 20.84 -4.25
N THR A 21 4.01 21.31 -3.61
CA THR A 21 3.65 20.89 -2.25
C THR A 21 3.28 19.40 -2.20
N ALA A 22 2.59 18.91 -3.23
CA ALA A 22 2.18 17.51 -3.30
C ALA A 22 3.38 16.55 -3.24
N ILE A 23 4.55 17.03 -3.68
CA ILE A 23 5.78 16.23 -3.67
C ILE A 23 6.20 15.89 -2.23
N GLU A 24 6.40 16.93 -1.40
CA GLU A 24 6.78 16.73 0.00
C GLU A 24 5.72 15.90 0.75
N ARG A 25 4.46 16.04 0.33
CA ARG A 25 3.36 15.25 0.90
C ARG A 25 3.54 13.74 0.62
N LEU A 26 3.70 13.40 -0.66
CA LEU A 26 3.77 12.02 -1.12
C LEU A 26 5.05 11.32 -0.62
N GLN A 27 6.16 12.04 -0.63
CA GLN A 27 7.46 11.48 -0.17
C GLN A 27 7.37 10.92 1.25
N ARG A 28 6.58 11.56 2.11
CA ARG A 28 6.39 11.10 3.49
C ARG A 28 5.71 9.73 3.53
N LEU A 29 4.74 9.53 2.64
CA LEU A 29 3.98 8.27 2.58
C LEU A 29 4.85 7.10 2.09
N GLN A 30 5.71 7.37 1.11
CA GLN A 30 6.66 6.36 0.61
C GLN A 30 7.53 5.80 1.76
N GLN A 31 8.14 6.71 2.52
CA GLN A 31 8.99 6.31 3.65
C GLN A 31 8.18 5.58 4.74
N ALA A 32 6.97 6.07 5.01
CA ALA A 32 6.08 5.44 5.99
C ALA A 32 5.74 4.00 5.59
N LEU A 33 5.46 3.80 4.30
CA LEU A 33 5.18 2.48 3.75
C LEU A 33 6.37 1.52 3.97
N GLU A 34 7.58 2.01 3.69
CA GLU A 34 8.79 1.22 3.88
C GLU A 34 8.98 0.79 5.35
N MET A 35 8.54 1.63 6.29
CA MET A 35 8.60 1.28 7.72
C MET A 35 7.67 0.09 8.03
N GLY A 36 6.45 0.14 7.50
CA GLY A 36 5.50 -0.95 7.68
C GLY A 36 6.00 -2.26 7.05
N VAL A 37 6.46 -2.18 5.81
CA VAL A 37 7.03 -3.33 5.11
C VAL A 37 8.25 -3.88 5.87
N SER A 38 9.14 -2.98 6.31
CA SER A 38 10.36 -3.37 7.03
C SER A 38 10.02 -4.20 8.28
N SER A 39 8.93 -3.83 8.94
CA SER A 39 8.47 -4.55 10.14
C SER A 39 8.20 -6.03 9.84
N LEU A 40 7.56 -6.30 8.69
CA LEU A 40 7.27 -7.68 8.28
C LEU A 40 8.55 -8.40 7.82
N MET A 41 9.35 -7.73 6.99
CA MET A 41 10.62 -8.27 6.51
C MET A 41 11.54 -8.70 7.68
N ALA A 42 11.41 -8.02 8.81
CA ALA A 42 12.15 -8.39 10.03
C ALA A 42 11.61 -9.68 10.65
N LEU A 43 10.30 -9.90 10.51
CA LEU A 43 9.63 -11.07 11.10
C LEU A 43 9.69 -12.31 10.20
N VAL A 44 9.87 -12.11 8.90
CA VAL A 44 10.07 -13.23 7.98
C VAL A 44 11.53 -13.72 8.02
N THR A 45 12.48 -12.76 8.15
CA THR A 45 13.93 -13.05 8.25
C THR A 45 14.41 -14.25 7.40
N THR A 46 14.31 -15.46 7.95
CA THR A 46 14.68 -16.69 7.24
C THR A 46 14.28 -17.94 8.05
N ASP A 47 13.97 -19.04 7.34
CA ASP A 47 13.58 -20.31 7.99
C ASP A 47 12.31 -20.13 8.85
N TRP A 48 11.57 -19.05 8.59
CA TRP A 48 10.44 -18.63 9.42
C TRP A 48 9.25 -19.61 9.42
N ARG A 49 9.21 -20.56 8.47
CA ARG A 49 8.07 -21.47 8.35
C ARG A 49 8.24 -22.75 9.20
N CYS A 50 9.35 -22.87 9.92
CA CYS A 50 9.54 -23.99 10.84
C CYS A 50 8.74 -23.73 12.13
N TYR A 51 7.88 -24.68 12.52
CA TYR A 51 6.93 -24.48 13.63
C TYR A 51 7.56 -23.78 14.86
N GLY A 52 8.72 -24.28 15.30
CA GLY A 52 9.40 -23.69 16.45
C GLY A 52 9.79 -22.23 16.23
N TYR A 53 10.44 -21.96 15.10
CA TYR A 53 10.91 -20.60 14.78
C TYR A 53 9.73 -19.67 14.40
N MET A 54 8.65 -20.27 13.90
CA MET A 54 7.47 -19.52 13.46
C MET A 54 6.65 -19.04 14.67
N GLU A 55 6.30 -19.98 15.56
CA GLU A 55 5.50 -19.67 16.75
C GLU A 55 6.09 -18.50 17.55
N ARG A 56 7.42 -18.46 17.65
CA ARG A 56 8.10 -17.39 18.39
C ARG A 56 7.74 -15.99 17.87
N HIS A 57 7.41 -15.87 16.58
CA HIS A 57 7.07 -14.57 15.99
C HIS A 57 5.64 -14.55 15.39
N ILE A 58 4.82 -15.55 15.72
CA ILE A 58 3.44 -15.62 15.22
C ILE A 58 2.58 -14.47 15.80
N ASN A 59 2.85 -14.11 17.05
CA ASN A 59 2.12 -13.04 17.73
C ASN A 59 2.45 -11.66 17.13
N GLU A 60 3.71 -11.45 16.78
CA GLU A 60 4.19 -10.17 16.27
C GLU A 60 3.75 -9.94 14.80
N ILE A 61 3.86 -10.99 13.99
CA ILE A 61 3.55 -10.89 12.55
C ILE A 61 2.10 -10.47 12.28
N ARG A 62 1.20 -10.81 13.21
CA ARG A 62 -0.22 -10.42 13.11
C ARG A 62 -0.39 -8.91 12.88
N THR A 63 0.29 -8.10 13.71
CA THR A 63 0.21 -6.64 13.59
C THR A 63 1.03 -6.11 12.40
N ALA A 64 2.16 -6.76 12.10
CA ALA A 64 3.01 -6.36 10.98
C ALA A 64 2.26 -6.46 9.64
N VAL A 65 1.52 -7.56 9.45
CA VAL A 65 0.70 -7.75 8.25
C VAL A 65 -0.29 -6.59 8.07
N ASP A 66 -0.92 -6.16 9.16
CA ASP A 66 -1.81 -5.00 9.12
C ASP A 66 -1.06 -3.72 8.72
N LYS A 67 0.13 -3.51 9.29
CA LYS A 67 0.94 -2.32 8.99
C LYS A 67 1.24 -2.19 7.50
N VAL A 68 1.63 -3.30 6.86
CA VAL A 68 1.93 -3.30 5.42
C VAL A 68 0.77 -2.70 4.60
N GLU A 69 -0.42 -3.26 4.77
CA GLU A 69 -1.61 -2.80 4.05
C GLU A 69 -2.18 -1.49 4.65
N LEU A 70 -1.83 -1.20 5.90
CA LEU A 70 -2.23 0.07 6.54
C LEU A 70 -1.55 1.25 5.86
N PHE A 71 -0.22 1.26 5.85
CA PHE A 71 0.54 2.31 5.17
C PHE A 71 0.28 2.29 3.66
N LEU A 72 0.01 1.09 3.13
CA LEU A 72 -0.43 0.94 1.74
C LEU A 72 -1.79 1.65 1.53
N LYS A 73 -2.70 1.50 2.49
CA LYS A 73 -4.00 2.16 2.45
C LYS A 73 -3.82 3.69 2.50
N GLU A 74 -2.88 4.12 3.34
CA GLU A 74 -2.52 5.53 3.46
C GLU A 74 -1.95 6.07 2.14
N TYR A 75 -1.17 5.23 1.46
CA TYR A 75 -0.57 5.59 0.17
C TYR A 75 -1.64 5.66 -0.94
N LEU A 76 -2.39 4.57 -1.13
CA LEU A 76 -3.47 4.51 -2.13
C LEU A 76 -4.50 5.64 -1.91
N HIS A 77 -4.73 5.99 -0.65
CA HIS A 77 -5.62 7.10 -0.29
C HIS A 77 -5.19 8.44 -0.93
N PHE A 78 -3.87 8.63 -1.10
CA PHE A 78 -3.33 9.87 -1.67
C PHE A 78 -3.31 9.82 -3.20
N VAL A 79 -2.70 8.78 -3.75
CA VAL A 79 -2.54 8.64 -5.21
C VAL A 79 -3.89 8.64 -5.95
N LYS A 80 -4.90 8.00 -5.37
CA LYS A 80 -6.26 8.01 -5.96
C LYS A 80 -6.79 9.44 -6.12
N GLY A 81 -6.51 10.28 -5.11
CA GLY A 81 -6.90 11.69 -5.18
C GLY A 81 -6.20 12.43 -6.31
N ALA A 82 -4.90 12.16 -6.48
CA ALA A 82 -4.12 12.74 -7.58
C ALA A 82 -4.71 12.31 -8.95
N VAL A 83 -4.88 11.00 -9.14
CA VAL A 83 -5.48 10.45 -10.37
C VAL A 83 -6.88 11.04 -10.62
N ALA A 84 -7.62 11.25 -9.54
CA ALA A 84 -8.96 11.86 -9.62
C ALA A 84 -8.91 13.29 -10.19
N ASN A 85 -7.82 14.01 -9.94
CA ASN A 85 -7.62 15.34 -10.51
C ASN A 85 -7.00 15.26 -11.92
N ALA A 86 -6.19 14.22 -12.14
CA ALA A 86 -5.56 13.99 -13.44
C ALA A 86 -6.60 13.80 -14.56
N ALA A 87 -7.83 13.45 -14.18
CA ALA A 87 -8.92 13.30 -15.16
C ALA A 87 -9.31 14.64 -15.81
N CYS A 88 -8.83 15.75 -15.24
CA CYS A 88 -9.17 17.09 -15.74
C CYS A 88 -8.03 17.71 -16.57
N LEU A 89 -7.04 16.89 -16.94
CA LEU A 89 -5.88 17.35 -17.72
C LEU A 89 -6.26 17.70 -19.17
N PRO A 90 -5.42 18.52 -19.87
CA PRO A 90 -5.64 18.87 -21.29
C PRO A 90 -5.57 17.65 -22.23
N GLU A 91 -4.91 16.58 -21.78
CA GLU A 91 -4.90 15.32 -22.52
C GLU A 91 -5.01 14.13 -21.56
N LEU A 92 -5.85 13.16 -21.92
CA LEU A 92 -6.14 12.00 -21.04
C LEU A 92 -5.01 10.96 -21.09
N ILE A 93 -4.02 11.18 -21.96
CA ILE A 93 -2.90 10.25 -22.12
C ILE A 93 -2.22 9.91 -20.78
N LEU A 94 -1.76 10.94 -20.07
CA LEU A 94 -1.09 10.76 -18.77
C LEU A 94 -2.00 10.01 -17.77
N HIS A 95 -3.28 10.37 -17.74
CA HIS A 95 -4.24 9.74 -16.82
C HIS A 95 -4.31 8.22 -17.04
N ASN A 96 -4.20 7.80 -18.31
CA ASN A 96 -4.22 6.38 -18.64
C ASN A 96 -2.96 5.66 -18.12
N LYS A 97 -1.80 6.28 -18.35
CA LYS A 97 -0.52 5.71 -17.91
C LYS A 97 -0.43 5.59 -16.39
N MET A 98 -0.76 6.68 -15.69
CA MET A 98 -0.67 6.71 -14.23
C MET A 98 -1.65 5.73 -13.56
N LYS A 99 -2.81 5.50 -14.18
CA LYS A 99 -3.80 4.58 -13.60
C LYS A 99 -3.43 3.11 -13.88
N ARG A 100 -2.99 2.79 -15.11
CA ARG A 100 -2.64 1.40 -15.46
C ARG A 100 -1.56 0.84 -14.52
N GLU A 101 -0.56 1.66 -14.23
CA GLU A 101 0.51 1.28 -13.30
C GLU A 101 -0.02 1.17 -11.87
N LEU A 102 -0.96 2.06 -11.53
CA LEU A 102 -1.62 2.02 -10.22
C LEU A 102 -2.50 0.76 -10.08
N GLN A 103 -3.07 0.30 -11.19
CA GLN A 103 -3.90 -0.90 -11.18
C GLN A 103 -3.05 -2.14 -10.87
N ARG A 104 -1.78 -2.13 -11.27
CA ARG A 104 -0.84 -3.17 -10.86
C ARG A 104 -0.67 -3.20 -9.34
N VAL A 105 -0.50 -2.01 -8.76
CA VAL A 105 -0.43 -1.87 -7.30
C VAL A 105 -1.72 -2.39 -6.61
N GLU A 106 -2.86 -1.81 -6.96
CA GLU A 106 -4.15 -2.21 -6.37
C GLU A 106 -4.44 -3.72 -6.56
N ASP A 107 -4.25 -4.22 -7.78
CA ASP A 107 -4.44 -5.64 -8.08
C ASP A 107 -3.53 -6.54 -7.22
N SER A 108 -2.25 -6.16 -7.11
CA SER A 108 -1.29 -6.93 -6.31
C SER A 108 -1.58 -6.82 -4.80
N HIS A 109 -2.18 -5.70 -4.36
CA HIS A 109 -2.50 -5.52 -2.94
C HIS A 109 -3.87 -6.09 -2.54
N GLN A 110 -4.83 -6.10 -3.46
CA GLN A 110 -6.17 -6.62 -3.13
C GLN A 110 -6.10 -8.09 -2.68
N ILE A 111 -5.18 -8.85 -3.27
CA ILE A 111 -4.95 -10.23 -2.84
C ILE A 111 -4.32 -10.28 -1.44
N LEU A 112 -3.56 -9.23 -1.09
CA LEU A 112 -2.98 -9.12 0.25
C LEU A 112 -4.06 -8.85 1.30
N SER A 113 -4.92 -7.87 1.02
CA SER A 113 -6.09 -7.58 1.86
C SER A 113 -6.93 -8.83 2.11
N GLN A 114 -7.15 -9.63 1.07
CA GLN A 114 -7.98 -10.84 1.17
C GLN A 114 -7.26 -11.98 1.91
N THR A 115 -5.97 -12.18 1.63
CA THR A 115 -5.17 -13.20 2.34
C THR A 115 -5.09 -12.90 3.84
N SER A 116 -4.70 -11.67 4.18
CA SER A 116 -4.70 -11.22 5.57
C SER A 116 -6.07 -11.45 6.25
N HIS A 117 -7.13 -11.14 5.51
CA HIS A 117 -8.50 -11.38 5.99
C HIS A 117 -8.76 -12.87 6.22
N ASP A 118 -8.23 -13.71 5.33
CA ASP A 118 -8.37 -15.16 5.46
C ASP A 118 -7.66 -15.68 6.71
N LEU A 119 -6.43 -15.19 6.94
CA LEU A 119 -5.67 -15.53 8.15
C LEU A 119 -6.49 -15.25 9.41
N ASN A 120 -7.24 -14.14 9.40
CA ASN A 120 -8.15 -13.80 10.48
C ASN A 120 -9.25 -14.86 10.64
N GLU A 121 -9.87 -15.25 9.52
CA GLU A 121 -10.94 -16.24 9.53
C GLU A 121 -10.41 -17.63 9.96
N CYS A 122 -9.12 -17.87 9.70
CA CYS A 122 -8.44 -19.09 10.14
C CYS A 122 -7.91 -18.94 11.58
N SER A 123 -8.26 -17.82 12.22
CA SER A 123 -7.92 -17.56 13.63
C SER A 123 -6.40 -17.53 13.88
N TRP A 124 -5.62 -17.37 12.80
CA TRP A 124 -4.14 -17.37 12.89
C TRP A 124 -3.62 -18.64 13.59
N SER A 125 -4.40 -19.72 13.55
CA SER A 125 -4.03 -20.96 14.24
C SER A 125 -2.75 -21.59 13.67
N LEU A 126 -1.80 -21.87 14.56
CA LEU A 126 -0.55 -22.54 14.17
C LEU A 126 -0.82 -23.92 13.56
N ASN A 127 -1.95 -24.52 13.94
CA ASN A 127 -2.37 -25.82 13.39
C ASN A 127 -2.64 -25.74 11.89
N ILE A 128 -3.03 -24.55 11.43
CA ILE A 128 -3.36 -24.31 10.03
C ILE A 128 -2.19 -23.69 9.26
N LEU A 129 -1.57 -22.65 9.86
CA LEU A 129 -0.49 -21.91 9.20
C LEU A 129 0.86 -22.64 9.28
N ALA A 130 1.35 -22.88 10.50
CA ALA A 130 2.65 -23.54 10.70
C ALA A 130 2.58 -25.02 10.30
N ILE A 131 1.58 -25.72 10.80
CA ILE A 131 1.34 -27.12 10.43
C ILE A 131 0.47 -27.18 9.15
N ASN A 132 0.95 -26.54 8.08
CA ASN A 132 0.20 -26.47 6.83
C ASN A 132 0.38 -27.75 6.02
N LYS A 133 -0.65 -28.60 6.04
CA LYS A 133 -0.62 -29.88 5.33
C LYS A 133 -0.65 -29.69 3.81
N PRO A 134 0.23 -30.41 3.08
CA PRO A 134 0.37 -30.27 1.62
C PRO A 134 -0.95 -30.46 0.84
N GLN A 135 -1.50 -29.35 0.33
CA GLN A 135 -2.68 -29.40 -0.54
C GLN A 135 -2.27 -29.17 -2.01
N ASN A 136 -3.23 -29.23 -2.92
CA ASN A 136 -2.97 -28.98 -4.36
C ASN A 136 -2.78 -27.48 -4.66
N LYS A 137 -3.07 -26.63 -3.67
CA LYS A 137 -2.94 -25.17 -3.84
C LYS A 137 -1.55 -24.67 -3.46
N CYS A 138 -1.37 -23.35 -3.49
CA CYS A 138 -0.16 -22.70 -2.99
C CYS A 138 -0.46 -21.96 -1.67
N ASP A 139 0.57 -21.68 -0.88
CA ASP A 139 0.38 -21.09 0.45
C ASP A 139 0.01 -19.59 0.37
N ASP A 140 -1.11 -19.23 1.00
CA ASP A 140 -1.60 -17.84 0.99
C ASP A 140 -0.74 -16.90 1.88
N LEU A 141 -0.36 -17.39 3.06
CA LEU A 141 0.49 -16.61 3.98
C LEU A 141 1.84 -16.25 3.32
N ASP A 142 2.49 -17.26 2.74
CA ASP A 142 3.76 -17.04 2.01
C ASP A 142 3.54 -16.12 0.80
N ARG A 143 2.35 -16.21 0.21
CA ARG A 143 1.96 -15.33 -0.91
C ARG A 143 1.97 -13.86 -0.49
N PHE A 144 1.48 -13.58 0.71
CA PHE A 144 1.48 -12.21 1.25
C PHE A 144 2.92 -11.68 1.37
N VAL A 145 3.79 -12.49 1.95
CA VAL A 145 5.18 -12.09 2.19
C VAL A 145 5.95 -11.77 0.90
N MET A 146 5.83 -12.63 -0.12
CA MET A 146 6.55 -12.43 -1.38
C MET A 146 6.16 -11.11 -2.07
N VAL A 147 4.89 -10.71 -1.94
CA VAL A 147 4.42 -9.44 -2.49
C VAL A 147 4.79 -8.27 -1.55
N ALA A 148 4.73 -8.53 -0.24
CA ALA A 148 5.02 -7.50 0.76
C ALA A 148 6.41 -6.86 0.59
N LYS A 149 7.43 -7.69 0.41
CA LYS A 149 8.82 -7.20 0.31
C LYS A 149 9.07 -6.36 -0.96
N THR A 150 8.17 -6.45 -1.95
CA THR A 150 8.31 -5.64 -3.18
C THR A 150 7.32 -4.45 -3.19
N VAL A 151 6.54 -4.30 -2.13
CA VAL A 151 5.55 -3.21 -2.00
C VAL A 151 6.16 -1.81 -2.17
N PRO A 152 7.28 -1.47 -1.48
CA PRO A 152 7.88 -0.12 -1.57
C PRO A 152 8.22 0.28 -3.02
N ASP A 153 8.63 -0.69 -3.85
CA ASP A 153 8.95 -0.42 -5.25
C ASP A 153 7.67 -0.40 -6.11
N ASP A 154 6.71 -1.24 -5.74
CA ASP A 154 5.38 -1.28 -6.35
C ASP A 154 4.74 0.12 -6.28
N ALA A 155 4.77 0.72 -5.10
CA ALA A 155 4.30 2.09 -4.89
C ALA A 155 5.27 3.12 -5.52
N LYS A 156 6.56 2.89 -5.34
CA LYS A 156 7.64 3.76 -5.87
C LYS A 156 7.44 4.11 -7.37
N GLN A 157 6.79 3.21 -8.11
CA GLN A 157 6.40 3.49 -9.50
C GLN A 157 5.53 4.75 -9.58
N LEU A 158 4.46 4.78 -8.79
CA LEU A 158 3.54 5.91 -8.77
C LEU A 158 4.15 7.13 -8.08
N THR A 159 4.92 6.89 -7.02
CA THR A 159 5.64 7.96 -6.31
C THR A 159 6.40 8.88 -7.27
N THR A 160 7.24 8.27 -8.12
CA THR A 160 7.99 9.03 -9.13
C THR A 160 7.06 9.66 -10.17
N THR A 161 6.15 8.86 -10.73
CA THR A 161 5.24 9.33 -11.79
C THR A 161 4.46 10.60 -11.39
N ILE A 162 3.84 10.58 -10.22
CA ILE A 162 3.09 11.73 -9.73
C ILE A 162 4.00 12.95 -9.51
N ASN A 163 5.12 12.74 -8.82
CA ASN A 163 6.06 13.81 -8.50
C ASN A 163 6.64 14.49 -9.76
N THR A 164 7.00 13.70 -10.77
CA THR A 164 7.56 14.26 -12.02
C THR A 164 6.49 15.00 -12.85
N ASN A 165 5.25 14.52 -12.80
CA ASN A 165 4.16 15.17 -13.52
C ASN A 165 3.32 16.08 -12.59
N ALA A 166 3.81 16.32 -11.36
CA ALA A 166 3.10 17.14 -10.38
C ALA A 166 2.68 18.51 -10.95
N GLU A 167 3.63 19.20 -11.59
CA GLU A 167 3.37 20.51 -12.20
C GLU A 167 2.33 20.42 -13.33
N ALA A 168 2.10 19.21 -13.84
CA ALA A 168 1.08 18.98 -14.88
C ALA A 168 -0.27 18.64 -14.26
N LEU A 169 -0.24 17.80 -13.22
CA LEU A 169 -1.46 17.35 -12.52
C LEU A 169 -2.19 18.51 -11.83
N PHE A 170 -1.46 19.24 -10.98
CA PHE A 170 -2.04 20.34 -10.21
C PHE A 170 -1.61 21.70 -10.77
N ARG A 171 -2.21 22.77 -10.28
CA ARG A 171 -1.93 24.12 -10.81
C ARG A 171 -1.82 25.16 -9.67
N PRO A 172 -0.69 25.90 -9.60
CA PRO A 172 -0.49 26.92 -8.56
C PRO A 172 -1.19 28.26 -8.89
N GLY A 173 -1.91 28.30 -10.02
CA GLY A 173 -2.59 29.51 -10.46
C GLY A 173 -1.89 30.17 -11.65
N PRO A 174 -2.20 31.45 -11.94
CA PRO A 174 -1.54 32.19 -13.04
C PRO A 174 -0.10 32.60 -12.68
N GLY A 175 0.84 32.33 -13.59
CA GLY A 175 2.24 32.68 -13.35
C GLY A 175 2.57 34.14 -13.68
N SER A 176 1.76 35.06 -13.15
CA SER A 176 1.94 36.50 -13.41
C SER A 176 1.97 37.32 -12.09
N MET A 1 -9.18 -3.39 7.28
CA MET A 1 -10.63 -3.45 6.96
C MET A 1 -11.49 -2.85 8.09
N GLY A 2 -12.80 -2.85 7.89
CA GLY A 2 -13.73 -2.32 8.89
C GLY A 2 -15.19 -2.45 8.45
N HIS A 3 -16.11 -1.86 9.21
CA HIS A 3 -17.53 -1.90 8.86
C HIS A 3 -17.91 -0.73 7.92
N HIS A 4 -18.71 -1.02 6.91
CA HIS A 4 -19.09 -0.01 5.90
C HIS A 4 -20.33 0.79 6.35
N HIS A 5 -20.28 1.31 7.57
CA HIS A 5 -21.39 2.06 8.15
C HIS A 5 -21.75 3.30 7.31
N HIS A 6 -22.66 3.12 6.34
CA HIS A 6 -23.16 4.21 5.48
C HIS A 6 -22.07 4.79 4.55
N HIS A 7 -20.83 4.33 4.69
CA HIS A 7 -19.71 4.87 3.91
C HIS A 7 -19.57 4.17 2.56
N HIS A 8 -20.28 4.67 1.54
CA HIS A 8 -20.18 4.16 0.16
C HIS A 8 -20.31 5.29 -0.87
N SER A 9 -19.38 5.33 -1.81
CA SER A 9 -19.43 6.29 -2.93
C SER A 9 -19.21 5.55 -4.26
N HIS A 10 -19.97 5.93 -5.28
CA HIS A 10 -19.92 5.25 -6.58
C HIS A 10 -18.84 5.83 -7.51
N MET A 11 -17.90 6.59 -6.94
CA MET A 11 -16.81 7.19 -7.72
C MET A 11 -15.55 7.38 -6.86
N ASP A 12 -14.43 7.69 -7.50
CA ASP A 12 -13.17 7.92 -6.78
C ASP A 12 -13.18 9.28 -6.06
N LYS A 13 -12.44 9.35 -4.96
CA LYS A 13 -12.44 10.54 -4.09
C LYS A 13 -11.13 11.33 -4.27
N ARG A 14 -11.26 12.57 -4.77
CA ARG A 14 -10.10 13.36 -5.19
C ARG A 14 -9.65 14.38 -4.14
N LEU A 15 -8.36 14.69 -4.14
CA LEU A 15 -7.76 15.62 -3.18
C LEU A 15 -7.26 16.91 -3.87
N PHE A 16 -7.22 18.02 -3.13
CA PHE A 16 -6.74 19.29 -3.67
C PHE A 16 -5.71 19.94 -2.73
N LEU A 17 -4.49 20.17 -3.25
CA LEU A 17 -3.40 20.75 -2.46
C LEU A 17 -2.34 21.38 -3.38
N ASP A 18 -1.25 21.85 -2.79
CA ASP A 18 -0.16 22.49 -3.55
C ASP A 18 0.76 21.45 -4.21
N PRO A 19 1.24 21.72 -5.44
CA PRO A 19 2.09 20.78 -6.20
C PRO A 19 3.39 20.39 -5.46
N ASP A 20 4.19 21.38 -5.07
CA ASP A 20 5.45 21.14 -4.36
C ASP A 20 5.20 20.46 -3.00
N THR A 21 4.08 20.79 -2.38
CA THR A 21 3.68 20.18 -1.11
C THR A 21 3.25 18.73 -1.30
N ALA A 22 2.54 18.45 -2.40
CA ALA A 22 2.08 17.09 -2.70
C ALA A 22 3.27 16.10 -2.79
N ILE A 23 4.39 16.58 -3.33
CA ILE A 23 5.62 15.78 -3.44
C ILE A 23 6.02 15.21 -2.08
N GLU A 24 6.23 16.07 -1.09
CA GLU A 24 6.59 15.61 0.26
C GLU A 24 5.51 14.68 0.82
N ARG A 25 4.24 15.06 0.65
CA ARG A 25 3.11 14.27 1.17
C ARG A 25 3.20 12.80 0.71
N LEU A 26 3.28 12.61 -0.60
CA LEU A 26 3.34 11.27 -1.19
C LEU A 26 4.61 10.52 -0.75
N GLN A 27 5.73 11.24 -0.69
CA GLN A 27 7.00 10.67 -0.23
C GLN A 27 6.88 10.11 1.20
N ARG A 28 6.20 10.85 2.07
CA ARG A 28 5.97 10.42 3.46
C ARG A 28 5.25 9.07 3.52
N LEU A 29 4.18 8.95 2.73
CA LEU A 29 3.38 7.72 2.69
C LEU A 29 4.17 6.54 2.08
N GLN A 30 4.86 6.80 0.97
CA GLN A 30 5.64 5.77 0.29
C GLN A 30 6.78 5.25 1.18
N GLN A 31 7.54 6.16 1.77
CA GLN A 31 8.65 5.76 2.66
C GLN A 31 8.13 5.03 3.90
N ALA A 32 6.96 5.46 4.39
CA ALA A 32 6.29 4.76 5.49
C ALA A 32 5.89 3.34 5.07
N LEU A 33 5.47 3.19 3.81
CA LEU A 33 5.16 1.88 3.24
C LEU A 33 6.41 0.99 3.21
N GLU A 34 7.53 1.57 2.74
CA GLU A 34 8.81 0.83 2.73
C GLU A 34 9.19 0.35 4.13
N MET A 35 8.96 1.20 5.14
CA MET A 35 9.21 0.83 6.54
C MET A 35 8.24 -0.27 7.02
N GLY A 36 6.96 -0.13 6.69
CA GLY A 36 5.97 -1.13 7.07
C GLY A 36 6.27 -2.51 6.50
N VAL A 37 6.55 -2.56 5.19
CA VAL A 37 6.96 -3.81 4.54
C VAL A 37 8.27 -4.33 5.15
N SER A 38 9.20 -3.42 5.47
CA SER A 38 10.45 -3.79 6.13
C SER A 38 10.18 -4.47 7.48
N SER A 39 9.19 -3.97 8.21
CA SER A 39 8.76 -4.56 9.49
C SER A 39 8.37 -6.03 9.29
N LEU A 40 7.69 -6.31 8.19
CA LEU A 40 7.34 -7.69 7.82
C LEU A 40 8.58 -8.49 7.41
N MET A 41 9.44 -7.87 6.60
CA MET A 41 10.66 -8.54 6.07
C MET A 41 11.52 -9.14 7.20
N ALA A 42 11.58 -8.45 8.34
CA ALA A 42 12.35 -8.91 9.50
C ALA A 42 11.75 -10.18 10.12
N LEU A 43 10.44 -10.35 9.98
CA LEU A 43 9.72 -11.50 10.56
C LEU A 43 9.61 -12.67 9.56
N VAL A 44 9.51 -12.35 8.26
CA VAL A 44 9.39 -13.37 7.22
C VAL A 44 10.76 -13.74 6.61
N THR A 45 11.46 -14.65 7.26
CA THR A 45 12.80 -15.07 6.82
C THR A 45 12.75 -16.24 5.83
N THR A 46 11.59 -16.42 5.20
CA THR A 46 11.36 -17.49 4.19
C THR A 46 11.27 -18.90 4.83
N ASP A 47 12.20 -19.22 5.73
CA ASP A 47 12.21 -20.53 6.41
C ASP A 47 10.99 -20.70 7.33
N TRP A 48 9.96 -21.39 6.83
CA TRP A 48 8.78 -21.72 7.63
C TRP A 48 8.88 -23.14 8.20
N ARG A 49 7.74 -23.69 8.64
CA ARG A 49 7.64 -25.08 9.12
C ARG A 49 8.21 -25.25 10.55
N CYS A 50 9.27 -24.50 10.87
CA CYS A 50 9.81 -24.47 12.24
C CYS A 50 8.75 -23.95 13.22
N TYR A 51 8.01 -24.88 13.83
CA TYR A 51 6.85 -24.53 14.66
C TYR A 51 7.21 -23.58 15.81
N GLY A 52 8.14 -24.00 16.67
CA GLY A 52 8.55 -23.17 17.80
C GLY A 52 9.00 -21.76 17.38
N TYR A 53 9.98 -21.71 16.48
CA TYR A 53 10.51 -20.44 15.96
C TYR A 53 9.39 -19.53 15.42
N MET A 54 8.49 -20.08 14.62
CA MET A 54 7.37 -19.32 14.06
C MET A 54 6.40 -18.83 15.14
N GLU A 55 5.99 -19.75 16.01
CA GLU A 55 5.03 -19.44 17.08
C GLU A 55 5.54 -18.31 17.99
N ARG A 56 6.84 -18.31 18.28
CA ARG A 56 7.45 -17.30 19.17
C ARG A 56 7.27 -15.86 18.63
N HIS A 57 6.96 -15.72 17.34
CA HIS A 57 6.71 -14.38 16.77
C HIS A 57 5.35 -14.30 16.03
N ILE A 58 4.48 -15.29 16.26
CA ILE A 58 3.18 -15.35 15.57
C ILE A 58 2.32 -14.09 15.88
N ASN A 59 2.43 -13.58 17.10
CA ASN A 59 1.69 -12.39 17.51
C ASN A 59 2.28 -11.11 16.88
N GLU A 60 3.60 -11.11 16.67
CA GLU A 60 4.29 -9.97 16.06
C GLU A 60 3.88 -9.76 14.60
N ILE A 61 3.94 -10.83 13.82
CA ILE A 61 3.67 -10.76 12.37
C ILE A 61 2.24 -10.23 12.08
N ARG A 62 1.31 -10.44 13.01
CA ARG A 62 -0.05 -9.91 12.85
C ARG A 62 -0.05 -8.38 12.72
N THR A 63 0.80 -7.72 13.50
CA THR A 63 0.90 -6.25 13.49
C THR A 63 1.69 -5.76 12.26
N ALA A 64 2.76 -6.46 11.92
CA ALA A 64 3.57 -6.11 10.74
C ALA A 64 2.73 -6.18 9.45
N VAL A 65 1.98 -7.28 9.30
CA VAL A 65 1.05 -7.43 8.18
C VAL A 65 0.00 -6.30 8.17
N ASP A 66 -0.51 -5.97 9.35
CA ASP A 66 -1.47 -4.87 9.50
C ASP A 66 -0.85 -3.53 9.09
N LYS A 67 0.45 -3.35 9.34
CA LYS A 67 1.18 -2.14 8.90
C LYS A 67 1.23 -2.05 7.37
N VAL A 68 1.54 -3.16 6.70
CA VAL A 68 1.59 -3.21 5.24
C VAL A 68 0.24 -2.76 4.63
N GLU A 69 -0.86 -3.25 5.20
CA GLU A 69 -2.19 -2.80 4.83
C GLU A 69 -2.41 -1.31 5.20
N LEU A 70 -2.00 -0.96 6.41
CA LEU A 70 -2.17 0.41 6.96
C LEU A 70 -1.54 1.49 6.07
N PHE A 71 -0.22 1.42 5.89
CA PHE A 71 0.51 2.44 5.13
C PHE A 71 0.04 2.49 3.66
N LEU A 72 -0.23 1.33 3.09
CA LEU A 72 -0.71 1.24 1.71
C LEU A 72 -2.18 1.69 1.59
N LYS A 73 -2.91 1.62 2.71
CA LYS A 73 -4.29 2.11 2.78
C LYS A 73 -4.32 3.63 2.54
N GLU A 74 -3.33 4.29 3.14
CA GLU A 74 -3.15 5.74 3.01
C GLU A 74 -2.56 6.10 1.64
N TYR A 75 -1.55 5.35 1.21
CA TYR A 75 -0.88 5.57 -0.08
C TYR A 75 -1.89 5.52 -1.24
N LEU A 76 -2.66 4.43 -1.32
CA LEU A 76 -3.67 4.27 -2.38
C LEU A 76 -4.72 5.38 -2.34
N HIS A 77 -5.11 5.79 -1.14
CA HIS A 77 -6.08 6.87 -0.95
C HIS A 77 -5.55 8.20 -1.51
N PHE A 78 -4.22 8.38 -1.49
CA PHE A 78 -3.59 9.60 -1.97
C PHE A 78 -3.41 9.58 -3.51
N VAL A 79 -2.80 8.50 -4.03
CA VAL A 79 -2.55 8.38 -5.47
C VAL A 79 -3.86 8.45 -6.29
N LYS A 80 -4.90 7.74 -5.84
CA LYS A 80 -6.20 7.76 -6.53
C LYS A 80 -6.75 9.21 -6.64
N GLY A 81 -6.61 9.97 -5.56
CA GLY A 81 -7.03 11.36 -5.58
C GLY A 81 -6.28 12.20 -6.61
N ALA A 82 -4.99 11.94 -6.75
CA ALA A 82 -4.17 12.59 -7.77
C ALA A 82 -4.59 12.17 -9.19
N VAL A 83 -4.74 10.86 -9.40
CA VAL A 83 -5.17 10.32 -10.70
C VAL A 83 -6.51 10.94 -11.15
N ALA A 84 -7.42 11.15 -10.19
CA ALA A 84 -8.70 11.80 -10.48
C ALA A 84 -8.49 13.21 -11.04
N ASN A 85 -7.49 13.92 -10.53
CA ASN A 85 -7.15 15.26 -11.03
C ASN A 85 -6.48 15.19 -12.40
N ALA A 86 -5.73 14.11 -12.65
CA ALA A 86 -5.11 13.88 -13.96
C ALA A 86 -6.16 13.78 -15.08
N ALA A 87 -7.38 13.40 -14.71
CA ALA A 87 -8.49 13.33 -15.66
C ALA A 87 -9.01 14.72 -16.04
N CYS A 88 -8.50 15.76 -15.38
CA CYS A 88 -8.87 17.16 -15.67
C CYS A 88 -7.84 17.82 -16.59
N LEU A 89 -6.78 17.09 -16.95
CA LEU A 89 -5.74 17.60 -17.84
C LEU A 89 -6.20 17.59 -19.31
N PRO A 90 -5.63 18.46 -20.16
CA PRO A 90 -5.99 18.51 -21.60
C PRO A 90 -5.52 17.26 -22.37
N GLU A 91 -4.91 16.30 -21.67
CA GLU A 91 -4.45 15.05 -22.28
C GLU A 91 -4.88 13.84 -21.44
N LEU A 92 -5.33 12.78 -22.10
CA LEU A 92 -5.67 11.53 -21.42
C LEU A 92 -4.40 10.67 -21.26
N ILE A 93 -3.34 11.05 -21.98
CA ILE A 93 -2.09 10.28 -22.04
C ILE A 93 -1.52 9.99 -20.64
N LEU A 94 -1.24 11.05 -19.88
CA LEU A 94 -0.70 10.91 -18.52
C LEU A 94 -1.68 10.16 -17.61
N HIS A 95 -2.96 10.56 -17.66
CA HIS A 95 -3.99 9.93 -16.84
C HIS A 95 -4.07 8.41 -17.07
N ASN A 96 -3.85 7.99 -18.32
CA ASN A 96 -3.89 6.58 -18.68
C ASN A 96 -2.64 5.83 -18.17
N LYS A 97 -1.46 6.37 -18.48
CA LYS A 97 -0.20 5.74 -18.07
C LYS A 97 -0.12 5.52 -16.55
N MET A 98 -0.42 6.57 -15.78
CA MET A 98 -0.33 6.51 -14.32
C MET A 98 -1.31 5.49 -13.72
N LYS A 99 -2.53 5.40 -14.25
CA LYS A 99 -3.52 4.45 -13.72
C LYS A 99 -3.18 3.01 -14.16
N ARG A 100 -2.57 2.86 -15.33
CA ARG A 100 -2.13 1.54 -15.82
C ARG A 100 -1.13 0.89 -14.86
N GLU A 101 -0.12 1.65 -14.45
CA GLU A 101 0.87 1.13 -13.48
C GLU A 101 0.33 1.16 -12.05
N LEU A 102 -0.64 2.04 -11.77
CA LEU A 102 -1.31 2.02 -10.47
C LEU A 102 -2.03 0.67 -10.25
N GLN A 103 -2.47 0.05 -11.35
CA GLN A 103 -3.10 -1.28 -11.31
C GLN A 103 -2.16 -2.35 -10.71
N ARG A 104 -0.84 -2.10 -10.78
CA ARG A 104 0.12 -3.00 -10.14
C ARG A 104 -0.14 -3.06 -8.63
N VAL A 105 -0.14 -1.88 -8.01
CA VAL A 105 -0.28 -1.75 -6.55
C VAL A 105 -1.71 -2.10 -6.09
N GLU A 106 -2.72 -1.63 -6.84
CA GLU A 106 -4.12 -1.92 -6.51
C GLU A 106 -4.41 -3.43 -6.46
N ASP A 107 -4.11 -4.12 -7.57
CA ASP A 107 -4.32 -5.57 -7.65
C ASP A 107 -3.52 -6.32 -6.58
N SER A 108 -2.25 -5.95 -6.43
CA SER A 108 -1.39 -6.54 -5.41
C SER A 108 -1.98 -6.36 -4.00
N HIS A 109 -2.45 -5.15 -3.71
CA HIS A 109 -3.00 -4.84 -2.38
C HIS A 109 -4.31 -5.61 -2.10
N GLN A 110 -5.18 -5.73 -3.10
CA GLN A 110 -6.49 -6.34 -2.88
C GLN A 110 -6.37 -7.86 -2.61
N ILE A 111 -5.37 -8.52 -3.19
CA ILE A 111 -5.12 -9.93 -2.87
C ILE A 111 -4.46 -10.07 -1.49
N LEU A 112 -3.59 -9.12 -1.15
CA LEU A 112 -3.00 -9.05 0.20
C LEU A 112 -4.08 -8.89 1.27
N SER A 113 -5.03 -7.99 1.01
CA SER A 113 -6.12 -7.69 1.94
C SER A 113 -7.01 -8.92 2.16
N GLN A 114 -7.31 -9.65 1.08
CA GLN A 114 -8.11 -10.88 1.18
C GLN A 114 -7.40 -11.95 2.01
N THR A 115 -6.14 -12.26 1.67
CA THR A 115 -5.36 -13.23 2.45
C THR A 115 -5.29 -12.83 3.93
N SER A 116 -4.92 -11.56 4.18
CA SER A 116 -4.86 -11.00 5.54
C SER A 116 -6.20 -11.18 6.27
N HIS A 117 -7.30 -10.90 5.57
CA HIS A 117 -8.65 -11.08 6.11
C HIS A 117 -8.89 -12.53 6.55
N ASP A 118 -8.63 -13.48 5.66
CA ASP A 118 -8.86 -14.89 5.92
C ASP A 118 -7.94 -15.42 7.04
N LEU A 119 -6.66 -15.03 7.02
CA LEU A 119 -5.73 -15.39 8.11
C LEU A 119 -6.26 -14.88 9.45
N ASN A 120 -6.79 -13.66 9.44
CA ASN A 120 -7.39 -13.04 10.63
C ASN A 120 -8.57 -13.89 11.14
N GLU A 121 -9.45 -14.30 10.22
CA GLU A 121 -10.60 -15.15 10.59
C GLU A 121 -10.14 -16.56 11.01
N CYS A 122 -9.00 -16.99 10.49
CA CYS A 122 -8.39 -18.27 10.90
C CYS A 122 -7.69 -18.15 12.26
N SER A 123 -7.82 -16.98 12.89
CA SER A 123 -7.23 -16.72 14.22
C SER A 123 -5.70 -16.86 14.20
N TRP A 124 -5.12 -16.77 13.00
CA TRP A 124 -3.66 -16.95 12.83
C TRP A 124 -3.15 -18.23 13.51
N SER A 125 -3.96 -19.28 13.46
CA SER A 125 -3.59 -20.57 14.07
C SER A 125 -2.27 -21.12 13.51
N LEU A 126 -1.36 -21.50 14.41
CA LEU A 126 -0.08 -22.10 14.01
C LEU A 126 -0.30 -23.40 13.24
N ASN A 127 -1.40 -24.08 13.54
CA ASN A 127 -1.79 -25.31 12.83
C ASN A 127 -1.88 -25.06 11.31
N ILE A 128 -2.17 -23.82 10.94
CA ILE A 128 -2.25 -23.43 9.53
C ILE A 128 -0.96 -22.73 9.06
N LEU A 129 -0.48 -21.76 9.85
CA LEU A 129 0.61 -20.87 9.43
C LEU A 129 2.01 -21.49 9.64
N ALA A 130 2.19 -22.25 10.72
CA ALA A 130 3.49 -22.86 11.03
C ALA A 130 3.65 -24.21 10.33
N ILE A 131 2.56 -24.96 10.26
CA ILE A 131 2.56 -26.28 9.60
C ILE A 131 2.26 -26.16 8.10
N ASN A 132 1.31 -25.29 7.76
CA ASN A 132 0.86 -25.09 6.37
C ASN A 132 0.42 -26.41 5.71
N LYS A 133 -0.88 -26.68 5.75
CA LYS A 133 -1.42 -27.94 5.23
C LYS A 133 -1.71 -27.86 3.73
N PRO A 134 -0.98 -28.63 2.90
CA PRO A 134 -1.19 -28.66 1.43
C PRO A 134 -2.46 -29.41 1.02
N GLN A 135 -3.22 -29.90 2.01
CA GLN A 135 -4.51 -30.59 1.76
C GLN A 135 -5.56 -29.65 1.15
N ASN A 136 -5.23 -28.37 1.03
CA ASN A 136 -6.05 -27.43 0.28
C ASN A 136 -5.26 -26.92 -0.95
N LYS A 137 -4.38 -25.95 -0.74
CA LYS A 137 -3.50 -25.42 -1.78
C LYS A 137 -2.21 -24.86 -1.15
N CYS A 138 -1.37 -24.23 -1.96
CA CYS A 138 -0.20 -23.51 -1.43
C CYS A 138 -0.67 -22.35 -0.54
N ASP A 139 -0.39 -22.43 0.75
CA ASP A 139 -1.00 -21.56 1.75
C ASP A 139 -0.84 -20.05 1.45
N ASP A 140 -1.79 -19.26 1.95
CA ASP A 140 -1.87 -17.82 1.68
C ASP A 140 -0.69 -17.04 2.29
N LEU A 141 -0.08 -17.59 3.34
CA LEU A 141 1.00 -16.88 4.07
C LEU A 141 2.14 -16.45 3.13
N ASP A 142 2.75 -17.42 2.42
CA ASP A 142 3.82 -17.11 1.46
C ASP A 142 3.34 -16.15 0.36
N ARG A 143 2.08 -16.30 -0.06
CA ARG A 143 1.50 -15.46 -1.10
C ARG A 143 1.51 -13.98 -0.69
N PHE A 144 1.14 -13.72 0.58
CA PHE A 144 1.18 -12.36 1.11
C PHE A 144 2.62 -11.82 1.12
N VAL A 145 3.55 -12.65 1.58
CA VAL A 145 4.96 -12.24 1.70
C VAL A 145 5.58 -11.86 0.34
N MET A 146 5.52 -12.78 -0.62
CA MET A 146 6.13 -12.57 -1.95
C MET A 146 5.59 -11.30 -2.63
N VAL A 147 4.30 -11.02 -2.45
CA VAL A 147 3.68 -9.84 -3.07
C VAL A 147 3.97 -8.56 -2.27
N ALA A 148 3.84 -8.63 -0.95
CA ALA A 148 4.05 -7.47 -0.08
C ALA A 148 5.42 -6.80 -0.30
N LYS A 149 6.46 -7.61 -0.50
CA LYS A 149 7.82 -7.08 -0.67
C LYS A 149 8.03 -6.33 -2.00
N THR A 150 7.26 -6.68 -3.04
CA THR A 150 7.40 -6.01 -4.35
C THR A 150 6.52 -4.75 -4.43
N VAL A 151 5.51 -4.67 -3.57
CA VAL A 151 4.58 -3.52 -3.55
C VAL A 151 5.31 -2.16 -3.43
N PRO A 152 6.20 -1.96 -2.42
CA PRO A 152 6.89 -0.67 -2.22
C PRO A 152 7.69 -0.21 -3.46
N ASP A 153 8.25 -1.16 -4.20
CA ASP A 153 9.07 -0.84 -5.37
C ASP A 153 8.19 -0.40 -6.56
N ASP A 154 7.18 -1.20 -6.90
CA ASP A 154 6.21 -0.83 -7.93
C ASP A 154 5.46 0.47 -7.56
N ALA A 155 5.15 0.62 -6.28
CA ALA A 155 4.57 1.86 -5.78
C ALA A 155 5.53 3.04 -5.99
N LYS A 156 6.82 2.80 -5.74
CA LYS A 156 7.86 3.81 -5.92
C LYS A 156 7.87 4.35 -7.36
N GLN A 157 7.46 3.50 -8.31
CA GLN A 157 7.33 3.92 -9.71
C GLN A 157 6.24 5.02 -9.83
N LEU A 158 5.07 4.74 -9.25
CA LEU A 158 3.97 5.70 -9.23
C LEU A 158 4.34 6.96 -8.46
N THR A 159 5.03 6.78 -7.32
CA THR A 159 5.49 7.89 -6.50
C THR A 159 6.29 8.90 -7.33
N THR A 160 7.33 8.42 -8.00
CA THR A 160 8.18 9.27 -8.84
C THR A 160 7.37 9.93 -9.97
N THR A 161 6.49 9.15 -10.60
CA THR A 161 5.64 9.65 -11.69
C THR A 161 4.82 10.87 -11.24
N ILE A 162 4.11 10.75 -10.12
CA ILE A 162 3.28 11.83 -9.60
C ILE A 162 4.14 13.04 -9.19
N ASN A 163 5.25 12.79 -8.48
CA ASN A 163 6.14 13.86 -8.03
C ASN A 163 6.67 14.71 -9.20
N THR A 164 7.14 14.06 -10.26
CA THR A 164 7.67 14.79 -11.43
C THR A 164 6.57 15.50 -12.24
N ASN A 165 5.34 14.96 -12.21
CA ASN A 165 4.21 15.58 -12.91
C ASN A 165 3.32 16.40 -11.95
N ALA A 166 3.74 16.51 -10.68
CA ALA A 166 2.96 17.23 -9.66
C ALA A 166 2.68 18.68 -10.07
N GLU A 167 3.69 19.33 -10.66
CA GLU A 167 3.56 20.72 -11.14
C GLU A 167 2.43 20.87 -12.18
N ALA A 168 2.11 19.77 -12.86
CA ALA A 168 1.02 19.76 -13.87
C ALA A 168 -0.30 19.25 -13.27
N LEU A 169 -0.20 18.30 -12.34
CA LEU A 169 -1.38 17.69 -11.72
C LEU A 169 -2.07 18.65 -10.74
N PHE A 170 -1.29 19.37 -9.95
CA PHE A 170 -1.83 20.26 -8.92
C PHE A 170 -1.49 21.74 -9.20
N ARG A 171 -2.51 22.54 -9.46
CA ARG A 171 -2.34 23.97 -9.72
C ARG A 171 -3.00 24.81 -8.62
N PRO A 172 -2.27 25.80 -8.05
CA PRO A 172 -2.84 26.68 -7.01
C PRO A 172 -3.98 27.58 -7.52
N GLY A 173 -3.92 27.90 -8.81
CA GLY A 173 -4.94 28.75 -9.43
C GLY A 173 -4.70 28.97 -10.92
N PRO A 174 -5.53 29.77 -11.60
CA PRO A 174 -5.40 30.05 -13.04
C PRO A 174 -4.27 31.06 -13.34
N GLY A 175 -3.10 30.84 -12.74
CA GLY A 175 -2.00 31.79 -12.83
C GLY A 175 -1.84 32.61 -11.56
N SER A 176 -1.36 31.96 -10.50
CA SER A 176 -1.22 32.60 -9.18
C SER A 176 0.08 32.18 -8.48
N MET A 1 -24.28 18.61 26.65
CA MET A 1 -23.59 17.55 25.86
C MET A 1 -24.42 16.26 25.79
N GLY A 2 -24.68 15.78 24.57
CA GLY A 2 -25.46 14.56 24.40
C GLY A 2 -25.56 14.12 22.94
N HIS A 3 -24.42 13.85 22.33
CA HIS A 3 -24.37 13.37 20.94
C HIS A 3 -23.87 11.91 20.87
N HIS A 4 -23.64 11.42 19.66
CA HIS A 4 -23.11 10.06 19.45
C HIS A 4 -21.64 10.11 18.99
N HIS A 5 -20.98 8.95 19.04
CA HIS A 5 -19.56 8.84 18.68
C HIS A 5 -19.31 9.27 17.22
N HIS A 6 -18.69 10.43 17.05
CA HIS A 6 -18.33 10.93 15.72
C HIS A 6 -17.08 10.23 15.18
N HIS A 7 -17.16 9.73 13.95
CA HIS A 7 -16.04 9.03 13.30
C HIS A 7 -15.02 10.03 12.73
N HIS A 8 -13.74 9.69 12.86
CA HIS A 8 -12.66 10.56 12.37
C HIS A 8 -11.88 9.90 11.22
N SER A 9 -12.52 8.95 10.52
CA SER A 9 -11.90 8.25 9.39
C SER A 9 -11.94 9.10 8.11
N HIS A 10 -11.59 8.49 6.97
CA HIS A 10 -11.62 9.20 5.68
C HIS A 10 -12.38 8.42 4.60
N MET A 11 -13.64 8.78 4.40
CA MET A 11 -14.44 8.23 3.31
C MET A 11 -14.25 9.05 2.03
N ASP A 12 -13.69 10.26 2.22
CA ASP A 12 -13.39 11.18 1.11
C ASP A 12 -12.47 10.54 0.06
N LYS A 13 -12.58 11.00 -1.19
CA LYS A 13 -11.88 10.37 -2.31
C LYS A 13 -10.67 11.19 -2.79
N ARG A 14 -10.91 12.26 -3.55
CA ARG A 14 -9.84 13.03 -4.18
C ARG A 14 -9.23 14.08 -3.23
N LEU A 15 -8.09 14.63 -3.63
CA LEU A 15 -7.37 15.62 -2.81
C LEU A 15 -7.02 16.89 -3.61
N PHE A 16 -6.90 18.01 -2.91
CA PHE A 16 -6.49 19.30 -3.51
C PHE A 16 -5.35 19.93 -2.72
N LEU A 17 -4.20 20.13 -3.37
CA LEU A 17 -3.03 20.72 -2.70
C LEU A 17 -2.04 21.30 -3.73
N ASP A 18 -0.93 21.86 -3.23
CA ASP A 18 0.09 22.46 -4.09
C ASP A 18 1.02 21.40 -4.69
N PRO A 19 1.50 21.61 -5.95
CA PRO A 19 2.38 20.64 -6.63
C PRO A 19 3.65 20.34 -5.83
N ASP A 20 4.30 21.38 -5.34
CA ASP A 20 5.50 21.23 -4.50
C ASP A 20 5.19 20.41 -3.24
N THR A 21 4.14 20.82 -2.52
CA THR A 21 3.74 20.17 -1.26
C THR A 21 3.40 18.69 -1.48
N ALA A 22 2.78 18.37 -2.61
CA ALA A 22 2.43 16.98 -2.91
C ALA A 22 3.66 16.08 -2.98
N ILE A 23 4.75 16.61 -3.54
CA ILE A 23 6.01 15.87 -3.64
C ILE A 23 6.54 15.42 -2.27
N GLU A 24 6.72 16.38 -1.36
CA GLU A 24 7.23 16.07 -0.01
C GLU A 24 6.32 15.06 0.71
N ARG A 25 4.99 15.25 0.60
CA ARG A 25 4.03 14.35 1.25
C ARG A 25 4.10 12.94 0.66
N LEU A 26 4.14 12.85 -0.67
CA LEU A 26 4.23 11.56 -1.36
C LEU A 26 5.56 10.85 -1.03
N GLN A 27 6.61 11.64 -0.82
CA GLN A 27 7.91 11.10 -0.42
C GLN A 27 7.84 10.49 0.98
N ARG A 28 7.08 11.14 1.86
CA ARG A 28 6.84 10.62 3.21
C ARG A 28 6.03 9.31 3.17
N LEU A 29 5.01 9.28 2.32
CA LEU A 29 4.13 8.10 2.20
C LEU A 29 4.87 6.91 1.58
N GLN A 30 5.69 7.17 0.57
CA GLN A 30 6.55 6.11 -0.02
C GLN A 30 7.41 5.45 1.07
N GLN A 31 8.16 6.27 1.81
CA GLN A 31 9.00 5.76 2.89
C GLN A 31 8.16 5.08 3.99
N ALA A 32 7.00 5.65 4.29
CA ALA A 32 6.07 5.08 5.27
C ALA A 32 5.61 3.68 4.87
N LEU A 33 5.31 3.51 3.58
CA LEU A 33 4.94 2.20 3.03
C LEU A 33 6.12 1.22 3.16
N GLU A 34 7.32 1.67 2.81
CA GLU A 34 8.53 0.86 2.96
C GLU A 34 8.78 0.49 4.44
N MET A 35 8.44 1.41 5.36
CA MET A 35 8.57 1.13 6.79
C MET A 35 7.53 0.10 7.26
N GLY A 36 6.29 0.24 6.79
CA GLY A 36 5.23 -0.71 7.13
C GLY A 36 5.56 -2.13 6.65
N VAL A 37 6.08 -2.23 5.43
CA VAL A 37 6.53 -3.52 4.89
C VAL A 37 7.81 -4.00 5.60
N SER A 38 8.71 -3.06 5.92
CA SER A 38 9.93 -3.38 6.67
C SER A 38 9.59 -4.02 8.02
N SER A 39 8.48 -3.56 8.61
CA SER A 39 7.95 -4.17 9.84
C SER A 39 7.71 -5.68 9.65
N LEU A 40 7.27 -6.05 8.45
CA LEU A 40 7.06 -7.46 8.09
C LEU A 40 8.40 -8.18 7.85
N MET A 41 9.28 -7.54 7.07
CA MET A 41 10.63 -8.09 6.79
C MET A 41 11.41 -8.37 8.09
N ALA A 42 11.20 -7.56 9.13
CA ALA A 42 11.86 -7.75 10.43
C ALA A 42 11.43 -9.06 11.11
N LEU A 43 10.41 -9.71 10.55
CA LEU A 43 9.91 -10.99 11.05
C LEU A 43 10.11 -12.11 10.02
N VAL A 44 10.14 -11.74 8.74
CA VAL A 44 10.30 -12.70 7.64
C VAL A 44 11.77 -13.10 7.42
N THR A 45 11.98 -14.39 7.18
CA THR A 45 13.30 -14.95 6.89
C THR A 45 13.17 -16.33 6.21
N THR A 46 14.28 -16.95 5.84
CA THR A 46 14.27 -18.27 5.18
C THR A 46 14.01 -19.41 6.19
N ASP A 47 13.75 -19.05 7.45
CA ASP A 47 13.53 -20.05 8.52
C ASP A 47 12.04 -20.45 8.64
N TRP A 48 11.31 -20.43 7.53
CA TRP A 48 9.88 -20.79 7.52
C TRP A 48 9.63 -22.21 8.09
N ARG A 49 10.58 -23.13 7.87
CA ARG A 49 10.45 -24.51 8.35
C ARG A 49 10.55 -24.59 9.88
N CYS A 50 11.12 -23.56 10.51
CA CYS A 50 11.28 -23.54 11.96
C CYS A 50 9.96 -23.18 12.66
N TYR A 51 9.17 -24.22 12.97
CA TYR A 51 7.88 -24.07 13.65
C TYR A 51 7.98 -23.15 14.87
N GLY A 52 9.02 -23.34 15.69
CA GLY A 52 9.20 -22.53 16.89
C GLY A 52 9.41 -21.05 16.60
N TYR A 53 10.33 -20.75 15.68
CA TYR A 53 10.63 -19.36 15.32
C TYR A 53 9.36 -18.63 14.84
N MET A 54 8.61 -19.26 13.94
CA MET A 54 7.35 -18.69 13.44
C MET A 54 6.32 -18.57 14.57
N GLU A 55 6.22 -19.61 15.40
CA GLU A 55 5.28 -19.64 16.52
C GLU A 55 5.48 -18.44 17.47
N ARG A 56 6.74 -18.09 17.73
CA ARG A 56 7.04 -16.93 18.60
C ARG A 56 6.92 -15.60 17.84
N HIS A 57 6.67 -15.66 16.53
CA HIS A 57 6.42 -14.46 15.73
C HIS A 57 4.97 -14.39 15.23
N ILE A 58 4.17 -15.43 15.55
CA ILE A 58 2.79 -15.52 15.03
C ILE A 58 1.94 -14.29 15.44
N ASN A 59 2.15 -13.79 16.64
CA ASN A 59 1.44 -12.59 17.12
C ASN A 59 2.09 -11.30 16.58
N GLU A 60 3.43 -11.27 16.60
CA GLU A 60 4.19 -10.11 16.14
C GLU A 60 3.91 -9.78 14.65
N ILE A 61 3.78 -10.83 13.84
CA ILE A 61 3.54 -10.66 12.40
C ILE A 61 2.14 -10.09 12.11
N ARG A 62 1.16 -10.51 12.92
CA ARG A 62 -0.21 -9.99 12.79
C ARG A 62 -0.25 -8.46 12.86
N THR A 63 0.54 -7.88 13.76
CA THR A 63 0.66 -6.42 13.89
C THR A 63 1.19 -5.78 12.60
N ALA A 64 2.31 -6.32 12.09
CA ALA A 64 2.94 -5.80 10.86
C ALA A 64 2.01 -5.93 9.65
N VAL A 65 1.32 -7.06 9.53
CA VAL A 65 0.35 -7.28 8.45
C VAL A 65 -0.70 -6.16 8.40
N ASP A 66 -1.25 -5.80 9.56
CA ASP A 66 -2.22 -4.71 9.66
C ASP A 66 -1.58 -3.37 9.24
N LYS A 67 -0.29 -3.20 9.57
CA LYS A 67 0.45 -1.98 9.20
C LYS A 67 0.66 -1.86 7.68
N VAL A 68 1.10 -2.95 7.04
CA VAL A 68 1.26 -2.97 5.58
C VAL A 68 -0.01 -2.45 4.88
N GLU A 69 -1.15 -3.04 5.25
CA GLU A 69 -2.45 -2.63 4.71
C GLU A 69 -2.79 -1.18 5.09
N LEU A 70 -2.39 -0.76 6.30
CA LEU A 70 -2.65 0.61 6.77
C LEU A 70 -1.93 1.66 5.91
N PHE A 71 -0.60 1.61 5.91
CA PHE A 71 0.20 2.57 5.13
C PHE A 71 -0.10 2.48 3.64
N LEU A 72 -0.39 1.27 3.16
CA LEU A 72 -0.79 1.06 1.77
C LEU A 72 -2.13 1.75 1.46
N LYS A 73 -3.05 1.72 2.43
CA LYS A 73 -4.36 2.38 2.27
C LYS A 73 -4.19 3.91 2.27
N GLU A 74 -3.33 4.40 3.15
CA GLU A 74 -3.01 5.82 3.20
C GLU A 74 -2.39 6.28 1.88
N TYR A 75 -1.45 5.50 1.37
CA TYR A 75 -0.79 5.76 0.09
C TYR A 75 -1.82 5.76 -1.06
N LEU A 76 -2.65 4.72 -1.12
CA LEU A 76 -3.70 4.63 -2.15
C LEU A 76 -4.63 5.84 -2.13
N HIS A 77 -5.04 6.28 -0.94
CA HIS A 77 -5.92 7.45 -0.82
C HIS A 77 -5.26 8.72 -1.43
N PHE A 78 -3.93 8.76 -1.42
CA PHE A 78 -3.19 9.90 -1.96
C PHE A 78 -3.06 9.80 -3.50
N VAL A 79 -2.57 8.67 -3.98
CA VAL A 79 -2.36 8.46 -5.42
C VAL A 79 -3.69 8.43 -6.20
N LYS A 80 -4.73 7.80 -5.64
CA LYS A 80 -6.06 7.81 -6.27
C LYS A 80 -6.57 9.26 -6.45
N GLY A 81 -6.36 10.08 -5.41
CA GLY A 81 -6.71 11.49 -5.50
C GLY A 81 -5.91 12.23 -6.57
N ALA A 82 -4.62 11.93 -6.65
CA ALA A 82 -3.76 12.46 -7.71
C ALA A 82 -4.30 12.08 -9.11
N VAL A 83 -4.65 10.81 -9.29
CA VAL A 83 -5.25 10.33 -10.54
C VAL A 83 -6.53 11.11 -10.86
N ALA A 84 -7.32 11.41 -9.83
CA ALA A 84 -8.53 12.24 -9.98
C ALA A 84 -8.19 13.63 -10.51
N ASN A 85 -7.04 14.18 -10.11
CA ASN A 85 -6.56 15.47 -10.63
C ASN A 85 -6.12 15.35 -12.10
N ALA A 86 -5.48 14.22 -12.43
CA ALA A 86 -5.02 13.96 -13.79
C ALA A 86 -6.18 13.94 -14.80
N ALA A 87 -7.38 13.63 -14.32
CA ALA A 87 -8.58 13.61 -15.17
C ALA A 87 -8.94 15.01 -15.69
N CYS A 88 -8.40 16.04 -15.04
CA CYS A 88 -8.65 17.43 -15.43
C CYS A 88 -7.71 17.92 -16.54
N LEU A 89 -6.66 17.14 -16.84
CA LEU A 89 -5.66 17.52 -17.83
C LEU A 89 -6.22 17.51 -19.27
N PRO A 90 -5.73 18.39 -20.15
CA PRO A 90 -6.15 18.45 -21.56
C PRO A 90 -6.15 17.06 -22.24
N GLU A 91 -4.99 16.42 -22.32
CA GLU A 91 -4.91 15.05 -22.88
C GLU A 91 -4.96 14.00 -21.76
N LEU A 92 -5.76 12.96 -21.98
CA LEU A 92 -5.98 11.91 -20.98
C LEU A 92 -4.76 10.96 -20.90
N ILE A 93 -3.81 11.12 -21.83
CA ILE A 93 -2.62 10.26 -21.94
C ILE A 93 -1.97 9.97 -20.57
N LEU A 94 -1.58 11.03 -19.86
CA LEU A 94 -0.93 10.87 -18.54
C LEU A 94 -1.83 10.12 -17.55
N HIS A 95 -3.11 10.47 -17.54
CA HIS A 95 -4.09 9.84 -16.64
C HIS A 95 -4.21 8.33 -16.92
N ASN A 96 -4.20 7.96 -18.20
CA ASN A 96 -4.34 6.56 -18.59
C ASN A 96 -3.06 5.77 -18.27
N LYS A 97 -1.91 6.43 -18.40
CA LYS A 97 -0.63 5.79 -18.05
C LYS A 97 -0.52 5.53 -16.54
N MET A 98 -0.66 6.59 -15.74
CA MET A 98 -0.48 6.50 -14.29
C MET A 98 -1.40 5.46 -13.63
N LYS A 99 -2.64 5.35 -14.11
CA LYS A 99 -3.60 4.39 -13.55
C LYS A 99 -3.15 2.94 -13.82
N ARG A 100 -2.58 2.70 -15.01
CA ARG A 100 -2.08 1.37 -15.38
C ARG A 100 -1.01 0.89 -14.38
N GLU A 101 -0.07 1.77 -14.08
CA GLU A 101 0.96 1.49 -13.09
C GLU A 101 0.34 1.32 -11.69
N LEU A 102 -0.66 2.16 -11.38
CA LEU A 102 -1.35 2.10 -10.09
C LEU A 102 -2.01 0.72 -9.83
N GLN A 103 -2.45 0.06 -10.90
CA GLN A 103 -3.06 -1.26 -10.77
C GLN A 103 -2.09 -2.28 -10.16
N ARG A 104 -0.79 -2.08 -10.38
CA ARG A 104 0.24 -2.93 -9.75
C ARG A 104 0.15 -2.85 -8.22
N VAL A 105 -0.31 -1.71 -7.71
CA VAL A 105 -0.47 -1.49 -6.28
C VAL A 105 -1.84 -2.01 -5.79
N GLU A 106 -2.90 -1.73 -6.54
CA GLU A 106 -4.25 -2.17 -6.17
C GLU A 106 -4.41 -3.70 -6.24
N ASP A 107 -4.02 -4.30 -7.36
CA ASP A 107 -4.07 -5.76 -7.50
C ASP A 107 -3.22 -6.48 -6.43
N SER A 108 -2.31 -5.74 -5.81
CA SER A 108 -1.58 -6.23 -4.65
C SER A 108 -2.45 -6.14 -3.38
N HIS A 109 -2.94 -4.92 -3.09
CA HIS A 109 -3.72 -4.66 -1.88
C HIS A 109 -4.95 -5.57 -1.75
N GLN A 110 -5.64 -5.84 -2.87
CA GLN A 110 -6.83 -6.67 -2.86
C GLN A 110 -6.54 -8.11 -2.37
N ILE A 111 -5.47 -8.73 -2.89
CA ILE A 111 -5.12 -10.10 -2.50
C ILE A 111 -4.51 -10.14 -1.09
N LEU A 112 -3.81 -9.08 -0.71
CA LEU A 112 -3.26 -8.95 0.65
C LEU A 112 -4.39 -8.96 1.69
N SER A 113 -5.40 -8.12 1.45
CA SER A 113 -6.58 -8.03 2.32
C SER A 113 -7.29 -9.39 2.47
N GLN A 114 -7.53 -10.05 1.33
CA GLN A 114 -8.22 -11.35 1.32
C GLN A 114 -7.41 -12.43 2.08
N THR A 115 -6.13 -12.56 1.76
CA THR A 115 -5.26 -13.53 2.45
C THR A 115 -5.24 -13.30 3.96
N SER A 116 -4.94 -12.07 4.37
CA SER A 116 -4.94 -11.68 5.78
C SER A 116 -6.29 -11.99 6.45
N HIS A 117 -7.37 -11.71 5.74
CA HIS A 117 -8.71 -11.97 6.26
C HIS A 117 -8.92 -13.47 6.51
N ASP A 118 -8.60 -14.29 5.52
CA ASP A 118 -8.71 -15.75 5.65
C ASP A 118 -7.84 -16.28 6.80
N LEU A 119 -6.63 -15.74 6.94
CA LEU A 119 -5.75 -16.11 8.06
C LEU A 119 -6.39 -15.73 9.41
N ASN A 120 -7.09 -14.60 9.44
CA ASN A 120 -7.83 -14.16 10.62
C ASN A 120 -8.98 -15.13 10.93
N GLU A 121 -9.67 -15.58 9.88
CA GLU A 121 -10.75 -16.56 10.02
C GLU A 121 -10.19 -17.93 10.44
N CYS A 122 -8.93 -18.20 10.09
CA CYS A 122 -8.23 -19.41 10.53
C CYS A 122 -7.52 -19.18 11.87
N SER A 123 -7.76 -18.01 12.48
CA SER A 123 -7.23 -17.66 13.81
C SER A 123 -5.69 -17.64 13.84
N TRP A 124 -5.05 -17.62 12.67
CA TRP A 124 -3.58 -17.66 12.57
C TRP A 124 -3.00 -18.88 13.32
N SER A 125 -3.77 -19.96 13.40
CA SER A 125 -3.34 -21.17 14.11
C SER A 125 -2.09 -21.80 13.46
N LEU A 126 -1.02 -21.93 14.25
CA LEU A 126 0.26 -22.46 13.77
C LEU A 126 0.11 -23.82 13.08
N ASN A 127 -0.77 -24.67 13.61
CA ASN A 127 -1.03 -26.00 13.05
C ASN A 127 -1.44 -25.91 11.56
N ILE A 128 -2.09 -24.81 11.20
CA ILE A 128 -2.59 -24.61 9.83
C ILE A 128 -1.58 -23.81 8.97
N LEU A 129 -0.70 -23.05 9.62
CA LEU A 129 0.26 -22.18 8.91
C LEU A 129 1.68 -22.79 8.90
N ALA A 130 2.26 -22.98 10.07
CA ALA A 130 3.65 -23.45 10.19
C ALA A 130 3.78 -24.95 9.90
N ILE A 131 2.73 -25.71 10.16
CA ILE A 131 2.73 -27.16 9.93
C ILE A 131 1.96 -27.53 8.65
N ASN A 132 0.63 -27.60 8.76
CA ASN A 132 -0.27 -27.92 7.63
C ASN A 132 0.22 -29.16 6.85
N LYS A 133 0.35 -30.29 7.57
CA LYS A 133 0.81 -31.56 6.98
C LYS A 133 2.26 -31.49 6.45
N PRO A 134 2.99 -32.62 6.43
CA PRO A 134 4.34 -32.70 5.82
C PRO A 134 4.29 -32.62 4.28
N GLN A 135 3.09 -32.53 3.73
CA GLN A 135 2.88 -32.45 2.27
C GLN A 135 3.13 -31.01 1.77
N ASN A 136 3.36 -30.86 0.47
CA ASN A 136 3.57 -29.55 -0.15
C ASN A 136 2.25 -28.79 -0.35
N LYS A 137 2.26 -27.49 -0.05
CA LYS A 137 1.09 -26.63 -0.26
C LYS A 137 1.51 -25.16 -0.48
N CYS A 138 0.97 -24.54 -1.53
CA CYS A 138 1.20 -23.12 -1.78
C CYS A 138 0.32 -22.26 -0.85
N ASP A 139 0.84 -21.95 0.33
CA ASP A 139 0.07 -21.24 1.36
C ASP A 139 -0.06 -19.74 1.08
N ASP A 140 -1.14 -19.14 1.60
CA ASP A 140 -1.41 -17.72 1.41
C ASP A 140 -0.52 -16.84 2.32
N LEU A 141 0.10 -17.45 3.33
CA LEU A 141 0.98 -16.74 4.25
C LEU A 141 2.21 -16.17 3.51
N ASP A 142 2.95 -17.03 2.84
CA ASP A 142 4.09 -16.61 2.02
C ASP A 142 3.61 -15.76 0.82
N ARG A 143 2.39 -16.06 0.34
CA ARG A 143 1.79 -15.30 -0.75
C ARG A 143 1.64 -13.82 -0.37
N PHE A 144 1.19 -13.56 0.85
CA PHE A 144 1.11 -12.18 1.37
C PHE A 144 2.50 -11.52 1.35
N VAL A 145 3.49 -12.23 1.88
CA VAL A 145 4.86 -11.70 2.01
C VAL A 145 5.50 -11.39 0.64
N MET A 146 5.50 -12.37 -0.28
CA MET A 146 6.13 -12.21 -1.60
C MET A 146 5.57 -10.99 -2.35
N VAL A 147 4.28 -10.73 -2.19
CA VAL A 147 3.63 -9.57 -2.81
C VAL A 147 3.93 -8.28 -2.03
N ALA A 148 3.72 -8.32 -0.71
CA ALA A 148 3.90 -7.14 0.15
C ALA A 148 5.30 -6.51 -0.01
N LYS A 149 6.33 -7.34 -0.18
CA LYS A 149 7.70 -6.84 -0.29
C LYS A 149 7.97 -6.11 -1.62
N THR A 150 7.18 -6.40 -2.66
CA THR A 150 7.37 -5.73 -3.97
C THR A 150 6.44 -4.52 -4.12
N VAL A 151 5.41 -4.44 -3.28
CA VAL A 151 4.44 -3.32 -3.32
C VAL A 151 5.15 -1.94 -3.29
N PRO A 152 6.10 -1.70 -2.34
CA PRO A 152 6.84 -0.43 -2.28
C PRO A 152 7.54 -0.07 -3.62
N ASP A 153 7.95 -1.09 -4.36
CA ASP A 153 8.64 -0.89 -5.64
C ASP A 153 7.66 -0.52 -6.76
N ASP A 154 6.58 -1.29 -6.89
CA ASP A 154 5.51 -0.98 -7.85
C ASP A 154 4.89 0.39 -7.53
N ALA A 155 4.76 0.70 -6.23
CA ALA A 155 4.30 2.02 -5.79
C ALA A 155 5.33 3.11 -6.11
N LYS A 156 6.61 2.79 -5.92
CA LYS A 156 7.70 3.71 -6.25
C LYS A 156 7.63 4.21 -7.71
N GLN A 157 7.07 3.38 -8.58
CA GLN A 157 6.79 3.77 -9.97
C GLN A 157 5.82 4.96 -10.01
N LEU A 158 4.73 4.86 -9.24
CA LEU A 158 3.76 5.95 -9.13
C LEU A 158 4.38 7.17 -8.45
N THR A 159 5.06 6.92 -7.33
CA THR A 159 5.73 7.99 -6.56
C THR A 159 6.57 8.90 -7.47
N THR A 160 7.47 8.31 -8.24
CA THR A 160 8.35 9.09 -9.12
C THR A 160 7.56 9.79 -10.24
N THR A 161 6.65 9.04 -10.87
CA THR A 161 5.82 9.58 -11.97
C THR A 161 5.00 10.81 -11.51
N ILE A 162 4.31 10.68 -10.38
CA ILE A 162 3.52 11.78 -9.83
C ILE A 162 4.39 12.97 -9.44
N ASN A 163 5.46 12.71 -8.68
CA ASN A 163 6.37 13.77 -8.22
C ASN A 163 6.95 14.60 -9.38
N THR A 164 7.32 13.94 -10.48
CA THR A 164 7.88 14.67 -11.65
C THR A 164 6.80 15.34 -12.50
N ASN A 165 5.57 14.81 -12.44
CA ASN A 165 4.43 15.39 -13.16
C ASN A 165 3.53 16.21 -12.21
N ALA A 166 4.02 16.47 -11.00
CA ALA A 166 3.25 17.20 -9.98
C ALA A 166 2.79 18.58 -10.49
N GLU A 167 3.67 19.25 -11.24
CA GLU A 167 3.36 20.56 -11.83
C GLU A 167 2.17 20.48 -12.81
N ALA A 168 1.96 19.31 -13.39
CA ALA A 168 0.82 19.08 -14.30
C ALA A 168 -0.43 18.65 -13.53
N LEU A 169 -0.26 17.66 -12.67
CA LEU A 169 -1.36 17.10 -11.87
C LEU A 169 -1.96 18.15 -10.92
N PHE A 170 -1.09 18.91 -10.27
CA PHE A 170 -1.53 19.91 -9.29
C PHE A 170 -1.14 21.32 -9.74
N ARG A 171 -2.12 22.12 -10.14
CA ARG A 171 -1.89 23.49 -10.61
C ARG A 171 -2.43 24.50 -9.57
N PRO A 172 -1.56 25.40 -9.05
CA PRO A 172 -1.95 26.32 -7.97
C PRO A 172 -3.08 27.30 -8.37
N GLY A 173 -2.91 28.00 -9.50
CA GLY A 173 -3.94 28.92 -9.97
C GLY A 173 -3.39 30.09 -10.78
N PRO A 174 -4.28 30.96 -11.29
CA PRO A 174 -3.87 32.13 -12.10
C PRO A 174 -3.43 33.33 -11.25
N GLY A 175 -2.72 34.28 -11.87
CA GLY A 175 -2.27 35.48 -11.16
C GLY A 175 -1.01 35.26 -10.34
N SER A 176 -0.18 36.29 -10.24
CA SER A 176 1.06 36.23 -9.45
C SER A 176 1.47 37.62 -8.94
N MET A 1 16.18 25.33 2.88
CA MET A 1 15.83 25.64 1.47
C MET A 1 14.35 26.00 1.33
N GLY A 2 13.47 25.05 1.62
CA GLY A 2 12.04 25.30 1.54
C GLY A 2 11.21 24.37 2.42
N HIS A 3 11.16 24.66 3.72
CA HIS A 3 10.34 23.89 4.66
C HIS A 3 8.88 24.36 4.61
N HIS A 4 8.02 23.56 3.97
CA HIS A 4 6.63 23.94 3.74
C HIS A 4 5.77 23.86 5.02
N HIS A 5 5.38 25.02 5.54
CA HIS A 5 4.43 25.09 6.66
C HIS A 5 2.99 25.32 6.13
N HIS A 6 2.73 24.83 4.92
CA HIS A 6 1.41 24.98 4.29
C HIS A 6 0.43 23.92 4.79
N HIS A 7 -0.69 24.36 5.37
CA HIS A 7 -1.70 23.45 5.93
C HIS A 7 -2.46 22.68 4.84
N HIS A 8 -3.36 21.80 5.26
CA HIS A 8 -4.19 21.02 4.34
C HIS A 8 -5.55 20.70 4.95
N SER A 9 -6.58 20.59 4.10
CA SER A 9 -7.95 20.25 4.55
C SER A 9 -7.98 18.93 5.34
N HIS A 10 -9.13 18.65 5.97
CA HIS A 10 -9.28 17.46 6.82
C HIS A 10 -9.01 16.16 6.05
N MET A 11 -9.88 15.82 5.10
CA MET A 11 -9.73 14.61 4.29
C MET A 11 -10.56 14.73 3.00
N ASP A 12 -9.87 14.86 1.86
CA ASP A 12 -10.53 15.20 0.59
C ASP A 12 -10.67 13.99 -0.35
N LYS A 13 -11.67 14.07 -1.25
CA LYS A 13 -11.79 13.09 -2.34
C LYS A 13 -10.63 13.27 -3.34
N ARG A 14 -10.30 14.53 -3.61
CA ARG A 14 -9.08 14.89 -4.34
C ARG A 14 -8.26 15.88 -3.51
N LEU A 15 -6.98 15.59 -3.35
CA LEU A 15 -6.12 16.36 -2.44
C LEU A 15 -5.74 17.74 -3.00
N PHE A 16 -6.03 18.79 -2.23
CA PHE A 16 -5.66 20.16 -2.59
C PHE A 16 -4.38 20.60 -1.84
N LEU A 17 -3.32 20.88 -2.60
CA LEU A 17 -2.05 21.34 -2.03
C LEU A 17 -1.12 21.87 -3.13
N ASP A 18 0.11 22.24 -2.75
CA ASP A 18 1.09 22.75 -3.71
C ASP A 18 1.77 21.61 -4.49
N PRO A 19 2.04 21.79 -5.81
CA PRO A 19 2.75 20.79 -6.61
C PRO A 19 4.10 20.40 -5.99
N ASP A 20 4.84 21.41 -5.53
CA ASP A 20 6.12 21.19 -4.84
C ASP A 20 5.95 20.38 -3.55
N THR A 21 4.87 20.65 -2.82
CA THR A 21 4.61 19.95 -1.56
C THR A 21 4.21 18.50 -1.81
N ALA A 22 3.33 18.26 -2.79
CA ALA A 22 2.86 16.91 -3.10
C ALA A 22 4.02 15.95 -3.39
N ILE A 23 5.02 16.43 -4.12
CA ILE A 23 6.23 15.65 -4.44
C ILE A 23 6.86 15.03 -3.17
N GLU A 24 7.20 15.86 -2.19
CA GLU A 24 7.79 15.36 -0.95
C GLU A 24 6.81 14.42 -0.21
N ARG A 25 5.55 14.84 -0.11
CA ARG A 25 4.52 14.04 0.59
C ARG A 25 4.51 12.58 0.10
N LEU A 26 4.36 12.40 -1.21
CA LEU A 26 4.29 11.06 -1.81
C LEU A 26 5.61 10.29 -1.61
N GLN A 27 6.73 11.01 -1.68
CA GLN A 27 8.05 10.40 -1.46
C GLN A 27 8.18 9.91 -0.01
N ARG A 28 7.52 10.61 0.91
CA ARG A 28 7.49 10.20 2.32
C ARG A 28 6.62 8.95 2.51
N LEU A 29 5.42 8.96 1.91
CA LEU A 29 4.48 7.83 2.01
C LEU A 29 5.07 6.54 1.42
N GLN A 30 5.81 6.67 0.32
CA GLN A 30 6.50 5.52 -0.27
C GLN A 30 7.47 4.89 0.76
N GLN A 31 8.27 5.74 1.40
CA GLN A 31 9.18 5.30 2.46
C GLN A 31 8.41 4.79 3.69
N ALA A 32 7.26 5.41 3.98
CA ALA A 32 6.41 4.99 5.09
C ALA A 32 5.85 3.58 4.86
N LEU A 33 5.44 3.31 3.63
CA LEU A 33 4.99 1.97 3.23
C LEU A 33 6.10 0.94 3.50
N GLU A 34 7.33 1.29 3.14
CA GLU A 34 8.49 0.44 3.44
C GLU A 34 8.62 0.19 4.95
N MET A 35 8.34 1.20 5.77
CA MET A 35 8.38 1.04 7.23
C MET A 35 7.33 0.02 7.72
N GLY A 36 6.11 0.14 7.20
CA GLY A 36 5.06 -0.84 7.53
C GLY A 36 5.43 -2.26 7.13
N VAL A 37 5.99 -2.40 5.93
CA VAL A 37 6.48 -3.69 5.44
C VAL A 37 7.72 -4.14 6.23
N SER A 38 8.52 -3.17 6.69
CA SER A 38 9.71 -3.47 7.52
C SER A 38 9.31 -4.17 8.81
N SER A 39 8.18 -3.76 9.39
CA SER A 39 7.62 -4.43 10.57
C SER A 39 7.41 -5.93 10.31
N LEU A 40 7.01 -6.24 9.08
CA LEU A 40 6.83 -7.63 8.66
C LEU A 40 8.18 -8.32 8.42
N MET A 41 9.10 -7.62 7.76
CA MET A 41 10.44 -8.15 7.45
C MET A 41 11.22 -8.51 8.73
N ALA A 42 11.04 -7.72 9.77
CA ALA A 42 11.67 -7.99 11.07
C ALA A 42 11.13 -9.26 11.72
N LEU A 43 9.95 -9.70 11.28
CA LEU A 43 9.28 -10.88 11.83
C LEU A 43 9.47 -12.12 10.93
N VAL A 44 9.59 -11.88 9.62
CA VAL A 44 9.66 -12.98 8.65
C VAL A 44 10.98 -12.98 7.86
N THR A 45 11.83 -13.98 8.12
CA THR A 45 13.05 -14.19 7.32
C THR A 45 13.03 -15.60 6.69
N THR A 46 11.82 -16.09 6.42
CA THR A 46 11.58 -17.44 5.87
C THR A 46 11.79 -18.51 6.94
N ASP A 47 10.77 -18.72 7.78
CA ASP A 47 10.86 -19.64 8.93
C ASP A 47 9.64 -20.58 8.99
N TRP A 48 9.09 -20.93 7.82
CA TRP A 48 7.86 -21.74 7.74
C TRP A 48 8.05 -23.16 8.30
N ARG A 49 9.29 -23.51 8.64
CA ARG A 49 9.60 -24.81 9.25
C ARG A 49 9.86 -24.68 10.77
N CYS A 50 10.05 -23.46 11.25
CA CYS A 50 10.36 -23.21 12.66
C CYS A 50 9.10 -22.79 13.43
N TYR A 51 8.42 -23.77 14.04
CA TYR A 51 7.16 -23.54 14.75
C TYR A 51 7.36 -22.56 15.92
N GLY A 52 8.33 -22.85 16.80
CA GLY A 52 8.60 -21.99 17.95
C GLY A 52 8.86 -20.54 17.56
N TYR A 53 9.77 -20.35 16.60
CA TYR A 53 10.11 -19.01 16.10
C TYR A 53 8.87 -18.28 15.59
N MET A 54 8.07 -18.95 14.76
CA MET A 54 6.87 -18.35 14.18
C MET A 54 5.84 -17.98 15.26
N GLU A 55 5.53 -18.94 16.15
CA GLU A 55 4.55 -18.72 17.22
C GLU A 55 4.98 -17.59 18.16
N ARG A 56 6.28 -17.45 18.40
CA ARG A 56 6.79 -16.34 19.23
C ARG A 56 6.68 -14.99 18.49
N HIS A 57 6.21 -15.01 17.25
CA HIS A 57 5.97 -13.79 16.48
C HIS A 57 4.52 -13.71 15.95
N ILE A 58 3.75 -14.79 16.10
CA ILE A 58 2.39 -14.88 15.53
C ILE A 58 1.50 -13.70 15.98
N ASN A 59 1.64 -13.28 17.23
CA ASN A 59 0.86 -12.17 17.78
C ASN A 59 1.20 -10.84 17.08
N GLU A 60 2.47 -10.68 16.72
CA GLU A 60 2.97 -9.43 16.15
C GLU A 60 2.79 -9.39 14.62
N ILE A 61 2.99 -10.53 13.96
CA ILE A 61 2.86 -10.60 12.50
C ILE A 61 1.44 -10.22 12.05
N ARG A 62 0.44 -10.51 12.89
CA ARG A 62 -0.94 -10.07 12.62
C ARG A 62 -1.01 -8.53 12.54
N THR A 63 -0.26 -7.87 13.41
CA THR A 63 -0.20 -6.40 13.43
C THR A 63 0.66 -5.87 12.25
N ALA A 64 1.72 -6.59 11.91
CA ALA A 64 2.56 -6.24 10.76
C ALA A 64 1.76 -6.29 9.46
N VAL A 65 0.98 -7.36 9.29
CA VAL A 65 0.03 -7.48 8.17
C VAL A 65 -0.95 -6.29 8.16
N ASP A 66 -1.48 -5.97 9.34
CA ASP A 66 -2.36 -4.81 9.51
C ASP A 66 -1.65 -3.51 9.06
N LYS A 67 -0.37 -3.41 9.39
CA LYS A 67 0.45 -2.24 9.01
C LYS A 67 0.67 -2.16 7.49
N VAL A 68 1.04 -3.29 6.88
CA VAL A 68 1.24 -3.33 5.42
C VAL A 68 -0.01 -2.80 4.69
N GLU A 69 -1.18 -3.30 5.09
CA GLU A 69 -2.46 -2.82 4.56
C GLU A 69 -2.74 -1.37 4.97
N LEU A 70 -2.32 -0.99 6.18
CA LEU A 70 -2.53 0.38 6.70
C LEU A 70 -1.78 1.44 5.88
N PHE A 71 -0.45 1.34 5.86
CA PHE A 71 0.39 2.30 5.12
C PHE A 71 0.06 2.27 3.62
N LEU A 72 -0.26 1.09 3.10
CA LEU A 72 -0.68 0.97 1.70
C LEU A 72 -2.04 1.64 1.48
N LYS A 73 -2.93 1.53 2.46
CA LYS A 73 -4.22 2.22 2.43
C LYS A 73 -4.02 3.75 2.36
N GLU A 74 -3.10 4.26 3.18
CA GLU A 74 -2.75 5.69 3.18
C GLU A 74 -2.16 6.11 1.82
N TYR A 75 -1.24 5.30 1.31
CA TYR A 75 -0.60 5.54 0.02
C TYR A 75 -1.63 5.58 -1.12
N LEU A 76 -2.46 4.54 -1.21
CA LEU A 76 -3.51 4.46 -2.23
C LEU A 76 -4.47 5.66 -2.16
N HIS A 77 -4.83 6.06 -0.93
CA HIS A 77 -5.69 7.23 -0.74
C HIS A 77 -5.05 8.50 -1.33
N PHE A 78 -3.74 8.65 -1.14
CA PHE A 78 -3.01 9.83 -1.64
C PHE A 78 -2.93 9.81 -3.18
N VAL A 79 -2.40 8.71 -3.74
CA VAL A 79 -2.24 8.60 -5.19
C VAL A 79 -3.58 8.69 -5.93
N LYS A 80 -4.62 8.02 -5.40
CA LYS A 80 -5.97 8.11 -6.00
C LYS A 80 -6.50 9.54 -5.94
N GLY A 81 -6.17 10.26 -4.86
CA GLY A 81 -6.51 11.67 -4.76
C GLY A 81 -5.86 12.50 -5.88
N ALA A 82 -4.61 12.17 -6.20
CA ALA A 82 -3.91 12.82 -7.32
C ALA A 82 -4.53 12.42 -8.67
N VAL A 83 -4.83 11.14 -8.83
CA VAL A 83 -5.50 10.63 -10.04
C VAL A 83 -6.88 11.29 -10.22
N ALA A 84 -7.51 11.65 -9.09
CA ALA A 84 -8.78 12.38 -9.11
C ALA A 84 -8.59 13.80 -9.68
N ASN A 85 -7.41 14.37 -9.47
CA ASN A 85 -7.04 15.67 -10.07
C ASN A 85 -6.69 15.49 -11.56
N ALA A 86 -5.99 14.40 -11.88
CA ALA A 86 -5.64 14.07 -13.27
C ALA A 86 -6.87 13.94 -14.16
N ALA A 87 -8.01 13.61 -13.56
CA ALA A 87 -9.28 13.51 -14.28
C ALA A 87 -9.72 14.87 -14.85
N CYS A 88 -9.20 15.95 -14.28
CA CYS A 88 -9.52 17.31 -14.72
C CYS A 88 -8.65 17.76 -15.90
N LEU A 89 -7.62 16.97 -16.22
CA LEU A 89 -6.71 17.29 -17.33
C LEU A 89 -7.40 17.07 -18.70
N PRO A 90 -7.28 18.05 -19.62
CA PRO A 90 -7.93 17.97 -20.95
C PRO A 90 -7.41 16.80 -21.81
N GLU A 91 -6.21 16.30 -21.49
CA GLU A 91 -5.67 15.11 -22.18
C GLU A 91 -6.39 13.83 -21.75
N LEU A 92 -6.48 13.64 -20.43
CA LEU A 92 -6.95 12.38 -19.84
C LEU A 92 -5.90 11.26 -20.02
N ILE A 93 -4.92 11.47 -20.92
CA ILE A 93 -3.88 10.48 -21.21
C ILE A 93 -3.08 10.14 -19.95
N LEU A 94 -2.53 11.17 -19.29
CA LEU A 94 -1.82 11.00 -18.02
C LEU A 94 -2.67 10.25 -16.99
N HIS A 95 -3.98 10.54 -16.99
CA HIS A 95 -4.92 9.88 -16.09
C HIS A 95 -4.94 8.36 -16.35
N ASN A 96 -4.86 7.97 -17.62
CA ASN A 96 -4.79 6.55 -18.01
C ASN A 96 -3.46 5.93 -17.57
N LYS A 97 -2.36 6.65 -17.80
CA LYS A 97 -1.03 6.16 -17.46
C LYS A 97 -0.87 5.88 -15.95
N MET A 98 -1.30 6.80 -15.11
CA MET A 98 -1.21 6.61 -13.66
C MET A 98 -2.09 5.46 -13.16
N LYS A 99 -3.32 5.35 -13.65
CA LYS A 99 -4.24 4.30 -13.19
C LYS A 99 -3.80 2.90 -13.64
N ARG A 100 -3.30 2.78 -14.88
CA ARG A 100 -2.84 1.48 -15.40
C ARG A 100 -1.67 0.94 -14.56
N GLU A 101 -0.77 1.84 -14.14
CA GLU A 101 0.35 1.46 -13.27
C GLU A 101 -0.15 1.22 -11.83
N LEU A 102 -1.09 2.04 -11.38
CA LEU A 102 -1.64 1.93 -10.03
C LEU A 102 -2.39 0.60 -9.85
N GLN A 103 -3.05 0.12 -10.90
CA GLN A 103 -3.77 -1.16 -10.87
C GLN A 103 -2.85 -2.34 -10.47
N ARG A 104 -1.54 -2.17 -10.65
CA ARG A 104 -0.56 -3.18 -10.21
C ARG A 104 -0.39 -3.15 -8.69
N VAL A 105 -0.30 -1.95 -8.13
CA VAL A 105 -0.22 -1.77 -6.67
C VAL A 105 -1.54 -2.17 -6.01
N GLU A 106 -2.66 -1.79 -6.64
CA GLU A 106 -3.99 -2.21 -6.18
C GLU A 106 -4.17 -3.73 -6.31
N ASP A 107 -3.66 -4.29 -7.41
CA ASP A 107 -3.65 -5.74 -7.62
C ASP A 107 -2.87 -6.45 -6.50
N SER A 108 -1.76 -5.84 -6.09
CA SER A 108 -1.00 -6.32 -4.94
C SER A 108 -1.81 -6.20 -3.65
N HIS A 109 -2.43 -5.05 -3.43
CA HIS A 109 -3.21 -4.80 -2.21
C HIS A 109 -4.40 -5.78 -2.08
N GLN A 110 -5.06 -6.10 -3.19
CA GLN A 110 -6.22 -7.01 -3.14
C GLN A 110 -5.80 -8.45 -2.79
N ILE A 111 -4.68 -8.93 -3.35
CA ILE A 111 -4.18 -10.27 -3.02
C ILE A 111 -3.64 -10.32 -1.58
N LEU A 112 -3.09 -9.19 -1.10
CA LEU A 112 -2.71 -9.05 0.31
C LEU A 112 -3.96 -9.12 1.21
N SER A 113 -5.01 -8.42 0.78
CA SER A 113 -6.29 -8.43 1.50
C SER A 113 -6.93 -9.82 1.53
N GLN A 114 -6.88 -10.52 0.40
CA GLN A 114 -7.41 -11.89 0.32
C GLN A 114 -6.66 -12.82 1.29
N THR A 115 -5.35 -12.91 1.12
CA THR A 115 -4.51 -13.75 1.99
C THR A 115 -4.70 -13.38 3.48
N SER A 116 -4.57 -12.10 3.81
CA SER A 116 -4.74 -11.62 5.19
C SER A 116 -6.07 -12.10 5.79
N HIS A 117 -7.15 -11.92 5.03
CA HIS A 117 -8.49 -12.36 5.47
C HIS A 117 -8.57 -13.88 5.62
N ASP A 118 -8.11 -14.63 4.61
CA ASP A 118 -8.13 -16.09 4.69
C ASP A 118 -7.37 -16.60 5.94
N LEU A 119 -6.22 -16.00 6.22
CA LEU A 119 -5.47 -16.31 7.45
C LEU A 119 -6.34 -16.03 8.70
N ASN A 120 -7.02 -14.89 8.69
CA ASN A 120 -7.91 -14.49 9.78
C ASN A 120 -9.14 -15.41 9.86
N GLU A 121 -9.56 -15.96 8.71
CA GLU A 121 -10.68 -16.91 8.67
C GLU A 121 -10.22 -18.32 9.05
N CYS A 122 -8.91 -18.54 9.02
CA CYS A 122 -8.30 -19.77 9.53
C CYS A 122 -7.81 -19.57 10.97
N SER A 123 -8.20 -18.44 11.58
CA SER A 123 -7.84 -18.13 12.98
C SER A 123 -6.32 -18.06 13.20
N TRP A 124 -5.57 -17.86 12.12
CA TRP A 124 -4.10 -17.82 12.17
C TRP A 124 -3.52 -19.08 12.82
N SER A 125 -4.12 -20.24 12.52
CA SER A 125 -3.64 -21.52 13.04
C SER A 125 -2.17 -21.78 12.69
N LEU A 126 -1.32 -21.91 13.71
CA LEU A 126 0.11 -22.19 13.51
C LEU A 126 0.32 -23.53 12.79
N ASN A 127 -0.60 -24.47 13.00
CA ASN A 127 -0.54 -25.79 12.35
C ASN A 127 -0.67 -25.65 10.81
N ILE A 128 -1.30 -24.57 10.36
CA ILE A 128 -1.45 -24.30 8.93
C ILE A 128 -0.32 -23.37 8.42
N LEU A 129 0.15 -22.47 9.30
CA LEU A 129 1.15 -21.47 8.93
C LEU A 129 2.59 -21.92 9.26
N ALA A 130 2.85 -22.21 10.53
CA ALA A 130 4.20 -22.57 11.00
C ALA A 130 4.56 -24.03 10.68
N ILE A 131 3.56 -24.83 10.32
CA ILE A 131 3.78 -26.22 9.91
C ILE A 131 3.41 -26.39 8.42
N ASN A 132 4.22 -25.83 7.54
CA ASN A 132 3.90 -25.82 6.10
C ASN A 132 5.17 -25.62 5.25
N LYS A 133 5.18 -26.19 4.04
CA LYS A 133 6.29 -26.00 3.10
C LYS A 133 5.84 -25.21 1.86
N PRO A 134 6.53 -24.11 1.55
CA PRO A 134 6.08 -23.13 0.54
C PRO A 134 6.49 -23.47 -0.91
N GLN A 135 5.70 -23.00 -1.88
CA GLN A 135 6.02 -23.13 -3.30
C GLN A 135 6.02 -21.75 -4.01
N ASN A 136 5.71 -20.68 -3.25
CA ASN A 136 5.59 -19.31 -3.81
C ASN A 136 4.41 -19.19 -4.78
N LYS A 137 3.36 -20.00 -4.57
CA LYS A 137 2.20 -20.03 -5.47
C LYS A 137 0.88 -19.91 -4.71
N CYS A 138 0.39 -21.05 -4.18
CA CYS A 138 -0.89 -21.09 -3.47
C CYS A 138 -0.70 -20.88 -1.96
N ASP A 139 0.52 -20.56 -1.57
CA ASP A 139 0.86 -20.33 -0.16
C ASP A 139 0.46 -18.91 0.26
N ASP A 140 -0.71 -18.76 0.87
CA ASP A 140 -1.27 -17.44 1.22
C ASP A 140 -0.29 -16.58 2.05
N LEU A 141 0.11 -17.08 3.22
CA LEU A 141 1.02 -16.33 4.11
C LEU A 141 2.35 -16.01 3.42
N ASP A 142 2.96 -17.02 2.80
CA ASP A 142 4.24 -16.84 2.09
C ASP A 142 4.09 -15.82 0.94
N ARG A 143 2.98 -15.90 0.21
CA ARG A 143 2.67 -14.95 -0.86
C ARG A 143 2.57 -13.52 -0.33
N PHE A 144 1.88 -13.34 0.80
CA PHE A 144 1.77 -12.03 1.43
C PHE A 144 3.16 -11.41 1.66
N VAL A 145 4.08 -12.20 2.18
CA VAL A 145 5.43 -11.72 2.49
C VAL A 145 6.21 -11.31 1.21
N MET A 146 6.29 -12.22 0.23
CA MET A 146 7.03 -11.94 -1.01
C MET A 146 6.45 -10.74 -1.76
N VAL A 147 5.12 -10.58 -1.73
CA VAL A 147 4.47 -9.44 -2.37
C VAL A 147 4.67 -8.14 -1.58
N ALA A 148 4.41 -8.19 -0.27
CA ALA A 148 4.51 -7.01 0.59
C ALA A 148 5.85 -6.28 0.43
N LYS A 149 6.95 -7.03 0.32
CA LYS A 149 8.28 -6.44 0.19
C LYS A 149 8.48 -5.75 -1.18
N THR A 150 7.79 -6.23 -2.22
CA THR A 150 7.93 -5.64 -3.56
C THR A 150 6.85 -4.58 -3.85
N VAL A 151 5.84 -4.49 -2.97
CA VAL A 151 4.77 -3.49 -3.12
C VAL A 151 5.33 -2.05 -3.19
N PRO A 152 6.18 -1.62 -2.22
CA PRO A 152 6.75 -0.26 -2.22
C PRO A 152 7.67 0.01 -3.42
N ASP A 153 8.24 -1.06 -3.99
CA ASP A 153 9.11 -0.93 -5.15
C ASP A 153 8.29 -0.78 -6.45
N ASP A 154 7.20 -1.52 -6.55
CA ASP A 154 6.26 -1.38 -7.68
C ASP A 154 5.57 -0.01 -7.62
N ALA A 155 5.15 0.37 -6.41
CA ALA A 155 4.55 1.68 -6.17
C ALA A 155 5.48 2.83 -6.58
N LYS A 156 6.79 2.57 -6.55
CA LYS A 156 7.80 3.55 -6.94
C LYS A 156 7.51 4.15 -8.32
N GLN A 157 6.88 3.37 -9.21
CA GLN A 157 6.45 3.85 -10.51
C GLN A 157 5.48 5.03 -10.35
N LEU A 158 4.45 4.82 -9.53
CA LEU A 158 3.46 5.87 -9.26
C LEU A 158 4.10 7.03 -8.49
N THR A 159 4.96 6.72 -7.54
CA THR A 159 5.68 7.73 -6.75
C THR A 159 6.46 8.68 -7.65
N THR A 160 7.01 8.15 -8.73
CA THR A 160 7.77 8.97 -9.70
C THR A 160 6.84 9.64 -10.72
N THR A 161 5.91 8.88 -11.28
CA THR A 161 4.96 9.39 -12.30
C THR A 161 4.23 10.66 -11.82
N ILE A 162 3.60 10.58 -10.65
CA ILE A 162 2.86 11.72 -10.10
C ILE A 162 3.78 12.92 -9.84
N ASN A 163 4.94 12.66 -9.24
CA ASN A 163 5.91 13.72 -8.90
C ASN A 163 6.46 14.44 -10.16
N THR A 164 6.85 13.68 -11.16
CA THR A 164 7.40 14.27 -12.39
C THR A 164 6.33 15.03 -13.19
N ASN A 165 5.06 14.65 -13.00
CA ASN A 165 3.93 15.36 -13.64
C ASN A 165 3.15 16.22 -12.63
N ALA A 166 3.72 16.39 -11.43
CA ALA A 166 3.05 17.16 -10.37
C ALA A 166 2.73 18.60 -10.80
N GLU A 167 3.57 19.17 -11.65
CA GLU A 167 3.36 20.52 -12.19
C GLU A 167 2.14 20.57 -13.14
N ALA A 168 1.82 19.45 -13.78
CA ALA A 168 0.64 19.35 -14.64
C ALA A 168 -0.61 19.04 -13.82
N LEU A 169 -0.46 18.21 -12.80
CA LEU A 169 -1.56 17.82 -11.92
C LEU A 169 -1.99 18.97 -10.99
N PHE A 170 -1.00 19.61 -10.36
CA PHE A 170 -1.25 20.69 -9.40
C PHE A 170 -0.81 22.05 -9.96
N ARG A 171 -1.78 22.90 -10.26
CA ARG A 171 -1.51 24.22 -10.83
C ARG A 171 -1.47 25.31 -9.73
N PRO A 172 -0.31 25.99 -9.56
CA PRO A 172 -0.15 27.03 -8.52
C PRO A 172 -0.73 28.40 -8.92
N GLY A 173 -1.36 28.44 -10.10
CA GLY A 173 -1.98 29.67 -10.58
C GLY A 173 -1.19 30.34 -11.72
N PRO A 174 -1.88 30.98 -12.68
CA PRO A 174 -1.25 31.69 -13.80
C PRO A 174 -0.80 33.11 -13.42
N GLY A 175 0.34 33.55 -13.95
CA GLY A 175 0.85 34.88 -13.66
C GLY A 175 0.45 35.92 -14.71
N SER A 176 1.43 36.48 -15.41
CA SER A 176 1.19 37.48 -16.47
C SER A 176 1.27 36.84 -17.87
N MET A 1 -14.78 39.41 18.39
CA MET A 1 -13.52 38.85 18.95
C MET A 1 -13.64 37.35 19.24
N GLY A 2 -12.62 36.77 19.87
CA GLY A 2 -12.65 35.36 20.24
C GLY A 2 -11.72 34.48 19.40
N HIS A 3 -11.71 34.72 18.09
CA HIS A 3 -10.85 33.99 17.11
C HIS A 3 -10.94 32.46 17.27
N HIS A 4 -12.02 31.98 17.87
CA HIS A 4 -12.18 30.54 18.16
C HIS A 4 -12.56 29.75 16.90
N HIS A 5 -11.74 28.74 16.56
CA HIS A 5 -11.96 27.90 15.37
C HIS A 5 -11.82 26.41 15.70
N HIS A 6 -12.37 25.55 14.84
CA HIS A 6 -12.29 24.09 15.00
C HIS A 6 -11.94 23.40 13.68
N HIS A 7 -11.44 22.16 13.78
CA HIS A 7 -11.12 21.35 12.61
C HIS A 7 -12.12 20.18 12.46
N HIS A 8 -12.98 20.25 11.45
CA HIS A 8 -14.04 19.25 11.25
C HIS A 8 -14.42 19.15 9.76
N SER A 9 -13.89 18.13 9.08
CA SER A 9 -14.21 17.88 7.66
C SER A 9 -13.63 16.54 7.17
N HIS A 10 -14.12 16.06 6.03
CA HIS A 10 -13.64 14.81 5.42
C HIS A 10 -13.61 14.91 3.89
N MET A 11 -12.43 14.74 3.29
CA MET A 11 -12.31 14.73 1.83
C MET A 11 -12.85 13.42 1.23
N ASP A 12 -13.43 13.50 0.04
CA ASP A 12 -13.96 12.32 -0.64
C ASP A 12 -12.81 11.46 -1.23
N LYS A 13 -12.57 11.56 -2.54
CA LYS A 13 -11.47 10.82 -3.18
C LYS A 13 -10.36 11.79 -3.64
N ARG A 14 -10.76 12.91 -4.22
CA ARG A 14 -9.81 13.89 -4.75
C ARG A 14 -9.27 14.81 -3.66
N LEU A 15 -7.95 14.83 -3.51
CA LEU A 15 -7.27 15.68 -2.54
C LEU A 15 -6.83 17.01 -3.17
N PHE A 16 -6.73 18.06 -2.34
CA PHE A 16 -6.30 19.38 -2.80
C PHE A 16 -5.12 19.90 -1.97
N LEU A 17 -4.02 20.22 -2.63
CA LEU A 17 -2.82 20.75 -1.97
C LEU A 17 -1.82 21.31 -3.00
N ASP A 18 -0.68 21.79 -2.50
CA ASP A 18 0.37 22.35 -3.37
C ASP A 18 1.18 21.26 -4.08
N PRO A 19 1.52 21.44 -5.37
CA PRO A 19 2.32 20.48 -6.15
C PRO A 19 3.67 20.18 -5.48
N ASP A 20 4.39 21.24 -5.12
CA ASP A 20 5.68 21.12 -4.44
C ASP A 20 5.55 20.32 -3.14
N THR A 21 4.47 20.55 -2.40
CA THR A 21 4.23 19.89 -1.13
C THR A 21 3.85 18.40 -1.33
N ALA A 22 3.03 18.12 -2.33
CA ALA A 22 2.61 16.73 -2.60
C ALA A 22 3.82 15.82 -2.88
N ILE A 23 4.87 16.37 -3.47
CA ILE A 23 6.11 15.63 -3.73
C ILE A 23 6.69 15.04 -2.44
N GLU A 24 6.98 15.90 -1.45
CA GLU A 24 7.51 15.43 -0.17
C GLU A 24 6.51 14.49 0.53
N ARG A 25 5.22 14.82 0.46
CA ARG A 25 4.15 14.01 1.07
C ARG A 25 4.17 12.56 0.55
N LEU A 26 4.14 12.42 -0.77
CA LEU A 26 4.10 11.10 -1.41
C LEU A 26 5.40 10.31 -1.13
N GLN A 27 6.54 11.01 -1.14
CA GLN A 27 7.82 10.40 -0.78
C GLN A 27 7.83 9.93 0.68
N ARG A 28 7.19 10.69 1.57
CA ARG A 28 7.09 10.32 2.98
C ARG A 28 6.17 9.10 3.18
N LEU A 29 5.08 9.04 2.41
CA LEU A 29 4.21 7.86 2.41
C LEU A 29 4.94 6.63 1.87
N GLN A 30 5.74 6.85 0.82
CA GLN A 30 6.59 5.80 0.24
C GLN A 30 7.46 5.11 1.31
N GLN A 31 8.26 5.91 2.02
CA GLN A 31 9.17 5.38 3.03
C GLN A 31 8.39 4.78 4.22
N ALA A 32 7.25 5.38 4.55
CA ALA A 32 6.36 4.83 5.60
C ALA A 32 5.90 3.42 5.22
N LEU A 33 5.47 3.26 3.98
CA LEU A 33 5.08 1.95 3.44
C LEU A 33 6.25 0.96 3.52
N GLU A 34 7.46 1.43 3.18
CA GLU A 34 8.67 0.61 3.27
C GLU A 34 8.95 0.16 4.72
N MET A 35 8.64 1.01 5.70
CA MET A 35 8.80 0.64 7.11
C MET A 35 7.82 -0.49 7.49
N GLY A 36 6.61 -0.44 6.95
CA GLY A 36 5.63 -1.50 7.17
C GLY A 36 6.09 -2.83 6.58
N VAL A 37 6.53 -2.80 5.33
CA VAL A 37 7.07 -3.99 4.65
C VAL A 37 8.32 -4.52 5.38
N SER A 38 9.19 -3.61 5.81
CA SER A 38 10.40 -3.98 6.55
C SER A 38 10.05 -4.70 7.87
N SER A 39 9.01 -4.22 8.54
CA SER A 39 8.51 -4.87 9.75
C SER A 39 8.20 -6.35 9.48
N LEU A 40 7.56 -6.62 8.35
CA LEU A 40 7.26 -7.99 7.94
C LEU A 40 8.54 -8.77 7.66
N MET A 41 9.41 -8.21 6.83
CA MET A 41 10.70 -8.86 6.47
C MET A 41 11.49 -9.28 7.72
N ALA A 42 11.44 -8.46 8.76
CA ALA A 42 12.14 -8.75 10.03
C ALA A 42 11.49 -9.91 10.79
N LEU A 43 10.19 -10.09 10.60
CA LEU A 43 9.41 -11.12 11.33
C LEU A 43 9.21 -12.39 10.49
N VAL A 44 9.55 -12.33 9.20
CA VAL A 44 9.50 -13.51 8.34
C VAL A 44 10.70 -14.44 8.59
N THR A 45 10.44 -15.75 8.64
CA THR A 45 11.49 -16.74 8.90
C THR A 45 11.52 -17.79 7.78
N THR A 46 12.73 -18.17 7.35
CA THR A 46 12.90 -19.22 6.32
C THR A 46 12.21 -20.54 6.73
N ASP A 47 12.11 -20.76 8.04
CA ASP A 47 11.43 -21.94 8.58
C ASP A 47 10.42 -21.55 9.66
N TRP A 48 9.16 -21.33 9.26
CA TRP A 48 8.09 -21.11 10.24
C TRP A 48 7.74 -22.41 10.97
N ARG A 49 8.31 -23.53 10.50
CA ARG A 49 8.18 -24.83 11.19
C ARG A 49 8.74 -24.75 12.62
N CYS A 50 9.56 -23.73 12.89
CA CYS A 50 10.05 -23.46 14.23
C CYS A 50 8.89 -22.99 15.13
N TYR A 51 8.10 -23.95 15.59
CA TYR A 51 6.85 -23.70 16.31
C TYR A 51 7.02 -22.65 17.43
N GLY A 52 7.95 -22.89 18.34
CA GLY A 52 8.16 -21.97 19.47
C GLY A 52 8.60 -20.57 19.02
N TYR A 53 9.59 -20.52 18.15
CA TYR A 53 10.14 -19.26 17.65
C TYR A 53 9.06 -18.41 16.95
N MET A 54 8.26 -19.03 16.09
CA MET A 54 7.17 -18.34 15.40
C MET A 54 6.04 -17.93 16.38
N GLU A 55 5.68 -18.87 17.26
CA GLU A 55 4.65 -18.64 18.28
C GLU A 55 4.94 -17.36 19.10
N ARG A 56 6.21 -17.09 19.35
CA ARG A 56 6.63 -15.88 20.08
C ARG A 56 6.19 -14.60 19.37
N HIS A 57 6.27 -14.57 18.04
CA HIS A 57 5.98 -13.34 17.28
C HIS A 57 4.79 -13.50 16.32
N ILE A 58 3.97 -14.54 16.51
CA ILE A 58 2.77 -14.76 15.69
C ILE A 58 1.87 -13.50 15.66
N ASN A 59 1.78 -12.80 16.78
CA ASN A 59 1.00 -11.55 16.88
C ASN A 59 1.78 -10.35 16.28
N GLU A 60 3.09 -10.33 16.50
CA GLU A 60 3.95 -9.25 15.95
C GLU A 60 3.89 -9.23 14.41
N ILE A 61 4.06 -10.41 13.80
CA ILE A 61 3.96 -10.53 12.34
C ILE A 61 2.54 -10.23 11.85
N ARG A 62 1.55 -10.54 12.69
CA ARG A 62 0.16 -10.18 12.42
C ARG A 62 0.01 -8.65 12.30
N THR A 63 0.65 -7.93 13.23
CA THR A 63 0.68 -6.46 13.15
C THR A 63 1.40 -5.99 11.89
N ALA A 64 2.53 -6.61 11.58
CA ALA A 64 3.30 -6.26 10.37
C ALA A 64 2.43 -6.35 9.10
N VAL A 65 1.73 -7.48 8.94
CA VAL A 65 0.79 -7.68 7.82
C VAL A 65 -0.24 -6.52 7.75
N ASP A 66 -0.80 -6.18 8.89
CA ASP A 66 -1.75 -5.06 8.99
C ASP A 66 -1.10 -3.73 8.58
N LYS A 67 0.12 -3.48 9.08
CA LYS A 67 0.83 -2.22 8.77
C LYS A 67 1.10 -2.07 7.27
N VAL A 68 1.49 -3.16 6.61
CA VAL A 68 1.73 -3.15 5.16
C VAL A 68 0.52 -2.59 4.41
N GLU A 69 -0.63 -3.22 4.62
CA GLU A 69 -1.88 -2.79 3.98
C GLU A 69 -2.45 -1.51 4.61
N LEU A 70 -2.03 -1.19 5.83
CA LEU A 70 -2.39 0.08 6.48
C LEU A 70 -1.79 1.27 5.73
N PHE A 71 -0.45 1.33 5.68
CA PHE A 71 0.24 2.40 4.95
C PHE A 71 -0.14 2.37 3.47
N LEU A 72 -0.37 1.17 2.94
CA LEU A 72 -0.85 0.98 1.58
C LEU A 72 -2.24 1.63 1.38
N LYS A 73 -3.14 1.41 2.34
CA LYS A 73 -4.48 1.98 2.29
C LYS A 73 -4.45 3.51 2.22
N GLU A 74 -3.60 4.11 3.06
CA GLU A 74 -3.45 5.57 3.08
C GLU A 74 -2.72 6.06 1.82
N TYR A 75 -1.75 5.28 1.35
CA TYR A 75 -1.01 5.57 0.12
C TYR A 75 -1.93 5.56 -1.11
N LEU A 76 -2.73 4.50 -1.25
CA LEU A 76 -3.66 4.39 -2.38
C LEU A 76 -4.67 5.55 -2.40
N HIS A 77 -5.21 5.93 -1.24
CA HIS A 77 -6.15 7.05 -1.18
C HIS A 77 -5.49 8.36 -1.65
N PHE A 78 -4.19 8.49 -1.37
CA PHE A 78 -3.42 9.69 -1.77
C PHE A 78 -3.19 9.71 -3.29
N VAL A 79 -2.62 8.62 -3.82
CA VAL A 79 -2.33 8.54 -5.26
C VAL A 79 -3.62 8.57 -6.11
N LYS A 80 -4.69 7.93 -5.63
CA LYS A 80 -6.00 8.00 -6.30
C LYS A 80 -6.50 9.44 -6.37
N GLY A 81 -6.34 10.18 -5.27
CA GLY A 81 -6.69 11.60 -5.25
C GLY A 81 -5.91 12.41 -6.28
N ALA A 82 -4.63 12.09 -6.43
CA ALA A 82 -3.79 12.71 -7.47
C ALA A 82 -4.33 12.37 -8.87
N VAL A 83 -4.59 11.08 -9.11
CA VAL A 83 -5.17 10.64 -10.38
C VAL A 83 -6.52 11.36 -10.64
N ALA A 84 -7.28 11.58 -9.59
CA ALA A 84 -8.54 12.32 -9.67
C ALA A 84 -8.32 13.75 -10.18
N ASN A 85 -7.18 14.35 -9.81
CA ASN A 85 -6.81 15.68 -10.32
C ASN A 85 -6.41 15.60 -11.79
N ALA A 86 -5.72 14.53 -12.17
CA ALA A 86 -5.31 14.30 -13.57
C ALA A 86 -6.53 14.24 -14.52
N ALA A 87 -7.71 13.93 -13.96
CA ALA A 87 -8.94 13.89 -14.75
C ALA A 87 -9.35 15.29 -15.24
N CYS A 88 -8.85 16.33 -14.57
CA CYS A 88 -9.16 17.73 -14.92
C CYS A 88 -8.29 18.24 -16.07
N LEU A 89 -7.25 17.48 -16.43
CA LEU A 89 -6.34 17.85 -17.52
C LEU A 89 -7.02 17.67 -18.90
N PRO A 90 -6.98 18.70 -19.76
CA PRO A 90 -7.65 18.67 -21.09
C PRO A 90 -7.23 17.48 -21.96
N GLU A 91 -5.94 17.15 -21.95
CA GLU A 91 -5.41 16.02 -22.73
C GLU A 91 -6.02 14.69 -22.30
N LEU A 92 -6.07 14.48 -20.97
CA LEU A 92 -6.48 13.20 -20.38
C LEU A 92 -5.37 12.13 -20.55
N ILE A 93 -4.42 12.37 -21.46
CA ILE A 93 -3.36 11.41 -21.76
C ILE A 93 -2.61 10.95 -20.50
N LEU A 94 -2.15 11.93 -19.71
CA LEU A 94 -1.47 11.62 -18.44
C LEU A 94 -2.36 10.78 -17.51
N HIS A 95 -3.64 11.13 -17.42
CA HIS A 95 -4.59 10.42 -16.56
C HIS A 95 -4.71 8.94 -16.96
N ASN A 96 -4.70 8.68 -18.26
CA ASN A 96 -4.78 7.31 -18.80
C ASN A 96 -3.56 6.48 -18.37
N LYS A 97 -2.37 7.01 -18.62
CA LYS A 97 -1.12 6.30 -18.28
C LYS A 97 -1.00 6.05 -16.76
N MET A 98 -1.09 7.13 -15.97
CA MET A 98 -0.88 7.04 -14.52
C MET A 98 -1.88 6.09 -13.84
N LYS A 99 -3.12 6.02 -14.35
CA LYS A 99 -4.11 5.10 -13.77
C LYS A 99 -3.76 3.64 -14.09
N ARG A 100 -3.23 3.40 -15.29
CA ARG A 100 -2.78 2.06 -15.68
C ARG A 100 -1.67 1.56 -14.75
N GLU A 101 -0.67 2.41 -14.53
CA GLU A 101 0.43 2.12 -13.59
C GLU A 101 -0.12 1.81 -12.20
N LEU A 102 -1.11 2.59 -11.77
CA LEU A 102 -1.75 2.39 -10.46
C LEU A 102 -2.56 1.08 -10.41
N GLN A 103 -3.24 0.75 -11.50
CA GLN A 103 -4.08 -0.47 -11.57
C GLN A 103 -3.27 -1.71 -11.20
N ARG A 104 -2.13 -1.90 -11.86
CA ARG A 104 -1.26 -3.05 -11.60
C ARG A 104 -0.84 -3.13 -10.13
N VAL A 105 -0.62 -1.97 -9.50
CA VAL A 105 -0.33 -1.91 -8.06
C VAL A 105 -1.55 -2.37 -7.24
N GLU A 106 -2.74 -1.89 -7.63
CA GLU A 106 -3.99 -2.28 -6.96
C GLU A 106 -4.25 -3.78 -7.09
N ASP A 107 -4.12 -4.32 -8.30
CA ASP A 107 -4.31 -5.76 -8.55
C ASP A 107 -3.39 -6.61 -7.66
N SER A 108 -2.19 -6.09 -7.38
CA SER A 108 -1.24 -6.77 -6.49
C SER A 108 -1.76 -6.78 -5.04
N HIS A 109 -2.39 -5.69 -4.61
CA HIS A 109 -2.87 -5.58 -3.22
C HIS A 109 -4.28 -6.16 -3.01
N GLN A 110 -5.10 -6.19 -4.06
CA GLN A 110 -6.46 -6.72 -3.94
C GLN A 110 -6.44 -8.18 -3.44
N ILE A 111 -5.42 -8.95 -3.85
CA ILE A 111 -5.25 -10.32 -3.35
C ILE A 111 -4.71 -10.33 -1.91
N LEU A 112 -3.86 -9.36 -1.58
CA LEU A 112 -3.30 -9.23 -0.22
C LEU A 112 -4.41 -9.05 0.82
N SER A 113 -5.47 -8.33 0.43
CA SER A 113 -6.66 -8.20 1.27
C SER A 113 -7.29 -9.58 1.54
N GLN A 114 -7.41 -10.39 0.48
CA GLN A 114 -8.00 -11.72 0.60
C GLN A 114 -7.13 -12.66 1.46
N THR A 115 -5.81 -12.59 1.29
CA THR A 115 -4.89 -13.40 2.09
C THR A 115 -4.89 -12.96 3.55
N SER A 116 -4.73 -11.66 3.79
CA SER A 116 -4.79 -11.10 5.16
C SER A 116 -6.09 -11.48 5.87
N HIS A 117 -7.20 -11.50 5.12
CA HIS A 117 -8.48 -11.95 5.65
C HIS A 117 -8.48 -13.47 5.90
N ASP A 118 -7.93 -14.23 4.95
CA ASP A 118 -7.88 -15.70 5.06
C ASP A 118 -7.14 -16.13 6.33
N LEU A 119 -5.97 -15.53 6.56
CA LEU A 119 -5.19 -15.77 7.78
C LEU A 119 -6.02 -15.44 9.04
N ASN A 120 -6.82 -14.38 8.94
CA ASN A 120 -7.72 -13.98 10.03
C ASN A 120 -8.84 -15.01 10.23
N GLU A 121 -9.39 -15.53 9.13
CA GLU A 121 -10.47 -16.52 9.18
C GLU A 121 -9.97 -17.85 9.76
N CYS A 122 -8.75 -18.23 9.39
CA CYS A 122 -8.11 -19.43 9.96
C CYS A 122 -7.63 -19.18 11.40
N SER A 123 -7.89 -17.96 11.89
CA SER A 123 -7.58 -17.56 13.27
C SER A 123 -6.07 -17.50 13.55
N TRP A 124 -5.26 -17.50 12.48
CA TRP A 124 -3.79 -17.54 12.61
C TRP A 124 -3.33 -18.78 13.39
N SER A 125 -4.10 -19.87 13.30
CA SER A 125 -3.80 -21.12 14.01
C SER A 125 -2.37 -21.61 13.73
N LEU A 126 -1.55 -21.68 14.77
CA LEU A 126 -0.14 -22.07 14.66
C LEU A 126 0.03 -23.46 14.00
N ASN A 127 -0.91 -24.37 14.25
CA ASN A 127 -0.87 -25.71 13.68
C ASN A 127 -0.96 -25.67 12.14
N ILE A 128 -1.63 -24.65 11.61
CA ILE A 128 -1.77 -24.49 10.17
C ILE A 128 -0.60 -23.69 9.57
N LEU A 129 -0.19 -22.63 10.28
CA LEU A 129 0.87 -21.74 9.79
C LEU A 129 2.28 -22.23 10.16
N ALA A 130 2.55 -22.38 11.45
CA ALA A 130 3.88 -22.78 11.93
C ALA A 130 4.17 -24.25 11.60
N ILE A 131 3.25 -25.14 11.94
CA ILE A 131 3.43 -26.59 11.71
C ILE A 131 3.05 -26.96 10.26
N ASN A 132 3.46 -26.09 9.32
CA ASN A 132 3.10 -26.23 7.91
C ASN A 132 3.99 -27.27 7.19
N LYS A 133 5.24 -26.91 6.94
CA LYS A 133 6.19 -27.77 6.21
C LYS A 133 7.64 -27.24 6.34
N PRO A 134 8.65 -28.11 6.10
CA PRO A 134 10.06 -27.70 6.13
C PRO A 134 10.41 -26.70 5.01
N GLN A 135 10.99 -25.55 5.38
CA GLN A 135 11.29 -24.46 4.44
C GLN A 135 10.08 -24.06 3.60
N ASN A 136 9.25 -23.18 4.15
CA ASN A 136 8.06 -22.68 3.47
C ASN A 136 8.42 -21.70 2.34
N LYS A 137 8.02 -22.01 1.10
CA LYS A 137 8.37 -21.19 -0.07
C LYS A 137 7.20 -21.06 -1.07
N CYS A 138 5.98 -21.41 -0.65
CA CYS A 138 4.83 -21.41 -1.57
C CYS A 138 3.49 -21.72 -0.86
N ASP A 139 3.34 -21.22 0.36
CA ASP A 139 2.07 -21.34 1.10
C ASP A 139 1.25 -20.04 0.96
N ASP A 140 -0.01 -20.05 1.42
CA ASP A 140 -0.83 -18.83 1.40
C ASP A 140 -0.17 -17.70 2.19
N LEU A 141 0.49 -18.07 3.29
CA LEU A 141 1.23 -17.12 4.11
C LEU A 141 2.44 -16.56 3.32
N ASP A 142 3.12 -17.43 2.57
CA ASP A 142 4.21 -17.00 1.67
C ASP A 142 3.71 -16.04 0.59
N ARG A 143 2.51 -16.31 0.05
CA ARG A 143 1.92 -15.49 -1.01
C ARG A 143 1.87 -14.01 -0.61
N PHE A 144 1.47 -13.72 0.62
CA PHE A 144 1.44 -12.34 1.11
C PHE A 144 2.87 -11.76 1.18
N VAL A 145 3.81 -12.55 1.66
CA VAL A 145 5.20 -12.10 1.84
C VAL A 145 5.89 -11.78 0.51
N MET A 146 5.80 -12.70 -0.46
CA MET A 146 6.45 -12.52 -1.77
C MET A 146 5.91 -11.28 -2.50
N VAL A 147 4.64 -10.96 -2.30
CA VAL A 147 4.06 -9.75 -2.89
C VAL A 147 4.33 -8.52 -2.01
N ALA A 148 4.37 -8.71 -0.70
CA ALA A 148 4.64 -7.61 0.23
C ALA A 148 6.00 -6.94 -0.03
N LYS A 149 7.00 -7.75 -0.38
CA LYS A 149 8.35 -7.23 -0.63
C LYS A 149 8.45 -6.41 -1.93
N THR A 150 7.57 -6.68 -2.90
CA THR A 150 7.55 -5.91 -4.15
C THR A 150 6.67 -4.66 -4.04
N VAL A 151 5.86 -4.60 -2.97
CA VAL A 151 4.98 -3.46 -2.70
C VAL A 151 5.71 -2.10 -2.79
N PRO A 152 6.88 -1.93 -2.11
CA PRO A 152 7.63 -0.67 -2.19
C PRO A 152 7.98 -0.27 -3.64
N ASP A 153 8.30 -1.27 -4.48
CA ASP A 153 8.69 -1.00 -5.86
C ASP A 153 7.47 -0.65 -6.71
N ASP A 154 6.36 -1.34 -6.48
CA ASP A 154 5.08 -0.99 -7.09
C ASP A 154 4.75 0.47 -6.81
N ALA A 155 4.97 0.88 -5.56
CA ALA A 155 4.77 2.26 -5.13
C ALA A 155 5.79 3.22 -5.78
N LYS A 156 7.04 2.77 -5.94
CA LYS A 156 8.08 3.58 -6.62
C LYS A 156 7.56 4.14 -7.96
N GLN A 157 6.81 3.32 -8.68
CA GLN A 157 6.24 3.70 -9.98
C GLN A 157 5.35 4.95 -9.87
N LEU A 158 4.32 4.87 -9.04
CA LEU A 158 3.38 5.99 -8.87
C LEU A 158 4.05 7.19 -8.19
N THR A 159 4.79 6.92 -7.12
CA THR A 159 5.50 7.96 -6.36
C THR A 159 6.34 8.87 -7.28
N THR A 160 7.15 8.26 -8.13
CA THR A 160 8.01 9.02 -9.06
C THR A 160 7.17 9.75 -10.13
N THR A 161 6.23 9.04 -10.73
CA THR A 161 5.39 9.59 -11.81
C THR A 161 4.61 10.84 -11.37
N ILE A 162 3.91 10.73 -10.24
CA ILE A 162 3.11 11.85 -9.71
C ILE A 162 4.01 13.06 -9.38
N ASN A 163 5.17 12.79 -8.80
CA ASN A 163 6.12 13.85 -8.44
C ASN A 163 6.63 14.64 -9.67
N THR A 164 7.02 13.93 -10.73
CA THR A 164 7.52 14.61 -11.95
C THR A 164 6.39 15.31 -12.72
N ASN A 165 5.14 14.87 -12.52
CA ASN A 165 3.99 15.51 -13.16
C ASN A 165 3.16 16.34 -12.17
N ALA A 166 3.69 16.54 -10.96
CA ALA A 166 3.00 17.31 -9.91
C ALA A 166 2.60 18.71 -10.39
N GLU A 167 3.51 19.34 -11.12
CA GLU A 167 3.27 20.69 -11.68
C GLU A 167 2.11 20.71 -12.69
N ALA A 168 1.78 19.56 -13.25
CA ALA A 168 0.64 19.43 -14.16
C ALA A 168 -0.64 19.04 -13.39
N LEU A 169 -0.49 18.08 -12.47
CA LEU A 169 -1.61 17.59 -11.67
C LEU A 169 -2.17 18.67 -10.73
N PHE A 170 -1.31 19.21 -9.88
CA PHE A 170 -1.71 20.22 -8.90
C PHE A 170 -1.22 21.61 -9.33
N ARG A 171 -2.12 22.40 -9.91
CA ARG A 171 -1.73 23.71 -10.44
C ARG A 171 -1.71 24.79 -9.35
N PRO A 172 -0.56 25.47 -9.16
CA PRO A 172 -0.44 26.55 -8.16
C PRO A 172 -1.18 27.83 -8.59
N GLY A 173 -1.31 28.03 -9.90
CA GLY A 173 -2.09 29.16 -10.42
C GLY A 173 -3.59 28.89 -10.40
N PRO A 174 -4.43 29.94 -10.41
CA PRO A 174 -5.90 29.81 -10.32
C PRO A 174 -6.55 29.32 -11.63
N GLY A 175 -5.82 28.55 -12.43
CA GLY A 175 -6.34 28.04 -13.69
C GLY A 175 -7.29 26.85 -13.51
N SER A 176 -8.48 27.14 -12.97
CA SER A 176 -9.52 26.11 -12.77
C SER A 176 -10.40 25.93 -14.01
N MET A 1 12.93 30.39 3.32
CA MET A 1 11.62 29.73 3.03
C MET A 1 11.09 29.02 4.28
N GLY A 2 11.70 27.89 4.63
CA GLY A 2 11.40 27.21 5.89
C GLY A 2 9.96 26.75 6.05
N HIS A 3 9.57 26.50 7.31
CA HIS A 3 8.24 25.99 7.66
C HIS A 3 7.09 26.92 7.20
N HIS A 4 6.10 26.34 6.53
CA HIS A 4 4.88 27.08 6.13
C HIS A 4 3.62 26.40 6.69
N HIS A 5 2.75 27.18 7.33
CA HIS A 5 1.48 26.65 7.85
C HIS A 5 0.45 26.52 6.73
N HIS A 6 0.43 25.36 6.08
CA HIS A 6 -0.41 25.14 4.89
C HIS A 6 -1.32 23.91 5.11
N HIS A 7 -2.55 24.15 5.57
CA HIS A 7 -3.42 23.05 6.01
C HIS A 7 -4.88 23.20 5.58
N HIS A 8 -5.14 23.62 4.33
CA HIS A 8 -6.52 23.62 3.82
C HIS A 8 -7.03 22.17 3.67
N SER A 9 -7.79 21.71 4.67
CA SER A 9 -8.18 20.30 4.78
C SER A 9 -9.24 19.88 3.74
N HIS A 10 -8.94 18.85 2.97
CA HIS A 10 -9.89 18.27 2.01
C HIS A 10 -9.75 16.74 1.96
N MET A 11 -10.85 16.04 2.24
CA MET A 11 -10.86 14.57 2.22
C MET A 11 -11.88 14.05 1.19
N ASP A 12 -12.08 14.83 0.14
CA ASP A 12 -13.01 14.46 -0.96
C ASP A 12 -12.46 13.27 -1.77
N LYS A 13 -13.13 12.95 -2.89
CA LYS A 13 -12.63 11.93 -3.83
C LYS A 13 -11.43 12.45 -4.65
N ARG A 14 -10.95 13.63 -4.30
CA ARG A 14 -9.74 14.20 -4.90
C ARG A 14 -9.07 15.19 -3.92
N LEU A 15 -7.74 15.11 -3.80
CA LEU A 15 -7.00 15.98 -2.88
C LEU A 15 -6.67 17.33 -3.53
N PHE A 16 -6.53 18.36 -2.68
CA PHE A 16 -6.23 19.72 -3.14
C PHE A 16 -4.99 20.28 -2.45
N LEU A 17 -3.87 20.39 -3.18
CA LEU A 17 -2.63 20.91 -2.62
C LEU A 17 -1.67 21.39 -3.73
N ASP A 18 -0.57 22.03 -3.32
CA ASP A 18 0.41 22.57 -4.25
C ASP A 18 1.19 21.45 -4.96
N PRO A 19 1.62 21.66 -6.22
CA PRO A 19 2.46 20.69 -6.94
C PRO A 19 3.79 20.46 -6.22
N ASP A 20 4.37 21.53 -5.69
CA ASP A 20 5.62 21.48 -4.92
C ASP A 20 5.41 20.70 -3.61
N THR A 21 4.30 20.97 -2.94
CA THR A 21 3.95 20.31 -1.67
C THR A 21 3.63 18.83 -1.87
N ALA A 22 2.91 18.52 -2.94
CA ALA A 22 2.51 17.13 -3.24
C ALA A 22 3.73 16.19 -3.31
N ILE A 23 4.83 16.69 -3.89
CA ILE A 23 6.06 15.91 -4.00
C ILE A 23 6.55 15.42 -2.63
N GLU A 24 6.79 16.34 -1.70
CA GLU A 24 7.28 15.98 -0.36
C GLU A 24 6.31 15.02 0.34
N ARG A 25 5.00 15.31 0.27
CA ARG A 25 3.98 14.45 0.88
C ARG A 25 4.16 12.99 0.46
N LEU A 26 4.18 12.78 -0.85
CA LEU A 26 4.28 11.44 -1.44
C LEU A 26 5.63 10.79 -1.12
N GLN A 27 6.70 11.59 -1.12
CA GLN A 27 8.04 11.11 -0.72
C GLN A 27 8.02 10.54 0.71
N ARG A 28 7.27 11.19 1.59
CA ARG A 28 7.14 10.73 2.98
C ARG A 28 6.29 9.45 3.07
N LEU A 29 5.17 9.43 2.34
CA LEU A 29 4.29 8.25 2.31
C LEU A 29 5.02 7.01 1.76
N GLN A 30 5.86 7.21 0.76
CA GLN A 30 6.68 6.12 0.20
C GLN A 30 7.51 5.44 1.30
N GLN A 31 8.32 6.24 2.00
CA GLN A 31 9.17 5.72 3.08
C GLN A 31 8.33 5.16 4.24
N ALA A 32 7.22 5.84 4.55
CA ALA A 32 6.29 5.36 5.59
C ALA A 32 5.78 3.95 5.28
N LEU A 33 5.37 3.73 4.03
CA LEU A 33 4.95 2.42 3.57
C LEU A 33 6.07 1.38 3.73
N GLU A 34 7.28 1.75 3.33
CA GLU A 34 8.45 0.87 3.47
C GLU A 34 8.75 0.53 4.94
N MET A 35 8.42 1.45 5.85
CA MET A 35 8.56 1.18 7.29
C MET A 35 7.56 0.11 7.75
N GLY A 36 6.32 0.21 7.25
CA GLY A 36 5.31 -0.82 7.54
C GLY A 36 5.71 -2.19 7.03
N VAL A 37 6.19 -2.22 5.78
CA VAL A 37 6.71 -3.46 5.19
C VAL A 37 7.90 -4.00 6.01
N SER A 38 8.80 -3.11 6.41
CA SER A 38 9.96 -3.48 7.24
C SER A 38 9.54 -4.19 8.53
N SER A 39 8.46 -3.71 9.15
CA SER A 39 7.91 -4.35 10.36
C SER A 39 7.53 -5.82 10.09
N LEU A 40 7.11 -6.10 8.87
CA LEU A 40 6.76 -7.46 8.46
C LEU A 40 8.02 -8.32 8.24
N MET A 41 8.92 -7.84 7.37
CA MET A 41 10.17 -8.54 7.05
C MET A 41 10.91 -9.02 8.31
N ALA A 42 10.98 -8.15 9.33
CA ALA A 42 11.64 -8.51 10.59
C ALA A 42 10.97 -9.73 11.26
N LEU A 43 9.65 -9.83 11.10
CA LEU A 43 8.86 -10.91 11.73
C LEU A 43 8.60 -12.08 10.77
N VAL A 44 9.05 -11.95 9.52
CA VAL A 44 8.87 -13.01 8.53
C VAL A 44 9.91 -14.14 8.70
N THR A 45 9.44 -15.38 8.63
CA THR A 45 10.32 -16.55 8.61
C THR A 45 10.71 -16.92 7.17
N THR A 46 11.99 -17.19 6.95
CA THR A 46 12.48 -17.51 5.59
C THR A 46 11.93 -18.84 5.06
N ASP A 47 11.31 -19.62 5.96
CA ASP A 47 10.67 -20.88 5.59
C ASP A 47 9.45 -21.14 6.50
N TRP A 48 8.72 -22.21 6.20
CA TRP A 48 7.51 -22.55 6.96
C TRP A 48 7.66 -23.90 7.68
N ARG A 49 8.90 -24.22 8.10
CA ARG A 49 9.17 -25.45 8.86
C ARG A 49 9.73 -25.13 10.25
N CYS A 50 10.22 -23.90 10.45
CA CYS A 50 10.69 -23.45 11.77
C CYS A 50 9.50 -23.17 12.70
N TYR A 51 8.93 -24.25 13.25
CA TYR A 51 7.73 -24.16 14.09
C TYR A 51 7.93 -23.27 15.33
N GLY A 52 8.89 -23.64 16.19
CA GLY A 52 9.11 -22.91 17.44
C GLY A 52 9.35 -21.41 17.23
N TYR A 53 10.22 -21.06 16.30
CA TYR A 53 10.54 -19.66 16.01
C TYR A 53 9.28 -18.89 15.55
N MET A 54 8.58 -19.43 14.55
CA MET A 54 7.36 -18.79 14.04
C MET A 54 6.30 -18.66 15.14
N GLU A 55 6.08 -19.75 15.86
CA GLU A 55 5.16 -19.80 17.00
C GLU A 55 5.42 -18.66 18.00
N ARG A 56 6.69 -18.47 18.34
CA ARG A 56 7.10 -17.49 19.35
C ARG A 56 6.67 -16.05 19.00
N HIS A 57 6.67 -15.71 17.71
CA HIS A 57 6.31 -14.34 17.27
C HIS A 57 5.01 -14.33 16.44
N ILE A 58 4.24 -15.42 16.49
CA ILE A 58 2.99 -15.52 15.71
C ILE A 58 2.03 -14.35 15.99
N ASN A 59 2.03 -13.84 17.23
CA ASN A 59 1.17 -12.72 17.61
C ASN A 59 1.60 -11.41 16.94
N GLU A 60 2.88 -11.05 17.09
CA GLU A 60 3.41 -9.78 16.59
C GLU A 60 3.18 -9.60 15.09
N ILE A 61 3.44 -10.66 14.32
CA ILE A 61 3.33 -10.59 12.85
C ILE A 61 1.91 -10.25 12.39
N ARG A 62 0.90 -10.60 13.22
CA ARG A 62 -0.50 -10.26 12.91
C ARG A 62 -0.68 -8.73 12.81
N THR A 63 0.01 -8.00 13.68
CA THR A 63 -0.04 -6.53 13.67
C THR A 63 0.80 -5.96 12.51
N ALA A 64 1.93 -6.59 12.24
CA ALA A 64 2.81 -6.17 11.13
C ALA A 64 2.09 -6.26 9.78
N VAL A 65 1.43 -7.39 9.53
CA VAL A 65 0.62 -7.57 8.31
C VAL A 65 -0.42 -6.45 8.15
N ASP A 66 -1.03 -6.05 9.26
CA ASP A 66 -1.98 -4.93 9.26
C ASP A 66 -1.29 -3.61 8.91
N LYS A 67 -0.11 -3.39 9.50
CA LYS A 67 0.67 -2.16 9.25
C LYS A 67 1.00 -1.97 7.76
N VAL A 68 1.44 -3.05 7.10
CA VAL A 68 1.75 -3.00 5.67
C VAL A 68 0.58 -2.40 4.87
N GLU A 69 -0.59 -3.01 5.02
CA GLU A 69 -1.80 -2.54 4.32
C GLU A 69 -2.36 -1.25 4.94
N LEU A 70 -1.98 -0.96 6.18
CA LEU A 70 -2.37 0.31 6.84
C LEU A 70 -1.72 1.51 6.14
N PHE A 71 -0.39 1.53 6.09
CA PHE A 71 0.32 2.59 5.36
C PHE A 71 -0.05 2.58 3.88
N LEU A 72 -0.32 1.39 3.36
CA LEU A 72 -0.82 1.21 1.98
C LEU A 72 -2.21 1.86 1.82
N LYS A 73 -3.06 1.75 2.84
CA LYS A 73 -4.40 2.32 2.80
C LYS A 73 -4.32 3.83 2.58
N GLU A 74 -3.41 4.45 3.32
CA GLU A 74 -3.16 5.88 3.24
C GLU A 74 -2.48 6.26 1.91
N TYR A 75 -1.54 5.42 1.47
CA TYR A 75 -0.85 5.62 0.20
C TYR A 75 -1.83 5.63 -0.98
N LEU A 76 -2.63 4.55 -1.11
CA LEU A 76 -3.64 4.46 -2.16
C LEU A 76 -4.65 5.62 -2.08
N HIS A 77 -5.08 5.95 -0.86
CA HIS A 77 -6.02 7.05 -0.65
C HIS A 77 -5.45 8.39 -1.13
N PHE A 78 -4.12 8.52 -1.12
CA PHE A 78 -3.45 9.74 -1.59
C PHE A 78 -3.28 9.73 -3.13
N VAL A 79 -2.65 8.67 -3.65
CA VAL A 79 -2.38 8.56 -5.09
C VAL A 79 -3.68 8.58 -5.93
N LYS A 80 -4.74 7.95 -5.41
CA LYS A 80 -6.05 8.01 -6.06
C LYS A 80 -6.53 9.46 -6.21
N GLY A 81 -6.29 10.26 -5.19
CA GLY A 81 -6.65 11.68 -5.23
C GLY A 81 -5.89 12.45 -6.30
N ALA A 82 -4.60 12.15 -6.46
CA ALA A 82 -3.78 12.76 -7.52
C ALA A 82 -4.31 12.35 -8.91
N VAL A 83 -4.44 11.04 -9.13
CA VAL A 83 -4.99 10.51 -10.38
C VAL A 83 -6.40 11.09 -10.67
N ALA A 84 -7.14 11.36 -9.60
CA ALA A 84 -8.45 12.02 -9.72
C ALA A 84 -8.33 13.43 -10.32
N ASN A 85 -7.30 14.16 -9.91
CA ASN A 85 -7.02 15.48 -10.50
C ASN A 85 -6.58 15.34 -11.97
N ALA A 86 -5.79 14.31 -12.24
CA ALA A 86 -5.33 14.02 -13.61
C ALA A 86 -6.49 13.77 -14.58
N ALA A 87 -7.64 13.35 -14.05
CA ALA A 87 -8.83 13.13 -14.87
C ALA A 87 -9.41 14.44 -15.42
N CYS A 88 -8.98 15.57 -14.85
CA CYS A 88 -9.46 16.89 -15.28
C CYS A 88 -8.47 17.59 -16.24
N LEU A 89 -7.41 16.87 -16.61
CA LEU A 89 -6.39 17.40 -17.53
C LEU A 89 -6.93 17.48 -18.99
N PRO A 90 -6.26 18.26 -19.87
CA PRO A 90 -6.68 18.41 -21.28
C PRO A 90 -6.49 17.14 -22.13
N GLU A 91 -6.17 16.03 -21.48
CA GLU A 91 -5.98 14.75 -22.18
C GLU A 91 -6.17 13.57 -21.21
N LEU A 92 -6.62 12.43 -21.74
CA LEU A 92 -6.80 11.22 -20.93
C LEU A 92 -5.50 10.38 -20.93
N ILE A 93 -4.62 10.66 -21.89
CA ILE A 93 -3.38 9.89 -22.08
C ILE A 93 -2.58 9.75 -20.78
N LEU A 94 -2.19 10.88 -20.19
CA LEU A 94 -1.44 10.87 -18.92
C LEU A 94 -2.25 10.16 -17.81
N HIS A 95 -3.56 10.44 -17.75
CA HIS A 95 -4.44 9.82 -16.77
C HIS A 95 -4.43 8.29 -16.91
N ASN A 96 -4.31 7.80 -18.15
CA ASN A 96 -4.26 6.36 -18.42
C ASN A 96 -2.92 5.77 -17.97
N LYS A 97 -1.82 6.45 -18.32
CA LYS A 97 -0.47 5.97 -17.99
C LYS A 97 -0.25 5.84 -16.47
N MET A 98 -0.82 6.74 -15.69
CA MET A 98 -0.72 6.65 -14.22
C MET A 98 -1.67 5.59 -13.65
N LYS A 99 -2.95 5.60 -14.07
CA LYS A 99 -3.94 4.69 -13.48
C LYS A 99 -3.64 3.22 -13.80
N ARG A 100 -3.06 2.95 -14.97
CA ARG A 100 -2.70 1.57 -15.34
C ARG A 100 -1.72 0.97 -14.32
N GLU A 101 -0.71 1.75 -13.94
CA GLU A 101 0.25 1.32 -12.93
C GLU A 101 -0.42 1.25 -11.54
N LEU A 102 -1.32 2.19 -11.27
CA LEU A 102 -2.12 2.16 -10.04
C LEU A 102 -2.94 0.87 -9.95
N GLN A 103 -3.51 0.44 -11.08
CA GLN A 103 -4.28 -0.80 -11.11
C GLN A 103 -3.38 -2.02 -10.91
N ARG A 104 -2.12 -1.92 -11.30
CA ARG A 104 -1.12 -2.95 -10.97
C ARG A 104 -0.90 -3.02 -9.45
N VAL A 105 -0.79 -1.85 -8.82
CA VAL A 105 -0.62 -1.78 -7.36
C VAL A 105 -1.88 -2.28 -6.62
N GLU A 106 -3.05 -1.82 -7.04
CA GLU A 106 -4.31 -2.28 -6.44
C GLU A 106 -4.56 -3.77 -6.71
N ASP A 107 -4.24 -4.21 -7.93
CA ASP A 107 -4.27 -5.65 -8.25
C ASP A 107 -3.31 -6.43 -7.34
N SER A 108 -2.15 -5.84 -7.09
CA SER A 108 -1.13 -6.43 -6.20
C SER A 108 -1.63 -6.50 -4.75
N HIS A 109 -2.31 -5.45 -4.29
CA HIS A 109 -2.77 -5.37 -2.90
C HIS A 109 -4.16 -5.99 -2.64
N GLN A 110 -5.02 -6.10 -3.67
CA GLN A 110 -6.33 -6.72 -3.47
C GLN A 110 -6.17 -8.17 -3.00
N ILE A 111 -5.18 -8.87 -3.55
CA ILE A 111 -4.87 -10.23 -3.10
C ILE A 111 -4.29 -10.21 -1.68
N LEU A 112 -3.58 -9.14 -1.32
CA LEU A 112 -3.06 -8.96 0.04
C LEU A 112 -4.21 -8.76 1.04
N SER A 113 -5.19 -7.96 0.64
CA SER A 113 -6.41 -7.76 1.44
C SER A 113 -7.12 -9.09 1.72
N GLN A 114 -7.31 -9.88 0.67
CA GLN A 114 -7.97 -11.19 0.77
C GLN A 114 -7.13 -12.19 1.59
N THR A 115 -5.83 -12.27 1.30
CA THR A 115 -4.93 -13.18 2.04
C THR A 115 -4.88 -12.83 3.53
N SER A 116 -4.62 -11.56 3.84
CA SER A 116 -4.63 -11.07 5.23
C SER A 116 -5.96 -11.41 5.93
N HIS A 117 -7.06 -11.21 5.20
CA HIS A 117 -8.40 -11.57 5.70
C HIS A 117 -8.53 -13.09 5.92
N ASP A 118 -8.01 -13.87 4.98
CA ASP A 118 -8.08 -15.33 5.03
C ASP A 118 -7.31 -15.88 6.26
N LEU A 119 -6.11 -15.35 6.48
CA LEU A 119 -5.30 -15.71 7.66
C LEU A 119 -6.08 -15.46 8.95
N ASN A 120 -6.77 -14.31 9.00
CA ASN A 120 -7.63 -13.97 10.13
C ASN A 120 -8.73 -15.03 10.32
N GLU A 121 -9.36 -15.45 9.22
CA GLU A 121 -10.41 -16.48 9.27
C GLU A 121 -9.83 -17.87 9.59
N CYS A 122 -8.55 -18.07 9.26
CA CYS A 122 -7.84 -19.31 9.62
C CYS A 122 -7.28 -19.23 11.06
N SER A 123 -7.56 -18.10 11.73
CA SER A 123 -7.22 -17.92 13.15
C SER A 123 -5.71 -17.91 13.40
N TRP A 124 -4.91 -17.82 12.33
CA TRP A 124 -3.44 -17.84 12.45
C TRP A 124 -2.94 -19.11 13.16
N SER A 125 -3.73 -20.18 13.10
CA SER A 125 -3.39 -21.45 13.76
C SER A 125 -2.02 -21.98 13.32
N LEU A 126 -1.13 -22.20 14.28
CA LEU A 126 0.22 -22.72 14.00
C LEU A 126 0.18 -24.07 13.26
N ASN A 127 -0.85 -24.87 13.54
CA ASN A 127 -1.05 -26.16 12.86
C ASN A 127 -1.22 -25.98 11.35
N ILE A 128 -1.64 -24.80 10.93
CA ILE A 128 -1.87 -24.50 9.51
C ILE A 128 -0.69 -23.73 8.89
N LEU A 129 -0.13 -22.79 9.66
CA LEU A 129 0.98 -21.96 9.16
C LEU A 129 2.35 -22.63 9.36
N ALA A 130 2.71 -22.92 10.61
CA ALA A 130 4.03 -23.48 10.94
C ALA A 130 4.10 -24.98 10.62
N ILE A 131 2.99 -25.69 10.86
CA ILE A 131 2.87 -27.10 10.48
C ILE A 131 2.17 -27.20 9.11
N ASN A 132 2.64 -26.37 8.18
CA ASN A 132 2.00 -26.17 6.89
C ASN A 132 1.94 -27.44 6.04
N LYS A 133 2.93 -28.34 6.21
CA LYS A 133 3.00 -29.61 5.47
C LYS A 133 3.34 -29.39 3.98
N PRO A 134 4.33 -30.15 3.45
CA PRO A 134 4.75 -30.06 2.03
C PRO A 134 3.61 -30.27 1.03
N GLN A 135 2.52 -30.89 1.47
CA GLN A 135 1.35 -31.13 0.61
C GLN A 135 0.67 -29.82 0.16
N ASN A 136 0.84 -28.77 0.96
CA ASN A 136 0.22 -27.48 0.66
C ASN A 136 0.98 -26.72 -0.44
N LYS A 137 0.26 -26.35 -1.49
CA LYS A 137 0.86 -25.67 -2.65
C LYS A 137 0.41 -24.20 -2.76
N CYS A 138 -0.72 -23.88 -2.13
CA CYS A 138 -1.25 -22.50 -2.12
C CYS A 138 -1.39 -21.99 -0.67
N ASP A 139 -0.56 -21.01 -0.31
CA ASP A 139 -0.58 -20.45 1.03
C ASP A 139 -0.72 -18.91 1.00
N ASP A 140 -1.70 -18.39 1.73
CA ASP A 140 -1.99 -16.95 1.73
C ASP A 140 -0.91 -16.12 2.45
N LEU A 141 -0.35 -16.67 3.53
CA LEU A 141 0.69 -15.96 4.28
C LEU A 141 1.97 -15.81 3.45
N ASP A 142 2.42 -16.91 2.87
CA ASP A 142 3.57 -16.91 1.96
C ASP A 142 3.32 -15.99 0.75
N ARG A 143 2.11 -16.10 0.19
CA ARG A 143 1.70 -15.25 -0.94
C ARG A 143 1.65 -13.77 -0.54
N PHE A 144 1.29 -13.49 0.71
CA PHE A 144 1.29 -12.11 1.22
C PHE A 144 2.72 -11.57 1.31
N VAL A 145 3.62 -12.35 1.92
CA VAL A 145 5.00 -11.93 2.14
C VAL A 145 5.75 -11.63 0.82
N MET A 146 5.67 -12.57 -0.14
CA MET A 146 6.37 -12.41 -1.42
C MET A 146 5.97 -11.11 -2.14
N VAL A 147 4.69 -10.75 -2.05
CA VAL A 147 4.20 -9.52 -2.66
C VAL A 147 4.50 -8.30 -1.77
N ALA A 148 4.39 -8.47 -0.46
CA ALA A 148 4.65 -7.38 0.50
C ALA A 148 6.02 -6.73 0.28
N LYS A 149 7.04 -7.54 0.00
CA LYS A 149 8.41 -7.01 -0.17
C LYS A 149 8.65 -6.40 -1.57
N THR A 150 7.70 -6.58 -2.50
CA THR A 150 7.78 -5.88 -3.80
C THR A 150 6.87 -4.64 -3.83
N VAL A 151 6.08 -4.46 -2.77
CA VAL A 151 5.20 -3.29 -2.61
C VAL A 151 5.96 -1.96 -2.73
N PRO A 152 7.12 -1.78 -2.02
CA PRO A 152 7.94 -0.56 -2.14
C PRO A 152 8.32 -0.25 -3.61
N ASP A 153 8.45 -1.29 -4.43
CA ASP A 153 8.73 -1.13 -5.85
C ASP A 153 7.48 -0.64 -6.60
N ASP A 154 6.37 -1.36 -6.40
CA ASP A 154 5.07 -0.97 -6.97
C ASP A 154 4.76 0.50 -6.66
N ALA A 155 5.06 0.89 -5.42
CA ALA A 155 4.83 2.26 -4.96
C ALA A 155 5.70 3.29 -5.69
N LYS A 156 7.01 3.00 -5.82
CA LYS A 156 7.93 3.94 -6.47
C LYS A 156 7.50 4.27 -7.92
N GLN A 157 6.77 3.35 -8.54
CA GLN A 157 6.25 3.57 -9.89
C GLN A 157 5.27 4.76 -9.93
N LEU A 158 4.26 4.72 -9.06
CA LEU A 158 3.27 5.81 -8.96
C LEU A 158 3.90 7.05 -8.33
N THR A 159 4.70 6.87 -7.29
CA THR A 159 5.43 7.95 -6.63
C THR A 159 6.20 8.81 -7.65
N THR A 160 6.98 8.15 -8.50
CA THR A 160 7.75 8.85 -9.54
C THR A 160 6.82 9.57 -10.54
N THR A 161 5.83 8.83 -11.05
CA THR A 161 4.88 9.36 -12.03
C THR A 161 4.23 10.68 -11.56
N ILE A 162 3.67 10.66 -10.36
CA ILE A 162 3.03 11.85 -9.79
C ILE A 162 4.05 12.99 -9.58
N ASN A 163 5.20 12.67 -9.00
CA ASN A 163 6.23 13.67 -8.72
C ASN A 163 6.74 14.38 -9.99
N THR A 164 6.91 13.63 -11.08
CA THR A 164 7.43 14.22 -12.33
C THR A 164 6.34 14.98 -13.11
N ASN A 165 5.07 14.63 -12.88
CA ASN A 165 3.95 15.35 -13.53
C ASN A 165 3.19 16.22 -12.51
N ALA A 166 3.76 16.41 -11.33
CA ALA A 166 3.11 17.16 -10.24
C ALA A 166 2.72 18.58 -10.67
N GLU A 167 3.66 19.28 -11.30
CA GLU A 167 3.42 20.65 -11.78
C GLU A 167 2.37 20.71 -12.90
N ALA A 168 2.04 19.55 -13.47
CA ALA A 168 0.98 19.45 -14.47
C ALA A 168 -0.37 19.11 -13.81
N LEU A 169 -0.31 18.24 -12.79
CA LEU A 169 -1.50 17.80 -12.06
C LEU A 169 -2.10 18.94 -11.21
N PHE A 170 -1.23 19.65 -10.49
CA PHE A 170 -1.68 20.70 -9.57
C PHE A 170 -1.16 22.09 -9.99
N ARG A 171 -2.06 23.05 -10.10
CA ARG A 171 -1.70 24.43 -10.42
C ARG A 171 -1.19 25.17 -9.16
N PRO A 172 0.04 25.75 -9.18
CA PRO A 172 0.62 26.44 -8.01
C PRO A 172 -0.12 27.74 -7.63
N GLY A 173 -0.79 28.34 -8.61
CA GLY A 173 -1.52 29.59 -8.37
C GLY A 173 -1.69 30.42 -9.63
N PRO A 174 -1.94 31.73 -9.49
CA PRO A 174 -2.15 32.64 -10.65
C PRO A 174 -0.90 32.76 -11.55
N GLY A 175 -1.13 32.96 -12.85
CA GLY A 175 -0.02 33.06 -13.81
C GLY A 175 -0.13 34.26 -14.73
N SER A 176 1.02 34.79 -15.15
CA SER A 176 1.07 35.95 -16.07
C SER A 176 1.82 35.59 -17.37
N MET A 1 -5.00 -8.26 21.34
CA MET A 1 -5.18 -6.88 20.83
C MET A 1 -5.78 -6.90 19.42
N GLY A 2 -6.93 -6.25 19.25
CA GLY A 2 -7.61 -6.24 17.96
C GLY A 2 -7.20 -5.08 17.06
N HIS A 3 -7.38 -5.24 15.74
CA HIS A 3 -7.01 -4.19 14.77
C HIS A 3 -8.26 -3.55 14.14
N HIS A 4 -8.25 -2.23 13.95
CA HIS A 4 -9.38 -1.52 13.34
C HIS A 4 -8.90 -0.59 12.20
N HIS A 5 -8.26 0.53 12.57
CA HIS A 5 -7.69 1.49 11.61
C HIS A 5 -8.71 2.00 10.57
N HIS A 6 -9.99 1.96 10.93
CA HIS A 6 -11.06 2.44 10.03
C HIS A 6 -11.26 3.95 10.17
N HIS A 7 -11.18 4.68 9.06
CA HIS A 7 -11.36 6.13 9.07
C HIS A 7 -12.81 6.51 9.39
N HIS A 8 -13.05 7.76 9.77
CA HIS A 8 -14.42 8.27 9.97
C HIS A 8 -15.24 8.17 8.67
N SER A 9 -16.54 7.99 8.81
CA SER A 9 -17.45 7.87 7.66
C SER A 9 -17.53 9.19 6.87
N HIS A 10 -18.10 9.12 5.66
CA HIS A 10 -18.31 10.31 4.82
C HIS A 10 -16.99 10.96 4.39
N MET A 11 -15.97 10.14 4.19
CA MET A 11 -14.64 10.62 3.77
C MET A 11 -14.60 10.90 2.25
N ASP A 12 -13.90 11.97 1.87
CA ASP A 12 -13.78 12.33 0.45
C ASP A 12 -12.90 11.36 -0.35
N LYS A 13 -13.14 11.27 -1.65
CA LYS A 13 -12.42 10.35 -2.54
C LYS A 13 -11.42 11.10 -3.45
N ARG A 14 -10.96 12.27 -3.00
CA ARG A 14 -9.89 13.00 -3.69
C ARG A 14 -9.26 14.05 -2.77
N LEU A 15 -8.19 14.67 -3.26
CA LEU A 15 -7.41 15.63 -2.47
C LEU A 15 -7.17 16.96 -3.20
N PHE A 16 -6.98 18.03 -2.45
CA PHE A 16 -6.73 19.37 -3.01
C PHE A 16 -5.46 20.01 -2.42
N LEU A 17 -4.41 20.15 -3.22
CA LEU A 17 -3.15 20.73 -2.76
C LEU A 17 -2.25 21.17 -3.92
N ASP A 18 -1.06 21.67 -3.58
CA ASP A 18 -0.10 22.19 -4.56
C ASP A 18 0.76 21.06 -5.17
N PRO A 19 1.33 21.26 -6.38
CA PRO A 19 2.18 20.26 -7.05
C PRO A 19 3.43 19.88 -6.23
N ASP A 20 4.30 20.85 -5.97
CA ASP A 20 5.52 20.62 -5.19
C ASP A 20 5.18 20.16 -3.76
N THR A 21 4.06 20.65 -3.22
CA THR A 21 3.60 20.22 -1.91
C THR A 21 3.20 18.73 -1.91
N ALA A 22 2.55 18.29 -2.99
CA ALA A 22 2.14 16.89 -3.11
C ALA A 22 3.35 15.95 -3.17
N ILE A 23 4.47 16.44 -3.71
CA ILE A 23 5.71 15.67 -3.75
C ILE A 23 6.18 15.27 -2.34
N GLU A 24 6.37 16.27 -1.46
CA GLU A 24 6.76 15.99 -0.07
C GLU A 24 5.72 15.09 0.62
N ARG A 25 4.43 15.37 0.40
CA ARG A 25 3.34 14.55 0.95
C ARG A 25 3.50 13.07 0.56
N LEU A 26 3.53 12.83 -0.75
CA LEU A 26 3.58 11.47 -1.30
C LEU A 26 4.85 10.74 -0.85
N GLN A 27 5.95 11.48 -0.76
CA GLN A 27 7.21 10.93 -0.24
C GLN A 27 7.05 10.44 1.21
N ARG A 28 6.35 11.24 2.03
CA ARG A 28 6.08 10.86 3.42
C ARG A 28 5.35 9.51 3.50
N LEU A 29 4.27 9.37 2.73
CA LEU A 29 3.48 8.13 2.72
C LEU A 29 4.25 6.94 2.15
N GLN A 30 5.01 7.17 1.08
CA GLN A 30 5.81 6.11 0.46
C GLN A 30 6.90 5.61 1.42
N GLN A 31 7.63 6.55 2.03
CA GLN A 31 8.65 6.21 3.02
C GLN A 31 8.03 5.52 4.25
N ALA A 32 6.79 5.90 4.58
CA ALA A 32 6.04 5.26 5.65
C ALA A 32 5.73 3.78 5.31
N LEU A 33 5.27 3.56 4.08
CA LEU A 33 5.02 2.20 3.59
C LEU A 33 6.27 1.33 3.69
N GLU A 34 7.42 1.91 3.35
CA GLU A 34 8.71 1.20 3.46
C GLU A 34 8.98 0.76 4.91
N MET A 35 8.61 1.60 5.89
CA MET A 35 8.78 1.26 7.31
C MET A 35 7.88 0.07 7.70
N GLY A 36 6.61 0.12 7.28
CA GLY A 36 5.67 -0.98 7.55
C GLY A 36 6.14 -2.30 6.97
N VAL A 37 6.48 -2.28 5.68
CA VAL A 37 7.00 -3.48 5.00
C VAL A 37 8.35 -3.92 5.60
N SER A 38 9.20 -2.95 5.97
CA SER A 38 10.48 -3.24 6.62
C SER A 38 10.26 -3.99 7.94
N SER A 39 9.26 -3.56 8.71
CA SER A 39 8.85 -4.25 9.94
C SER A 39 8.53 -5.73 9.65
N LEU A 40 7.82 -5.96 8.54
CA LEU A 40 7.51 -7.32 8.11
C LEU A 40 8.78 -8.07 7.67
N MET A 41 9.66 -7.38 6.95
CA MET A 41 10.92 -7.97 6.45
C MET A 41 11.80 -8.46 7.61
N ALA A 42 11.70 -7.81 8.77
CA ALA A 42 12.41 -8.25 9.97
C ALA A 42 11.91 -9.64 10.44
N LEU A 43 10.63 -9.90 10.19
CA LEU A 43 10.01 -11.18 10.53
C LEU A 43 10.17 -12.21 9.40
N VAL A 44 10.20 -11.72 8.17
CA VAL A 44 10.25 -12.59 6.99
C VAL A 44 11.64 -13.23 6.79
N THR A 45 11.78 -14.43 7.33
CA THR A 45 12.98 -15.25 7.10
C THR A 45 12.62 -16.54 6.35
N THR A 46 11.40 -16.57 5.79
CA THR A 46 10.88 -17.72 5.03
C THR A 46 10.51 -18.91 5.93
N ASP A 47 11.11 -18.98 7.12
CA ASP A 47 10.81 -20.04 8.08
C ASP A 47 9.36 -19.98 8.60
N TRP A 48 8.47 -20.67 7.87
CA TRP A 48 7.10 -20.92 8.35
C TRP A 48 6.97 -22.40 8.76
N ARG A 49 7.81 -23.22 8.14
CA ARG A 49 7.88 -24.67 8.39
C ARG A 49 8.23 -24.99 9.84
N CYS A 50 9.31 -24.40 10.35
CA CYS A 50 9.75 -24.63 11.74
C CYS A 50 8.69 -24.16 12.74
N TYR A 51 7.85 -25.09 13.20
CA TYR A 51 6.71 -24.76 14.07
C TYR A 51 7.11 -23.87 15.26
N GLY A 52 8.10 -24.30 16.04
CA GLY A 52 8.54 -23.54 17.21
C GLY A 52 8.98 -22.11 16.88
N TYR A 53 9.94 -22.00 15.96
CA TYR A 53 10.45 -20.69 15.53
C TYR A 53 9.35 -19.83 14.88
N MET A 54 8.43 -20.48 14.18
CA MET A 54 7.27 -19.81 13.60
C MET A 54 6.35 -19.26 14.70
N GLU A 55 6.08 -20.10 15.70
CA GLU A 55 5.22 -19.73 16.83
C GLU A 55 5.82 -18.56 17.63
N ARG A 56 7.15 -18.43 17.59
CA ARG A 56 7.84 -17.32 18.26
C ARG A 56 7.50 -15.95 17.63
N HIS A 57 7.30 -15.93 16.30
CA HIS A 57 7.02 -14.67 15.59
C HIS A 57 5.57 -14.60 15.08
N ILE A 58 4.69 -15.47 15.59
CA ILE A 58 3.31 -15.54 15.11
C ILE A 58 2.48 -14.30 15.50
N ASN A 59 2.69 -13.76 16.71
CA ASN A 59 1.87 -12.64 17.20
C ASN A 59 2.39 -11.31 16.67
N GLU A 60 3.65 -11.31 16.30
CA GLU A 60 4.34 -10.12 15.80
C GLU A 60 3.88 -9.80 14.37
N ILE A 61 3.82 -10.83 13.53
CA ILE A 61 3.39 -10.68 12.14
C ILE A 61 1.92 -10.23 12.05
N ARG A 62 1.13 -10.56 13.08
CA ARG A 62 -0.26 -10.10 13.18
C ARG A 62 -0.34 -8.56 13.16
N THR A 63 0.64 -7.91 13.79
CA THR A 63 0.71 -6.45 13.81
C THR A 63 1.42 -5.89 12.57
N ALA A 64 2.46 -6.59 12.11
CA ALA A 64 3.23 -6.14 10.94
C ALA A 64 2.38 -6.14 9.66
N VAL A 65 1.66 -7.23 9.40
CA VAL A 65 0.73 -7.30 8.26
C VAL A 65 -0.25 -6.12 8.28
N ASP A 66 -0.86 -5.90 9.44
CA ASP A 66 -1.74 -4.75 9.68
C ASP A 66 -1.05 -3.42 9.33
N LYS A 67 0.21 -3.27 9.75
CA LYS A 67 1.00 -2.07 9.43
C LYS A 67 1.23 -1.92 7.92
N VAL A 68 1.54 -3.02 7.24
CA VAL A 68 1.78 -3.00 5.80
C VAL A 68 0.55 -2.44 5.04
N GLU A 69 -0.62 -3.02 5.28
CA GLU A 69 -1.84 -2.56 4.64
C GLU A 69 -2.35 -1.22 5.23
N LEU A 70 -1.93 -0.92 6.47
CA LEU A 70 -2.21 0.38 7.08
C LEU A 70 -1.61 1.53 6.25
N PHE A 71 -0.28 1.52 6.11
CA PHE A 71 0.42 2.55 5.32
C PHE A 71 0.01 2.47 3.84
N LEU A 72 -0.28 1.26 3.37
CA LEU A 72 -0.78 1.05 2.01
C LEU A 72 -2.14 1.76 1.81
N LYS A 73 -3.00 1.72 2.83
CA LYS A 73 -4.32 2.36 2.77
C LYS A 73 -4.17 3.88 2.73
N GLU A 74 -3.23 4.38 3.53
CA GLU A 74 -2.89 5.81 3.55
C GLU A 74 -2.35 6.26 2.18
N TYR A 75 -1.50 5.42 1.59
CA TYR A 75 -0.89 5.70 0.28
C TYR A 75 -1.93 5.71 -0.85
N LEU A 76 -2.71 4.63 -0.95
CA LEU A 76 -3.74 4.51 -1.99
C LEU A 76 -4.77 5.65 -1.92
N HIS A 77 -5.11 6.08 -0.70
CA HIS A 77 -6.02 7.22 -0.52
C HIS A 77 -5.46 8.48 -1.20
N PHE A 78 -4.14 8.59 -1.24
CA PHE A 78 -3.47 9.77 -1.83
C PHE A 78 -3.39 9.65 -3.36
N VAL A 79 -2.81 8.56 -3.85
CA VAL A 79 -2.64 8.36 -5.30
C VAL A 79 -3.99 8.31 -6.05
N LYS A 80 -4.96 7.58 -5.49
CA LYS A 80 -6.31 7.52 -6.09
C LYS A 80 -6.92 8.92 -6.20
N GLY A 81 -6.68 9.75 -5.18
CA GLY A 81 -7.15 11.13 -5.20
C GLY A 81 -6.46 11.97 -6.27
N ALA A 82 -5.15 11.76 -6.44
CA ALA A 82 -4.39 12.43 -7.48
C ALA A 82 -4.90 12.05 -8.88
N VAL A 83 -5.04 10.75 -9.13
CA VAL A 83 -5.57 10.24 -10.40
C VAL A 83 -7.00 10.78 -10.65
N ALA A 84 -7.78 10.93 -9.58
CA ALA A 84 -9.13 11.51 -9.67
C ALA A 84 -9.08 12.95 -10.19
N ASN A 85 -8.02 13.68 -9.86
CA ASN A 85 -7.81 15.04 -10.36
C ASN A 85 -7.20 15.01 -11.78
N ALA A 86 -6.36 14.00 -12.04
CA ALA A 86 -5.77 13.79 -13.36
C ALA A 86 -6.83 13.60 -14.45
N ALA A 87 -8.04 13.21 -14.04
CA ALA A 87 -9.17 13.07 -14.97
C ALA A 87 -9.58 14.42 -15.57
N CYS A 88 -9.10 15.51 -14.97
CA CYS A 88 -9.41 16.88 -15.43
C CYS A 88 -8.32 17.42 -16.37
N LEU A 89 -7.26 16.63 -16.60
CA LEU A 89 -6.16 17.05 -17.47
C LEU A 89 -6.58 17.19 -18.94
N PRO A 90 -5.90 18.08 -19.71
CA PRO A 90 -6.13 18.20 -21.16
C PRO A 90 -5.94 16.86 -21.89
N GLU A 91 -4.83 16.19 -21.62
CA GLU A 91 -4.58 14.85 -22.16
C GLU A 91 -4.97 13.75 -21.17
N LEU A 92 -6.01 13.00 -21.50
CA LEU A 92 -6.39 11.80 -20.73
C LEU A 92 -5.20 10.81 -20.69
N ILE A 93 -4.29 10.96 -21.65
CA ILE A 93 -3.11 10.09 -21.78
C ILE A 93 -2.38 9.88 -20.45
N LEU A 94 -2.03 10.98 -19.77
CA LEU A 94 -1.32 10.89 -18.49
C LEU A 94 -2.18 10.17 -17.42
N HIS A 95 -3.48 10.45 -17.42
CA HIS A 95 -4.42 9.76 -16.53
C HIS A 95 -4.45 8.25 -16.83
N ASN A 96 -4.31 7.91 -18.11
CA ASN A 96 -4.26 6.52 -18.55
C ASN A 96 -2.95 5.84 -18.11
N LYS A 97 -1.83 6.56 -18.26
CA LYS A 97 -0.52 6.04 -17.84
C LYS A 97 -0.50 5.71 -16.34
N MET A 98 -0.80 6.70 -15.51
CA MET A 98 -0.74 6.53 -14.05
C MET A 98 -1.62 5.38 -13.55
N LYS A 99 -2.83 5.21 -14.11
CA LYS A 99 -3.72 4.14 -13.67
C LYS A 99 -3.18 2.76 -14.08
N ARG A 100 -2.58 2.67 -15.28
CA ARG A 100 -1.94 1.44 -15.73
C ARG A 100 -0.82 1.01 -14.77
N GLU A 101 0.05 1.95 -14.45
CA GLU A 101 1.12 1.73 -13.47
C GLU A 101 0.54 1.45 -12.07
N LEU A 102 -0.51 2.18 -11.71
CA LEU A 102 -1.16 2.05 -10.40
C LEU A 102 -1.73 0.63 -10.19
N GLN A 103 -2.03 -0.06 -11.29
CA GLN A 103 -2.54 -1.44 -11.22
C GLN A 103 -1.56 -2.32 -10.42
N ARG A 104 -0.28 -2.04 -10.56
CA ARG A 104 0.77 -2.72 -9.79
C ARG A 104 0.49 -2.66 -8.28
N VAL A 105 0.02 -1.50 -7.80
CA VAL A 105 -0.26 -1.30 -6.38
C VAL A 105 -1.65 -1.83 -5.99
N GLU A 106 -2.64 -1.60 -6.85
CA GLU A 106 -4.02 -2.04 -6.58
C GLU A 106 -4.17 -3.58 -6.65
N ASP A 107 -3.64 -4.18 -7.72
CA ASP A 107 -3.66 -5.64 -7.88
C ASP A 107 -2.92 -6.33 -6.73
N SER A 108 -1.89 -5.67 -6.20
CA SER A 108 -1.23 -6.13 -4.98
C SER A 108 -2.20 -6.07 -3.79
N HIS A 109 -2.73 -4.88 -3.50
CA HIS A 109 -3.62 -4.69 -2.34
C HIS A 109 -4.80 -5.67 -2.32
N GLN A 110 -5.38 -5.97 -3.48
CA GLN A 110 -6.54 -6.88 -3.53
C GLN A 110 -6.17 -8.30 -3.10
N ILE A 111 -5.05 -8.84 -3.62
CA ILE A 111 -4.61 -10.18 -3.24
C ILE A 111 -4.04 -10.19 -1.81
N LEU A 112 -3.42 -9.09 -1.40
CA LEU A 112 -2.94 -8.93 -0.02
C LEU A 112 -4.12 -9.01 0.96
N SER A 113 -5.09 -8.13 0.77
CA SER A 113 -6.29 -8.07 1.63
C SER A 113 -7.01 -9.43 1.70
N GLN A 114 -7.00 -10.18 0.60
CA GLN A 114 -7.59 -11.52 0.57
C GLN A 114 -6.85 -12.46 1.54
N THR A 115 -5.52 -12.47 1.46
CA THR A 115 -4.72 -13.31 2.36
C THR A 115 -4.86 -12.82 3.82
N SER A 116 -4.64 -11.52 4.05
CA SER A 116 -4.83 -10.90 5.37
C SER A 116 -6.17 -11.33 5.98
N HIS A 117 -7.24 -11.24 5.19
CA HIS A 117 -8.57 -11.65 5.65
C HIS A 117 -8.62 -13.15 5.96
N ASP A 118 -8.09 -13.97 5.06
CA ASP A 118 -8.09 -15.43 5.23
C ASP A 118 -7.38 -15.83 6.54
N LEU A 119 -6.26 -15.17 6.83
CA LEU A 119 -5.49 -15.40 8.06
C LEU A 119 -6.34 -15.10 9.31
N ASN A 120 -7.21 -14.09 9.19
CA ASN A 120 -8.07 -13.68 10.30
C ASN A 120 -9.19 -14.71 10.52
N GLU A 121 -9.73 -15.20 9.41
CA GLU A 121 -10.75 -16.25 9.43
C GLU A 121 -10.17 -17.54 10.00
N CYS A 122 -8.90 -17.80 9.66
CA CYS A 122 -8.15 -18.96 10.20
C CYS A 122 -7.68 -18.70 11.64
N SER A 123 -8.07 -17.55 12.21
CA SER A 123 -7.76 -17.20 13.60
C SER A 123 -6.25 -17.11 13.86
N TRP A 124 -5.45 -16.98 12.80
CA TRP A 124 -3.98 -16.95 12.90
C TRP A 124 -3.45 -18.18 13.67
N SER A 125 -4.18 -19.28 13.57
CA SER A 125 -3.81 -20.52 14.28
C SER A 125 -2.61 -21.22 13.62
N LEU A 126 -1.65 -21.60 14.44
CA LEU A 126 -0.41 -22.25 13.97
C LEU A 126 -0.71 -23.54 13.20
N ASN A 127 -1.73 -24.29 13.64
CA ASN A 127 -2.11 -25.55 12.98
C ASN A 127 -2.42 -25.35 11.48
N ILE A 128 -2.87 -24.14 11.15
CA ILE A 128 -3.23 -23.80 9.76
C ILE A 128 -2.07 -23.08 9.05
N LEU A 129 -1.37 -22.20 9.78
CA LEU A 129 -0.29 -21.39 9.19
C LEU A 129 1.06 -22.12 9.19
N ALA A 130 1.52 -22.54 10.38
CA ALA A 130 2.83 -23.18 10.52
C ALA A 130 2.89 -24.54 9.80
N ILE A 131 1.80 -25.28 9.87
CA ILE A 131 1.72 -26.61 9.24
C ILE A 131 1.20 -26.51 7.78
N ASN A 132 1.27 -25.32 7.19
CA ASN A 132 0.83 -25.11 5.81
C ASN A 132 1.91 -25.58 4.81
N LYS A 133 1.48 -26.18 3.71
CA LYS A 133 2.40 -26.71 2.69
C LYS A 133 1.85 -26.48 1.26
N PRO A 134 2.74 -26.22 0.28
CA PRO A 134 2.33 -26.04 -1.13
C PRO A 134 1.66 -27.30 -1.73
N GLN A 135 1.76 -28.42 -1.01
CA GLN A 135 1.12 -29.67 -1.42
C GLN A 135 -0.40 -29.61 -1.17
N ASN A 136 -1.17 -29.36 -2.25
CA ASN A 136 -2.64 -29.29 -2.19
C ASN A 136 -3.14 -27.98 -1.53
N LYS A 137 -2.48 -27.54 -0.45
CA LYS A 137 -2.74 -26.22 0.14
C LYS A 137 -1.93 -25.14 -0.59
N CYS A 138 -2.00 -23.91 -0.10
CA CYS A 138 -1.23 -22.79 -0.67
C CYS A 138 -0.82 -21.80 0.43
N ASP A 139 0.47 -21.51 0.51
CA ASP A 139 0.99 -20.54 1.48
C ASP A 139 0.51 -19.13 1.15
N ASP A 140 -0.74 -18.81 1.50
CA ASP A 140 -1.29 -17.48 1.26
C ASP A 140 -0.64 -16.46 2.20
N LEU A 141 -0.27 -16.91 3.39
CA LEU A 141 0.54 -16.12 4.31
C LEU A 141 1.84 -15.65 3.63
N ASP A 142 2.50 -16.58 2.95
CA ASP A 142 3.74 -16.28 2.22
C ASP A 142 3.44 -15.52 0.91
N ARG A 143 2.26 -15.78 0.32
CA ARG A 143 1.80 -15.03 -0.86
C ARG A 143 1.71 -13.53 -0.54
N PHE A 144 1.18 -13.22 0.64
CA PHE A 144 1.18 -11.84 1.15
C PHE A 144 2.62 -11.30 1.23
N VAL A 145 3.50 -12.12 1.79
CA VAL A 145 4.91 -11.74 1.98
C VAL A 145 5.63 -11.41 0.65
N MET A 146 5.60 -12.36 -0.29
CA MET A 146 6.30 -12.19 -1.57
C MET A 146 5.85 -10.91 -2.31
N VAL A 147 4.56 -10.60 -2.23
CA VAL A 147 4.02 -9.38 -2.83
C VAL A 147 4.34 -8.14 -1.97
N ALA A 148 4.18 -8.28 -0.65
CA ALA A 148 4.41 -7.16 0.28
C ALA A 148 5.79 -6.52 0.12
N LYS A 149 6.81 -7.32 -0.16
CA LYS A 149 8.17 -6.79 -0.32
C LYS A 149 8.33 -5.98 -1.62
N THR A 150 7.51 -6.27 -2.63
CA THR A 150 7.60 -5.56 -3.92
C THR A 150 6.65 -4.35 -3.98
N VAL A 151 5.65 -4.33 -3.10
CA VAL A 151 4.69 -3.21 -3.03
C VAL A 151 5.40 -1.84 -2.92
N PRO A 152 6.40 -1.68 -1.99
CA PRO A 152 7.16 -0.42 -1.89
C PRO A 152 7.81 0.00 -3.22
N ASP A 153 8.22 -0.99 -4.01
CA ASP A 153 8.88 -0.74 -5.30
C ASP A 153 7.86 -0.27 -6.36
N ASP A 154 6.82 -1.07 -6.60
CA ASP A 154 5.77 -0.71 -7.54
C ASP A 154 5.09 0.61 -7.12
N ALA A 155 4.97 0.83 -5.81
CA ALA A 155 4.45 2.09 -5.29
C ALA A 155 5.45 3.24 -5.48
N LYS A 156 6.74 2.94 -5.36
CA LYS A 156 7.79 3.94 -5.56
C LYS A 156 7.81 4.40 -7.03
N GLN A 157 7.33 3.54 -7.93
CA GLN A 157 7.15 3.89 -9.34
C GLN A 157 6.11 5.02 -9.47
N LEU A 158 4.88 4.74 -9.01
CA LEU A 158 3.80 5.74 -9.01
C LEU A 158 4.22 7.03 -8.30
N THR A 159 4.91 6.87 -7.17
CA THR A 159 5.44 8.01 -6.43
C THR A 159 6.27 8.91 -7.34
N THR A 160 7.26 8.33 -8.01
CA THR A 160 8.11 9.07 -8.95
C THR A 160 7.27 9.72 -10.08
N THR A 161 6.37 8.92 -10.67
CA THR A 161 5.50 9.38 -11.76
C THR A 161 4.72 10.65 -11.39
N ILE A 162 4.02 10.61 -10.25
CA ILE A 162 3.27 11.78 -9.77
C ILE A 162 4.19 12.98 -9.50
N ASN A 163 5.32 12.74 -8.84
CA ASN A 163 6.27 13.82 -8.50
C ASN A 163 6.82 14.54 -9.75
N THR A 164 7.29 13.77 -10.74
CA THR A 164 7.87 14.36 -11.97
C THR A 164 6.80 15.06 -12.82
N ASN A 165 5.56 14.56 -12.80
CA ASN A 165 4.45 15.16 -13.58
C ASN A 165 3.57 16.05 -12.70
N ALA A 166 3.98 16.29 -11.45
CA ALA A 166 3.20 17.09 -10.50
C ALA A 166 2.86 18.48 -11.06
N GLU A 167 3.84 19.09 -11.73
CA GLU A 167 3.65 20.41 -12.36
C GLU A 167 2.44 20.43 -13.31
N ALA A 168 2.15 19.29 -13.93
CA ALA A 168 1.02 19.16 -14.84
C ALA A 168 -0.26 18.73 -14.09
N LEU A 169 -0.09 17.85 -13.11
CA LEU A 169 -1.22 17.32 -12.32
C LEU A 169 -1.94 18.41 -11.52
N PHE A 170 -1.17 19.28 -10.87
CA PHE A 170 -1.74 20.31 -9.99
C PHE A 170 -1.43 21.74 -10.49
N ARG A 171 -1.94 22.74 -9.79
CA ARG A 171 -1.75 24.14 -10.17
C ARG A 171 -0.92 24.90 -9.11
N PRO A 172 0.26 25.45 -9.49
CA PRO A 172 1.15 26.15 -8.55
C PRO A 172 0.79 27.64 -8.35
N GLY A 173 -0.34 28.05 -8.90
CA GLY A 173 -0.78 29.44 -8.79
C GLY A 173 -0.30 30.31 -9.95
N PRO A 174 -0.24 31.63 -9.77
CA PRO A 174 0.27 32.56 -10.80
C PRO A 174 1.68 32.18 -11.31
N GLY A 175 2.52 31.66 -10.43
CA GLY A 175 3.87 31.25 -10.81
C GLY A 175 4.95 31.97 -10.00
N SER A 176 5.29 31.41 -8.84
CA SER A 176 6.33 31.98 -7.96
C SER A 176 7.62 31.15 -8.00
N MET A 1 -1.77 24.90 18.54
CA MET A 1 -2.69 25.21 17.42
C MET A 1 -4.05 24.50 17.59
N GLY A 2 -5.13 25.20 17.24
CA GLY A 2 -6.46 24.61 17.28
C GLY A 2 -7.54 25.57 16.79
N HIS A 3 -7.15 26.58 16.01
CA HIS A 3 -8.09 27.61 15.54
C HIS A 3 -8.85 27.11 14.31
N HIS A 4 -9.89 26.30 14.53
CA HIS A 4 -10.63 25.63 13.44
C HIS A 4 -12.13 25.92 13.50
N HIS A 5 -12.76 26.08 12.33
CA HIS A 5 -14.21 26.28 12.22
C HIS A 5 -14.70 26.19 10.77
N HIS A 6 -15.99 25.88 10.60
CA HIS A 6 -16.65 25.88 9.28
C HIS A 6 -16.17 24.75 8.35
N HIS A 7 -15.24 23.91 8.82
CA HIS A 7 -14.73 22.80 8.00
C HIS A 7 -15.88 21.97 7.39
N HIS A 8 -15.95 21.96 6.05
CA HIS A 8 -17.05 21.30 5.33
C HIS A 8 -16.92 19.77 5.40
N SER A 9 -17.94 19.12 5.97
CA SER A 9 -17.94 17.65 6.12
C SER A 9 -18.15 16.95 4.77
N HIS A 10 -17.05 16.72 4.04
CA HIS A 10 -17.09 15.98 2.78
C HIS A 10 -15.67 15.66 2.26
N MET A 11 -15.18 14.47 2.56
CA MET A 11 -13.88 14.01 2.04
C MET A 11 -14.08 12.94 0.96
N ASP A 12 -13.36 13.07 -0.16
CA ASP A 12 -13.52 12.14 -1.29
C ASP A 12 -12.27 11.27 -1.51
N LYS A 13 -12.25 10.60 -2.66
CA LYS A 13 -11.05 9.88 -3.12
C LYS A 13 -10.00 10.88 -3.64
N ARG A 14 -10.45 12.10 -3.94
CA ARG A 14 -9.59 13.16 -4.48
C ARG A 14 -8.95 14.01 -3.36
N LEU A 15 -7.99 14.84 -3.74
CA LEU A 15 -7.33 15.77 -2.82
C LEU A 15 -7.01 17.11 -3.51
N PHE A 16 -6.95 18.19 -2.73
CA PHE A 16 -6.63 19.52 -3.28
C PHE A 16 -5.52 20.21 -2.48
N LEU A 17 -4.33 20.31 -3.07
CA LEU A 17 -3.17 20.92 -2.40
C LEU A 17 -2.20 21.53 -3.42
N ASP A 18 -1.07 22.04 -2.94
CA ASP A 18 -0.04 22.60 -3.81
C ASP A 18 0.79 21.49 -4.47
N PRO A 19 1.01 21.57 -5.81
CA PRO A 19 1.85 20.60 -6.54
C PRO A 19 3.26 20.45 -5.90
N ASP A 20 3.77 21.56 -5.37
CA ASP A 20 5.04 21.55 -4.65
C ASP A 20 4.95 20.73 -3.34
N THR A 21 3.89 20.98 -2.57
CA THR A 21 3.67 20.27 -1.29
C THR A 21 3.37 18.78 -1.52
N ALA A 22 2.66 18.46 -2.60
CA ALA A 22 2.31 17.07 -2.93
C ALA A 22 3.55 16.17 -3.01
N ILE A 23 4.61 16.68 -3.63
CA ILE A 23 5.87 15.94 -3.77
C ILE A 23 6.38 15.42 -2.42
N GLU A 24 6.59 16.33 -1.46
CA GLU A 24 7.15 15.94 -0.15
C GLU A 24 6.26 14.92 0.57
N ARG A 25 4.94 15.16 0.59
CA ARG A 25 4.01 14.26 1.28
C ARG A 25 4.05 12.85 0.66
N LEU A 26 4.05 12.80 -0.67
CA LEU A 26 4.14 11.53 -1.40
C LEU A 26 5.46 10.80 -1.09
N GLN A 27 6.54 11.57 -0.98
CA GLN A 27 7.86 11.02 -0.62
C GLN A 27 7.82 10.38 0.77
N ARG A 28 7.15 11.04 1.72
CA ARG A 28 7.03 10.55 3.09
C ARG A 28 6.19 9.26 3.15
N LEU A 29 5.10 9.22 2.38
CA LEU A 29 4.20 8.07 2.36
C LEU A 29 4.89 6.79 1.84
N GLN A 30 5.58 6.90 0.70
CA GLN A 30 6.27 5.75 0.11
C GLN A 30 7.30 5.17 1.09
N GLN A 31 8.13 6.04 1.66
CA GLN A 31 9.13 5.63 2.66
C GLN A 31 8.46 5.03 3.91
N ALA A 32 7.32 5.61 4.31
CA ALA A 32 6.54 5.09 5.43
C ALA A 32 6.06 3.65 5.15
N LEU A 33 5.64 3.40 3.92
CA LEU A 33 5.24 2.06 3.48
C LEU A 33 6.39 1.06 3.67
N GLU A 34 7.60 1.46 3.30
CA GLU A 34 8.78 0.60 3.46
C GLU A 34 9.06 0.30 4.94
N MET A 35 8.69 1.22 5.84
CA MET A 35 8.82 0.97 7.28
C MET A 35 7.85 -0.13 7.74
N GLY A 36 6.61 -0.08 7.22
CA GLY A 36 5.64 -1.14 7.50
C GLY A 36 6.09 -2.49 6.99
N VAL A 37 6.51 -2.53 5.74
CA VAL A 37 7.04 -3.75 5.12
C VAL A 37 8.33 -4.22 5.82
N SER A 38 9.15 -3.27 6.26
CA SER A 38 10.38 -3.59 7.02
C SER A 38 10.07 -4.43 8.26
N SER A 39 9.00 -4.06 8.96
CA SER A 39 8.53 -4.83 10.13
C SER A 39 8.21 -6.28 9.74
N LEU A 40 7.65 -6.46 8.55
CA LEU A 40 7.33 -7.79 8.03
C LEU A 40 8.61 -8.59 7.76
N MET A 41 9.55 -8.00 7.03
CA MET A 41 10.85 -8.65 6.73
C MET A 41 11.56 -9.13 8.01
N ALA A 42 11.50 -8.32 9.07
CA ALA A 42 12.15 -8.66 10.35
C ALA A 42 11.43 -9.81 11.08
N LEU A 43 10.24 -10.16 10.60
CA LEU A 43 9.43 -11.23 11.19
C LEU A 43 9.32 -12.45 10.26
N VAL A 44 9.53 -12.23 8.97
CA VAL A 44 9.48 -13.31 7.98
C VAL A 44 10.80 -14.09 7.93
N THR A 45 10.76 -15.35 8.35
CA THR A 45 11.91 -16.24 8.29
C THR A 45 11.87 -17.11 7.01
N THR A 46 13.03 -17.59 6.59
CA THR A 46 13.13 -18.45 5.40
C THR A 46 12.31 -19.75 5.55
N ASP A 47 12.13 -20.18 6.79
CA ASP A 47 11.38 -21.41 7.08
C ASP A 47 10.20 -21.15 8.05
N TRP A 48 9.02 -21.66 7.72
CA TRP A 48 7.88 -21.61 8.64
C TRP A 48 7.81 -22.92 9.45
N ARG A 49 8.91 -23.65 9.45
CA ARG A 49 8.95 -25.01 9.99
C ARG A 49 9.39 -25.05 11.47
N CYS A 50 10.10 -24.02 11.92
CA CYS A 50 10.43 -23.88 13.34
C CYS A 50 9.20 -23.46 14.15
N TYR A 51 8.48 -24.46 14.67
CA TYR A 51 7.19 -24.23 15.37
C TYR A 51 7.30 -23.18 16.47
N GLY A 52 8.19 -23.39 17.44
CA GLY A 52 8.33 -22.46 18.55
C GLY A 52 8.65 -21.04 18.13
N TYR A 53 9.64 -20.88 17.26
CA TYR A 53 10.08 -19.56 16.79
C TYR A 53 8.98 -18.89 15.94
N MET A 54 8.22 -19.69 15.19
CA MET A 54 7.09 -19.18 14.41
C MET A 54 5.92 -18.77 15.34
N GLU A 55 5.72 -19.54 16.40
CA GLU A 55 4.67 -19.23 17.39
C GLU A 55 4.90 -17.86 18.03
N ARG A 56 6.14 -17.56 18.41
CA ARG A 56 6.47 -16.24 18.96
C ARG A 56 6.55 -15.17 17.86
N HIS A 57 6.36 -15.58 16.61
CA HIS A 57 6.21 -14.65 15.48
C HIS A 57 4.73 -14.45 15.10
N ILE A 58 3.88 -15.44 15.42
CA ILE A 58 2.49 -15.45 14.96
C ILE A 58 1.71 -14.18 15.40
N ASN A 59 1.96 -13.70 16.61
CA ASN A 59 1.33 -12.48 17.11
C ASN A 59 1.97 -11.22 16.49
N GLU A 60 3.29 -11.14 16.56
CA GLU A 60 4.06 -9.99 16.06
C GLU A 60 3.81 -9.73 14.57
N ILE A 61 3.75 -10.80 13.78
CA ILE A 61 3.58 -10.67 12.33
C ILE A 61 2.21 -10.09 11.96
N ARG A 62 1.19 -10.38 12.76
CA ARG A 62 -0.14 -9.81 12.55
C ARG A 62 -0.10 -8.28 12.61
N THR A 63 0.67 -7.75 13.56
CA THR A 63 0.92 -6.30 13.66
C THR A 63 1.59 -5.76 12.40
N ALA A 64 2.65 -6.44 11.97
CA ALA A 64 3.39 -6.06 10.75
C ALA A 64 2.47 -6.05 9.52
N VAL A 65 1.67 -7.09 9.36
CA VAL A 65 0.68 -7.16 8.28
C VAL A 65 -0.24 -5.93 8.30
N ASP A 66 -0.76 -5.62 9.49
CA ASP A 66 -1.58 -4.42 9.69
C ASP A 66 -0.83 -3.15 9.25
N LYS A 67 0.46 -3.08 9.56
CA LYS A 67 1.30 -1.93 9.17
C LYS A 67 1.46 -1.85 7.64
N VAL A 68 1.74 -3.00 7.01
CA VAL A 68 1.92 -3.06 5.56
C VAL A 68 0.71 -2.48 4.82
N GLU A 69 -0.48 -3.01 5.12
CA GLU A 69 -1.71 -2.52 4.49
C GLU A 69 -2.11 -1.12 4.99
N LEU A 70 -1.69 -0.76 6.21
CA LEU A 70 -1.98 0.57 6.78
C LEU A 70 -1.36 1.69 5.92
N PHE A 71 -0.04 1.69 5.81
CA PHE A 71 0.66 2.72 5.03
C PHE A 71 0.28 2.63 3.55
N LEU A 72 0.04 1.41 3.07
CA LEU A 72 -0.47 1.19 1.71
C LEU A 72 -1.84 1.86 1.52
N LYS A 73 -2.70 1.76 2.53
CA LYS A 73 -4.04 2.34 2.47
C LYS A 73 -3.97 3.88 2.46
N GLU A 74 -3.10 4.41 3.31
CA GLU A 74 -2.81 5.84 3.35
C GLU A 74 -2.26 6.32 1.99
N TYR A 75 -1.36 5.53 1.43
CA TYR A 75 -0.73 5.82 0.13
C TYR A 75 -1.76 5.84 -1.01
N LEU A 76 -2.62 4.83 -1.06
CA LEU A 76 -3.63 4.71 -2.12
C LEU A 76 -4.58 5.92 -2.15
N HIS A 77 -5.02 6.39 -0.98
CA HIS A 77 -5.91 7.56 -0.92
C HIS A 77 -5.24 8.81 -1.52
N PHE A 78 -3.91 8.88 -1.41
CA PHE A 78 -3.15 10.01 -1.95
C PHE A 78 -3.01 9.90 -3.49
N VAL A 79 -2.51 8.76 -3.95
CA VAL A 79 -2.30 8.55 -5.40
C VAL A 79 -3.63 8.57 -6.19
N LYS A 80 -4.67 7.95 -5.65
CA LYS A 80 -6.01 8.00 -6.26
C LYS A 80 -6.49 9.45 -6.39
N GLY A 81 -6.23 10.25 -5.35
CA GLY A 81 -6.56 11.65 -5.38
C GLY A 81 -5.83 12.41 -6.49
N ALA A 82 -4.56 12.12 -6.67
CA ALA A 82 -3.78 12.66 -7.77
C ALA A 82 -4.42 12.28 -9.12
N VAL A 83 -4.71 10.99 -9.30
CA VAL A 83 -5.38 10.49 -10.51
C VAL A 83 -6.72 11.24 -10.75
N ALA A 84 -7.44 11.54 -9.67
CA ALA A 84 -8.69 12.30 -9.77
C ALA A 84 -8.47 13.71 -10.35
N ASN A 85 -7.33 14.33 -9.99
CA ASN A 85 -6.96 15.64 -10.54
C ASN A 85 -6.52 15.52 -12.02
N ALA A 86 -5.85 14.41 -12.33
CA ALA A 86 -5.44 14.11 -13.71
C ALA A 86 -6.64 14.00 -14.67
N ALA A 87 -7.82 13.72 -14.10
CA ALA A 87 -9.05 13.65 -14.90
C ALA A 87 -9.51 15.03 -15.39
N CYS A 88 -8.81 16.08 -14.95
CA CYS A 88 -9.12 17.47 -15.35
C CYS A 88 -8.16 17.96 -16.45
N LEU A 89 -7.24 17.11 -16.88
CA LEU A 89 -6.24 17.48 -17.88
C LEU A 89 -6.83 17.53 -19.31
N PRO A 90 -6.27 18.37 -20.20
CA PRO A 90 -6.73 18.48 -21.59
C PRO A 90 -6.60 17.16 -22.38
N GLU A 91 -5.57 16.38 -22.08
CA GLU A 91 -5.42 15.04 -22.69
C GLU A 91 -5.53 13.92 -21.63
N LEU A 92 -6.33 12.91 -21.92
CA LEU A 92 -6.58 11.79 -21.00
C LEU A 92 -5.32 10.90 -20.89
N ILE A 93 -4.41 11.03 -21.86
CA ILE A 93 -3.21 10.18 -21.94
C ILE A 93 -2.51 9.98 -20.59
N LEU A 94 -2.11 11.07 -19.94
CA LEU A 94 -1.42 10.98 -18.64
C LEU A 94 -2.32 10.33 -17.57
N HIS A 95 -3.59 10.72 -17.53
CA HIS A 95 -4.55 10.14 -16.59
C HIS A 95 -4.66 8.62 -16.74
N ASN A 96 -4.61 8.16 -17.99
CA ASN A 96 -4.67 6.73 -18.29
C ASN A 96 -3.41 6.01 -17.80
N LYS A 97 -2.25 6.48 -18.24
CA LYS A 97 -0.96 5.86 -17.89
C LYS A 97 -0.79 5.69 -16.37
N MET A 98 -0.99 6.78 -15.62
CA MET A 98 -0.77 6.76 -14.17
C MET A 98 -1.70 5.76 -13.45
N LYS A 99 -2.94 5.61 -13.94
CA LYS A 99 -3.86 4.63 -13.33
C LYS A 99 -3.47 3.21 -13.72
N ARG A 100 -2.97 3.03 -14.94
CA ARG A 100 -2.50 1.72 -15.41
C ARG A 100 -1.36 1.20 -14.54
N GLU A 101 -0.39 2.07 -14.24
CA GLU A 101 0.69 1.73 -13.31
C GLU A 101 0.14 1.48 -11.90
N LEU A 102 -0.86 2.27 -11.50
CA LEU A 102 -1.50 2.14 -10.18
C LEU A 102 -2.20 0.79 -10.02
N GLN A 103 -2.65 0.19 -11.12
CA GLN A 103 -3.32 -1.12 -11.08
C GLN A 103 -2.42 -2.18 -10.45
N ARG A 104 -1.10 -2.01 -10.63
CA ARG A 104 -0.12 -2.87 -9.98
C ARG A 104 -0.23 -2.81 -8.46
N VAL A 105 -0.26 -1.59 -7.92
CA VAL A 105 -0.32 -1.37 -6.47
C VAL A 105 -1.67 -1.84 -5.89
N GLU A 106 -2.76 -1.56 -6.60
CA GLU A 106 -4.10 -1.97 -6.16
C GLU A 106 -4.32 -3.49 -6.30
N ASP A 107 -3.86 -4.07 -7.40
CA ASP A 107 -3.93 -5.52 -7.59
C ASP A 107 -3.15 -6.25 -6.47
N SER A 108 -2.02 -5.67 -6.06
CA SER A 108 -1.29 -6.17 -4.90
C SER A 108 -2.15 -6.06 -3.63
N HIS A 109 -2.70 -4.87 -3.38
CA HIS A 109 -3.53 -4.61 -2.19
C HIS A 109 -4.68 -5.62 -2.03
N GLN A 110 -5.38 -5.91 -3.13
CA GLN A 110 -6.54 -6.82 -3.08
C GLN A 110 -6.13 -8.26 -2.67
N ILE A 111 -5.03 -8.78 -3.24
CA ILE A 111 -4.59 -10.14 -2.90
C ILE A 111 -3.96 -10.18 -1.49
N LEU A 112 -3.34 -9.07 -1.07
CA LEU A 112 -2.87 -8.91 0.31
C LEU A 112 -4.06 -9.00 1.28
N SER A 113 -5.10 -8.23 0.98
CA SER A 113 -6.31 -8.19 1.80
C SER A 113 -6.98 -9.58 1.88
N GLN A 114 -7.11 -10.24 0.73
CA GLN A 114 -7.73 -11.58 0.67
C GLN A 114 -6.96 -12.60 1.52
N THR A 115 -5.63 -12.64 1.37
CA THR A 115 -4.80 -13.57 2.14
C THR A 115 -4.86 -13.25 3.64
N SER A 116 -4.54 -12.01 4.00
CA SER A 116 -4.62 -11.55 5.40
C SER A 116 -6.00 -11.86 6.01
N HIS A 117 -7.05 -11.58 5.25
CA HIS A 117 -8.43 -11.86 5.69
C HIS A 117 -8.64 -13.35 5.96
N ASP A 118 -8.25 -14.18 5.00
CA ASP A 118 -8.40 -15.64 5.11
C ASP A 118 -7.64 -16.16 6.33
N LEU A 119 -6.43 -15.66 6.55
CA LEU A 119 -5.63 -16.01 7.73
C LEU A 119 -6.33 -15.57 9.02
N ASN A 120 -6.98 -14.41 8.97
CA ASN A 120 -7.74 -13.89 10.11
C ASN A 120 -8.94 -14.80 10.43
N GLU A 121 -9.59 -15.29 9.37
CA GLU A 121 -10.67 -16.27 9.51
C GLU A 121 -10.14 -17.56 10.14
N CYS A 122 -8.97 -18.01 9.65
CA CYS A 122 -8.28 -19.17 10.22
C CYS A 122 -7.65 -18.85 11.59
N SER A 123 -7.78 -17.60 12.02
CA SER A 123 -7.29 -17.15 13.34
C SER A 123 -5.77 -17.33 13.48
N TRP A 124 -5.08 -17.42 12.34
CA TRP A 124 -3.62 -17.65 12.30
C TRP A 124 -3.23 -18.94 13.06
N SER A 125 -4.16 -19.89 13.10
CA SER A 125 -3.97 -21.18 13.81
C SER A 125 -2.63 -21.85 13.44
N LEU A 126 -1.79 -22.08 14.45
CA LEU A 126 -0.48 -22.72 14.25
C LEU A 126 -0.65 -24.14 13.68
N ASN A 127 -1.79 -24.77 13.96
CA ASN A 127 -2.11 -26.11 13.43
C ASN A 127 -2.26 -26.07 11.89
N ILE A 128 -2.58 -24.89 11.36
CA ILE A 128 -2.74 -24.70 9.91
C ILE A 128 -1.45 -24.18 9.27
N LEU A 129 -0.82 -23.19 9.91
CA LEU A 129 0.37 -22.55 9.36
C LEU A 129 1.67 -23.34 9.67
N ALA A 130 1.97 -23.49 10.97
CA ALA A 130 3.19 -24.21 11.38
C ALA A 130 3.10 -25.71 11.06
N ILE A 131 1.96 -26.30 11.36
CA ILE A 131 1.70 -27.72 11.06
C ILE A 131 1.01 -27.84 9.68
N ASN A 132 1.56 -27.15 8.70
CA ASN A 132 0.99 -27.09 7.35
C ASN A 132 0.81 -28.48 6.71
N LYS A 133 1.93 -29.18 6.48
CA LYS A 133 1.92 -30.49 5.82
C LYS A 133 1.53 -30.38 4.32
N PRO A 134 2.14 -31.21 3.44
CA PRO A 134 1.86 -31.18 1.98
C PRO A 134 0.36 -31.35 1.64
N GLN A 135 -0.43 -31.79 2.62
CA GLN A 135 -1.87 -31.98 2.44
C GLN A 135 -2.63 -30.64 2.36
N ASN A 136 -2.02 -29.57 2.90
CA ASN A 136 -2.69 -28.26 2.99
C ASN A 136 -1.92 -27.17 2.23
N LYS A 137 -2.62 -26.46 1.34
CA LYS A 137 -2.01 -25.34 0.61
C LYS A 137 -2.08 -24.03 1.40
N CYS A 138 -0.97 -23.67 2.06
CA CYS A 138 -0.87 -22.39 2.77
C CYS A 138 0.07 -21.43 2.04
N ASP A 139 0.22 -21.62 0.73
CA ASP A 139 1.08 -20.78 -0.11
C ASP A 139 0.63 -19.30 -0.07
N ASP A 140 -0.61 -19.08 0.38
CA ASP A 140 -1.14 -17.73 0.57
C ASP A 140 -0.30 -16.92 1.60
N LEU A 141 0.25 -17.62 2.61
CA LEU A 141 1.14 -16.98 3.59
C LEU A 141 2.42 -16.45 2.92
N ASP A 142 3.15 -17.34 2.24
CA ASP A 142 4.33 -16.94 1.46
C ASP A 142 3.94 -15.92 0.37
N ARG A 143 2.73 -16.06 -0.16
CA ARG A 143 2.20 -15.14 -1.17
C ARG A 143 2.15 -13.70 -0.66
N PHE A 144 1.59 -13.51 0.53
CA PHE A 144 1.55 -12.17 1.16
C PHE A 144 2.96 -11.59 1.28
N VAL A 145 3.92 -12.43 1.66
CA VAL A 145 5.32 -12.01 1.80
C VAL A 145 5.92 -11.52 0.47
N MET A 146 5.95 -12.39 -0.53
CA MET A 146 6.54 -12.07 -1.84
C MET A 146 5.89 -10.83 -2.48
N VAL A 147 4.58 -10.68 -2.30
CA VAL A 147 3.86 -9.51 -2.82
C VAL A 147 4.14 -8.26 -1.96
N ALA A 148 4.02 -8.38 -0.64
CA ALA A 148 4.23 -7.25 0.27
C ALA A 148 5.61 -6.58 0.07
N LYS A 149 6.62 -7.39 -0.25
CA LYS A 149 7.98 -6.85 -0.47
C LYS A 149 8.13 -6.19 -1.86
N THR A 150 7.21 -6.48 -2.79
CA THR A 150 7.24 -5.83 -4.12
C THR A 150 6.31 -4.62 -4.17
N VAL A 151 5.36 -4.53 -3.24
CA VAL A 151 4.44 -3.38 -3.17
C VAL A 151 5.18 -2.04 -3.14
N PRO A 152 6.15 -1.83 -2.20
CA PRO A 152 6.92 -0.58 -2.13
C PRO A 152 7.67 -0.29 -3.45
N ASP A 153 8.10 -1.35 -4.14
CA ASP A 153 8.84 -1.20 -5.40
C ASP A 153 7.92 -0.68 -6.53
N ASP A 154 6.80 -1.37 -6.75
CA ASP A 154 5.80 -0.89 -7.72
C ASP A 154 5.27 0.50 -7.31
N ALA A 155 5.21 0.75 -6.00
CA ALA A 155 4.82 2.06 -5.47
C ALA A 155 5.82 3.16 -5.84
N LYS A 156 7.11 2.82 -5.87
CA LYS A 156 8.16 3.78 -6.26
C LYS A 156 7.92 4.33 -7.68
N GLN A 157 7.37 3.48 -8.56
CA GLN A 157 7.00 3.91 -9.92
C GLN A 157 5.96 5.04 -9.87
N LEU A 158 4.81 4.77 -9.24
CA LEU A 158 3.75 5.77 -9.09
C LEU A 158 4.28 7.04 -8.39
N THR A 159 5.04 6.84 -7.33
CA THR A 159 5.67 7.95 -6.61
C THR A 159 6.46 8.86 -7.55
N THR A 160 7.28 8.25 -8.41
CA THR A 160 8.09 9.01 -9.38
C THR A 160 7.21 9.71 -10.43
N THR A 161 6.31 8.94 -11.04
CA THR A 161 5.41 9.46 -12.08
C THR A 161 4.63 10.70 -11.61
N ILE A 162 3.99 10.58 -10.45
CA ILE A 162 3.21 11.70 -9.89
C ILE A 162 4.09 12.91 -9.59
N ASN A 163 5.23 12.68 -8.95
CA ASN A 163 6.17 13.76 -8.60
C ASN A 163 6.65 14.54 -9.83
N THR A 164 7.13 13.84 -10.86
CA THR A 164 7.64 14.51 -12.07
C THR A 164 6.53 15.23 -12.84
N ASN A 165 5.29 14.74 -12.74
CA ASN A 165 4.14 15.37 -13.39
C ASN A 165 3.30 16.21 -12.41
N ALA A 166 3.80 16.41 -11.18
CA ALA A 166 3.05 17.13 -10.13
C ALA A 166 2.58 18.51 -10.61
N GLU A 167 3.47 19.27 -11.25
CA GLU A 167 3.14 20.61 -11.76
C GLU A 167 2.02 20.57 -12.82
N ALA A 168 1.89 19.42 -13.48
CA ALA A 168 0.84 19.24 -14.49
C ALA A 168 -0.47 18.73 -13.86
N LEU A 169 -0.34 17.87 -12.85
CA LEU A 169 -1.50 17.29 -12.16
C LEU A 169 -2.23 18.34 -11.31
N PHE A 170 -1.48 18.98 -10.42
CA PHE A 170 -2.06 19.95 -9.48
C PHE A 170 -1.83 21.40 -9.93
N ARG A 171 -2.93 22.11 -10.15
CA ARG A 171 -2.85 23.50 -10.62
C ARG A 171 -2.74 24.49 -9.43
N PRO A 172 -1.61 25.22 -9.31
CA PRO A 172 -1.43 26.22 -8.25
C PRO A 172 -1.99 27.61 -8.62
N GLY A 173 -2.66 27.68 -9.77
CA GLY A 173 -3.17 28.95 -10.29
C GLY A 173 -2.10 29.73 -11.02
N PRO A 174 -2.21 31.08 -11.07
CA PRO A 174 -1.16 31.92 -11.68
C PRO A 174 0.19 31.77 -10.97
N GLY A 175 1.09 31.01 -11.59
CA GLY A 175 2.40 30.71 -10.98
C GLY A 175 3.36 31.89 -11.01
N SER A 176 3.32 32.71 -9.96
CA SER A 176 4.26 33.85 -9.82
C SER A 176 4.87 33.89 -8.40
N MET A 1 10.27 35.72 1.66
CA MET A 1 10.48 34.25 1.48
C MET A 1 9.91 33.46 2.66
N GLY A 2 8.77 32.83 2.46
CA GLY A 2 8.14 32.05 3.51
C GLY A 2 6.69 31.67 3.18
N HIS A 3 6.48 31.22 1.94
CA HIS A 3 5.12 30.90 1.45
C HIS A 3 4.82 29.40 1.59
N HIS A 4 5.82 28.62 2.00
CA HIS A 4 5.65 27.16 2.16
C HIS A 4 4.67 26.84 3.31
N HIS A 5 3.39 26.70 2.97
CA HIS A 5 2.34 26.41 3.96
C HIS A 5 2.44 24.98 4.51
N HIS A 6 2.48 24.87 5.84
CA HIS A 6 2.47 23.57 6.53
C HIS A 6 1.04 22.98 6.56
N HIS A 7 0.07 23.79 6.15
CA HIS A 7 -1.34 23.36 6.07
C HIS A 7 -1.52 22.15 5.14
N HIS A 8 -2.44 21.25 5.51
CA HIS A 8 -2.74 20.06 4.72
C HIS A 8 -3.53 20.40 3.44
N SER A 9 -4.02 19.36 2.77
CA SER A 9 -4.84 19.50 1.56
C SER A 9 -6.34 19.47 1.90
N HIS A 10 -7.17 19.81 0.92
CA HIS A 10 -8.62 19.70 1.08
C HIS A 10 -9.08 18.25 0.81
N MET A 11 -9.78 17.65 1.76
CA MET A 11 -10.13 16.22 1.67
C MET A 11 -11.54 15.99 1.13
N ASP A 12 -11.65 15.98 -0.19
CA ASP A 12 -12.88 15.56 -0.87
C ASP A 12 -12.68 14.11 -1.38
N LYS A 13 -13.38 13.70 -2.44
CA LYS A 13 -13.05 12.45 -3.12
C LYS A 13 -11.70 12.60 -3.85
N ARG A 14 -11.31 13.85 -4.07
CA ARG A 14 -9.99 14.21 -4.61
C ARG A 14 -9.30 15.22 -3.68
N LEU A 15 -7.97 15.19 -3.64
CA LEU A 15 -7.21 16.10 -2.76
C LEU A 15 -6.80 17.40 -3.48
N PHE A 16 -6.98 18.54 -2.80
CA PHE A 16 -6.59 19.85 -3.37
C PHE A 16 -5.38 20.44 -2.62
N LEU A 17 -4.27 20.60 -3.32
CA LEU A 17 -3.04 21.19 -2.74
C LEU A 17 -2.02 21.54 -3.83
N ASP A 18 -0.98 22.29 -3.46
CA ASP A 18 0.08 22.68 -4.40
C ASP A 18 0.96 21.49 -4.81
N PRO A 19 1.50 21.49 -6.05
CA PRO A 19 2.30 20.37 -6.59
C PRO A 19 3.53 20.05 -5.73
N ASP A 20 4.37 21.07 -5.48
CA ASP A 20 5.58 20.89 -4.66
C ASP A 20 5.25 20.32 -3.27
N THR A 21 4.12 20.77 -2.71
CA THR A 21 3.67 20.28 -1.41
C THR A 21 3.26 18.80 -1.50
N ALA A 22 2.51 18.46 -2.54
CA ALA A 22 2.08 17.07 -2.76
C ALA A 22 3.28 16.13 -2.93
N ILE A 23 4.32 16.61 -3.63
CA ILE A 23 5.56 15.85 -3.83
C ILE A 23 6.16 15.37 -2.50
N GLU A 24 6.43 16.31 -1.59
CA GLU A 24 7.01 15.96 -0.29
C GLU A 24 6.11 14.99 0.49
N ARG A 25 4.78 15.20 0.41
CA ARG A 25 3.82 14.31 1.07
C ARG A 25 3.98 12.87 0.57
N LEU A 26 3.86 12.69 -0.75
CA LEU A 26 3.94 11.37 -1.38
C LEU A 26 5.30 10.71 -1.13
N GLN A 27 6.36 11.51 -1.14
CA GLN A 27 7.71 11.03 -0.81
C GLN A 27 7.75 10.39 0.59
N ARG A 28 7.11 11.05 1.57
CA ARG A 28 7.08 10.54 2.95
C ARG A 28 6.21 9.27 3.05
N LEU A 29 5.06 9.28 2.36
CA LEU A 29 4.18 8.11 2.34
C LEU A 29 4.89 6.88 1.77
N GLN A 30 5.70 7.11 0.73
CA GLN A 30 6.56 6.06 0.15
C GLN A 30 7.45 5.43 1.24
N GLN A 31 8.16 6.29 1.98
CA GLN A 31 9.05 5.83 3.05
C GLN A 31 8.28 5.17 4.21
N ALA A 32 7.10 5.70 4.52
CA ALA A 32 6.24 5.12 5.56
C ALA A 32 5.81 3.69 5.18
N LEU A 33 5.42 3.51 3.92
CA LEU A 33 5.09 2.19 3.39
C LEU A 33 6.28 1.24 3.54
N GLU A 34 7.49 1.74 3.30
CA GLU A 34 8.72 0.96 3.47
C GLU A 34 8.94 0.56 4.94
N MET A 35 8.50 1.41 5.88
CA MET A 35 8.59 1.07 7.31
C MET A 35 7.72 -0.16 7.63
N GLY A 36 6.51 -0.17 7.09
CA GLY A 36 5.62 -1.32 7.26
C GLY A 36 6.22 -2.61 6.71
N VAL A 37 6.65 -2.58 5.45
CA VAL A 37 7.28 -3.73 4.81
C VAL A 37 8.56 -4.15 5.56
N SER A 38 9.33 -3.16 6.02
CA SER A 38 10.54 -3.43 6.82
C SER A 38 10.20 -4.21 8.09
N SER A 39 9.12 -3.80 8.78
CA SER A 39 8.65 -4.51 9.98
C SER A 39 8.36 -5.99 9.67
N LEU A 40 7.74 -6.24 8.52
CA LEU A 40 7.49 -7.62 8.06
C LEU A 40 8.80 -8.37 7.82
N MET A 41 9.71 -7.75 7.08
CA MET A 41 11.02 -8.36 6.76
C MET A 41 11.80 -8.71 8.04
N ALA A 42 11.62 -7.91 9.09
CA ALA A 42 12.30 -8.14 10.37
C ALA A 42 11.67 -9.29 11.17
N LEU A 43 10.42 -9.63 10.86
CA LEU A 43 9.68 -10.67 11.60
C LEU A 43 9.65 -12.02 10.86
N VAL A 44 9.79 -12.01 9.53
CA VAL A 44 9.82 -13.25 8.75
C VAL A 44 11.09 -14.08 9.08
N THR A 45 10.90 -15.38 9.30
CA THR A 45 12.02 -16.27 9.64
C THR A 45 12.56 -17.01 8.42
N THR A 46 13.56 -17.87 8.61
CA THR A 46 14.10 -18.69 7.53
C THR A 46 13.31 -19.99 7.38
N ASP A 47 13.07 -20.66 8.49
CA ASP A 47 12.27 -21.89 8.51
C ASP A 47 11.00 -21.71 9.36
N TRP A 48 9.85 -21.69 8.69
CA TRP A 48 8.56 -21.51 9.36
C TRP A 48 8.22 -22.68 10.30
N ARG A 49 8.84 -23.84 10.05
CA ARG A 49 8.54 -25.06 10.82
C ARG A 49 8.97 -24.94 12.29
N CYS A 50 9.67 -23.86 12.64
CA CYS A 50 10.05 -23.60 14.03
C CYS A 50 8.81 -23.20 14.86
N TYR A 51 8.04 -24.20 15.28
CA TYR A 51 6.74 -23.98 15.93
C TYR A 51 6.81 -22.99 17.09
N GLY A 52 7.51 -23.36 18.16
CA GLY A 52 7.58 -22.54 19.36
C GLY A 52 8.06 -21.12 19.09
N TYR A 53 9.09 -20.99 18.25
CA TYR A 53 9.66 -19.68 17.93
C TYR A 53 8.66 -18.81 17.15
N MET A 54 7.96 -19.41 16.20
CA MET A 54 6.96 -18.67 15.40
C MET A 54 5.73 -18.30 16.26
N GLU A 55 5.23 -19.27 17.02
CA GLU A 55 4.08 -19.05 17.92
C GLU A 55 4.31 -17.82 18.82
N ARG A 56 5.46 -17.77 19.48
CA ARG A 56 5.80 -16.65 20.36
C ARG A 56 5.72 -15.29 19.65
N HIS A 57 5.85 -15.31 18.32
CA HIS A 57 5.84 -14.06 17.53
C HIS A 57 4.71 -14.04 16.48
N ILE A 58 3.78 -15.00 16.55
CA ILE A 58 2.67 -15.08 15.59
C ILE A 58 1.78 -13.84 15.66
N ASN A 59 1.60 -13.31 16.87
CA ASN A 59 0.84 -12.07 17.08
C ASN A 59 1.61 -10.86 16.52
N GLU A 60 2.93 -10.88 16.69
CA GLU A 60 3.80 -9.79 16.23
C GLU A 60 3.75 -9.67 14.71
N ILE A 61 4.01 -10.79 14.01
CA ILE A 61 3.94 -10.80 12.54
C ILE A 61 2.53 -10.47 12.04
N ARG A 62 1.52 -10.92 12.76
CA ARG A 62 0.12 -10.59 12.45
C ARG A 62 -0.10 -9.07 12.46
N THR A 63 0.45 -8.40 13.47
CA THR A 63 0.36 -6.94 13.58
C THR A 63 1.15 -6.26 12.46
N ALA A 64 2.33 -6.80 12.12
CA ALA A 64 3.12 -6.28 11.00
C ALA A 64 2.34 -6.36 9.67
N VAL A 65 1.67 -7.50 9.46
CA VAL A 65 0.77 -7.69 8.32
C VAL A 65 -0.28 -6.57 8.27
N ASP A 66 -0.90 -6.31 9.42
CA ASP A 66 -1.89 -5.23 9.55
C ASP A 66 -1.27 -3.86 9.23
N LYS A 67 -0.02 -3.65 9.65
CA LYS A 67 0.69 -2.41 9.36
C LYS A 67 0.95 -2.23 7.85
N VAL A 68 1.28 -3.33 7.17
CA VAL A 68 1.44 -3.29 5.70
C VAL A 68 0.14 -2.80 5.04
N GLU A 69 -0.99 -3.34 5.49
CA GLU A 69 -2.31 -2.87 5.04
C GLU A 69 -2.52 -1.38 5.38
N LEU A 70 -2.15 -1.01 6.61
CA LEU A 70 -2.30 0.36 7.11
C LEU A 70 -1.57 1.38 6.22
N PHE A 71 -0.25 1.22 6.07
CA PHE A 71 0.57 2.15 5.28
C PHE A 71 0.18 2.12 3.79
N LEU A 72 -0.14 0.93 3.28
CA LEU A 72 -0.61 0.80 1.89
C LEU A 72 -1.94 1.54 1.68
N LYS A 73 -2.77 1.56 2.73
CA LYS A 73 -4.05 2.26 2.69
C LYS A 73 -3.82 3.77 2.62
N GLU A 74 -2.89 4.25 3.42
CA GLU A 74 -2.50 5.66 3.44
C GLU A 74 -1.94 6.10 2.07
N TYR A 75 -1.08 5.26 1.49
CA TYR A 75 -0.49 5.54 0.18
C TYR A 75 -1.54 5.55 -0.94
N LEU A 76 -2.25 4.43 -1.10
CA LEU A 76 -3.26 4.30 -2.15
C LEU A 76 -4.37 5.36 -2.01
N HIS A 77 -4.70 5.73 -0.77
CA HIS A 77 -5.69 6.78 -0.50
C HIS A 77 -5.24 8.15 -1.03
N PHE A 78 -3.92 8.35 -1.11
CA PHE A 78 -3.35 9.63 -1.57
C PHE A 78 -3.26 9.68 -3.11
N VAL A 79 -2.66 8.65 -3.69
CA VAL A 79 -2.46 8.57 -5.15
C VAL A 79 -3.78 8.61 -5.92
N LYS A 80 -4.81 7.93 -5.41
CA LYS A 80 -6.16 7.96 -6.01
C LYS A 80 -6.67 9.40 -6.13
N GLY A 81 -6.47 10.18 -5.07
CA GLY A 81 -6.85 11.60 -5.09
C GLY A 81 -6.09 12.39 -6.15
N ALA A 82 -4.80 12.09 -6.31
CA ALA A 82 -3.97 12.71 -7.35
C ALA A 82 -4.47 12.36 -8.76
N VAL A 83 -4.76 11.07 -8.99
CA VAL A 83 -5.30 10.60 -10.27
C VAL A 83 -6.59 11.35 -10.62
N ALA A 84 -7.45 11.56 -9.63
CA ALA A 84 -8.68 12.34 -9.80
C ALA A 84 -8.36 13.76 -10.31
N ASN A 85 -7.26 14.33 -9.83
CA ASN A 85 -6.81 15.66 -10.28
C ASN A 85 -6.31 15.62 -11.74
N ALA A 86 -5.75 14.47 -12.14
CA ALA A 86 -5.29 14.27 -13.51
C ALA A 86 -6.44 14.33 -14.52
N ALA A 87 -7.67 14.11 -14.05
CA ALA A 87 -8.86 14.22 -14.89
C ALA A 87 -9.05 15.66 -15.41
N CYS A 88 -8.34 16.61 -14.80
CA CYS A 88 -8.42 18.03 -15.18
C CYS A 88 -7.48 18.37 -16.35
N LEU A 89 -6.75 17.38 -16.85
CA LEU A 89 -5.81 17.59 -17.96
C LEU A 89 -6.55 17.73 -19.31
N PRO A 90 -5.98 18.48 -20.28
CA PRO A 90 -6.61 18.73 -21.59
C PRO A 90 -6.76 17.47 -22.47
N GLU A 91 -5.68 16.68 -22.59
CA GLU A 91 -5.70 15.49 -23.46
C GLU A 91 -6.16 14.24 -22.70
N LEU A 92 -5.98 14.25 -21.37
CA LEU A 92 -6.47 13.17 -20.49
C LEU A 92 -5.57 11.90 -20.58
N ILE A 93 -4.81 11.77 -21.66
CA ILE A 93 -3.96 10.59 -21.89
C ILE A 93 -3.07 10.25 -20.67
N LEU A 94 -2.48 11.28 -20.07
CA LEU A 94 -1.66 11.08 -18.85
C LEU A 94 -2.48 10.42 -17.73
N HIS A 95 -3.74 10.86 -17.59
CA HIS A 95 -4.65 10.28 -16.60
C HIS A 95 -4.87 8.78 -16.87
N ASN A 96 -4.91 8.40 -18.15
CA ASN A 96 -5.11 7.01 -18.53
C ASN A 96 -3.90 6.14 -18.17
N LYS A 97 -2.71 6.54 -18.62
CA LYS A 97 -1.50 5.74 -18.38
C LYS A 97 -1.17 5.61 -16.88
N MET A 98 -1.42 6.68 -16.10
CA MET A 98 -1.13 6.64 -14.66
C MET A 98 -2.14 5.76 -13.90
N LYS A 99 -3.43 5.83 -14.27
CA LYS A 99 -4.46 5.03 -13.60
C LYS A 99 -4.29 3.54 -13.91
N ARG A 100 -3.84 3.23 -15.13
CA ARG A 100 -3.55 1.84 -15.53
C ARG A 100 -2.54 1.19 -14.58
N GLU A 101 -1.36 1.79 -14.48
CA GLU A 101 -0.29 1.26 -13.64
C GLU A 101 -0.73 1.23 -12.16
N LEU A 102 -1.54 2.20 -11.76
CA LEU A 102 -2.12 2.22 -10.41
C LEU A 102 -3.03 1.01 -10.17
N GLN A 103 -3.93 0.74 -11.12
CA GLN A 103 -4.85 -0.40 -11.00
C GLN A 103 -4.08 -1.73 -11.01
N ARG A 104 -2.93 -1.76 -11.68
CA ARG A 104 -2.03 -2.91 -11.61
C ARG A 104 -1.49 -3.08 -10.18
N VAL A 105 -0.92 -1.99 -9.64
CA VAL A 105 -0.42 -1.97 -8.27
C VAL A 105 -1.52 -2.37 -7.26
N GLU A 106 -2.73 -1.84 -7.45
CA GLU A 106 -3.86 -2.16 -6.59
C GLU A 106 -4.26 -3.64 -6.68
N ASP A 107 -4.59 -4.10 -7.88
CA ASP A 107 -5.00 -5.49 -8.09
C ASP A 107 -3.97 -6.49 -7.53
N SER A 108 -2.69 -6.20 -7.73
CA SER A 108 -1.61 -7.05 -7.23
C SER A 108 -1.49 -7.00 -5.70
N HIS A 109 -1.57 -5.81 -5.11
CA HIS A 109 -1.32 -5.64 -3.68
C HIS A 109 -2.56 -5.84 -2.79
N GLN A 110 -3.76 -5.69 -3.35
CA GLN A 110 -4.99 -5.87 -2.55
C GLN A 110 -5.11 -7.32 -2.05
N ILE A 111 -4.51 -8.27 -2.77
CA ILE A 111 -4.51 -9.68 -2.35
C ILE A 111 -3.85 -9.85 -0.97
N LEU A 112 -2.99 -8.90 -0.60
CA LEU A 112 -2.38 -8.90 0.73
C LEU A 112 -3.43 -8.79 1.83
N SER A 113 -4.43 -7.93 1.60
CA SER A 113 -5.54 -7.75 2.55
C SER A 113 -6.48 -8.97 2.52
N GLN A 114 -6.73 -9.49 1.31
CA GLN A 114 -7.57 -10.69 1.16
C GLN A 114 -6.96 -11.90 1.89
N THR A 115 -5.67 -12.16 1.66
CA THR A 115 -4.97 -13.26 2.33
C THR A 115 -4.88 -13.02 3.85
N SER A 116 -4.47 -11.81 4.24
CA SER A 116 -4.44 -11.41 5.66
C SER A 116 -5.77 -11.72 6.36
N HIS A 117 -6.87 -11.31 5.74
CA HIS A 117 -8.21 -11.58 6.28
C HIS A 117 -8.47 -13.10 6.35
N ASP A 118 -8.12 -13.81 5.27
CA ASP A 118 -8.29 -15.26 5.19
C ASP A 118 -7.54 -15.96 6.33
N LEU A 119 -6.32 -15.50 6.63
CA LEU A 119 -5.54 -16.03 7.75
C LEU A 119 -6.28 -15.81 9.08
N ASN A 120 -6.91 -14.65 9.23
CA ASN A 120 -7.71 -14.34 10.42
C ASN A 120 -8.89 -15.32 10.53
N GLU A 121 -9.53 -15.61 9.40
CA GLU A 121 -10.63 -16.59 9.34
C GLU A 121 -10.11 -18.01 9.63
N CYS A 122 -8.88 -18.27 9.20
CA CYS A 122 -8.20 -19.54 9.51
C CYS A 122 -7.65 -19.55 10.95
N SER A 123 -7.95 -18.49 11.71
CA SER A 123 -7.54 -18.35 13.12
C SER A 123 -6.01 -18.30 13.26
N TRP A 124 -5.31 -18.08 12.15
CA TRP A 124 -3.84 -18.11 12.11
C TRP A 124 -3.31 -19.46 12.65
N SER A 125 -4.09 -20.53 12.41
CA SER A 125 -3.72 -21.89 12.86
C SER A 125 -2.27 -22.26 12.52
N LEU A 126 -1.43 -22.32 13.56
CA LEU A 126 -0.01 -22.67 13.41
C LEU A 126 0.17 -24.01 12.65
N ASN A 127 -0.83 -24.87 12.71
CA ASN A 127 -0.80 -26.18 12.04
C ASN A 127 -0.64 -26.03 10.51
N ILE A 128 -1.17 -24.94 9.97
CA ILE A 128 -1.14 -24.69 8.52
C ILE A 128 0.01 -23.73 8.15
N LEU A 129 0.29 -22.77 9.02
CA LEU A 129 1.29 -21.75 8.75
C LEU A 129 2.71 -22.21 9.13
N ALA A 130 2.91 -22.60 10.39
CA ALA A 130 4.23 -23.00 10.88
C ALA A 130 4.55 -24.46 10.52
N ILE A 131 3.63 -25.35 10.81
CA ILE A 131 3.83 -26.78 10.55
C ILE A 131 3.54 -27.11 9.08
N ASN A 132 4.51 -26.82 8.21
CA ASN A 132 4.36 -27.03 6.77
C ASN A 132 5.68 -27.53 6.15
N LYS A 133 5.58 -28.24 5.02
CA LYS A 133 6.75 -28.85 4.38
C LYS A 133 7.27 -28.00 3.20
N PRO A 134 8.60 -28.08 2.91
CA PRO A 134 9.22 -27.35 1.77
C PRO A 134 8.67 -27.80 0.41
N GLN A 135 7.85 -28.86 0.41
CA GLN A 135 7.14 -29.30 -0.79
C GLN A 135 6.14 -28.21 -1.24
N ASN A 136 5.73 -27.37 -0.30
CA ASN A 136 4.92 -26.19 -0.61
C ASN A 136 5.82 -24.97 -0.88
N LYS A 137 5.38 -24.10 -1.78
CA LYS A 137 6.13 -22.90 -2.13
C LYS A 137 5.20 -21.80 -2.68
N CYS A 138 3.89 -21.98 -2.48
CA CYS A 138 2.91 -21.00 -2.95
C CYS A 138 1.61 -21.13 -2.14
N ASP A 139 1.63 -20.63 -0.90
CA ASP A 139 0.46 -20.62 -0.02
C ASP A 139 0.14 -19.18 0.40
N ASP A 140 -1.09 -18.94 0.85
CA ASP A 140 -1.56 -17.59 1.18
C ASP A 140 -0.57 -16.81 2.07
N LEU A 141 0.02 -17.49 3.06
CA LEU A 141 1.03 -16.86 3.93
C LEU A 141 2.27 -16.41 3.13
N ASP A 142 2.91 -17.34 2.42
CA ASP A 142 4.09 -17.04 1.62
C ASP A 142 3.76 -16.03 0.50
N ARG A 143 2.54 -16.10 -0.01
CA ARG A 143 2.05 -15.18 -1.04
C ARG A 143 2.11 -13.74 -0.53
N PHE A 144 1.64 -13.52 0.69
CA PHE A 144 1.71 -12.20 1.32
C PHE A 144 3.16 -11.70 1.37
N VAL A 145 4.06 -12.53 1.88
CA VAL A 145 5.48 -12.16 2.02
C VAL A 145 6.12 -11.74 0.68
N MET A 146 5.98 -12.59 -0.33
CA MET A 146 6.59 -12.31 -1.65
C MET A 146 5.99 -11.06 -2.32
N VAL A 147 4.67 -10.89 -2.19
CA VAL A 147 4.00 -9.74 -2.83
C VAL A 147 4.16 -8.45 -1.98
N ALA A 148 4.38 -8.59 -0.68
CA ALA A 148 4.56 -7.45 0.22
C ALA A 148 5.94 -6.79 0.04
N LYS A 149 6.98 -7.62 -0.06
CA LYS A 149 8.36 -7.10 -0.19
C LYS A 149 8.55 -6.24 -1.45
N THR A 150 7.70 -6.42 -2.45
CA THR A 150 7.80 -5.66 -3.72
C THR A 150 6.82 -4.47 -3.78
N VAL A 151 5.96 -4.34 -2.76
CA VAL A 151 4.97 -3.25 -2.73
C VAL A 151 5.61 -1.85 -2.87
N PRO A 152 6.65 -1.52 -2.06
CA PRO A 152 7.31 -0.20 -2.15
C PRO A 152 7.86 0.10 -3.55
N ASP A 153 8.27 -0.94 -4.26
CA ASP A 153 8.84 -0.80 -5.60
C ASP A 153 7.76 -0.48 -6.65
N ASP A 154 6.74 -1.33 -6.73
CA ASP A 154 5.61 -1.10 -7.64
C ASP A 154 4.94 0.25 -7.33
N ALA A 155 4.84 0.57 -6.03
CA ALA A 155 4.30 1.85 -5.60
C ALA A 155 5.22 3.01 -6.03
N LYS A 156 6.53 2.82 -5.88
CA LYS A 156 7.51 3.85 -6.25
C LYS A 156 7.40 4.22 -7.73
N GLN A 157 6.90 3.30 -8.55
CA GLN A 157 6.63 3.60 -9.96
C GLN A 157 5.60 4.73 -10.09
N LEU A 158 4.49 4.61 -9.34
CA LEU A 158 3.47 5.65 -9.29
C LEU A 158 4.00 6.90 -8.58
N THR A 159 4.67 6.71 -7.44
CA THR A 159 5.29 7.80 -6.70
C THR A 159 6.12 8.70 -7.63
N THR A 160 6.99 8.09 -8.43
CA THR A 160 7.84 8.82 -9.37
C THR A 160 7.00 9.50 -10.48
N THR A 161 6.08 8.75 -11.09
CA THR A 161 5.23 9.27 -12.16
C THR A 161 4.46 10.53 -11.70
N ILE A 162 3.86 10.47 -10.52
CA ILE A 162 3.13 11.61 -9.96
C ILE A 162 4.07 12.79 -9.63
N ASN A 163 5.15 12.50 -8.91
CA ASN A 163 6.12 13.54 -8.48
C ASN A 163 6.72 14.31 -9.67
N THR A 164 6.90 13.64 -10.81
CA THR A 164 7.49 14.30 -12.00
C THR A 164 6.43 15.05 -12.82
N ASN A 165 5.21 14.52 -12.88
CA ASN A 165 4.10 15.18 -13.59
C ASN A 165 3.27 16.06 -12.64
N ALA A 166 3.77 16.25 -11.42
CA ALA A 166 3.06 17.02 -10.39
C ALA A 166 2.72 18.45 -10.86
N GLU A 167 3.67 19.07 -11.56
CA GLU A 167 3.48 20.43 -12.08
C GLU A 167 2.36 20.49 -13.15
N ALA A 168 2.01 19.35 -13.72
CA ALA A 168 0.91 19.25 -14.67
C ALA A 168 -0.41 18.89 -13.97
N LEU A 169 -0.32 18.03 -12.96
CA LEU A 169 -1.48 17.61 -12.16
C LEU A 169 -2.06 18.79 -11.35
N PHE A 170 -1.19 19.47 -10.62
CA PHE A 170 -1.58 20.59 -9.76
C PHE A 170 -1.03 21.92 -10.32
N ARG A 171 -1.66 23.04 -9.95
CA ARG A 171 -1.20 24.35 -10.41
C ARG A 171 -0.84 25.27 -9.22
N PRO A 172 0.43 25.70 -9.11
CA PRO A 172 0.88 26.59 -8.02
C PRO A 172 0.40 28.04 -8.21
N GLY A 173 -0.05 28.37 -9.43
CA GLY A 173 -0.52 29.72 -9.73
C GLY A 173 0.21 30.37 -10.90
N PRO A 174 -0.50 31.14 -11.75
CA PRO A 174 0.14 31.83 -12.89
C PRO A 174 0.90 33.09 -12.46
N GLY A 175 1.30 33.92 -13.43
CA GLY A 175 1.98 35.19 -13.11
C GLY A 175 1.01 36.29 -12.73
N SER A 176 0.19 36.02 -11.71
CA SER A 176 -0.87 36.98 -11.29
C SER A 176 -1.27 36.75 -9.81
N MET A 1 -29.97 16.24 14.33
CA MET A 1 -30.19 16.59 15.76
C MET A 1 -29.97 15.36 16.66
N GLY A 2 -29.40 15.59 17.84
CA GLY A 2 -29.25 14.52 18.82
C GLY A 2 -27.79 14.10 19.05
N HIS A 3 -27.55 12.80 19.03
CA HIS A 3 -26.20 12.26 19.27
C HIS A 3 -25.30 12.39 18.04
N HIS A 4 -25.89 12.75 16.90
CA HIS A 4 -25.13 12.91 15.66
C HIS A 4 -24.44 14.29 15.62
N HIS A 5 -23.16 14.30 15.25
CA HIS A 5 -22.35 15.51 15.28
C HIS A 5 -22.65 16.45 14.09
N HIS A 6 -22.24 17.71 14.23
CA HIS A 6 -22.59 18.76 13.25
C HIS A 6 -21.49 18.97 12.19
N HIS A 7 -20.45 18.13 12.22
CA HIS A 7 -19.36 18.22 11.24
C HIS A 7 -19.87 18.13 9.79
N HIS A 8 -19.94 19.28 9.12
CA HIS A 8 -20.30 19.33 7.71
C HIS A 8 -19.07 18.99 6.85
N SER A 9 -18.49 17.82 7.12
CA SER A 9 -17.21 17.41 6.53
C SER A 9 -17.18 17.49 5.00
N HIS A 10 -18.26 17.04 4.36
CA HIS A 10 -18.34 16.96 2.90
C HIS A 10 -17.28 16.02 2.32
N MET A 11 -16.03 16.48 2.22
CA MET A 11 -14.91 15.67 1.72
C MET A 11 -15.11 15.23 0.25
N ASP A 12 -14.35 15.85 -0.64
CA ASP A 12 -14.41 15.52 -2.07
C ASP A 12 -13.71 14.17 -2.35
N LYS A 13 -13.91 13.63 -3.54
CA LYS A 13 -13.32 12.33 -3.91
C LYS A 13 -11.84 12.46 -4.30
N ARG A 14 -11.35 13.69 -4.40
CA ARG A 14 -9.95 13.94 -4.76
C ARG A 14 -9.32 15.00 -3.84
N LEU A 15 -7.99 15.00 -3.80
CA LEU A 15 -7.24 15.93 -2.94
C LEU A 15 -6.85 17.22 -3.70
N PHE A 16 -6.76 18.33 -2.98
CA PHE A 16 -6.38 19.62 -3.57
C PHE A 16 -5.21 20.25 -2.81
N LEU A 17 -4.04 20.31 -3.45
CA LEU A 17 -2.85 20.90 -2.83
C LEU A 17 -1.83 21.35 -3.90
N ASP A 18 -0.74 21.98 -3.46
CA ASP A 18 0.31 22.48 -4.36
C ASP A 18 1.16 21.33 -4.94
N PRO A 19 1.73 21.52 -6.16
CA PRO A 19 2.53 20.49 -6.83
C PRO A 19 3.82 20.12 -6.06
N ASP A 20 4.68 21.12 -5.82
CA ASP A 20 5.93 20.92 -5.07
C ASP A 20 5.66 20.27 -3.71
N THR A 21 4.56 20.69 -3.07
CA THR A 21 4.15 20.11 -1.79
C THR A 21 3.71 18.65 -1.97
N ALA A 22 2.95 18.36 -3.03
CA ALA A 22 2.48 17.00 -3.29
C ALA A 22 3.65 16.01 -3.40
N ILE A 23 4.77 16.47 -3.98
CA ILE A 23 5.99 15.66 -4.08
C ILE A 23 6.44 15.14 -2.71
N GLU A 24 6.65 16.04 -1.75
CA GLU A 24 7.06 15.63 -0.40
C GLU A 24 5.94 14.83 0.29
N ARG A 25 4.68 15.25 0.11
CA ARG A 25 3.53 14.56 0.69
C ARG A 25 3.54 13.06 0.35
N LEU A 26 3.58 12.76 -0.94
CA LEU A 26 3.57 11.37 -1.41
C LEU A 26 4.86 10.63 -0.97
N GLN A 27 5.96 11.36 -0.90
CA GLN A 27 7.23 10.81 -0.41
C GLN A 27 7.14 10.40 1.07
N ARG A 28 6.34 11.15 1.84
CA ARG A 28 6.09 10.81 3.24
C ARG A 28 5.43 9.42 3.36
N LEU A 29 4.38 9.21 2.57
CA LEU A 29 3.67 7.93 2.55
C LEU A 29 4.54 6.80 2.00
N GLN A 30 5.33 7.09 0.96
CA GLN A 30 6.28 6.12 0.40
C GLN A 30 7.23 5.60 1.49
N GLN A 31 7.93 6.52 2.16
CA GLN A 31 8.88 6.16 3.22
C GLN A 31 8.19 5.41 4.37
N ALA A 32 7.00 5.90 4.77
CA ALA A 32 6.23 5.26 5.85
C ALA A 32 5.85 3.81 5.49
N LEU A 33 5.43 3.62 4.24
CA LEU A 33 5.10 2.28 3.72
C LEU A 33 6.32 1.34 3.83
N GLU A 34 7.49 1.85 3.44
CA GLU A 34 8.74 1.09 3.54
C GLU A 34 9.09 0.77 5.00
N MET A 35 8.84 1.73 5.90
CA MET A 35 9.06 1.50 7.35
C MET A 35 8.09 0.44 7.89
N GLY A 36 6.87 0.40 7.35
CA GLY A 36 5.90 -0.62 7.71
C GLY A 36 6.34 -2.02 7.29
N VAL A 37 6.76 -2.16 6.03
CA VAL A 37 7.27 -3.44 5.51
C VAL A 37 8.52 -3.90 6.28
N SER A 38 9.32 -2.94 6.74
CA SER A 38 10.52 -3.24 7.54
C SER A 38 10.20 -4.19 8.71
N SER A 39 9.10 -3.92 9.40
CA SER A 39 8.65 -4.76 10.53
C SER A 39 8.44 -6.22 10.10
N LEU A 40 7.84 -6.42 8.94
CA LEU A 40 7.58 -7.76 8.42
C LEU A 40 8.89 -8.46 8.03
N MET A 41 9.79 -7.73 7.36
CA MET A 41 11.09 -8.27 6.94
C MET A 41 11.93 -8.75 8.14
N ALA A 42 11.83 -8.03 9.26
CA ALA A 42 12.53 -8.42 10.48
C ALA A 42 12.00 -9.73 11.07
N LEU A 43 10.72 -10.02 10.80
CA LEU A 43 10.06 -11.22 11.32
C LEU A 43 10.30 -12.47 10.45
N VAL A 44 10.44 -12.25 9.14
CA VAL A 44 10.62 -13.35 8.19
C VAL A 44 12.10 -13.64 7.90
N THR A 45 12.54 -14.86 8.19
CA THR A 45 13.93 -15.28 7.95
C THR A 45 14.07 -16.80 7.80
N THR A 46 13.23 -17.55 8.51
CA THR A 46 13.25 -19.03 8.43
C THR A 46 11.99 -19.56 7.72
N ASP A 47 12.00 -20.85 7.41
CA ASP A 47 10.83 -21.54 6.84
C ASP A 47 9.63 -21.44 7.81
N TRP A 48 8.43 -21.28 7.26
CA TRP A 48 7.20 -21.28 8.07
C TRP A 48 6.98 -22.67 8.69
N ARG A 49 7.51 -23.68 8.00
CA ARG A 49 7.54 -25.06 8.49
C ARG A 49 8.30 -25.17 9.83
N CYS A 50 9.21 -24.22 10.08
CA CYS A 50 9.99 -24.20 11.32
C CYS A 50 9.15 -23.70 12.51
N TYR A 51 8.28 -24.57 13.02
CA TYR A 51 7.39 -24.23 14.15
C TYR A 51 8.15 -23.58 15.32
N GLY A 52 9.32 -24.14 15.65
CA GLY A 52 10.11 -23.64 16.76
C GLY A 52 10.40 -22.14 16.70
N TYR A 53 10.75 -21.64 15.51
CA TYR A 53 10.98 -20.20 15.34
C TYR A 53 9.68 -19.45 15.05
N MET A 54 8.89 -19.96 14.10
CA MET A 54 7.67 -19.29 13.64
C MET A 54 6.71 -18.94 14.80
N GLU A 55 6.44 -19.91 15.66
CA GLU A 55 5.53 -19.70 16.81
C GLU A 55 5.95 -18.47 17.63
N ARG A 56 7.26 -18.24 17.74
CA ARG A 56 7.78 -17.16 18.60
C ARG A 56 7.51 -15.76 17.99
N HIS A 57 7.03 -15.73 16.75
CA HIS A 57 6.67 -14.46 16.09
C HIS A 57 5.22 -14.47 15.57
N ILE A 58 4.45 -15.53 15.91
CA ILE A 58 3.11 -15.71 15.36
C ILE A 58 2.19 -14.51 15.66
N ASN A 59 2.25 -13.98 16.88
CA ASN A 59 1.43 -12.82 17.26
C ASN A 59 2.06 -11.50 16.80
N GLU A 60 3.39 -11.46 16.75
CA GLU A 60 4.11 -10.26 16.27
C GLU A 60 3.71 -9.93 14.83
N ILE A 61 3.73 -10.96 13.98
CA ILE A 61 3.42 -10.78 12.56
C ILE A 61 1.94 -10.39 12.34
N ARG A 62 1.06 -10.79 13.26
CA ARG A 62 -0.36 -10.39 13.21
C ARG A 62 -0.50 -8.86 13.23
N THR A 63 0.33 -8.20 14.03
CA THR A 63 0.38 -6.73 14.05
C THR A 63 1.05 -6.19 12.79
N ALA A 64 2.22 -6.73 12.44
CA ALA A 64 2.96 -6.29 11.25
C ALA A 64 2.07 -6.29 9.99
N VAL A 65 1.39 -7.39 9.73
CA VAL A 65 0.45 -7.51 8.61
C VAL A 65 -0.61 -6.40 8.66
N ASP A 66 -1.19 -6.20 9.84
CA ASP A 66 -2.22 -5.18 10.05
C ASP A 66 -1.68 -3.76 9.76
N LYS A 67 -0.42 -3.51 10.14
CA LYS A 67 0.20 -2.20 9.91
C LYS A 67 0.45 -1.96 8.42
N VAL A 68 0.93 -2.99 7.70
CA VAL A 68 1.17 -2.88 6.26
C VAL A 68 -0.11 -2.45 5.52
N GLU A 69 -1.23 -3.09 5.86
CA GLU A 69 -2.54 -2.71 5.31
C GLU A 69 -2.89 -1.25 5.63
N LEU A 70 -2.52 -0.80 6.83
CA LEU A 70 -2.78 0.58 7.27
C LEU A 70 -1.99 1.60 6.42
N PHE A 71 -0.66 1.50 6.43
CA PHE A 71 0.20 2.43 5.68
C PHE A 71 -0.12 2.39 4.18
N LEU A 72 -0.34 1.19 3.64
CA LEU A 72 -0.68 1.02 2.23
C LEU A 72 -2.04 1.68 1.90
N LYS A 73 -2.99 1.56 2.82
CA LYS A 73 -4.31 2.19 2.66
C LYS A 73 -4.18 3.71 2.52
N GLU A 74 -3.35 4.31 3.37
CA GLU A 74 -3.09 5.76 3.32
C GLU A 74 -2.46 6.15 1.98
N TYR A 75 -1.54 5.32 1.49
CA TYR A 75 -0.87 5.57 0.21
C TYR A 75 -1.86 5.51 -0.97
N LEU A 76 -2.54 4.37 -1.12
CA LEU A 76 -3.50 4.19 -2.22
C LEU A 76 -4.58 5.29 -2.24
N HIS A 77 -4.98 5.75 -1.06
CA HIS A 77 -5.92 6.89 -0.95
C HIS A 77 -5.37 8.15 -1.64
N PHE A 78 -4.09 8.43 -1.42
CA PHE A 78 -3.45 9.64 -1.95
C PHE A 78 -3.36 9.60 -3.49
N VAL A 79 -2.77 8.53 -4.02
CA VAL A 79 -2.59 8.37 -5.47
C VAL A 79 -3.93 8.40 -6.23
N LYS A 80 -4.96 7.76 -5.66
CA LYS A 80 -6.31 7.79 -6.26
C LYS A 80 -6.85 9.22 -6.38
N GLY A 81 -6.65 10.02 -5.32
CA GLY A 81 -7.07 11.42 -5.35
C GLY A 81 -6.37 12.21 -6.46
N ALA A 82 -5.09 11.92 -6.67
CA ALA A 82 -4.32 12.55 -7.76
C ALA A 82 -4.86 12.16 -9.14
N VAL A 83 -5.10 10.87 -9.36
CA VAL A 83 -5.63 10.37 -10.64
C VAL A 83 -6.94 11.09 -11.03
N ALA A 84 -7.80 11.32 -10.05
CA ALA A 84 -9.06 12.03 -10.28
C ALA A 84 -8.83 13.45 -10.82
N ASN A 85 -7.74 14.09 -10.39
CA ASN A 85 -7.40 15.44 -10.86
C ASN A 85 -6.87 15.42 -12.30
N ALA A 86 -6.09 14.39 -12.64
CA ALA A 86 -5.55 14.22 -13.99
C ALA A 86 -6.64 14.18 -15.08
N ALA A 87 -7.86 13.85 -14.67
CA ALA A 87 -8.99 13.78 -15.60
C ALA A 87 -9.35 15.16 -16.20
N CYS A 88 -8.80 16.23 -15.63
CA CYS A 88 -9.06 17.59 -16.13
C CYS A 88 -7.87 18.14 -16.96
N LEU A 89 -6.91 17.29 -17.26
CA LEU A 89 -5.73 17.68 -18.04
C LEU A 89 -6.01 17.64 -19.56
N PRO A 90 -5.24 18.40 -20.37
CA PRO A 90 -5.38 18.40 -21.84
C PRO A 90 -5.14 17.01 -22.47
N GLU A 91 -4.17 16.26 -21.93
CA GLU A 91 -3.91 14.90 -22.41
C GLU A 91 -4.55 13.85 -21.49
N LEU A 92 -5.55 13.16 -22.01
CA LEU A 92 -6.13 12.00 -21.31
C LEU A 92 -5.07 10.89 -21.21
N ILE A 93 -4.04 10.99 -22.07
CA ILE A 93 -2.93 10.03 -22.11
C ILE A 93 -2.29 9.85 -20.72
N LEU A 94 -1.92 10.95 -20.07
CA LEU A 94 -1.33 10.89 -18.74
C LEU A 94 -2.31 10.27 -17.73
N HIS A 95 -3.57 10.68 -17.81
CA HIS A 95 -4.62 10.11 -16.94
C HIS A 95 -4.74 8.59 -17.16
N ASN A 96 -4.57 8.16 -18.41
CA ASN A 96 -4.62 6.73 -18.76
C ASN A 96 -3.39 5.98 -18.22
N LYS A 97 -2.22 6.60 -18.34
CA LYS A 97 -0.97 6.01 -17.82
C LYS A 97 -1.02 5.81 -16.30
N MET A 98 -1.21 6.91 -15.57
CA MET A 98 -1.16 6.86 -14.10
C MET A 98 -2.23 5.93 -13.51
N LYS A 99 -3.33 5.70 -14.24
CA LYS A 99 -4.38 4.79 -13.76
C LYS A 99 -4.03 3.32 -14.08
N ARG A 100 -3.53 3.04 -15.29
CA ARG A 100 -3.17 1.65 -15.66
C ARG A 100 -2.07 1.11 -14.75
N GLU A 101 -1.07 1.93 -14.46
CA GLU A 101 0.02 1.55 -13.55
C GLU A 101 -0.52 1.30 -12.14
N LEU A 102 -1.34 2.23 -11.65
CA LEU A 102 -1.99 2.09 -10.34
C LEU A 102 -2.83 0.81 -10.27
N GLN A 103 -3.58 0.52 -11.33
CA GLN A 103 -4.41 -0.70 -11.39
C GLN A 103 -3.53 -1.95 -11.25
N ARG A 104 -2.44 -2.03 -12.01
CA ARG A 104 -1.50 -3.14 -11.90
C ARG A 104 -0.94 -3.27 -10.47
N VAL A 105 -0.72 -2.12 -9.83
CA VAL A 105 -0.28 -2.08 -8.43
C VAL A 105 -1.40 -2.56 -7.48
N GLU A 106 -2.65 -2.23 -7.81
CA GLU A 106 -3.79 -2.67 -7.01
C GLU A 106 -4.05 -4.17 -7.16
N ASP A 107 -3.93 -4.69 -8.38
CA ASP A 107 -4.05 -6.14 -8.63
C ASP A 107 -3.00 -6.91 -7.80
N SER A 108 -1.84 -6.28 -7.61
CA SER A 108 -0.78 -6.83 -6.76
C SER A 108 -1.13 -6.73 -5.27
N HIS A 109 -1.69 -5.59 -4.85
CA HIS A 109 -1.95 -5.34 -3.43
C HIS A 109 -3.30 -5.89 -2.96
N GLN A 110 -4.23 -6.12 -3.89
CA GLN A 110 -5.56 -6.64 -3.54
C GLN A 110 -5.46 -8.00 -2.83
N ILE A 111 -4.51 -8.83 -3.26
CA ILE A 111 -4.28 -10.14 -2.65
C ILE A 111 -3.80 -10.01 -1.19
N LEU A 112 -3.17 -8.88 -0.86
CA LEU A 112 -2.78 -8.59 0.52
C LEU A 112 -4.02 -8.37 1.39
N SER A 113 -4.99 -7.65 0.84
CA SER A 113 -6.31 -7.48 1.48
C SER A 113 -7.00 -8.82 1.66
N GLN A 114 -6.86 -9.71 0.67
CA GLN A 114 -7.39 -11.07 0.77
C GLN A 114 -6.72 -11.82 1.94
N THR A 115 -5.41 -12.04 1.82
CA THR A 115 -4.64 -12.79 2.82
C THR A 115 -4.82 -12.23 4.24
N SER A 116 -4.71 -10.91 4.40
CA SER A 116 -4.86 -10.25 5.70
C SER A 116 -6.19 -10.63 6.36
N HIS A 117 -7.24 -10.84 5.57
CA HIS A 117 -8.52 -11.33 6.10
C HIS A 117 -8.54 -12.86 6.25
N ASP A 118 -8.15 -13.59 5.20
CA ASP A 118 -8.17 -15.07 5.23
C ASP A 118 -7.40 -15.64 6.44
N LEU A 119 -6.24 -15.07 6.73
CA LEU A 119 -5.43 -15.49 7.89
C LEU A 119 -6.15 -15.17 9.21
N ASN A 120 -6.98 -14.12 9.17
CA ASN A 120 -7.73 -13.68 10.36
C ASN A 120 -8.98 -14.55 10.53
N GLU A 121 -9.53 -15.00 9.42
CA GLU A 121 -10.70 -15.87 9.40
C GLU A 121 -10.37 -17.27 9.93
N CYS A 122 -9.15 -17.73 9.66
CA CYS A 122 -8.67 -19.01 10.20
C CYS A 122 -8.03 -18.83 11.59
N SER A 123 -8.16 -17.62 12.15
CA SER A 123 -7.69 -17.31 13.51
C SER A 123 -6.18 -17.55 13.67
N TRP A 124 -5.42 -17.44 12.57
CA TRP A 124 -3.97 -17.64 12.60
C TRP A 124 -3.57 -18.98 13.24
N SER A 125 -4.32 -20.03 12.90
CA SER A 125 -4.08 -21.36 13.46
C SER A 125 -2.72 -21.95 13.08
N LEU A 126 -1.90 -22.26 14.10
CA LEU A 126 -0.59 -22.88 13.88
C LEU A 126 -0.73 -24.26 13.19
N ASN A 127 -1.92 -24.85 13.31
CA ASN A 127 -2.20 -26.17 12.72
C ASN A 127 -2.21 -26.13 11.20
N ILE A 128 -2.56 -24.98 10.63
CA ILE A 128 -2.58 -24.80 9.17
C ILE A 128 -1.31 -24.12 8.67
N LEU A 129 -0.86 -23.10 9.40
CA LEU A 129 0.29 -22.28 8.98
C LEU A 129 1.64 -23.00 9.21
N ALA A 130 1.95 -23.33 10.46
CA ALA A 130 3.24 -23.95 10.80
C ALA A 130 3.21 -25.47 10.52
N ILE A 131 2.18 -26.14 11.03
CA ILE A 131 1.99 -27.57 10.76
C ILE A 131 1.30 -27.76 9.40
N ASN A 132 1.93 -27.23 8.35
CA ASN A 132 1.31 -27.14 7.02
C ASN A 132 1.00 -28.54 6.44
N LYS A 133 -0.22 -28.68 5.95
CA LYS A 133 -0.74 -29.96 5.45
C LYS A 133 -0.72 -30.02 3.91
N PRO A 134 -0.59 -31.24 3.32
CA PRO A 134 -0.71 -31.43 1.86
C PRO A 134 -2.14 -31.11 1.39
N GLN A 135 -2.46 -29.82 1.40
CA GLN A 135 -3.82 -29.33 1.23
C GLN A 135 -3.83 -27.84 0.87
N ASN A 136 -2.98 -27.08 1.56
CA ASN A 136 -2.85 -25.64 1.31
C ASN A 136 -2.19 -25.38 -0.05
N LYS A 137 -3.01 -25.37 -1.10
CA LYS A 137 -2.52 -25.16 -2.47
C LYS A 137 -1.95 -23.74 -2.67
N CYS A 138 -2.19 -22.86 -1.71
CA CYS A 138 -1.64 -21.49 -1.74
C CYS A 138 -1.34 -21.00 -0.32
N ASP A 139 -0.06 -20.86 0.00
CA ASP A 139 0.34 -20.34 1.31
C ASP A 139 0.13 -18.82 1.37
N ASP A 140 -1.09 -18.39 1.67
CA ASP A 140 -1.44 -16.97 1.74
C ASP A 140 -0.51 -16.17 2.66
N LEU A 141 -0.04 -16.79 3.73
CA LEU A 141 0.91 -16.14 4.65
C LEU A 141 2.22 -15.79 3.91
N ASP A 142 2.81 -16.78 3.24
CA ASP A 142 4.02 -16.58 2.46
C ASP A 142 3.76 -15.62 1.27
N ARG A 143 2.56 -15.73 0.70
CA ARG A 143 2.11 -14.83 -0.37
C ARG A 143 2.17 -13.36 0.07
N PHE A 144 1.61 -13.07 1.26
CA PHE A 144 1.61 -11.71 1.80
C PHE A 144 3.04 -11.15 1.88
N VAL A 145 3.97 -11.96 2.37
CA VAL A 145 5.36 -11.53 2.54
C VAL A 145 6.06 -11.23 1.20
N MET A 146 6.03 -12.19 0.27
CA MET A 146 6.70 -12.04 -1.02
C MET A 146 6.18 -10.81 -1.79
N VAL A 147 4.90 -10.49 -1.63
CA VAL A 147 4.32 -9.31 -2.25
C VAL A 147 4.59 -8.03 -1.42
N ALA A 148 4.47 -8.13 -0.10
CA ALA A 148 4.68 -6.98 0.80
C ALA A 148 6.04 -6.30 0.55
N LYS A 149 7.08 -7.09 0.33
CA LYS A 149 8.43 -6.56 0.09
C LYS A 149 8.52 -5.78 -1.23
N THR A 150 7.67 -6.12 -2.21
CA THR A 150 7.67 -5.41 -3.50
C THR A 150 6.62 -4.31 -3.54
N VAL A 151 5.74 -4.26 -2.53
CA VAL A 151 4.72 -3.21 -2.43
C VAL A 151 5.32 -1.78 -2.53
N PRO A 152 6.40 -1.48 -1.78
CA PRO A 152 7.08 -0.17 -1.88
C PRO A 152 7.66 0.08 -3.29
N ASP A 153 7.99 -0.99 -4.01
CA ASP A 153 8.50 -0.86 -5.40
C ASP A 153 7.36 -0.55 -6.37
N ASP A 154 6.30 -1.36 -6.32
CA ASP A 154 5.08 -1.10 -7.09
C ASP A 154 4.58 0.33 -6.83
N ALA A 155 4.60 0.74 -5.56
CA ALA A 155 4.28 2.11 -5.16
C ALA A 155 5.28 3.11 -5.75
N LYS A 156 6.57 2.77 -5.65
CA LYS A 156 7.66 3.62 -6.18
C LYS A 156 7.41 4.01 -7.65
N GLN A 157 6.72 3.13 -8.39
CA GLN A 157 6.37 3.42 -9.78
C GLN A 157 5.43 4.63 -9.87
N LEU A 158 4.33 4.60 -9.12
CA LEU A 158 3.35 5.69 -9.10
C LEU A 158 3.91 6.94 -8.41
N THR A 159 4.58 6.73 -7.27
CA THR A 159 5.22 7.82 -6.53
C THR A 159 6.06 8.71 -7.45
N THR A 160 6.96 8.08 -8.21
CA THR A 160 7.80 8.81 -9.17
C THR A 160 6.97 9.48 -10.26
N THR A 161 6.02 8.73 -10.84
CA THR A 161 5.15 9.24 -11.91
C THR A 161 4.41 10.52 -11.49
N ILE A 162 3.75 10.48 -10.34
CA ILE A 162 2.99 11.64 -9.85
C ILE A 162 3.91 12.82 -9.54
N ASN A 163 4.96 12.57 -8.76
CA ASN A 163 5.94 13.61 -8.40
C ASN A 163 6.51 14.35 -9.62
N THR A 164 6.90 13.61 -10.66
CA THR A 164 7.45 14.23 -11.88
C THR A 164 6.37 14.98 -12.68
N ASN A 165 5.13 14.48 -12.64
CA ASN A 165 4.02 15.13 -13.36
C ASN A 165 3.20 16.07 -12.47
N ALA A 166 3.63 16.26 -11.21
CA ALA A 166 2.95 17.17 -10.28
C ALA A 166 2.79 18.58 -10.90
N GLU A 167 3.81 19.00 -11.64
CA GLU A 167 3.77 20.27 -12.38
C GLU A 167 2.51 20.41 -13.26
N ALA A 168 2.01 19.29 -13.76
CA ALA A 168 0.81 19.26 -14.60
C ALA A 168 -0.45 18.92 -13.77
N LEU A 169 -0.29 18.05 -12.78
CA LEU A 169 -1.40 17.57 -11.96
C LEU A 169 -1.97 18.67 -11.03
N PHE A 170 -1.09 19.56 -10.56
CA PHE A 170 -1.49 20.60 -9.60
C PHE A 170 -1.05 22.00 -10.04
N ARG A 171 -1.33 23.01 -9.22
CA ARG A 171 -1.00 24.40 -9.55
C ARG A 171 -0.72 25.22 -8.26
N PRO A 172 0.45 25.90 -8.17
CA PRO A 172 0.82 26.68 -6.96
C PRO A 172 0.11 28.04 -6.87
N GLY A 173 -0.82 28.31 -7.80
CA GLY A 173 -1.56 29.56 -7.81
C GLY A 173 -0.81 30.72 -8.46
N PRO A 174 -1.39 31.93 -8.49
CA PRO A 174 -0.73 33.10 -9.08
C PRO A 174 0.31 33.74 -8.13
N GLY A 175 1.59 33.58 -8.46
CA GLY A 175 2.65 34.13 -7.61
C GLY A 175 4.05 33.85 -8.14
N SER A 176 5.03 33.85 -7.23
CA SER A 176 6.44 33.66 -7.59
C SER A 176 7.22 32.92 -6.48
N MET A 1 -37.18 7.09 0.93
CA MET A 1 -37.77 6.41 2.12
C MET A 1 -37.27 4.97 2.24
N GLY A 2 -37.67 4.28 3.31
CA GLY A 2 -37.26 2.88 3.50
C GLY A 2 -35.83 2.73 4.02
N HIS A 3 -34.86 3.24 3.26
CA HIS A 3 -33.44 3.14 3.64
C HIS A 3 -32.91 4.48 4.19
N HIS A 4 -32.15 4.43 5.29
CA HIS A 4 -31.62 5.64 5.92
C HIS A 4 -30.13 5.85 5.59
N HIS A 5 -29.85 6.70 4.61
CA HIS A 5 -28.48 7.04 4.21
C HIS A 5 -27.65 5.78 3.87
N HIS A 6 -27.71 5.34 2.61
CA HIS A 6 -26.97 4.15 2.16
C HIS A 6 -25.74 4.53 1.31
N HIS A 7 -25.71 5.78 0.84
CA HIS A 7 -24.57 6.26 0.03
C HIS A 7 -23.28 6.33 0.86
N HIS A 8 -22.54 5.23 0.91
CA HIS A 8 -21.22 5.20 1.52
C HIS A 8 -20.13 5.21 0.42
N SER A 9 -19.63 6.40 0.10
CA SER A 9 -18.66 6.57 -1.00
C SER A 9 -17.38 5.76 -0.76
N HIS A 10 -16.82 5.21 -1.85
CA HIS A 10 -15.60 4.40 -1.78
C HIS A 10 -14.41 5.12 -2.41
N MET A 11 -13.62 5.81 -1.58
CA MET A 11 -12.40 6.49 -2.05
C MET A 11 -12.74 7.57 -3.11
N ASP A 12 -13.89 8.22 -2.95
CA ASP A 12 -14.37 9.18 -3.95
C ASP A 12 -13.72 10.57 -3.80
N LYS A 13 -13.88 11.18 -2.62
CA LYS A 13 -13.37 12.53 -2.37
C LYS A 13 -11.83 12.58 -2.52
N ARG A 14 -11.37 13.19 -3.61
CA ARG A 14 -9.94 13.28 -3.89
C ARG A 14 -9.29 14.44 -3.13
N LEU A 15 -7.98 14.61 -3.32
CA LEU A 15 -7.20 15.62 -2.59
C LEU A 15 -6.97 16.89 -3.42
N PHE A 16 -6.95 18.04 -2.75
CA PHE A 16 -6.63 19.32 -3.40
C PHE A 16 -5.56 20.08 -2.61
N LEU A 17 -4.36 20.17 -3.18
CA LEU A 17 -3.22 20.80 -2.51
C LEU A 17 -2.19 21.32 -3.51
N ASP A 18 -1.13 21.95 -3.01
CA ASP A 18 -0.06 22.47 -3.86
C ASP A 18 0.71 21.32 -4.55
N PRO A 19 1.03 21.47 -5.85
CA PRO A 19 1.84 20.48 -6.59
C PRO A 19 3.17 20.18 -5.88
N ASP A 20 3.88 21.24 -5.51
CA ASP A 20 5.12 21.12 -4.74
C ASP A 20 4.91 20.32 -3.43
N THR A 21 3.87 20.69 -2.68
CA THR A 21 3.57 20.04 -1.40
C THR A 21 3.22 18.55 -1.58
N ALA A 22 2.49 18.22 -2.65
CA ALA A 22 2.12 16.83 -2.94
C ALA A 22 3.36 15.94 -3.14
N ILE A 23 4.41 16.52 -3.76
CA ILE A 23 5.67 15.81 -3.99
C ILE A 23 6.24 15.23 -2.68
N GLU A 24 6.46 16.09 -1.70
CA GLU A 24 7.01 15.65 -0.41
C GLU A 24 6.08 14.63 0.28
N ARG A 25 4.79 14.96 0.35
CA ARG A 25 3.82 14.12 1.08
C ARG A 25 3.78 12.68 0.53
N LEU A 26 3.75 12.56 -0.78
CA LEU A 26 3.76 11.24 -1.42
C LEU A 26 5.07 10.49 -1.10
N GLN A 27 6.18 11.22 -1.09
CA GLN A 27 7.48 10.66 -0.71
C GLN A 27 7.48 10.17 0.75
N ARG A 28 6.83 10.94 1.64
CA ARG A 28 6.71 10.57 3.06
C ARG A 28 5.93 9.25 3.20
N LEU A 29 4.84 9.11 2.42
CA LEU A 29 4.05 7.88 2.41
C LEU A 29 4.88 6.70 1.87
N GLN A 30 5.70 6.96 0.85
CA GLN A 30 6.62 5.96 0.30
C GLN A 30 7.53 5.38 1.41
N GLN A 31 8.21 6.27 2.13
CA GLN A 31 9.11 5.85 3.23
C GLN A 31 8.32 5.06 4.30
N ALA A 32 7.12 5.53 4.60
CA ALA A 32 6.25 4.85 5.58
C ALA A 32 5.91 3.42 5.12
N LEU A 33 5.54 3.28 3.85
CA LEU A 33 5.24 1.97 3.25
C LEU A 33 6.45 1.03 3.37
N GLU A 34 7.65 1.58 3.11
CA GLU A 34 8.89 0.81 3.25
C GLU A 34 9.11 0.34 4.70
N MET A 35 8.75 1.19 5.68
CA MET A 35 8.83 0.81 7.09
C MET A 35 7.85 -0.32 7.42
N GLY A 36 6.65 -0.26 6.83
CA GLY A 36 5.67 -1.33 7.00
C GLY A 36 6.19 -2.68 6.52
N VAL A 37 6.72 -2.71 5.29
CA VAL A 37 7.34 -3.91 4.74
C VAL A 37 8.57 -4.33 5.58
N SER A 38 9.38 -3.34 5.98
CA SER A 38 10.55 -3.57 6.82
C SER A 38 10.17 -4.28 8.13
N SER A 39 8.99 -3.96 8.64
CA SER A 39 8.44 -4.61 9.84
C SER A 39 8.23 -6.12 9.59
N LEU A 40 7.81 -6.46 8.38
CA LEU A 40 7.61 -7.87 7.99
C LEU A 40 8.95 -8.60 7.81
N MET A 41 9.89 -7.96 7.12
CA MET A 41 11.25 -8.50 6.96
C MET A 41 11.93 -8.79 8.31
N ALA A 42 11.60 -8.00 9.33
CA ALA A 42 12.14 -8.21 10.68
C ALA A 42 11.57 -9.47 11.35
N LEU A 43 10.58 -10.09 10.72
CA LEU A 43 9.92 -11.29 11.25
C LEU A 43 10.20 -12.52 10.37
N VAL A 44 10.36 -12.31 9.06
CA VAL A 44 10.58 -13.41 8.12
C VAL A 44 12.07 -13.74 7.95
N THR A 45 12.45 -14.96 8.34
CA THR A 45 13.85 -15.41 8.23
C THR A 45 13.94 -16.94 8.12
N THR A 46 12.95 -17.64 8.67
CA THR A 46 12.88 -19.12 8.57
C THR A 46 11.62 -19.54 7.82
N ASP A 47 11.48 -20.84 7.56
CA ASP A 47 10.29 -21.39 6.92
C ASP A 47 9.10 -21.41 7.90
N TRP A 48 7.88 -21.29 7.35
CA TRP A 48 6.65 -21.32 8.16
C TRP A 48 6.48 -22.68 8.85
N ARG A 49 7.06 -23.71 8.25
CA ARG A 49 7.01 -25.08 8.81
C ARG A 49 7.68 -25.14 10.20
N CYS A 50 8.52 -24.15 10.52
CA CYS A 50 9.16 -24.08 11.84
C CYS A 50 8.18 -23.57 12.91
N TYR A 51 7.39 -24.50 13.45
CA TYR A 51 6.32 -24.16 14.40
C TYR A 51 6.79 -23.26 15.57
N GLY A 52 7.71 -23.77 16.39
CA GLY A 52 8.16 -23.06 17.58
C GLY A 52 8.62 -21.63 17.31
N TYR A 53 9.45 -21.46 16.28
CA TYR A 53 9.97 -20.14 15.94
C TYR A 53 8.86 -19.22 15.39
N MET A 54 8.00 -19.78 14.54
CA MET A 54 6.90 -19.02 13.94
C MET A 54 5.94 -18.50 15.02
N GLU A 55 5.59 -19.35 15.97
CA GLU A 55 4.65 -18.97 17.04
C GLU A 55 5.18 -17.79 17.87
N ARG A 56 6.49 -17.71 18.04
CA ARG A 56 7.11 -16.59 18.77
C ARG A 56 7.12 -15.29 17.95
N HIS A 57 6.60 -15.35 16.72
CA HIS A 57 6.41 -14.15 15.90
C HIS A 57 4.95 -14.04 15.39
N ILE A 58 4.14 -15.06 15.64
CA ILE A 58 2.76 -15.11 15.08
C ILE A 58 1.91 -13.92 15.52
N ASN A 59 2.12 -13.44 16.75
CA ASN A 59 1.40 -12.28 17.26
C ASN A 59 1.92 -10.98 16.63
N GLU A 60 3.24 -10.88 16.51
CA GLU A 60 3.89 -9.69 15.93
C GLU A 60 3.56 -9.52 14.45
N ILE A 61 3.54 -10.62 13.71
CA ILE A 61 3.29 -10.58 12.25
C ILE A 61 1.87 -10.11 11.93
N ARG A 62 0.92 -10.36 12.84
CA ARG A 62 -0.45 -9.85 12.68
C ARG A 62 -0.44 -8.32 12.50
N THR A 63 0.33 -7.64 13.35
CA THR A 63 0.49 -6.18 13.26
C THR A 63 1.25 -5.80 12.00
N ALA A 64 2.41 -6.42 11.78
CA ALA A 64 3.26 -6.12 10.61
C ALA A 64 2.48 -6.21 9.28
N VAL A 65 1.76 -7.31 9.09
CA VAL A 65 0.92 -7.50 7.91
C VAL A 65 -0.12 -6.36 7.77
N ASP A 66 -0.76 -6.00 8.88
CA ASP A 66 -1.72 -4.90 8.88
C ASP A 66 -1.03 -3.56 8.53
N LYS A 67 0.18 -3.37 9.06
CA LYS A 67 0.97 -2.16 8.81
C LYS A 67 1.25 -1.96 7.31
N VAL A 68 1.67 -3.03 6.63
CA VAL A 68 1.93 -2.98 5.18
C VAL A 68 0.72 -2.40 4.44
N GLU A 69 -0.45 -2.99 4.67
CA GLU A 69 -1.70 -2.53 4.05
C GLU A 69 -2.22 -1.22 4.70
N LEU A 70 -1.74 -0.91 5.91
CA LEU A 70 -2.12 0.34 6.61
C LEU A 70 -1.43 1.56 5.99
N PHE A 71 -0.09 1.57 6.00
CA PHE A 71 0.68 2.66 5.37
C PHE A 71 0.29 2.76 3.88
N LEU A 72 -0.02 1.61 3.29
CA LEU A 72 -0.58 1.56 1.93
C LEU A 72 -2.00 2.15 1.89
N LYS A 73 -2.82 1.83 2.88
CA LYS A 73 -4.21 2.27 2.93
C LYS A 73 -4.32 3.79 2.71
N GLU A 74 -3.42 4.52 3.34
CA GLU A 74 -3.38 5.98 3.19
C GLU A 74 -2.63 6.40 1.91
N TYR A 75 -1.69 5.55 1.46
CA TYR A 75 -0.94 5.77 0.21
C TYR A 75 -1.86 5.68 -1.02
N LEU A 76 -2.57 4.54 -1.16
CA LEU A 76 -3.53 4.35 -2.26
C LEU A 76 -4.59 5.47 -2.27
N HIS A 77 -5.04 5.90 -1.10
CA HIS A 77 -5.98 7.03 -1.01
C HIS A 77 -5.38 8.31 -1.61
N PHE A 78 -4.08 8.53 -1.38
CA PHE A 78 -3.38 9.71 -1.89
C PHE A 78 -3.22 9.65 -3.42
N VAL A 79 -2.64 8.56 -3.92
CA VAL A 79 -2.40 8.39 -5.36
C VAL A 79 -3.71 8.36 -6.17
N LYS A 80 -4.73 7.66 -5.65
CA LYS A 80 -6.05 7.65 -6.28
C LYS A 80 -6.65 9.07 -6.34
N GLY A 81 -6.43 9.85 -5.29
CA GLY A 81 -6.85 11.24 -5.28
C GLY A 81 -6.22 12.04 -6.42
N ALA A 82 -4.92 11.87 -6.61
CA ALA A 82 -4.22 12.50 -7.74
C ALA A 82 -4.82 12.05 -9.08
N VAL A 83 -4.96 10.74 -9.27
CA VAL A 83 -5.55 10.17 -10.48
C VAL A 83 -6.94 10.75 -10.77
N ALA A 84 -7.73 10.94 -9.71
CA ALA A 84 -9.06 11.54 -9.83
C ALA A 84 -9.00 12.96 -10.41
N ASN A 85 -7.95 13.71 -10.06
CA ASN A 85 -7.75 15.05 -10.60
C ASN A 85 -7.15 14.97 -12.02
N ALA A 86 -6.35 13.94 -12.27
CA ALA A 86 -5.72 13.72 -13.58
C ALA A 86 -6.78 13.55 -14.69
N ALA A 87 -7.98 13.10 -14.31
CA ALA A 87 -9.09 12.97 -15.26
C ALA A 87 -9.63 14.34 -15.69
N CYS A 88 -9.39 15.35 -14.86
CA CYS A 88 -9.85 16.72 -15.13
C CYS A 88 -8.82 17.51 -15.97
N LEU A 89 -7.70 16.89 -16.29
CA LEU A 89 -6.64 17.54 -17.09
C LEU A 89 -7.07 17.77 -18.54
N PRO A 90 -6.37 18.68 -19.27
CA PRO A 90 -6.64 18.93 -20.70
C PRO A 90 -6.23 17.74 -21.61
N GLU A 91 -5.76 16.65 -20.99
CA GLU A 91 -5.42 15.43 -21.71
C GLU A 91 -5.80 14.20 -20.88
N LEU A 92 -6.08 13.09 -21.56
CA LEU A 92 -6.35 11.82 -20.88
C LEU A 92 -5.08 10.96 -20.83
N ILE A 93 -4.12 11.28 -21.71
CA ILE A 93 -2.89 10.51 -21.87
C ILE A 93 -2.19 10.25 -20.52
N LEU A 94 -1.86 11.32 -19.80
CA LEU A 94 -1.24 11.21 -18.47
C LEU A 94 -2.11 10.41 -17.50
N HIS A 95 -3.42 10.67 -17.52
CA HIS A 95 -4.37 9.96 -16.65
C HIS A 95 -4.32 8.44 -16.87
N ASN A 96 -4.20 8.03 -18.13
CA ASN A 96 -4.09 6.62 -18.48
C ASN A 96 -2.80 6.00 -17.90
N LYS A 97 -1.66 6.62 -18.20
CA LYS A 97 -0.36 6.12 -17.75
C LYS A 97 -0.32 5.86 -16.23
N MET A 98 -0.67 6.87 -15.45
CA MET A 98 -0.59 6.79 -13.99
C MET A 98 -1.57 5.74 -13.41
N LYS A 99 -2.74 5.56 -14.03
CA LYS A 99 -3.69 4.55 -13.56
C LYS A 99 -3.21 3.14 -13.92
N ARG A 100 -2.51 3.01 -15.04
CA ARG A 100 -1.93 1.72 -15.47
C ARG A 100 -0.96 1.17 -14.42
N GLU A 101 0.04 1.98 -14.07
CA GLU A 101 1.03 1.61 -13.07
C GLU A 101 0.37 1.38 -11.69
N LEU A 102 -0.57 2.25 -11.34
CA LEU A 102 -1.30 2.14 -10.07
C LEU A 102 -2.11 0.84 -9.98
N GLN A 103 -2.91 0.55 -10.99
CA GLN A 103 -3.74 -0.66 -11.02
C GLN A 103 -2.90 -1.93 -10.82
N ARG A 104 -1.71 -1.97 -11.42
CA ARG A 104 -0.79 -3.09 -11.23
C ARG A 104 -0.43 -3.27 -9.74
N VAL A 105 -0.14 -2.15 -9.07
CA VAL A 105 0.15 -2.15 -7.64
C VAL A 105 -1.07 -2.63 -6.83
N GLU A 106 -2.26 -2.21 -7.27
CA GLU A 106 -3.50 -2.65 -6.64
C GLU A 106 -3.75 -4.14 -6.86
N ASP A 107 -3.43 -4.64 -8.06
CA ASP A 107 -3.54 -6.07 -8.37
C ASP A 107 -2.69 -6.90 -7.40
N SER A 108 -1.58 -6.32 -6.94
CA SER A 108 -0.72 -6.96 -5.95
C SER A 108 -1.33 -6.94 -4.54
N HIS A 109 -1.98 -5.84 -4.18
CA HIS A 109 -2.53 -5.69 -2.81
C HIS A 109 -3.92 -6.30 -2.64
N GLN A 110 -4.71 -6.36 -3.72
CA GLN A 110 -6.04 -6.96 -3.67
C GLN A 110 -5.98 -8.39 -3.11
N ILE A 111 -4.88 -9.09 -3.38
CA ILE A 111 -4.65 -10.43 -2.79
C ILE A 111 -4.06 -10.32 -1.37
N LEU A 112 -3.21 -9.33 -1.13
CA LEU A 112 -2.56 -9.15 0.18
C LEU A 112 -3.61 -8.89 1.28
N SER A 113 -4.42 -7.85 1.10
CA SER A 113 -5.49 -7.51 2.05
C SER A 113 -6.44 -8.69 2.29
N GLN A 114 -6.75 -9.44 1.23
CA GLN A 114 -7.69 -10.57 1.32
C GLN A 114 -7.05 -11.82 1.96
N THR A 115 -5.75 -12.03 1.73
CA THR A 115 -5.02 -13.12 2.42
C THR A 115 -4.96 -12.82 3.93
N SER A 116 -4.53 -11.60 4.27
CA SER A 116 -4.54 -11.12 5.65
C SER A 116 -5.93 -11.30 6.27
N HIS A 117 -6.97 -10.93 5.52
CA HIS A 117 -8.36 -11.12 5.94
C HIS A 117 -8.66 -12.59 6.26
N ASP A 118 -8.35 -13.49 5.32
CA ASP A 118 -8.59 -14.93 5.51
C ASP A 118 -7.86 -15.46 6.75
N LEU A 119 -6.59 -15.08 6.89
CA LEU A 119 -5.78 -15.46 8.06
C LEU A 119 -6.40 -14.92 9.35
N ASN A 120 -6.96 -13.71 9.29
CA ASN A 120 -7.64 -13.10 10.43
C ASN A 120 -8.91 -13.89 10.79
N GLU A 121 -9.62 -14.39 9.77
CA GLU A 121 -10.78 -15.26 9.98
C GLU A 121 -10.33 -16.62 10.54
N CYS A 122 -9.15 -17.06 10.13
CA CYS A 122 -8.55 -18.31 10.63
C CYS A 122 -7.90 -18.10 12.02
N SER A 123 -8.01 -16.88 12.54
CA SER A 123 -7.45 -16.53 13.87
C SER A 123 -5.93 -16.77 13.94
N TRP A 124 -5.28 -16.81 12.77
CA TRP A 124 -3.83 -17.07 12.68
C TRP A 124 -3.43 -18.34 13.43
N SER A 125 -4.31 -19.34 13.41
CA SER A 125 -4.07 -20.62 14.08
C SER A 125 -2.82 -21.33 13.55
N LEU A 126 -1.83 -21.52 14.42
CA LEU A 126 -0.56 -22.18 14.05
C LEU A 126 -0.80 -23.59 13.49
N ASN A 127 -1.78 -24.28 14.06
CA ASN A 127 -2.13 -25.64 13.60
C ASN A 127 -2.52 -25.66 12.11
N ILE A 128 -2.98 -24.52 11.60
CA ILE A 128 -3.35 -24.39 10.19
C ILE A 128 -2.17 -23.88 9.34
N LEU A 129 -1.37 -23.00 9.92
CA LEU A 129 -0.27 -22.34 9.19
C LEU A 129 1.07 -23.07 9.35
N ALA A 130 1.57 -23.16 10.59
CA ALA A 130 2.87 -23.78 10.87
C ALA A 130 2.82 -25.30 10.75
N ILE A 131 1.72 -25.89 11.22
CA ILE A 131 1.51 -27.34 11.13
C ILE A 131 0.69 -27.68 9.86
N ASN A 132 0.84 -26.84 8.83
CA ASN A 132 0.10 -26.98 7.58
C ASN A 132 0.39 -28.33 6.89
N LYS A 133 -0.64 -28.91 6.28
CA LYS A 133 -0.54 -30.24 5.65
C LYS A 133 0.01 -30.13 4.21
N PRO A 134 0.80 -31.14 3.77
CA PRO A 134 1.28 -31.22 2.38
C PRO A 134 0.12 -31.25 1.37
N GLN A 135 -1.07 -31.63 1.85
CA GLN A 135 -2.29 -31.62 1.04
C GLN A 135 -2.65 -30.19 0.58
N ASN A 136 -2.27 -29.20 1.37
CA ASN A 136 -2.64 -27.80 1.11
C ASN A 136 -1.97 -27.24 -0.16
N LYS A 137 -2.71 -26.43 -0.91
CA LYS A 137 -2.17 -25.72 -2.07
C LYS A 137 -2.32 -24.20 -1.88
N CYS A 138 -3.07 -23.81 -0.85
CA CYS A 138 -3.27 -22.38 -0.53
C CYS A 138 -2.02 -21.77 0.12
N ASP A 139 -1.20 -21.11 -0.70
CA ASP A 139 0.04 -20.47 -0.23
C ASP A 139 -0.18 -19.05 0.29
N ASP A 140 -1.46 -18.68 0.52
CA ASP A 140 -1.85 -17.31 0.85
C ASP A 140 -0.93 -16.62 1.88
N LEU A 141 -0.56 -17.32 2.95
CA LEU A 141 0.35 -16.76 3.95
C LEU A 141 1.72 -16.39 3.34
N ASP A 142 2.37 -17.38 2.72
CA ASP A 142 3.68 -17.19 2.09
C ASP A 142 3.60 -16.21 0.91
N ARG A 143 2.44 -16.18 0.26
CA ARG A 143 2.20 -15.32 -0.89
C ARG A 143 2.27 -13.84 -0.49
N PHE A 144 1.78 -13.51 0.70
CA PHE A 144 1.81 -12.14 1.20
C PHE A 144 3.25 -11.59 1.24
N VAL A 145 4.16 -12.37 1.80
CA VAL A 145 5.55 -11.94 1.98
C VAL A 145 6.27 -11.70 0.64
N MET A 146 6.23 -12.69 -0.25
CA MET A 146 6.90 -12.59 -1.56
C MET A 146 6.44 -11.35 -2.35
N VAL A 147 5.15 -11.02 -2.25
CA VAL A 147 4.60 -9.86 -2.95
C VAL A 147 4.90 -8.55 -2.18
N ALA A 148 4.70 -8.57 -0.86
CA ALA A 148 4.90 -7.38 -0.02
C ALA A 148 6.32 -6.82 -0.15
N LYS A 149 7.32 -7.69 -0.23
CA LYS A 149 8.73 -7.28 -0.26
C LYS A 149 9.11 -6.57 -1.58
N THR A 150 8.29 -6.70 -2.62
CA THR A 150 8.52 -5.96 -3.88
C THR A 150 7.56 -4.77 -4.03
N VAL A 151 6.57 -4.68 -3.14
CA VAL A 151 5.59 -3.58 -3.14
C VAL A 151 6.25 -2.19 -3.15
N PRO A 152 7.24 -1.90 -2.27
CA PRO A 152 7.91 -0.58 -2.23
C PRO A 152 8.44 -0.15 -3.61
N ASP A 153 8.89 -1.12 -4.40
CA ASP A 153 9.41 -0.84 -5.75
C ASP A 153 8.28 -0.52 -6.75
N ASP A 154 7.25 -1.38 -6.77
CA ASP A 154 6.10 -1.16 -7.65
C ASP A 154 5.37 0.15 -7.33
N ALA A 155 5.29 0.50 -6.05
CA ALA A 155 4.67 1.75 -5.62
C ALA A 155 5.59 2.95 -5.93
N LYS A 156 6.90 2.76 -5.77
CA LYS A 156 7.89 3.80 -6.04
C LYS A 156 7.77 4.34 -7.47
N GLN A 157 7.16 3.56 -8.36
CA GLN A 157 6.88 4.01 -9.73
C GLN A 157 5.89 5.19 -9.73
N LEU A 158 4.77 5.01 -9.03
CA LEU A 158 3.74 6.06 -8.91
C LEU A 158 4.29 7.26 -8.14
N THR A 159 5.03 6.97 -7.07
CA THR A 159 5.65 8.01 -6.24
C THR A 159 6.53 8.95 -7.09
N THR A 160 7.11 8.42 -8.16
CA THR A 160 7.91 9.24 -9.09
C THR A 160 7.02 9.91 -10.15
N THR A 161 6.18 9.12 -10.83
CA THR A 161 5.29 9.62 -11.89
C THR A 161 4.45 10.83 -11.45
N ILE A 162 3.74 10.67 -10.33
CA ILE A 162 2.88 11.74 -9.81
C ILE A 162 3.70 13.00 -9.47
N ASN A 163 4.83 12.81 -8.77
CA ASN A 163 5.70 13.92 -8.37
C ASN A 163 6.22 14.72 -9.58
N THR A 164 6.77 14.02 -10.59
CA THR A 164 7.31 14.72 -11.77
C THR A 164 6.21 15.39 -12.61
N ASN A 165 4.98 14.89 -12.51
CA ASN A 165 3.83 15.49 -13.22
C ASN A 165 2.92 16.29 -12.26
N ALA A 166 3.35 16.48 -11.02
CA ALA A 166 2.54 17.16 -10.00
C ALA A 166 2.13 18.58 -10.43
N GLU A 167 3.07 19.30 -11.04
CA GLU A 167 2.82 20.66 -11.55
C GLU A 167 1.73 20.70 -12.62
N ALA A 168 1.48 19.55 -13.25
CA ALA A 168 0.41 19.43 -14.25
C ALA A 168 -0.91 18.96 -13.60
N LEU A 169 -0.79 18.04 -12.65
CA LEU A 169 -1.95 17.51 -11.91
C LEU A 169 -2.62 18.62 -11.09
N PHE A 170 -1.82 19.30 -10.25
CA PHE A 170 -2.33 20.35 -9.36
C PHE A 170 -1.92 21.73 -9.88
N ARG A 171 -2.37 22.79 -9.20
CA ARG A 171 -2.07 24.15 -9.64
C ARG A 171 -1.83 25.09 -8.44
N PRO A 172 -0.69 25.80 -8.40
CA PRO A 172 -0.35 26.70 -7.29
C PRO A 172 -1.25 27.94 -7.22
N GLY A 173 -2.03 28.17 -8.28
CA GLY A 173 -2.95 29.31 -8.31
C GLY A 173 -3.08 29.93 -9.70
N PRO A 174 -3.87 31.00 -9.84
CA PRO A 174 -4.04 31.71 -11.11
C PRO A 174 -2.99 32.82 -11.32
N GLY A 175 -1.93 32.80 -10.51
CA GLY A 175 -0.92 33.85 -10.56
C GLY A 175 -1.33 35.14 -9.88
N SER A 176 -1.98 35.01 -8.71
CA SER A 176 -2.49 36.19 -7.98
C SER A 176 -2.23 36.05 -6.46
N MET A 1 -32.88 27.98 2.16
CA MET A 1 -32.72 27.25 3.44
C MET A 1 -31.25 26.93 3.74
N GLY A 2 -30.62 27.75 4.57
CA GLY A 2 -29.23 27.55 4.94
C GLY A 2 -29.02 26.42 5.95
N HIS A 3 -29.97 26.28 6.89
CA HIS A 3 -29.89 25.23 7.92
C HIS A 3 -29.71 23.84 7.29
N HIS A 4 -30.64 23.45 6.43
CA HIS A 4 -30.53 22.19 5.69
C HIS A 4 -29.67 22.39 4.43
N HIS A 5 -28.46 21.84 4.44
CA HIS A 5 -27.51 22.08 3.33
C HIS A 5 -26.64 20.83 3.05
N HIS A 6 -25.64 21.00 2.16
CA HIS A 6 -24.76 19.89 1.74
C HIS A 6 -23.97 19.26 2.92
N HIS A 7 -23.21 18.21 2.61
CA HIS A 7 -22.31 17.57 3.58
C HIS A 7 -21.00 17.16 2.89
N HIS A 8 -19.91 17.87 3.17
CA HIS A 8 -18.60 17.53 2.60
C HIS A 8 -18.00 16.29 3.28
N SER A 9 -17.74 15.24 2.49
CA SER A 9 -17.19 13.99 3.01
C SER A 9 -15.72 14.14 3.47
N HIS A 10 -15.23 13.16 4.21
CA HIS A 10 -13.84 13.17 4.70
C HIS A 10 -13.05 11.96 4.18
N MET A 11 -13.73 10.83 4.02
CA MET A 11 -13.10 9.60 3.48
C MET A 11 -13.39 9.48 1.96
N ASP A 12 -13.51 10.63 1.30
CA ASP A 12 -13.88 10.68 -0.12
C ASP A 12 -12.66 10.52 -1.05
N LYS A 13 -12.71 11.11 -2.24
CA LYS A 13 -11.73 10.84 -3.31
C LYS A 13 -10.76 12.00 -3.57
N ARG A 14 -11.29 13.18 -3.93
CA ARG A 14 -10.45 14.26 -4.46
C ARG A 14 -9.70 15.05 -3.37
N LEU A 15 -8.52 15.56 -3.74
CA LEU A 15 -7.70 16.38 -2.84
C LEU A 15 -7.32 17.73 -3.48
N PHE A 16 -7.08 18.74 -2.65
CA PHE A 16 -6.74 20.10 -3.12
C PHE A 16 -5.40 20.58 -2.52
N LEU A 17 -4.38 20.72 -3.36
CA LEU A 17 -3.06 21.22 -2.90
C LEU A 17 -2.14 21.63 -4.07
N ASP A 18 -1.02 22.26 -3.74
CA ASP A 18 -0.04 22.71 -4.74
C ASP A 18 0.84 21.55 -5.25
N PRO A 19 1.35 21.66 -6.51
CA PRO A 19 2.21 20.61 -7.12
C PRO A 19 3.47 20.32 -6.29
N ASP A 20 4.31 21.35 -6.09
CA ASP A 20 5.55 21.21 -5.31
C ASP A 20 5.30 20.61 -3.92
N THR A 21 4.25 21.09 -3.25
CA THR A 21 3.89 20.59 -1.91
C THR A 21 3.47 19.11 -1.95
N ALA A 22 2.73 18.73 -2.99
CA ALA A 22 2.28 17.35 -3.14
C ALA A 22 3.45 16.36 -3.18
N ILE A 23 4.58 16.81 -3.72
CA ILE A 23 5.80 16.00 -3.80
C ILE A 23 6.23 15.49 -2.42
N GLU A 24 6.46 16.40 -1.47
CA GLU A 24 6.87 16.00 -0.12
C GLU A 24 5.78 15.14 0.55
N ARG A 25 4.52 15.50 0.32
CA ARG A 25 3.39 14.75 0.87
C ARG A 25 3.47 13.27 0.49
N LEU A 26 3.64 13.01 -0.81
CA LEU A 26 3.77 11.66 -1.33
C LEU A 26 5.06 10.99 -0.81
N GLN A 27 6.13 11.78 -0.70
CA GLN A 27 7.41 11.27 -0.17
C GLN A 27 7.25 10.72 1.25
N ARG A 28 6.46 11.42 2.07
CA ARG A 28 6.16 10.98 3.44
C ARG A 28 5.44 9.63 3.44
N LEU A 29 4.35 9.55 2.69
CA LEU A 29 3.54 8.33 2.61
C LEU A 29 4.32 7.14 2.03
N GLN A 30 5.13 7.39 1.01
CA GLN A 30 5.99 6.35 0.42
C GLN A 30 6.94 5.75 1.47
N GLN A 31 7.69 6.62 2.18
CA GLN A 31 8.60 6.15 3.22
C GLN A 31 7.83 5.40 4.32
N ALA A 32 6.64 5.88 4.67
CA ALA A 32 5.79 5.23 5.66
C ALA A 32 5.39 3.81 5.19
N LEU A 33 5.04 3.69 3.91
CA LEU A 33 4.71 2.39 3.33
C LEU A 33 5.92 1.44 3.39
N GLU A 34 7.10 1.96 3.03
CA GLU A 34 8.34 1.19 3.10
C GLU A 34 8.61 0.70 4.54
N MET A 35 8.37 1.56 5.53
CA MET A 35 8.53 1.19 6.94
C MET A 35 7.54 0.07 7.35
N GLY A 36 6.27 0.26 7.01
CA GLY A 36 5.25 -0.73 7.35
C GLY A 36 5.53 -2.11 6.77
N VAL A 37 5.93 -2.15 5.51
CA VAL A 37 6.33 -3.41 4.86
C VAL A 37 7.63 -3.95 5.49
N SER A 38 8.57 -3.05 5.80
CA SER A 38 9.83 -3.44 6.45
C SER A 38 9.56 -4.19 7.76
N SER A 39 8.50 -3.78 8.47
CA SER A 39 8.06 -4.47 9.69
C SER A 39 7.77 -5.95 9.43
N LEU A 40 7.18 -6.25 8.27
CA LEU A 40 6.89 -7.63 7.88
C LEU A 40 8.18 -8.38 7.50
N MET A 41 9.03 -7.75 6.69
CA MET A 41 10.32 -8.32 6.29
C MET A 41 11.19 -8.72 7.51
N ALA A 42 11.07 -7.97 8.60
CA ALA A 42 11.81 -8.26 9.84
C ALA A 42 11.22 -9.46 10.58
N LEU A 43 10.00 -9.86 10.23
CA LEU A 43 9.31 -10.99 10.88
C LEU A 43 9.28 -12.25 10.00
N VAL A 44 9.62 -12.10 8.72
CA VAL A 44 9.71 -13.25 7.81
C VAL A 44 10.97 -14.09 8.09
N THR A 45 10.83 -15.10 8.95
CA THR A 45 11.97 -15.96 9.32
C THR A 45 12.24 -17.06 8.29
N THR A 46 12.64 -16.64 7.09
CA THR A 46 13.03 -17.53 6.00
C THR A 46 11.96 -18.59 5.65
N ASP A 47 12.00 -19.74 6.33
CA ASP A 47 11.14 -20.88 5.96
C ASP A 47 9.89 -21.00 6.86
N TRP A 48 8.74 -21.23 6.24
CA TRP A 48 7.50 -21.51 6.97
C TRP A 48 7.44 -23.00 7.32
N ARG A 49 8.11 -23.38 8.40
CA ARG A 49 8.22 -24.79 8.81
C ARG A 49 8.91 -24.89 10.17
N CYS A 50 9.82 -23.95 10.45
CA CYS A 50 10.50 -23.87 11.75
C CYS A 50 9.51 -23.51 12.86
N TYR A 51 8.70 -24.48 13.27
CA TYR A 51 7.62 -24.28 14.24
C TYR A 51 8.07 -23.53 15.50
N GLY A 52 9.16 -24.02 16.10
CA GLY A 52 9.63 -23.45 17.37
C GLY A 52 9.85 -21.95 17.32
N TYR A 53 10.73 -21.50 16.43
CA TYR A 53 11.05 -20.07 16.34
C TYR A 53 9.91 -19.29 15.66
N MET A 54 9.17 -19.95 14.77
CA MET A 54 8.03 -19.32 14.09
C MET A 54 6.95 -18.90 15.10
N GLU A 55 6.59 -19.81 16.00
CA GLU A 55 5.57 -19.53 17.03
C GLU A 55 5.98 -18.32 17.90
N ARG A 56 7.28 -18.22 18.20
CA ARG A 56 7.81 -17.11 19.02
C ARG A 56 7.35 -15.74 18.49
N HIS A 57 7.20 -15.63 17.16
CA HIS A 57 6.85 -14.35 16.52
C HIS A 57 5.52 -14.44 15.74
N ILE A 58 4.73 -15.48 15.99
CA ILE A 58 3.46 -15.68 15.26
C ILE A 58 2.42 -14.58 15.60
N ASN A 59 2.55 -13.98 16.78
CA ASN A 59 1.63 -12.91 17.22
C ASN A 59 2.03 -11.56 16.60
N GLU A 60 3.33 -11.25 16.67
CA GLU A 60 3.85 -9.97 16.18
C GLU A 60 3.57 -9.77 14.69
N ILE A 61 3.68 -10.83 13.90
CA ILE A 61 3.42 -10.76 12.45
C ILE A 61 1.96 -10.39 12.14
N ARG A 62 1.04 -10.78 13.03
CA ARG A 62 -0.38 -10.43 12.90
C ARG A 62 -0.58 -8.91 12.95
N THR A 63 0.37 -8.20 13.55
CA THR A 63 0.35 -6.73 13.62
C THR A 63 0.97 -6.11 12.35
N ALA A 64 2.14 -6.61 11.96
CA ALA A 64 2.84 -6.11 10.76
C ALA A 64 1.98 -6.27 9.50
N VAL A 65 1.34 -7.44 9.36
CA VAL A 65 0.40 -7.69 8.26
C VAL A 65 -0.68 -6.61 8.16
N ASP A 66 -1.19 -6.18 9.32
CA ASP A 66 -2.16 -5.09 9.38
C ASP A 66 -1.52 -3.75 8.95
N LYS A 67 -0.28 -3.52 9.37
CA LYS A 67 0.45 -2.28 9.03
C LYS A 67 0.69 -2.14 7.51
N VAL A 68 0.97 -3.27 6.84
CA VAL A 68 1.13 -3.26 5.38
C VAL A 68 -0.13 -2.66 4.71
N GLU A 69 -1.29 -3.19 5.08
CA GLU A 69 -2.57 -2.66 4.59
C GLU A 69 -2.87 -1.26 5.12
N LEU A 70 -2.39 -0.97 6.33
CA LEU A 70 -2.57 0.35 6.97
C LEU A 70 -1.94 1.48 6.14
N PHE A 71 -0.62 1.42 5.95
CA PHE A 71 0.10 2.45 5.20
C PHE A 71 -0.29 2.43 3.71
N LEU A 72 -0.56 1.25 3.18
CA LEU A 72 -1.03 1.12 1.79
C LEU A 72 -2.41 1.78 1.62
N LYS A 73 -3.26 1.64 2.64
CA LYS A 73 -4.59 2.30 2.64
C LYS A 73 -4.44 3.82 2.48
N GLU A 74 -3.61 4.41 3.34
CA GLU A 74 -3.37 5.86 3.30
C GLU A 74 -2.69 6.28 1.98
N TYR A 75 -1.73 5.47 1.54
CA TYR A 75 -0.98 5.72 0.31
C TYR A 75 -1.90 5.77 -0.92
N LEU A 76 -2.75 4.75 -1.06
CA LEU A 76 -3.69 4.65 -2.19
C LEU A 76 -4.65 5.85 -2.23
N HIS A 77 -5.22 6.22 -1.09
CA HIS A 77 -6.16 7.34 -1.02
C HIS A 77 -5.54 8.64 -1.57
N PHE A 78 -4.25 8.83 -1.33
CA PHE A 78 -3.55 10.05 -1.78
C PHE A 78 -3.26 10.00 -3.29
N VAL A 79 -2.62 8.90 -3.73
CA VAL A 79 -2.25 8.76 -5.14
C VAL A 79 -3.50 8.76 -6.06
N LYS A 80 -4.57 8.12 -5.62
CA LYS A 80 -5.83 8.11 -6.39
C LYS A 80 -6.46 9.50 -6.43
N GLY A 81 -6.36 10.24 -5.33
CA GLY A 81 -6.79 11.64 -5.32
C GLY A 81 -6.06 12.48 -6.36
N ALA A 82 -4.76 12.22 -6.51
CA ALA A 82 -3.96 12.83 -7.57
C ALA A 82 -4.47 12.40 -8.96
N VAL A 83 -4.68 11.09 -9.14
CA VAL A 83 -5.24 10.56 -10.39
C VAL A 83 -6.59 11.21 -10.74
N ALA A 84 -7.38 11.51 -9.71
CA ALA A 84 -8.64 12.23 -9.90
C ALA A 84 -8.42 13.62 -10.51
N ASN A 85 -7.35 14.30 -10.10
CA ASN A 85 -6.96 15.60 -10.68
C ASN A 85 -6.41 15.42 -12.11
N ALA A 86 -5.75 14.30 -12.35
CA ALA A 86 -5.23 13.96 -13.68
C ALA A 86 -6.36 13.84 -14.72
N ALA A 87 -7.58 13.62 -14.25
CA ALA A 87 -8.76 13.56 -15.13
C ALA A 87 -9.12 14.95 -15.70
N CYS A 88 -8.47 16.00 -15.19
CA CYS A 88 -8.71 17.38 -15.65
C CYS A 88 -7.57 17.89 -16.54
N LEU A 89 -6.68 16.99 -16.96
CA LEU A 89 -5.56 17.37 -17.85
C LEU A 89 -6.04 17.64 -19.29
N PRO A 90 -5.35 18.55 -20.00
CA PRO A 90 -5.67 18.86 -21.41
C PRO A 90 -5.71 17.60 -22.29
N GLU A 91 -4.78 16.68 -22.05
CA GLU A 91 -4.80 15.35 -22.68
C GLU A 91 -4.88 14.25 -21.61
N LEU A 92 -5.65 13.21 -21.89
CA LEU A 92 -5.96 12.15 -20.90
C LEU A 92 -4.84 11.09 -20.85
N ILE A 93 -3.87 11.20 -21.75
CA ILE A 93 -2.78 10.21 -21.88
C ILE A 93 -2.10 9.88 -20.55
N LEU A 94 -1.61 10.90 -19.84
CA LEU A 94 -0.93 10.69 -18.56
C LEU A 94 -1.84 9.99 -17.54
N HIS A 95 -3.12 10.39 -17.52
CA HIS A 95 -4.09 9.78 -16.60
C HIS A 95 -4.19 8.26 -16.81
N ASN A 96 -4.18 7.83 -18.08
CA ASN A 96 -4.22 6.41 -18.41
C ASN A 96 -2.93 5.69 -17.97
N LYS A 97 -1.78 6.36 -18.17
CA LYS A 97 -0.49 5.76 -17.82
C LYS A 97 -0.29 5.66 -16.29
N MET A 98 -0.55 6.74 -15.58
CA MET A 98 -0.35 6.76 -14.12
C MET A 98 -1.28 5.75 -13.40
N LYS A 99 -2.42 5.42 -14.01
CA LYS A 99 -3.35 4.47 -13.39
C LYS A 99 -2.98 3.00 -13.70
N ARG A 100 -2.56 2.71 -14.94
CA ARG A 100 -2.21 1.34 -15.34
C ARG A 100 -1.07 0.78 -14.48
N GLU A 101 -0.06 1.60 -14.22
CA GLU A 101 1.06 1.20 -13.34
C GLU A 101 0.61 1.15 -11.87
N LEU A 102 -0.32 2.04 -11.51
CA LEU A 102 -0.92 2.02 -10.17
C LEU A 102 -1.78 0.75 -9.96
N GLN A 103 -2.38 0.27 -11.05
CA GLN A 103 -3.23 -0.94 -10.99
C GLN A 103 -2.47 -2.11 -10.35
N ARG A 104 -1.19 -2.26 -10.69
CA ARG A 104 -0.37 -3.34 -10.13
C ARG A 104 -0.32 -3.26 -8.59
N VAL A 105 -0.35 -2.04 -8.06
CA VAL A 105 -0.38 -1.83 -6.60
C VAL A 105 -1.78 -2.13 -6.03
N GLU A 106 -2.82 -1.78 -6.78
CA GLU A 106 -4.21 -2.02 -6.37
C GLU A 106 -4.56 -3.52 -6.40
N ASP A 107 -4.21 -4.19 -7.51
CA ASP A 107 -4.39 -5.65 -7.64
C ASP A 107 -3.65 -6.38 -6.50
N SER A 108 -2.55 -5.80 -6.04
CA SER A 108 -1.86 -6.30 -4.84
C SER A 108 -2.74 -6.12 -3.60
N HIS A 109 -3.18 -4.89 -3.35
CA HIS A 109 -3.99 -4.57 -2.17
C HIS A 109 -5.25 -5.45 -2.06
N GLN A 110 -5.88 -5.75 -3.19
CA GLN A 110 -7.12 -6.55 -3.19
C GLN A 110 -6.86 -7.98 -2.68
N ILE A 111 -5.73 -8.59 -3.08
CA ILE A 111 -5.40 -9.95 -2.66
C ILE A 111 -4.72 -9.97 -1.28
N LEU A 112 -4.02 -8.88 -0.94
CA LEU A 112 -3.45 -8.71 0.40
C LEU A 112 -4.56 -8.71 1.46
N SER A 113 -5.57 -7.86 1.25
CA SER A 113 -6.73 -7.80 2.15
C SER A 113 -7.37 -9.18 2.35
N GLN A 114 -7.57 -9.91 1.25
CA GLN A 114 -8.15 -11.25 1.32
C GLN A 114 -7.32 -12.18 2.23
N THR A 115 -6.08 -12.46 1.81
CA THR A 115 -5.19 -13.37 2.55
C THR A 115 -5.02 -12.93 4.01
N SER A 116 -4.80 -11.62 4.22
CA SER A 116 -4.69 -11.06 5.58
C SER A 116 -5.85 -11.49 6.47
N HIS A 117 -7.08 -11.31 5.96
CA HIS A 117 -8.28 -11.68 6.71
C HIS A 117 -8.46 -13.20 6.80
N ASP A 118 -8.19 -13.92 5.71
CA ASP A 118 -8.32 -15.39 5.70
C ASP A 118 -7.43 -16.03 6.79
N LEU A 119 -6.20 -15.52 6.93
CA LEU A 119 -5.30 -15.98 7.98
C LEU A 119 -5.83 -15.59 9.38
N ASN A 120 -6.43 -14.40 9.46
CA ASN A 120 -7.05 -13.94 10.70
C ASN A 120 -8.24 -14.84 11.10
N GLU A 121 -9.02 -15.27 10.11
CA GLU A 121 -10.19 -16.13 10.34
C GLU A 121 -9.78 -17.52 10.84
N CYS A 122 -8.59 -17.97 10.42
CA CYS A 122 -8.03 -19.24 10.93
C CYS A 122 -7.15 -18.98 12.17
N SER A 123 -7.19 -17.75 12.68
CA SER A 123 -6.49 -17.35 13.90
C SER A 123 -4.97 -17.58 13.83
N TRP A 124 -4.42 -17.67 12.61
CA TRP A 124 -2.99 -17.92 12.41
C TRP A 124 -2.53 -19.21 13.14
N SER A 125 -3.43 -20.19 13.21
CA SER A 125 -3.15 -21.47 13.88
C SER A 125 -1.87 -22.14 13.33
N LEU A 126 -0.88 -22.33 14.20
CA LEU A 126 0.39 -22.97 13.82
C LEU A 126 0.16 -24.37 13.21
N ASN A 127 -0.93 -25.01 13.62
CA ASN A 127 -1.32 -26.33 13.10
C ASN A 127 -1.46 -26.32 11.56
N ILE A 128 -1.86 -25.18 11.01
CA ILE A 128 -2.02 -25.04 9.55
C ILE A 128 -0.79 -24.38 8.90
N LEU A 129 -0.24 -23.36 9.56
CA LEU A 129 0.87 -22.57 9.00
C LEU A 129 2.22 -23.30 9.13
N ALA A 130 2.65 -23.57 10.36
CA ALA A 130 3.98 -24.16 10.60
C ALA A 130 4.02 -25.65 10.22
N ILE A 131 3.05 -26.42 10.70
CA ILE A 131 2.96 -27.85 10.37
C ILE A 131 1.92 -28.07 9.28
N ASN A 132 2.29 -27.80 8.04
CA ASN A 132 1.34 -27.80 6.92
C ASN A 132 1.32 -29.15 6.15
N LYS A 133 0.12 -29.70 5.99
CA LYS A 133 -0.11 -30.86 5.12
C LYS A 133 -0.34 -30.41 3.67
N PRO A 134 0.56 -30.81 2.74
CA PRO A 134 0.52 -30.32 1.33
C PRO A 134 -0.73 -30.77 0.53
N GLN A 135 -1.85 -30.08 0.76
CA GLN A 135 -3.07 -30.27 -0.03
C GLN A 135 -3.04 -29.37 -1.27
N ASN A 136 -4.17 -29.26 -1.97
CA ASN A 136 -4.27 -28.32 -3.09
C ASN A 136 -4.28 -26.88 -2.57
N LYS A 137 -3.10 -26.36 -2.26
CA LYS A 137 -2.94 -25.02 -1.68
C LYS A 137 -1.80 -24.25 -2.35
N CYS A 138 -2.01 -22.95 -2.55
CA CYS A 138 -0.98 -22.06 -3.10
C CYS A 138 -0.19 -21.37 -1.97
N ASP A 139 -0.33 -21.88 -0.74
CA ASP A 139 0.32 -21.31 0.45
C ASP A 139 0.07 -19.79 0.56
N ASP A 140 -1.11 -19.43 1.04
CA ASP A 140 -1.54 -18.03 1.14
C ASP A 140 -0.57 -17.18 1.99
N LEU A 141 0.07 -17.81 2.96
CA LEU A 141 1.06 -17.14 3.81
C LEU A 141 2.18 -16.53 2.95
N ASP A 142 2.69 -17.29 1.98
CA ASP A 142 3.66 -16.77 1.02
C ASP A 142 3.04 -15.73 0.09
N ARG A 143 1.80 -16.00 -0.36
CA ARG A 143 1.11 -15.10 -1.29
C ARG A 143 1.09 -13.66 -0.77
N PHE A 144 0.76 -13.49 0.51
CA PHE A 144 0.74 -12.16 1.12
C PHE A 144 2.14 -11.54 1.18
N VAL A 145 3.13 -12.31 1.66
CA VAL A 145 4.49 -11.79 1.84
C VAL A 145 5.13 -11.35 0.51
N MET A 146 5.16 -12.25 -0.48
CA MET A 146 5.78 -11.95 -1.78
C MET A 146 5.18 -10.70 -2.43
N VAL A 147 3.87 -10.53 -2.31
CA VAL A 147 3.17 -9.37 -2.87
C VAL A 147 3.37 -8.13 -1.99
N ALA A 148 3.26 -8.29 -0.68
CA ALA A 148 3.41 -7.16 0.26
C ALA A 148 4.74 -6.43 0.09
N LYS A 149 5.81 -7.17 -0.20
CA LYS A 149 7.14 -6.58 -0.35
C LYS A 149 7.35 -5.94 -1.73
N THR A 150 6.59 -6.36 -2.74
CA THR A 150 6.69 -5.74 -4.08
C THR A 150 5.83 -4.47 -4.16
N VAL A 151 4.83 -4.36 -3.29
CA VAL A 151 3.96 -3.17 -3.23
C VAL A 151 4.78 -1.86 -3.13
N PRO A 152 5.69 -1.72 -2.14
CA PRO A 152 6.55 -0.53 -2.02
C PRO A 152 7.51 -0.37 -3.22
N ASP A 153 7.91 -1.51 -3.80
CA ASP A 153 8.83 -1.51 -4.95
C ASP A 153 8.18 -0.82 -6.16
N ASP A 154 6.98 -1.27 -6.52
CA ASP A 154 6.20 -0.62 -7.59
C ASP A 154 5.70 0.77 -7.15
N ALA A 155 5.42 0.92 -5.85
CA ALA A 155 5.00 2.21 -5.30
C ALA A 155 6.05 3.30 -5.55
N LYS A 156 7.34 2.95 -5.43
CA LYS A 156 8.42 3.90 -5.71
C LYS A 156 8.39 4.37 -7.18
N GLN A 157 7.87 3.52 -8.06
CA GLN A 157 7.70 3.90 -9.47
C GLN A 157 6.62 4.99 -9.58
N LEU A 158 5.47 4.72 -8.97
CA LEU A 158 4.37 5.70 -8.89
C LEU A 158 4.81 6.99 -8.20
N THR A 159 5.61 6.84 -7.16
CA THR A 159 6.14 7.99 -6.42
C THR A 159 6.90 8.94 -7.34
N THR A 160 7.86 8.40 -8.09
CA THR A 160 8.64 9.21 -9.03
C THR A 160 7.75 9.79 -10.13
N THR A 161 6.90 8.95 -10.72
CA THR A 161 5.96 9.39 -11.77
C THR A 161 5.13 10.61 -11.34
N ILE A 162 4.42 10.48 -10.22
CA ILE A 162 3.58 11.56 -9.71
C ILE A 162 4.40 12.81 -9.35
N ASN A 163 5.52 12.61 -8.64
CA ASN A 163 6.38 13.71 -8.22
C ASN A 163 6.92 14.54 -9.40
N THR A 164 7.29 13.88 -10.49
CA THR A 164 7.82 14.60 -11.67
C THR A 164 6.69 15.16 -12.55
N ASN A 165 5.51 14.56 -12.48
CA ASN A 165 4.36 15.05 -13.25
C ASN A 165 3.43 15.91 -12.38
N ALA A 166 3.80 16.11 -11.11
CA ALA A 166 3.01 16.94 -10.18
C ALA A 166 2.75 18.33 -10.75
N GLU A 167 3.75 18.88 -11.43
CA GLU A 167 3.64 20.20 -12.09
C GLU A 167 2.58 20.19 -13.20
N ALA A 168 2.30 19.02 -13.77
CA ALA A 168 1.26 18.87 -14.79
C ALA A 168 -0.09 18.55 -14.15
N LEU A 169 -0.06 17.69 -13.12
CA LEU A 169 -1.27 17.27 -12.40
C LEU A 169 -1.95 18.44 -11.67
N PHE A 170 -1.19 19.10 -10.80
CA PHE A 170 -1.71 20.19 -9.98
C PHE A 170 -1.32 21.56 -10.55
N ARG A 171 -2.04 22.60 -10.14
CA ARG A 171 -1.83 23.94 -10.72
C ARG A 171 -1.33 24.95 -9.67
N PRO A 172 -0.25 25.70 -9.99
CA PRO A 172 0.27 26.75 -9.09
C PRO A 172 -0.60 28.02 -9.08
N GLY A 173 -1.72 27.98 -9.80
CA GLY A 173 -2.66 29.10 -9.78
C GLY A 173 -2.40 30.14 -10.86
N PRO A 174 -2.55 31.43 -10.53
CA PRO A 174 -2.37 32.54 -11.48
C PRO A 174 -0.93 32.64 -12.02
N GLY A 175 0.01 32.00 -11.32
CA GLY A 175 1.39 31.96 -11.80
C GLY A 175 1.54 31.21 -13.13
N SER A 176 0.58 30.32 -13.41
CA SER A 176 0.55 29.57 -14.67
C SER A 176 -0.59 30.07 -15.59
N MET A 1 -14.85 17.87 11.66
CA MET A 1 -16.18 18.30 12.19
C MET A 1 -16.00 19.16 13.45
N GLY A 2 -16.79 20.23 13.56
CA GLY A 2 -16.73 21.11 14.71
C GLY A 2 -16.70 22.58 14.34
N HIS A 3 -15.50 23.15 14.23
CA HIS A 3 -15.34 24.56 13.88
C HIS A 3 -15.36 24.79 12.35
N HIS A 4 -16.09 25.80 11.92
CA HIS A 4 -16.23 26.13 10.50
C HIS A 4 -14.91 26.64 9.92
N HIS A 5 -14.51 26.10 8.78
CA HIS A 5 -13.25 26.47 8.12
C HIS A 5 -13.47 26.81 6.64
N HIS A 6 -12.89 27.92 6.21
CA HIS A 6 -13.07 28.43 4.84
C HIS A 6 -12.16 27.71 3.84
N HIS A 7 -11.13 27.01 4.33
CA HIS A 7 -10.22 26.25 3.46
C HIS A 7 -10.96 25.12 2.74
N HIS A 8 -10.93 25.16 1.41
CA HIS A 8 -11.71 24.23 0.59
C HIS A 8 -11.04 22.86 0.47
N SER A 9 -11.17 22.04 1.52
CA SER A 9 -10.55 20.70 1.55
C SER A 9 -11.33 19.75 2.49
N HIS A 10 -11.44 18.48 2.09
CA HIS A 10 -12.10 17.45 2.92
C HIS A 10 -11.21 16.20 3.02
N MET A 11 -11.77 15.11 3.55
CA MET A 11 -11.07 13.82 3.63
C MET A 11 -11.61 12.85 2.55
N ASP A 12 -12.01 13.40 1.40
CA ASP A 12 -12.58 12.61 0.30
C ASP A 12 -11.51 11.75 -0.40
N LYS A 13 -11.90 11.09 -1.48
CA LYS A 13 -10.96 10.31 -2.30
C LYS A 13 -9.95 11.23 -2.99
N ARG A 14 -10.44 12.27 -3.66
CA ARG A 14 -9.57 13.22 -4.36
C ARG A 14 -9.05 14.31 -3.40
N LEU A 15 -7.98 14.98 -3.80
CA LEU A 15 -7.32 15.98 -2.95
C LEU A 15 -6.97 17.26 -3.73
N PHE A 16 -6.93 18.39 -3.02
CA PHE A 16 -6.58 19.69 -3.62
C PHE A 16 -5.49 20.41 -2.80
N LEU A 17 -4.26 20.43 -3.32
CA LEU A 17 -3.14 21.06 -2.63
C LEU A 17 -2.08 21.57 -3.63
N ASP A 18 -1.05 22.21 -3.10
CA ASP A 18 0.04 22.74 -3.93
C ASP A 18 0.82 21.62 -4.64
N PRO A 19 1.17 21.81 -5.93
CA PRO A 19 1.95 20.81 -6.69
C PRO A 19 3.28 20.43 -5.99
N ASP A 20 4.09 21.42 -5.67
CA ASP A 20 5.34 21.21 -4.91
C ASP A 20 5.06 20.46 -3.60
N THR A 21 4.05 20.90 -2.87
CA THR A 21 3.69 20.28 -1.58
C THR A 21 3.23 18.83 -1.74
N ALA A 22 2.49 18.53 -2.81
CA ALA A 22 2.03 17.15 -3.04
C ALA A 22 3.21 16.18 -3.16
N ILE A 23 4.31 16.67 -3.75
CA ILE A 23 5.54 15.88 -3.88
C ILE A 23 6.08 15.45 -2.52
N GLU A 24 6.33 16.41 -1.62
CA GLU A 24 6.85 16.11 -0.28
C GLU A 24 5.90 15.14 0.47
N ARG A 25 4.59 15.34 0.32
CA ARG A 25 3.60 14.45 0.96
C ARG A 25 3.81 13.00 0.52
N LEU A 26 3.81 12.78 -0.78
CA LEU A 26 3.96 11.45 -1.36
C LEU A 26 5.33 10.83 -1.01
N GLN A 27 6.35 11.69 -0.89
CA GLN A 27 7.70 11.26 -0.49
C GLN A 27 7.68 10.62 0.92
N ARG A 28 6.82 11.15 1.78
CA ARG A 28 6.67 10.62 3.15
C ARG A 28 5.93 9.28 3.12
N LEU A 29 4.87 9.20 2.33
CA LEU A 29 4.06 7.98 2.22
C LEU A 29 4.86 6.80 1.63
N GLN A 30 5.71 7.08 0.65
CA GLN A 30 6.61 6.06 0.08
C GLN A 30 7.45 5.39 1.19
N GLN A 31 8.10 6.23 2.00
CA GLN A 31 8.90 5.73 3.12
C GLN A 31 8.03 5.06 4.20
N ALA A 32 6.83 5.60 4.42
CA ALA A 32 5.87 5.04 5.36
C ALA A 32 5.54 3.58 5.01
N LEU A 33 5.22 3.34 3.74
CA LEU A 33 4.99 1.97 3.25
C LEU A 33 6.21 1.09 3.50
N GLU A 34 7.41 1.62 3.22
CA GLU A 34 8.66 0.89 3.45
C GLU A 34 8.85 0.55 4.95
N MET A 35 8.44 1.44 5.85
CA MET A 35 8.52 1.18 7.30
C MET A 35 7.66 -0.04 7.69
N GLY A 36 6.42 -0.07 7.19
CA GLY A 36 5.53 -1.20 7.46
C GLY A 36 6.03 -2.51 6.87
N VAL A 37 6.34 -2.50 5.58
CA VAL A 37 6.87 -3.68 4.89
C VAL A 37 8.16 -4.18 5.56
N SER A 38 9.04 -3.25 5.94
CA SER A 38 10.30 -3.60 6.61
C SER A 38 10.05 -4.42 7.88
N SER A 39 9.00 -4.07 8.61
CA SER A 39 8.64 -4.83 9.84
C SER A 39 8.27 -6.28 9.48
N LEU A 40 7.61 -6.46 8.34
CA LEU A 40 7.26 -7.79 7.85
C LEU A 40 8.54 -8.57 7.48
N MET A 41 9.42 -7.94 6.69
CA MET A 41 10.72 -8.54 6.32
C MET A 41 11.51 -9.01 7.56
N ALA A 42 11.44 -8.21 8.62
CA ALA A 42 12.14 -8.55 9.88
C ALA A 42 11.50 -9.77 10.57
N LEU A 43 10.28 -10.11 10.18
CA LEU A 43 9.57 -11.26 10.76
C LEU A 43 9.46 -12.44 9.77
N VAL A 44 9.80 -12.21 8.51
CA VAL A 44 9.82 -13.28 7.49
C VAL A 44 10.79 -14.40 7.90
N THR A 45 10.25 -15.50 8.39
CA THR A 45 11.04 -16.62 8.90
C THR A 45 11.74 -17.40 7.78
N THR A 46 12.96 -17.84 8.04
CA THR A 46 13.70 -18.67 7.08
C THR A 46 13.05 -20.05 6.92
N ASP A 47 12.96 -20.80 8.03
CA ASP A 47 12.36 -22.12 8.04
C ASP A 47 10.91 -22.10 8.57
N TRP A 48 9.94 -22.23 7.67
CA TRP A 48 8.53 -22.23 8.04
C TRP A 48 8.07 -23.62 8.54
N ARG A 49 8.96 -24.61 8.43
CA ARG A 49 8.65 -25.98 8.87
C ARG A 49 9.06 -26.21 10.33
N CYS A 50 9.47 -25.14 11.01
CA CYS A 50 9.87 -25.22 12.43
C CYS A 50 8.79 -24.57 13.32
N TYR A 51 7.99 -25.41 13.97
CA TYR A 51 6.81 -24.95 14.73
C TYR A 51 7.14 -23.85 15.75
N GLY A 52 7.99 -24.17 16.73
CA GLY A 52 8.35 -23.19 17.76
C GLY A 52 9.06 -21.95 17.21
N TYR A 53 10.01 -22.19 16.30
CA TYR A 53 10.76 -21.13 15.63
C TYR A 53 9.82 -20.07 15.00
N MET A 54 8.70 -20.53 14.44
CA MET A 54 7.69 -19.64 13.87
C MET A 54 6.72 -19.09 14.94
N GLU A 55 6.12 -19.99 15.72
CA GLU A 55 5.08 -19.61 16.69
C GLU A 55 5.54 -18.50 17.65
N ARG A 56 6.83 -18.49 17.98
CA ARG A 56 7.36 -17.52 18.96
C ARG A 56 7.10 -16.06 18.55
N HIS A 57 6.90 -15.82 17.26
CA HIS A 57 6.64 -14.45 16.74
C HIS A 57 5.30 -14.35 15.99
N ILE A 58 4.43 -15.35 16.15
CA ILE A 58 3.15 -15.39 15.44
C ILE A 58 2.29 -14.13 15.71
N ASN A 59 2.38 -13.59 16.93
CA ASN A 59 1.64 -12.36 17.30
C ASN A 59 2.22 -11.12 16.61
N GLU A 60 3.54 -10.99 16.63
CA GLU A 60 4.23 -9.85 16.02
C GLU A 60 3.91 -9.73 14.52
N ILE A 61 3.91 -10.85 13.81
CA ILE A 61 3.63 -10.84 12.36
C ILE A 61 2.17 -10.41 12.07
N ARG A 62 1.24 -10.78 12.96
CA ARG A 62 -0.17 -10.34 12.84
C ARG A 62 -0.26 -8.81 12.84
N THR A 63 0.58 -8.18 13.66
CA THR A 63 0.63 -6.72 13.74
C THR A 63 1.29 -6.10 12.50
N ALA A 64 2.42 -6.67 12.08
CA ALA A 64 3.14 -6.17 10.90
C ALA A 64 2.28 -6.26 9.62
N VAL A 65 1.62 -7.40 9.43
CA VAL A 65 0.71 -7.59 8.29
C VAL A 65 -0.36 -6.49 8.21
N ASP A 66 -0.93 -6.13 9.36
CA ASP A 66 -1.91 -5.05 9.43
C ASP A 66 -1.27 -3.69 9.08
N LYS A 67 -0.03 -3.48 9.54
CA LYS A 67 0.70 -2.24 9.27
C LYS A 67 0.99 -2.06 7.77
N VAL A 68 1.38 -3.14 7.09
CA VAL A 68 1.61 -3.09 5.64
C VAL A 68 0.37 -2.55 4.92
N GLU A 69 -0.77 -3.20 5.16
CA GLU A 69 -2.05 -2.75 4.59
C GLU A 69 -2.47 -1.36 5.11
N LEU A 70 -2.05 -1.03 6.33
CA LEU A 70 -2.36 0.29 6.92
C LEU A 70 -1.66 1.43 6.15
N PHE A 71 -0.34 1.38 6.08
CA PHE A 71 0.43 2.40 5.36
C PHE A 71 0.05 2.44 3.87
N LEU A 72 -0.14 1.25 3.28
CA LEU A 72 -0.58 1.14 1.88
C LEU A 72 -2.00 1.70 1.69
N LYS A 73 -2.84 1.55 2.71
CA LYS A 73 -4.19 2.12 2.71
C LYS A 73 -4.14 3.65 2.52
N GLU A 74 -3.35 4.32 3.36
CA GLU A 74 -3.19 5.77 3.28
C GLU A 74 -2.54 6.18 1.95
N TYR A 75 -1.56 5.38 1.50
CA TYR A 75 -0.87 5.63 0.22
C TYR A 75 -1.86 5.61 -0.96
N LEU A 76 -2.66 4.56 -1.04
CA LEU A 76 -3.67 4.43 -2.11
C LEU A 76 -4.68 5.58 -2.07
N HIS A 77 -5.18 5.91 -0.88
CA HIS A 77 -6.13 7.02 -0.71
C HIS A 77 -5.56 8.33 -1.27
N PHE A 78 -4.25 8.51 -1.15
CA PHE A 78 -3.58 9.73 -1.64
C PHE A 78 -3.38 9.70 -3.17
N VAL A 79 -2.74 8.65 -3.66
CA VAL A 79 -2.44 8.53 -5.10
C VAL A 79 -3.71 8.46 -5.96
N LYS A 80 -4.73 7.74 -5.49
CA LYS A 80 -6.02 7.65 -6.20
C LYS A 80 -6.69 9.04 -6.28
N GLY A 81 -6.42 9.87 -5.28
CA GLY A 81 -6.90 11.25 -5.30
C GLY A 81 -6.24 12.06 -6.40
N ALA A 82 -4.92 11.92 -6.53
CA ALA A 82 -4.18 12.52 -7.65
C ALA A 82 -4.72 12.03 -9.00
N VAL A 83 -4.90 10.73 -9.13
CA VAL A 83 -5.47 10.13 -10.36
C VAL A 83 -6.85 10.72 -10.69
N ALA A 84 -7.66 10.96 -9.64
CA ALA A 84 -8.97 11.60 -9.81
C ALA A 84 -8.83 13.01 -10.42
N ASN A 85 -7.74 13.70 -10.08
CA ASN A 85 -7.45 15.02 -10.66
C ASN A 85 -6.88 14.88 -12.07
N ALA A 86 -6.11 13.81 -12.30
CA ALA A 86 -5.56 13.50 -13.62
C ALA A 86 -6.68 13.29 -14.66
N ALA A 87 -7.88 12.95 -14.18
CA ALA A 87 -9.05 12.79 -15.05
C ALA A 87 -9.58 14.16 -15.53
N CYS A 88 -8.96 15.25 -15.06
CA CYS A 88 -9.37 16.61 -15.43
C CYS A 88 -8.25 17.34 -16.21
N LEU A 89 -7.26 16.59 -16.67
CA LEU A 89 -6.13 17.17 -17.43
C LEU A 89 -6.51 17.50 -18.87
N PRO A 90 -5.75 18.41 -19.53
CA PRO A 90 -5.93 18.69 -20.97
C PRO A 90 -5.69 17.45 -21.84
N GLU A 91 -4.84 16.54 -21.37
CA GLU A 91 -4.62 15.26 -22.04
C GLU A 91 -4.86 14.08 -21.09
N LEU A 92 -5.66 13.11 -21.53
CA LEU A 92 -5.96 11.93 -20.73
C LEU A 92 -4.78 10.95 -20.74
N ILE A 93 -3.84 11.16 -21.67
CA ILE A 93 -2.64 10.32 -21.81
C ILE A 93 -1.99 10.00 -20.44
N LEU A 94 -1.65 11.05 -19.69
CA LEU A 94 -1.01 10.88 -18.38
C LEU A 94 -1.90 10.07 -17.42
N HIS A 95 -3.20 10.36 -17.41
CA HIS A 95 -4.16 9.64 -16.57
C HIS A 95 -4.15 8.13 -16.86
N ASN A 96 -4.19 7.78 -18.14
CA ASN A 96 -4.21 6.37 -18.54
C ASN A 96 -2.85 5.69 -18.28
N LYS A 97 -1.78 6.48 -18.25
CA LYS A 97 -0.45 5.97 -17.91
C LYS A 97 -0.33 5.70 -16.40
N MET A 98 -0.45 6.75 -15.60
CA MET A 98 -0.28 6.65 -14.14
C MET A 98 -1.18 5.56 -13.52
N LYS A 99 -2.35 5.32 -14.11
CA LYS A 99 -3.27 4.31 -13.57
C LYS A 99 -2.79 2.87 -13.85
N ARG A 100 -2.19 2.63 -15.02
CA ARG A 100 -1.68 1.27 -15.32
C ARG A 100 -0.56 0.90 -14.34
N GLU A 101 0.19 1.91 -13.91
CA GLU A 101 1.19 1.74 -12.86
C GLU A 101 0.52 1.49 -11.51
N LEU A 102 -0.47 2.32 -11.18
CA LEU A 102 -1.24 2.19 -9.94
C LEU A 102 -1.89 0.79 -9.83
N GLN A 103 -2.32 0.26 -10.97
CA GLN A 103 -2.94 -1.08 -11.02
C GLN A 103 -2.01 -2.14 -10.45
N ARG A 104 -0.70 -2.00 -10.67
CA ARG A 104 0.29 -2.91 -10.09
C ARG A 104 0.20 -2.88 -8.55
N VAL A 105 0.11 -1.68 -7.98
CA VAL A 105 -0.02 -1.52 -6.54
C VAL A 105 -1.36 -2.07 -6.02
N GLU A 106 -2.44 -1.79 -6.75
CA GLU A 106 -3.78 -2.27 -6.38
C GLU A 106 -3.90 -3.80 -6.49
N ASP A 107 -3.55 -4.35 -7.66
CA ASP A 107 -3.58 -5.81 -7.88
C ASP A 107 -2.74 -6.54 -6.83
N SER A 108 -1.71 -5.88 -6.32
CA SER A 108 -0.95 -6.39 -5.18
C SER A 108 -1.77 -6.29 -3.89
N HIS A 109 -2.25 -5.09 -3.59
CA HIS A 109 -3.00 -4.82 -2.35
C HIS A 109 -4.28 -5.68 -2.22
N GLN A 110 -4.92 -6.00 -3.33
CA GLN A 110 -6.16 -6.79 -3.30
C GLN A 110 -5.90 -8.22 -2.79
N ILE A 111 -4.85 -8.86 -3.29
CA ILE A 111 -4.50 -10.23 -2.86
C ILE A 111 -3.86 -10.21 -1.47
N LEU A 112 -3.18 -9.11 -1.13
CA LEU A 112 -2.66 -8.90 0.22
C LEU A 112 -3.82 -8.81 1.22
N SER A 113 -4.82 -8.00 0.87
CA SER A 113 -6.03 -7.85 1.69
C SER A 113 -6.75 -9.19 1.88
N GLN A 114 -7.01 -9.91 0.78
CA GLN A 114 -7.67 -11.21 0.85
C GLN A 114 -6.97 -12.16 1.83
N THR A 115 -5.70 -12.46 1.56
CA THR A 115 -4.91 -13.34 2.44
C THR A 115 -4.92 -12.85 3.89
N SER A 116 -4.61 -11.57 4.08
CA SER A 116 -4.58 -10.95 5.42
C SER A 116 -5.92 -11.16 6.17
N HIS A 117 -7.03 -10.85 5.50
CA HIS A 117 -8.35 -11.01 6.10
C HIS A 117 -8.63 -12.47 6.45
N ASP A 118 -8.44 -13.38 5.49
CA ASP A 118 -8.74 -14.81 5.73
C ASP A 118 -7.91 -15.38 6.88
N LEU A 119 -6.63 -15.01 6.96
CA LEU A 119 -5.78 -15.44 8.07
C LEU A 119 -6.34 -14.94 9.42
N ASN A 120 -6.77 -13.67 9.43
CA ASN A 120 -7.36 -13.05 10.62
C ASN A 120 -8.67 -13.77 11.01
N GLU A 121 -9.50 -14.06 10.01
CA GLU A 121 -10.78 -14.75 10.21
C GLU A 121 -10.56 -16.19 10.68
N CYS A 122 -9.48 -16.80 10.20
CA CYS A 122 -9.10 -18.17 10.62
C CYS A 122 -8.33 -18.16 11.95
N SER A 123 -8.24 -16.98 12.58
CA SER A 123 -7.63 -16.83 13.92
C SER A 123 -6.11 -17.07 13.92
N TRP A 124 -5.49 -17.05 12.74
CA TRP A 124 -4.04 -17.28 12.60
C TRP A 124 -3.59 -18.60 13.25
N SER A 125 -4.48 -19.59 13.29
CA SER A 125 -4.21 -20.88 13.93
C SER A 125 -2.90 -21.52 13.40
N LEU A 126 -1.94 -21.71 14.30
CA LEU A 126 -0.66 -22.34 13.96
C LEU A 126 -0.87 -23.73 13.34
N ASN A 127 -2.04 -24.32 13.62
CA ASN A 127 -2.45 -25.61 13.02
C ASN A 127 -2.22 -25.62 11.50
N ILE A 128 -2.48 -24.48 10.88
CA ILE A 128 -2.40 -24.32 9.43
C ILE A 128 -1.09 -23.64 8.97
N LEU A 129 -0.68 -22.61 9.71
CA LEU A 129 0.48 -21.78 9.32
C LEU A 129 1.83 -22.48 9.59
N ALA A 130 1.99 -23.03 10.79
CA ALA A 130 3.25 -23.70 11.17
C ALA A 130 3.18 -25.21 10.96
N ILE A 131 2.01 -25.80 11.14
CA ILE A 131 1.78 -27.22 10.87
C ILE A 131 1.11 -27.40 9.50
N ASN A 132 1.84 -27.05 8.45
CA ASN A 132 1.29 -27.05 7.09
C ASN A 132 0.91 -28.46 6.62
N LYS A 133 -0.39 -28.69 6.45
CA LYS A 133 -0.91 -29.97 5.98
C LYS A 133 -1.23 -29.93 4.48
N PRO A 134 -1.24 -31.09 3.79
CA PRO A 134 -1.55 -31.17 2.34
C PRO A 134 -2.86 -30.45 1.96
N GLN A 135 -3.80 -30.40 2.90
CA GLN A 135 -5.10 -29.72 2.68
C GLN A 135 -4.92 -28.22 2.41
N ASN A 136 -4.00 -27.58 3.14
CA ASN A 136 -3.79 -26.14 3.04
C ASN A 136 -2.55 -25.80 2.19
N LYS A 137 -2.37 -26.50 1.08
CA LYS A 137 -1.24 -26.24 0.17
C LYS A 137 -1.33 -24.84 -0.46
N CYS A 138 -2.51 -24.22 -0.41
CA CYS A 138 -2.66 -22.83 -0.87
C CYS A 138 -1.79 -21.89 -0.04
N ASP A 139 -0.66 -21.47 -0.60
CA ASP A 139 0.31 -20.64 0.11
C ASP A 139 -0.16 -19.19 0.25
N ASP A 140 -1.19 -18.96 1.05
CA ASP A 140 -1.70 -17.60 1.30
C ASP A 140 -0.69 -16.74 2.08
N LEU A 141 -0.10 -17.31 3.13
CA LEU A 141 0.92 -16.61 3.91
C LEU A 141 2.12 -16.22 3.03
N ASP A 142 2.63 -17.19 2.27
CA ASP A 142 3.70 -16.95 1.30
C ASP A 142 3.29 -15.89 0.28
N ARG A 143 2.08 -16.04 -0.28
CA ARG A 143 1.55 -15.09 -1.28
C ARG A 143 1.55 -13.66 -0.74
N PHE A 144 1.20 -13.48 0.53
CA PHE A 144 1.24 -12.15 1.16
C PHE A 144 2.69 -11.61 1.19
N VAL A 145 3.62 -12.42 1.70
CA VAL A 145 5.02 -12.01 1.84
C VAL A 145 5.65 -11.65 0.49
N MET A 146 5.63 -12.59 -0.47
CA MET A 146 6.29 -12.40 -1.77
C MET A 146 5.78 -11.14 -2.50
N VAL A 147 4.50 -10.85 -2.38
CA VAL A 147 3.91 -9.68 -3.05
C VAL A 147 4.15 -8.38 -2.25
N ALA A 148 3.91 -8.43 -0.94
CA ALA A 148 4.09 -7.25 -0.08
C ALA A 148 5.50 -6.67 -0.15
N LYS A 149 6.50 -7.55 -0.26
CA LYS A 149 7.91 -7.13 -0.24
C LYS A 149 8.33 -6.39 -1.54
N THR A 150 7.52 -6.49 -2.60
CA THR A 150 7.83 -5.79 -3.86
C THR A 150 6.92 -4.57 -4.08
N VAL A 151 5.89 -4.42 -3.25
CA VAL A 151 4.96 -3.28 -3.35
C VAL A 151 5.70 -1.92 -3.30
N PRO A 152 6.67 -1.70 -2.37
CA PRO A 152 7.48 -0.47 -2.33
C PRO A 152 8.12 -0.11 -3.69
N ASP A 153 8.45 -1.14 -4.48
CA ASP A 153 9.03 -0.94 -5.81
C ASP A 153 7.98 -0.42 -6.79
N ASP A 154 6.82 -1.06 -6.80
CA ASP A 154 5.70 -0.61 -7.64
C ASP A 154 5.19 0.78 -7.21
N ALA A 155 5.22 1.04 -5.91
CA ALA A 155 4.87 2.37 -5.38
C ALA A 155 5.90 3.42 -5.82
N LYS A 156 7.17 3.01 -5.87
CA LYS A 156 8.25 3.87 -6.38
C LYS A 156 7.93 4.40 -7.79
N GLN A 157 7.15 3.63 -8.55
CA GLN A 157 6.74 4.05 -9.89
C GLN A 157 5.77 5.24 -9.82
N LEU A 158 4.66 5.05 -9.10
CA LEU A 158 3.65 6.11 -8.92
C LEU A 158 4.28 7.35 -8.28
N THR A 159 5.05 7.15 -7.23
CA THR A 159 5.76 8.22 -6.54
C THR A 159 6.53 9.12 -7.53
N THR A 160 7.37 8.51 -8.36
CA THR A 160 8.17 9.26 -9.34
C THR A 160 7.29 9.94 -10.40
N THR A 161 6.33 9.20 -10.94
CA THR A 161 5.41 9.71 -11.98
C THR A 161 4.65 10.96 -11.52
N ILE A 162 4.02 10.88 -10.35
CA ILE A 162 3.27 12.01 -9.80
C ILE A 162 4.18 13.22 -9.53
N ASN A 163 5.36 12.96 -8.96
CA ASN A 163 6.32 14.03 -8.66
C ASN A 163 6.76 14.80 -9.91
N THR A 164 7.11 14.08 -10.98
CA THR A 164 7.56 14.74 -12.23
C THR A 164 6.41 15.44 -12.98
N ASN A 165 5.17 14.97 -12.77
CA ASN A 165 4.01 15.60 -13.41
C ASN A 165 3.16 16.40 -12.41
N ALA A 166 3.73 16.72 -11.25
CA ALA A 166 3.01 17.44 -10.19
C ALA A 166 2.43 18.78 -10.67
N GLU A 167 3.24 19.57 -11.36
CA GLU A 167 2.80 20.88 -11.89
C GLU A 167 1.63 20.75 -12.87
N ALA A 168 1.51 19.57 -13.50
CA ALA A 168 0.41 19.30 -14.42
C ALA A 168 -0.84 18.82 -13.66
N LEU A 169 -0.63 17.97 -12.65
CA LEU A 169 -1.72 17.44 -11.85
C LEU A 169 -2.33 18.50 -10.91
N PHE A 170 -1.49 19.41 -10.41
CA PHE A 170 -1.93 20.43 -9.46
C PHE A 170 -1.54 21.85 -9.91
N ARG A 171 -2.52 22.65 -10.31
CA ARG A 171 -2.28 24.03 -10.71
C ARG A 171 -2.57 24.99 -9.53
N PRO A 172 -1.56 25.75 -9.06
CA PRO A 172 -1.71 26.62 -7.88
C PRO A 172 -2.47 27.93 -8.17
N GLY A 173 -2.42 28.41 -9.40
CA GLY A 173 -3.09 29.67 -9.75
C GLY A 173 -2.31 30.90 -9.29
N PRO A 174 -2.99 32.02 -9.00
CA PRO A 174 -2.34 33.25 -8.53
C PRO A 174 -1.80 33.14 -7.09
N GLY A 175 -0.49 33.34 -6.92
CA GLY A 175 0.14 33.22 -5.62
C GLY A 175 0.32 34.56 -4.92
N SER A 176 -0.08 34.64 -3.65
CA SER A 176 0.08 35.87 -2.85
C SER A 176 0.82 35.59 -1.54
N MET A 1 14.72 25.27 1.91
CA MET A 1 13.34 25.58 1.45
C MET A 1 12.40 24.40 1.68
N GLY A 2 11.09 24.65 1.70
CA GLY A 2 10.12 23.56 1.88
C GLY A 2 9.18 23.78 3.08
N HIS A 3 8.60 24.98 3.17
CA HIS A 3 7.63 25.28 4.24
C HIS A 3 6.21 24.87 3.84
N HIS A 4 5.57 24.04 4.66
CA HIS A 4 4.29 23.42 4.29
C HIS A 4 3.25 23.51 5.44
N HIS A 5 2.37 24.51 5.37
CA HIS A 5 1.28 24.63 6.34
C HIS A 5 -0.08 24.80 5.63
N HIS A 6 -1.06 24.00 6.03
CA HIS A 6 -2.40 24.04 5.44
C HIS A 6 -3.49 23.90 6.51
N HIS A 7 -4.75 24.05 6.11
CA HIS A 7 -5.88 23.88 7.01
C HIS A 7 -6.16 22.38 7.26
N HIS A 8 -6.27 21.61 6.18
CA HIS A 8 -6.35 20.13 6.25
C HIS A 8 -7.63 19.61 6.94
N SER A 9 -8.42 20.50 7.54
CA SER A 9 -9.61 20.09 8.28
C SER A 9 -10.68 19.47 7.38
N HIS A 10 -10.70 19.89 6.11
CA HIS A 10 -11.64 19.33 5.13
C HIS A 10 -11.09 18.06 4.48
N MET A 11 -11.70 16.91 4.81
CA MET A 11 -11.35 15.65 4.14
C MET A 11 -12.27 15.44 2.92
N ASP A 12 -11.73 14.83 1.86
CA ASP A 12 -12.48 14.64 0.63
C ASP A 12 -11.91 13.47 -0.18
N LYS A 13 -12.60 13.08 -1.24
CA LYS A 13 -12.14 12.01 -2.13
C LYS A 13 -11.00 12.49 -3.04
N ARG A 14 -11.13 13.72 -3.56
CA ARG A 14 -10.06 14.32 -4.36
C ARG A 14 -9.32 15.40 -3.55
N LEU A 15 -7.99 15.41 -3.65
CA LEU A 15 -7.16 16.33 -2.86
C LEU A 15 -6.74 17.58 -3.66
N PHE A 16 -6.73 18.74 -2.98
CA PHE A 16 -6.28 20.00 -3.58
C PHE A 16 -5.10 20.59 -2.78
N LEU A 17 -3.91 20.59 -3.38
CA LEU A 17 -2.71 21.10 -2.71
C LEU A 17 -1.67 21.59 -3.73
N ASP A 18 -0.53 22.05 -3.24
CA ASP A 18 0.55 22.55 -4.09
C ASP A 18 1.29 21.39 -4.78
N PRO A 19 1.69 21.56 -6.06
CA PRO A 19 2.49 20.55 -6.77
C PRO A 19 3.80 20.23 -6.05
N ASP A 20 4.53 21.28 -5.67
CA ASP A 20 5.79 21.14 -4.92
C ASP A 20 5.58 20.40 -3.61
N THR A 21 4.49 20.72 -2.90
CA THR A 21 4.16 20.07 -1.63
C THR A 21 3.78 18.60 -1.83
N ALA A 22 2.97 18.31 -2.85
CA ALA A 22 2.51 16.94 -3.13
C ALA A 22 3.70 15.97 -3.28
N ILE A 23 4.78 16.46 -3.88
CA ILE A 23 6.01 15.68 -4.05
C ILE A 23 6.50 15.08 -2.73
N GLU A 24 6.72 15.94 -1.72
CA GLU A 24 7.17 15.45 -0.42
C GLU A 24 6.09 14.59 0.26
N ARG A 25 4.83 15.01 0.15
CA ARG A 25 3.70 14.27 0.75
C ARG A 25 3.73 12.79 0.35
N LEU A 26 3.79 12.53 -0.95
CA LEU A 26 3.77 11.16 -1.47
C LEU A 26 5.07 10.42 -1.12
N GLN A 27 6.20 11.14 -1.10
CA GLN A 27 7.48 10.55 -0.71
C GLN A 27 7.46 10.07 0.76
N ARG A 28 6.77 10.83 1.61
CA ARG A 28 6.61 10.44 3.02
C ARG A 28 5.82 9.13 3.15
N LEU A 29 4.77 8.99 2.35
CA LEU A 29 3.97 7.75 2.30
C LEU A 29 4.82 6.57 1.80
N GLN A 30 5.64 6.83 0.78
CA GLN A 30 6.59 5.82 0.27
C GLN A 30 7.48 5.28 1.40
N GLN A 31 8.13 6.18 2.13
CA GLN A 31 9.04 5.79 3.22
C GLN A 31 8.28 5.05 4.34
N ALA A 32 7.09 5.55 4.67
CA ALA A 32 6.23 4.90 5.68
C ALA A 32 5.90 3.46 5.26
N LEU A 33 5.54 3.30 3.99
CA LEU A 33 5.25 1.98 3.41
C LEU A 33 6.47 1.05 3.54
N GLU A 34 7.66 1.59 3.29
CA GLU A 34 8.91 0.83 3.41
C GLU A 34 9.13 0.36 4.87
N MET A 35 8.77 1.19 5.85
CA MET A 35 8.89 0.81 7.27
C MET A 35 7.99 -0.39 7.61
N GLY A 36 6.74 -0.35 7.14
CA GLY A 36 5.82 -1.46 7.37
C GLY A 36 6.36 -2.79 6.84
N VAL A 37 6.78 -2.79 5.59
CA VAL A 37 7.41 -3.97 4.98
C VAL A 37 8.68 -4.38 5.75
N SER A 38 9.49 -3.40 6.12
CA SER A 38 10.72 -3.64 6.89
C SER A 38 10.41 -4.38 8.21
N SER A 39 9.26 -4.05 8.80
CA SER A 39 8.80 -4.72 10.03
C SER A 39 8.51 -6.21 9.78
N LEU A 40 7.94 -6.50 8.61
CA LEU A 40 7.65 -7.89 8.23
C LEU A 40 8.94 -8.68 7.96
N MET A 41 9.85 -8.10 7.18
CA MET A 41 11.16 -8.70 6.91
C MET A 41 11.92 -9.02 8.22
N ALA A 42 11.72 -8.21 9.24
CA ALA A 42 12.32 -8.44 10.56
C ALA A 42 11.86 -9.78 11.17
N LEU A 43 10.64 -10.19 10.81
CA LEU A 43 10.05 -11.44 11.33
C LEU A 43 10.27 -12.61 10.35
N VAL A 44 10.50 -12.29 9.07
CA VAL A 44 10.72 -13.32 8.05
C VAL A 44 12.22 -13.50 7.76
N THR A 45 12.74 -14.70 8.01
CA THR A 45 14.16 -15.00 7.78
C THR A 45 14.36 -16.40 7.16
N THR A 46 13.48 -17.33 7.50
CA THR A 46 13.58 -18.72 7.02
C THR A 46 12.18 -19.36 6.97
N ASP A 47 12.04 -20.45 6.19
CA ASP A 47 10.77 -21.20 6.16
C ASP A 47 10.31 -21.55 7.58
N TRP A 48 9.06 -21.22 7.91
CA TRP A 48 8.53 -21.45 9.26
C TRP A 48 8.40 -22.95 9.57
N ARG A 49 9.52 -23.56 9.95
CA ARG A 49 9.60 -24.99 10.25
C ARG A 49 9.37 -25.25 11.75
N CYS A 50 10.10 -24.54 12.60
CA CYS A 50 9.98 -24.71 14.06
C CYS A 50 8.64 -24.15 14.58
N TYR A 51 7.75 -25.05 15.01
CA TYR A 51 6.43 -24.67 15.52
C TYR A 51 6.51 -23.64 16.67
N GLY A 52 7.35 -23.93 17.67
CA GLY A 52 7.53 -23.02 18.80
C GLY A 52 8.01 -21.63 18.36
N TYR A 53 9.15 -21.60 17.66
CA TYR A 53 9.71 -20.35 17.12
C TYR A 53 8.65 -19.55 16.33
N MET A 54 7.79 -20.25 15.58
CA MET A 54 6.71 -19.60 14.85
C MET A 54 5.64 -19.02 15.79
N GLU A 55 5.16 -19.85 16.71
CA GLU A 55 4.12 -19.43 17.67
C GLU A 55 4.60 -18.25 18.53
N ARG A 56 5.90 -18.17 18.76
CA ARG A 56 6.48 -17.06 19.53
C ARG A 56 6.23 -15.70 18.85
N HIS A 57 6.30 -15.67 17.51
CA HIS A 57 6.12 -14.41 16.78
C HIS A 57 4.80 -14.36 15.99
N ILE A 58 3.92 -15.34 16.20
CA ILE A 58 2.63 -15.38 15.50
C ILE A 58 1.76 -14.15 15.83
N ASN A 59 1.85 -13.68 17.07
CA ASN A 59 1.11 -12.48 17.51
C ASN A 59 1.72 -11.20 16.93
N GLU A 60 3.03 -11.23 16.69
CA GLU A 60 3.76 -10.05 16.20
C GLU A 60 3.59 -9.87 14.68
N ILE A 61 3.67 -10.96 13.94
CA ILE A 61 3.57 -10.91 12.48
C ILE A 61 2.19 -10.37 12.04
N ARG A 62 1.16 -10.60 12.85
CA ARG A 62 -0.15 -9.98 12.63
C ARG A 62 -0.04 -8.45 12.58
N THR A 63 0.64 -7.88 13.57
CA THR A 63 0.84 -6.42 13.63
C THR A 63 1.60 -5.92 12.40
N ALA A 64 2.67 -6.62 12.03
CA ALA A 64 3.47 -6.27 10.84
C ALA A 64 2.61 -6.22 9.58
N VAL A 65 1.72 -7.21 9.43
CA VAL A 65 0.77 -7.23 8.30
C VAL A 65 -0.13 -6.00 8.30
N ASP A 66 -0.77 -5.71 9.44
CA ASP A 66 -1.62 -4.53 9.58
C ASP A 66 -0.85 -3.22 9.32
N LYS A 67 0.46 -3.21 9.63
CA LYS A 67 1.31 -2.06 9.28
C LYS A 67 1.34 -1.86 7.77
N VAL A 68 1.71 -2.91 7.03
CA VAL A 68 1.74 -2.87 5.57
C VAL A 68 0.38 -2.44 5.00
N GLU A 69 -0.69 -3.04 5.51
CA GLU A 69 -2.07 -2.70 5.10
C GLU A 69 -2.38 -1.22 5.35
N LEU A 70 -2.00 -0.72 6.53
CA LEU A 70 -2.27 0.68 6.91
C LEU A 70 -1.54 1.67 5.99
N PHE A 71 -0.23 1.50 5.83
CA PHE A 71 0.56 2.39 4.97
C PHE A 71 0.12 2.30 3.50
N LEU A 72 -0.14 1.08 3.03
CA LEU A 72 -0.66 0.86 1.68
C LEU A 72 -2.04 1.51 1.50
N LYS A 73 -2.84 1.44 2.56
CA LYS A 73 -4.18 2.05 2.59
C LYS A 73 -4.10 3.56 2.30
N GLU A 74 -3.30 4.26 3.12
CA GLU A 74 -3.14 5.71 2.96
C GLU A 74 -2.44 6.06 1.63
N TYR A 75 -1.49 5.23 1.21
CA TYR A 75 -0.77 5.45 -0.05
C TYR A 75 -1.75 5.40 -1.25
N LEU A 76 -2.46 4.29 -1.39
CA LEU A 76 -3.43 4.14 -2.49
C LEU A 76 -4.56 5.19 -2.38
N HIS A 77 -4.95 5.52 -1.15
CA HIS A 77 -5.96 6.58 -0.93
C HIS A 77 -5.47 7.94 -1.46
N PHE A 78 -4.19 8.23 -1.25
CA PHE A 78 -3.60 9.50 -1.70
C PHE A 78 -3.46 9.56 -3.23
N VAL A 79 -2.83 8.54 -3.81
CA VAL A 79 -2.63 8.48 -5.26
C VAL A 79 -3.97 8.51 -6.02
N LYS A 80 -4.98 7.80 -5.51
CA LYS A 80 -6.33 7.82 -6.08
C LYS A 80 -6.91 9.25 -6.05
N GLY A 81 -6.67 9.96 -4.95
CA GLY A 81 -7.09 11.36 -4.85
C GLY A 81 -6.46 12.24 -5.92
N ALA A 82 -5.19 11.96 -6.25
CA ALA A 82 -4.51 12.63 -7.36
C ALA A 82 -5.15 12.25 -8.71
N VAL A 83 -5.34 10.94 -8.93
CA VAL A 83 -5.98 10.43 -10.16
C VAL A 83 -7.37 11.07 -10.37
N ALA A 84 -8.07 11.34 -9.27
CA ALA A 84 -9.37 12.02 -9.32
C ALA A 84 -9.27 13.41 -9.96
N ASN A 85 -8.21 14.15 -9.63
CA ASN A 85 -7.98 15.49 -10.23
C ASN A 85 -7.41 15.36 -11.64
N ALA A 86 -6.61 14.34 -11.87
CA ALA A 86 -6.00 14.07 -13.18
C ALA A 86 -7.07 13.86 -14.28
N ALA A 87 -8.29 13.50 -13.87
CA ALA A 87 -9.41 13.34 -14.80
C ALA A 87 -9.86 14.68 -15.39
N CYS A 88 -9.43 15.78 -14.75
CA CYS A 88 -9.78 17.14 -15.20
C CYS A 88 -8.78 17.68 -16.24
N LEU A 89 -7.76 16.89 -16.58
CA LEU A 89 -6.75 17.28 -17.56
C LEU A 89 -7.29 17.21 -18.99
N PRO A 90 -7.08 18.28 -19.80
CA PRO A 90 -7.62 18.38 -21.17
C PRO A 90 -7.17 17.23 -22.09
N GLU A 91 -5.99 16.68 -21.81
CA GLU A 91 -5.47 15.54 -22.58
C GLU A 91 -6.20 14.24 -22.24
N LEU A 92 -6.40 14.00 -20.93
CA LEU A 92 -6.89 12.72 -20.41
C LEU A 92 -5.79 11.62 -20.53
N ILE A 93 -4.83 11.81 -21.44
CA ILE A 93 -3.77 10.83 -21.71
C ILE A 93 -3.00 10.47 -20.44
N LEU A 94 -2.45 11.48 -19.77
CA LEU A 94 -1.72 11.27 -18.50
C LEU A 94 -2.58 10.52 -17.48
N HIS A 95 -3.86 10.87 -17.41
CA HIS A 95 -4.80 10.21 -16.50
C HIS A 95 -4.91 8.70 -16.81
N ASN A 96 -4.90 8.36 -18.10
CA ASN A 96 -4.95 6.96 -18.53
C ASN A 96 -3.64 6.23 -18.21
N LYS A 97 -2.51 6.92 -18.41
CA LYS A 97 -1.19 6.36 -18.11
C LYS A 97 -1.03 6.06 -16.60
N MET A 98 -1.27 7.07 -15.77
CA MET A 98 -1.09 6.92 -14.32
C MET A 98 -2.02 5.84 -13.73
N LYS A 99 -3.24 5.72 -14.27
CA LYS A 99 -4.20 4.74 -13.75
C LYS A 99 -3.87 3.30 -14.19
N ARG A 100 -3.44 3.12 -15.45
CA ARG A 100 -3.14 1.77 -15.96
C ARG A 100 -2.03 1.10 -15.14
N GLU A 101 -0.96 1.84 -14.86
CA GLU A 101 0.17 1.33 -14.07
C GLU A 101 -0.20 1.23 -12.57
N LEU A 102 -0.99 2.19 -12.09
CA LEU A 102 -1.50 2.16 -10.71
C LEU A 102 -2.33 0.89 -10.46
N GLN A 103 -3.22 0.57 -11.41
CA GLN A 103 -4.08 -0.62 -11.29
C GLN A 103 -3.27 -1.92 -11.33
N ARG A 104 -2.07 -1.87 -11.92
CA ARG A 104 -1.16 -3.03 -11.90
C ARG A 104 -0.57 -3.21 -10.50
N VAL A 105 -0.12 -2.10 -9.91
CA VAL A 105 0.36 -2.09 -8.53
C VAL A 105 -0.76 -2.52 -7.55
N GLU A 106 -1.96 -2.00 -7.76
CA GLU A 106 -3.13 -2.36 -6.94
C GLU A 106 -3.50 -3.84 -7.12
N ASP A 107 -3.58 -4.29 -8.39
CA ASP A 107 -3.85 -5.70 -8.69
C ASP A 107 -2.92 -6.63 -7.91
N SER A 108 -1.62 -6.32 -7.92
CA SER A 108 -0.63 -7.12 -7.21
C SER A 108 -0.71 -6.92 -5.68
N HIS A 109 -1.09 -5.73 -5.22
CA HIS A 109 -1.12 -5.43 -3.78
C HIS A 109 -2.45 -5.81 -3.11
N GLN A 110 -3.54 -5.90 -3.88
CA GLN A 110 -4.86 -6.20 -3.31
C GLN A 110 -4.90 -7.59 -2.68
N ILE A 111 -4.15 -8.53 -3.25
CA ILE A 111 -4.08 -9.90 -2.72
C ILE A 111 -3.51 -9.91 -1.29
N LEU A 112 -2.78 -8.86 -0.92
CA LEU A 112 -2.31 -8.69 0.46
C LEU A 112 -3.49 -8.58 1.42
N SER A 113 -4.45 -7.73 1.08
CA SER A 113 -5.67 -7.57 1.90
C SER A 113 -6.51 -8.86 1.87
N GLN A 114 -6.58 -9.48 0.69
CA GLN A 114 -7.30 -10.76 0.54
C GLN A 114 -6.73 -11.84 1.46
N THR A 115 -5.40 -11.94 1.50
CA THR A 115 -4.72 -12.93 2.35
C THR A 115 -4.81 -12.55 3.84
N SER A 116 -4.37 -11.34 4.17
CA SER A 116 -4.45 -10.83 5.55
C SER A 116 -5.82 -11.08 6.18
N HIS A 117 -6.87 -10.64 5.49
CA HIS A 117 -8.25 -10.84 5.93
C HIS A 117 -8.58 -12.34 6.12
N ASP A 118 -8.26 -13.15 5.12
CA ASP A 118 -8.58 -14.59 5.15
C ASP A 118 -7.84 -15.30 6.30
N LEU A 119 -6.55 -15.01 6.45
CA LEU A 119 -5.75 -15.55 7.56
C LEU A 119 -6.36 -15.18 8.90
N ASN A 120 -6.84 -13.92 9.01
CA ASN A 120 -7.49 -13.44 10.22
C ASN A 120 -8.79 -14.22 10.49
N GLU A 121 -9.54 -14.51 9.43
CA GLU A 121 -10.77 -15.32 9.54
C GLU A 121 -10.44 -16.78 9.89
N CYS A 122 -9.23 -17.21 9.51
CA CYS A 122 -8.72 -18.53 9.92
C CYS A 122 -8.06 -18.45 11.31
N SER A 123 -8.16 -17.27 11.95
CA SER A 123 -7.62 -17.04 13.31
C SER A 123 -6.10 -17.26 13.37
N TRP A 124 -5.43 -17.16 12.21
CA TRP A 124 -3.97 -17.37 12.13
C TRP A 124 -3.54 -18.69 12.77
N SER A 125 -4.41 -19.69 12.68
CA SER A 125 -4.16 -21.00 13.28
C SER A 125 -2.86 -21.63 12.77
N LEU A 126 -1.96 -21.92 13.70
CA LEU A 126 -0.64 -22.50 13.39
C LEU A 126 -0.77 -23.76 12.51
N ASN A 127 -1.92 -24.43 12.61
CA ASN A 127 -2.22 -25.63 11.79
C ASN A 127 -2.01 -25.36 10.29
N ILE A 128 -2.40 -24.18 9.84
CA ILE A 128 -2.30 -23.82 8.42
C ILE A 128 -0.91 -23.25 8.07
N LEU A 129 -0.35 -22.48 9.00
CA LEU A 129 0.92 -21.77 8.76
C LEU A 129 2.15 -22.62 9.12
N ALA A 130 2.27 -23.00 10.39
CA ALA A 130 3.43 -23.76 10.86
C ALA A 130 3.36 -25.22 10.42
N ILE A 131 2.16 -25.78 10.44
CA ILE A 131 1.94 -27.18 10.04
C ILE A 131 1.47 -27.24 8.57
N ASN A 132 1.94 -26.31 7.75
CA ASN A 132 1.59 -26.26 6.32
C ASN A 132 2.13 -27.50 5.59
N LYS A 133 3.47 -27.58 5.47
CA LYS A 133 4.14 -28.70 4.77
C LYS A 133 3.89 -28.69 3.26
N PRO A 134 4.91 -29.09 2.46
CA PRO A 134 4.77 -29.20 0.99
C PRO A 134 3.58 -30.09 0.58
N GLN A 135 3.06 -30.86 1.53
CA GLN A 135 1.85 -31.66 1.37
C GLN A 135 0.68 -30.84 0.80
N ASN A 136 0.52 -29.61 1.31
CA ASN A 136 -0.58 -28.73 0.87
C ASN A 136 -0.05 -27.51 0.12
N LYS A 137 -0.95 -26.63 -0.31
CA LYS A 137 -0.58 -25.37 -0.97
C LYS A 137 0.27 -24.50 -0.04
N CYS A 138 1.21 -23.75 -0.60
CA CYS A 138 1.96 -22.75 0.17
C CYS A 138 0.99 -21.80 0.89
N ASP A 139 1.23 -21.59 2.17
CA ASP A 139 0.34 -20.75 2.98
C ASP A 139 0.25 -19.32 2.42
N ASP A 140 -0.94 -18.72 2.52
CA ASP A 140 -1.17 -17.37 2.01
C ASP A 140 -0.37 -16.32 2.78
N LEU A 141 0.19 -16.70 3.94
CA LEU A 141 1.08 -15.83 4.68
C LEU A 141 2.39 -15.61 3.90
N ASP A 142 3.01 -16.70 3.45
CA ASP A 142 4.15 -16.62 2.53
C ASP A 142 3.80 -15.80 1.28
N ARG A 143 2.63 -16.06 0.71
CA ARG A 143 2.10 -15.27 -0.41
C ARG A 143 2.08 -13.77 -0.08
N PHE A 144 1.67 -13.44 1.14
CA PHE A 144 1.69 -12.06 1.62
C PHE A 144 3.13 -11.53 1.66
N VAL A 145 4.04 -12.34 2.20
CA VAL A 145 5.45 -11.95 2.35
C VAL A 145 6.14 -11.65 1.00
N MET A 146 6.08 -12.61 0.08
CA MET A 146 6.73 -12.48 -1.24
C MET A 146 6.24 -11.22 -1.99
N VAL A 147 4.96 -10.88 -1.82
CA VAL A 147 4.41 -9.69 -2.45
C VAL A 147 4.71 -8.42 -1.64
N ALA A 148 4.66 -8.53 -0.31
CA ALA A 148 4.92 -7.39 0.58
C ALA A 148 6.31 -6.79 0.36
N LYS A 149 7.31 -7.65 0.24
CA LYS A 149 8.71 -7.21 0.06
C LYS A 149 8.89 -6.37 -1.22
N THR A 150 8.06 -6.60 -2.24
CA THR A 150 8.17 -5.87 -3.51
C THR A 150 7.18 -4.68 -3.59
N VAL A 151 6.32 -4.56 -2.58
CA VAL A 151 5.31 -3.48 -2.55
C VAL A 151 5.92 -2.08 -2.74
N PRO A 152 6.98 -1.71 -1.97
CA PRO A 152 7.62 -0.38 -2.10
C PRO A 152 8.26 -0.18 -3.48
N ASP A 153 8.67 -1.28 -4.11
CA ASP A 153 9.30 -1.22 -5.44
C ASP A 153 8.25 -0.86 -6.52
N ASP A 154 7.11 -1.54 -6.50
CA ASP A 154 5.98 -1.21 -7.37
C ASP A 154 5.48 0.22 -7.11
N ALA A 155 5.33 0.56 -5.82
CA ALA A 155 4.89 1.89 -5.42
C ALA A 155 5.88 2.97 -5.89
N LYS A 156 7.17 2.65 -5.84
CA LYS A 156 8.25 3.55 -6.25
C LYS A 156 8.01 4.13 -7.66
N GLN A 157 7.36 3.34 -8.53
CA GLN A 157 7.07 3.78 -9.90
C GLN A 157 6.01 4.89 -9.92
N LEU A 158 4.86 4.63 -9.30
CA LEU A 158 3.77 5.62 -9.24
C LEU A 158 4.20 6.87 -8.45
N THR A 159 4.91 6.64 -7.34
CA THR A 159 5.44 7.74 -6.53
C THR A 159 6.24 8.73 -7.40
N THR A 160 7.18 8.20 -8.17
CA THR A 160 7.99 9.05 -9.08
C THR A 160 7.12 9.70 -10.17
N THR A 161 6.23 8.90 -10.75
CA THR A 161 5.35 9.37 -11.85
C THR A 161 4.53 10.60 -11.44
N ILE A 162 3.83 10.51 -10.32
CA ILE A 162 3.00 11.62 -9.83
C ILE A 162 3.85 12.85 -9.48
N ASN A 163 4.94 12.64 -8.75
CA ASN A 163 5.82 13.72 -8.32
C ASN A 163 6.40 14.52 -9.51
N THR A 164 6.83 13.84 -10.56
CA THR A 164 7.36 14.54 -11.74
C THR A 164 6.25 15.25 -12.52
N ASN A 165 5.04 14.68 -12.53
CA ASN A 165 3.90 15.33 -13.22
C ASN A 165 3.05 16.16 -12.24
N ALA A 166 3.56 16.39 -11.04
CA ALA A 166 2.82 17.10 -9.98
C ALA A 166 2.37 18.50 -10.44
N GLU A 167 3.22 19.17 -11.22
CA GLU A 167 2.91 20.52 -11.73
C GLU A 167 1.80 20.48 -12.81
N ALA A 168 1.67 19.34 -13.48
CA ALA A 168 0.59 19.16 -14.47
C ALA A 168 -0.71 18.73 -13.80
N LEU A 169 -0.59 17.93 -12.74
CA LEU A 169 -1.75 17.45 -11.98
C LEU A 169 -2.32 18.55 -11.07
N PHE A 170 -1.43 19.32 -10.44
CA PHE A 170 -1.82 20.38 -9.49
C PHE A 170 -1.28 21.74 -9.92
N ARG A 171 -2.09 22.78 -9.77
CA ARG A 171 -1.71 24.13 -10.20
C ARG A 171 -2.09 25.18 -9.14
N PRO A 172 -1.16 26.09 -8.76
CA PRO A 172 -1.43 27.16 -7.78
C PRO A 172 -2.32 28.29 -8.33
N GLY A 173 -2.73 28.16 -9.59
CA GLY A 173 -3.61 29.16 -10.20
C GLY A 173 -2.86 30.15 -11.09
N PRO A 174 -3.59 30.91 -11.94
CA PRO A 174 -3.00 31.96 -12.79
C PRO A 174 -2.09 32.93 -12.01
N GLY A 175 -0.79 32.83 -12.25
CA GLY A 175 0.18 33.66 -11.54
C GLY A 175 1.61 33.24 -11.82
N SER A 176 2.32 34.01 -12.63
CA SER A 176 3.71 33.68 -13.01
C SER A 176 4.72 34.42 -12.13
N MET A 1 -33.04 31.94 16.87
CA MET A 1 -31.69 32.12 17.46
C MET A 1 -30.78 30.92 17.12
N GLY A 2 -29.62 31.22 16.54
CA GLY A 2 -28.67 30.16 16.15
C GLY A 2 -27.53 30.69 15.29
N HIS A 3 -26.29 30.51 15.76
CA HIS A 3 -25.12 31.04 15.04
C HIS A 3 -24.52 29.97 14.09
N HIS A 4 -25.17 29.77 12.95
CA HIS A 4 -24.72 28.75 11.99
C HIS A 4 -23.36 29.12 11.37
N HIS A 5 -22.53 28.10 11.13
CA HIS A 5 -21.16 28.33 10.65
C HIS A 5 -21.15 28.66 9.14
N HIS A 6 -20.41 29.71 8.77
CA HIS A 6 -20.37 30.18 7.38
C HIS A 6 -19.08 29.72 6.66
N HIS A 7 -19.20 28.70 5.82
CA HIS A 7 -18.06 28.18 5.05
C HIS A 7 -18.53 27.06 4.10
N HIS A 8 -18.18 27.18 2.82
CA HIS A 8 -18.62 26.22 1.81
C HIS A 8 -17.96 24.84 2.00
N SER A 9 -18.70 23.91 2.60
CA SER A 9 -18.20 22.55 2.86
C SER A 9 -18.30 21.68 1.60
N HIS A 10 -17.15 21.46 0.95
CA HIS A 10 -17.11 20.62 -0.26
C HIS A 10 -15.79 19.84 -0.35
N MET A 11 -15.81 18.58 0.09
CA MET A 11 -14.64 17.70 -0.01
C MET A 11 -14.88 16.58 -1.04
N ASP A 12 -14.18 16.63 -2.16
CA ASP A 12 -14.29 15.61 -3.21
C ASP A 12 -13.40 14.40 -2.88
N LYS A 13 -13.35 13.44 -3.82
CA LYS A 13 -12.43 12.30 -3.70
C LYS A 13 -11.01 12.72 -4.08
N ARG A 14 -10.90 13.72 -4.96
CA ARG A 14 -9.62 14.32 -5.32
C ARG A 14 -9.09 15.20 -4.18
N LEU A 15 -7.80 15.10 -3.90
CA LEU A 15 -7.17 15.93 -2.87
C LEU A 15 -6.75 17.31 -3.42
N PHE A 16 -6.72 18.30 -2.54
CA PHE A 16 -6.38 19.68 -2.92
C PHE A 16 -5.16 20.19 -2.13
N LEU A 17 -4.06 20.43 -2.84
CA LEU A 17 -2.83 20.92 -2.21
C LEU A 17 -1.85 21.47 -3.26
N ASP A 18 -0.80 22.13 -2.80
CA ASP A 18 0.23 22.70 -3.68
C ASP A 18 1.08 21.59 -4.34
N PRO A 19 1.57 21.82 -5.57
CA PRO A 19 2.46 20.86 -6.26
C PRO A 19 3.71 20.52 -5.44
N ASP A 20 4.30 21.55 -4.82
CA ASP A 20 5.43 21.37 -3.89
C ASP A 20 5.04 20.43 -2.74
N THR A 21 3.94 20.78 -2.07
CA THR A 21 3.46 20.01 -0.92
C THR A 21 3.09 18.58 -1.31
N ALA A 22 2.51 18.40 -2.49
CA ALA A 22 2.11 17.07 -2.96
C ALA A 22 3.31 16.10 -3.00
N ILE A 23 4.45 16.60 -3.46
CA ILE A 23 5.67 15.80 -3.54
C ILE A 23 6.11 15.31 -2.15
N GLU A 24 6.32 16.25 -1.23
CA GLU A 24 6.81 15.92 0.12
C GLU A 24 5.89 14.94 0.85
N ARG A 25 4.56 15.11 0.72
CA ARG A 25 3.61 14.20 1.38
C ARG A 25 3.69 12.80 0.77
N LEU A 26 3.73 12.73 -0.57
CA LEU A 26 3.82 11.46 -1.28
C LEU A 26 5.13 10.73 -0.97
N GLN A 27 6.20 11.50 -0.77
CA GLN A 27 7.51 10.94 -0.40
C GLN A 27 7.44 10.34 1.01
N ARG A 28 6.84 11.08 1.94
CA ARG A 28 6.67 10.61 3.31
C ARG A 28 5.82 9.32 3.38
N LEU A 29 4.77 9.27 2.57
CA LEU A 29 3.94 8.05 2.48
C LEU A 29 4.72 6.88 1.87
N GLN A 30 5.48 7.16 0.80
CA GLN A 30 6.34 6.16 0.17
C GLN A 30 7.28 5.50 1.19
N GLN A 31 8.08 6.33 1.87
CA GLN A 31 9.06 5.83 2.84
C GLN A 31 8.37 5.18 4.06
N ALA A 32 7.22 5.74 4.46
CA ALA A 32 6.43 5.15 5.57
C ALA A 32 5.98 3.73 5.23
N LEU A 33 5.47 3.56 4.01
CA LEU A 33 5.07 2.24 3.50
C LEU A 33 6.25 1.26 3.56
N GLU A 34 7.44 1.74 3.18
CA GLU A 34 8.66 0.95 3.25
C GLU A 34 8.97 0.50 4.69
N MET A 35 8.73 1.39 5.66
CA MET A 35 8.92 1.02 7.08
C MET A 35 7.96 -0.10 7.50
N GLY A 36 6.71 -0.04 7.01
CA GLY A 36 5.74 -1.09 7.28
C GLY A 36 6.17 -2.45 6.74
N VAL A 37 6.62 -2.47 5.48
CA VAL A 37 7.15 -3.69 4.87
C VAL A 37 8.41 -4.18 5.59
N SER A 38 9.26 -3.22 6.00
CA SER A 38 10.47 -3.54 6.78
C SER A 38 10.11 -4.27 8.07
N SER A 39 9.04 -3.80 8.73
CA SER A 39 8.52 -4.46 9.94
C SER A 39 8.20 -5.93 9.67
N LEU A 40 7.58 -6.19 8.52
CA LEU A 40 7.28 -7.57 8.09
C LEU A 40 8.57 -8.37 7.84
N MET A 41 9.52 -7.76 7.12
CA MET A 41 10.79 -8.43 6.77
C MET A 41 11.49 -9.01 8.01
N ALA A 42 11.52 -8.24 9.10
CA ALA A 42 12.17 -8.67 10.35
C ALA A 42 11.36 -9.78 11.07
N LEU A 43 10.15 -10.05 10.59
CA LEU A 43 9.26 -11.05 11.19
C LEU A 43 9.07 -12.28 10.29
N VAL A 44 9.48 -12.17 9.02
CA VAL A 44 9.34 -13.27 8.06
C VAL A 44 10.24 -14.48 8.40
N THR A 45 9.69 -15.68 8.23
CA THR A 45 10.45 -16.91 8.39
C THR A 45 10.68 -17.58 7.02
N THR A 46 11.93 -17.60 6.58
CA THR A 46 12.29 -18.12 5.23
C THR A 46 11.95 -19.61 5.05
N ASP A 47 12.00 -20.38 6.13
CA ASP A 47 11.69 -21.82 6.06
C ASP A 47 10.50 -22.18 6.94
N TRP A 48 9.40 -22.57 6.31
CA TRP A 48 8.15 -22.87 7.03
C TRP A 48 8.17 -24.28 7.62
N ARG A 49 8.75 -24.41 8.82
CA ARG A 49 8.80 -25.69 9.53
C ARG A 49 9.30 -25.52 10.98
N CYS A 50 10.14 -24.53 11.22
CA CYS A 50 10.62 -24.23 12.58
C CYS A 50 9.47 -23.68 13.45
N TYR A 51 8.78 -24.57 14.15
CA TYR A 51 7.57 -24.23 14.89
C TYR A 51 7.81 -23.19 15.99
N GLY A 52 8.71 -23.48 16.93
CA GLY A 52 8.97 -22.58 18.05
C GLY A 52 9.32 -21.15 17.62
N TYR A 53 10.25 -21.03 16.68
CA TYR A 53 10.66 -19.73 16.17
C TYR A 53 9.49 -18.97 15.54
N MET A 54 8.69 -19.68 14.74
CA MET A 54 7.53 -19.09 14.07
C MET A 54 6.46 -18.67 15.08
N GLU A 55 6.17 -19.55 16.04
CA GLU A 55 5.15 -19.31 17.07
C GLU A 55 5.41 -18.00 17.83
N ARG A 56 6.66 -17.76 18.21
CA ARG A 56 7.04 -16.52 18.93
C ARG A 56 6.73 -15.26 18.10
N HIS A 57 6.60 -15.41 16.78
CA HIS A 57 6.35 -14.27 15.89
C HIS A 57 4.92 -14.24 15.33
N ILE A 58 4.09 -15.22 15.70
CA ILE A 58 2.75 -15.36 15.08
C ILE A 58 1.87 -14.10 15.29
N ASN A 59 1.89 -13.53 16.50
CA ASN A 59 1.10 -12.33 16.80
C ASN A 59 1.83 -11.07 16.32
N GLU A 60 3.16 -11.10 16.37
CA GLU A 60 3.99 -9.97 15.94
C GLU A 60 3.82 -9.72 14.43
N ILE A 61 3.99 -10.77 13.63
CA ILE A 61 3.85 -10.67 12.17
C ILE A 61 2.42 -10.26 11.78
N ARG A 62 1.44 -10.80 12.50
CA ARG A 62 0.03 -10.44 12.30
C ARG A 62 -0.19 -8.93 12.47
N THR A 63 0.50 -8.34 13.44
CA THR A 63 0.46 -6.89 13.66
C THR A 63 1.04 -6.14 12.45
N ALA A 64 2.22 -6.57 11.99
CA ALA A 64 2.88 -5.97 10.83
C ALA A 64 2.00 -6.07 9.58
N VAL A 65 1.31 -7.20 9.40
CA VAL A 65 0.35 -7.37 8.30
C VAL A 65 -0.67 -6.23 8.27
N ASP A 66 -1.32 -6.00 9.41
CA ASP A 66 -2.28 -4.90 9.54
C ASP A 66 -1.64 -3.54 9.21
N LYS A 67 -0.36 -3.38 9.55
CA LYS A 67 0.38 -2.15 9.20
C LYS A 67 0.62 -2.04 7.69
N VAL A 68 0.96 -3.15 7.05
CA VAL A 68 1.12 -3.17 5.58
C VAL A 68 -0.19 -2.76 4.89
N GLU A 69 -1.31 -3.30 5.39
CA GLU A 69 -2.65 -2.90 4.93
C GLU A 69 -2.91 -1.41 5.23
N LEU A 70 -2.41 -0.94 6.37
CA LEU A 70 -2.61 0.45 6.80
C LEU A 70 -1.89 1.45 5.87
N PHE A 71 -0.56 1.36 5.81
CA PHE A 71 0.25 2.30 5.00
C PHE A 71 -0.12 2.22 3.52
N LEU A 72 -0.39 1.02 3.02
CA LEU A 72 -0.81 0.84 1.62
C LEU A 72 -2.16 1.54 1.36
N LYS A 73 -3.07 1.45 2.33
CA LYS A 73 -4.37 2.12 2.25
C LYS A 73 -4.20 3.65 2.24
N GLU A 74 -3.28 4.15 3.07
CA GLU A 74 -2.98 5.59 3.09
C GLU A 74 -2.37 6.04 1.75
N TYR A 75 -1.40 5.29 1.25
CA TYR A 75 -0.74 5.59 -0.02
C TYR A 75 -1.71 5.54 -1.20
N LEU A 76 -2.35 4.38 -1.40
CA LEU A 76 -3.29 4.19 -2.52
C LEU A 76 -4.38 5.26 -2.54
N HIS A 77 -4.92 5.62 -1.37
CA HIS A 77 -5.94 6.67 -1.30
C HIS A 77 -5.38 8.04 -1.76
N PHE A 78 -4.10 8.29 -1.50
CA PHE A 78 -3.45 9.54 -1.90
C PHE A 78 -3.28 9.62 -3.42
N VAL A 79 -2.62 8.60 -4.00
CA VAL A 79 -2.38 8.58 -5.46
C VAL A 79 -3.69 8.61 -6.25
N LYS A 80 -4.72 7.91 -5.77
CA LYS A 80 -6.04 7.94 -6.40
C LYS A 80 -6.63 9.35 -6.38
N GLY A 81 -6.43 10.06 -5.28
CA GLY A 81 -6.85 11.46 -5.19
C GLY A 81 -6.12 12.35 -6.21
N ALA A 82 -4.86 12.03 -6.48
CA ALA A 82 -4.09 12.73 -7.52
C ALA A 82 -4.66 12.44 -8.92
N VAL A 83 -4.88 11.14 -9.20
CA VAL A 83 -5.49 10.72 -10.47
C VAL A 83 -6.88 11.36 -10.66
N ALA A 84 -7.60 11.53 -9.54
CA ALA A 84 -8.93 12.16 -9.56
C ALA A 84 -8.85 13.63 -10.01
N ASN A 85 -7.67 14.26 -9.83
CA ASN A 85 -7.41 15.59 -10.40
C ASN A 85 -6.95 15.47 -11.85
N ALA A 86 -6.15 14.44 -12.13
CA ALA A 86 -5.65 14.16 -13.49
C ALA A 86 -6.79 14.00 -14.52
N ALA A 87 -7.98 13.68 -14.04
CA ALA A 87 -9.15 13.54 -14.91
C ALA A 87 -9.58 14.88 -15.55
N CYS A 88 -8.90 15.97 -15.20
CA CYS A 88 -9.17 17.30 -15.78
C CYS A 88 -7.98 17.84 -16.59
N LEU A 89 -7.02 16.96 -16.90
CA LEU A 89 -5.84 17.36 -17.68
C LEU A 89 -6.17 17.58 -19.17
N PRO A 90 -5.36 18.41 -19.87
CA PRO A 90 -5.53 18.63 -21.31
C PRO A 90 -5.36 17.34 -22.13
N GLU A 91 -4.41 16.49 -21.73
CA GLU A 91 -4.23 15.19 -22.37
C GLU A 91 -4.74 14.05 -21.47
N LEU A 92 -5.69 13.27 -21.98
CA LEU A 92 -6.21 12.10 -21.24
C LEU A 92 -5.14 10.99 -21.18
N ILE A 93 -4.07 11.17 -21.96
CA ILE A 93 -2.99 10.18 -22.07
C ILE A 93 -2.32 9.93 -20.70
N LEU A 94 -1.81 10.99 -20.08
CA LEU A 94 -1.18 10.89 -18.76
C LEU A 94 -2.14 10.25 -17.73
N HIS A 95 -3.42 10.63 -17.80
CA HIS A 95 -4.44 10.08 -16.91
C HIS A 95 -4.56 8.56 -17.04
N ASN A 96 -4.53 8.06 -18.28
CA ASN A 96 -4.65 6.61 -18.51
C ASN A 96 -3.37 5.86 -18.12
N LYS A 97 -2.22 6.45 -18.38
CA LYS A 97 -0.94 5.82 -18.04
C LYS A 97 -0.75 5.66 -16.52
N MET A 98 -1.05 6.72 -15.75
CA MET A 98 -0.94 6.65 -14.29
C MET A 98 -1.88 5.58 -13.70
N LYS A 99 -3.15 5.57 -14.14
CA LYS A 99 -4.12 4.58 -13.64
C LYS A 99 -3.75 3.15 -14.09
N ARG A 100 -3.16 3.03 -15.29
CA ARG A 100 -2.74 1.73 -15.82
C ARG A 100 -1.80 1.00 -14.84
N GLU A 101 -0.68 1.64 -14.51
CA GLU A 101 0.29 1.06 -13.58
C GLU A 101 -0.30 0.98 -12.15
N LEU A 102 -1.15 1.94 -11.81
CA LEU A 102 -1.83 1.94 -10.51
C LEU A 102 -2.72 0.68 -10.36
N GLN A 103 -3.42 0.31 -11.42
CA GLN A 103 -4.26 -0.90 -11.41
C GLN A 103 -3.42 -2.16 -11.17
N ARG A 104 -2.18 -2.15 -11.66
CA ARG A 104 -1.24 -3.25 -11.38
C ARG A 104 -0.92 -3.28 -9.87
N VAL A 105 -0.62 -2.12 -9.31
CA VAL A 105 -0.37 -1.98 -7.88
C VAL A 105 -1.56 -2.49 -7.05
N GLU A 106 -2.74 -2.01 -7.37
CA GLU A 106 -3.97 -2.41 -6.65
C GLU A 106 -4.24 -3.90 -6.81
N ASP A 107 -4.49 -4.34 -8.04
CA ASP A 107 -4.86 -5.73 -8.33
C ASP A 107 -3.88 -6.73 -7.69
N SER A 108 -2.60 -6.38 -7.68
CA SER A 108 -1.56 -7.26 -7.13
C SER A 108 -1.48 -7.18 -5.60
N HIS A 109 -1.57 -5.98 -5.04
CA HIS A 109 -1.36 -5.78 -3.61
C HIS A 109 -2.64 -5.95 -2.76
N GLN A 110 -3.81 -5.82 -3.38
CA GLN A 110 -5.08 -5.99 -2.68
C GLN A 110 -5.19 -7.38 -2.03
N ILE A 111 -4.57 -8.39 -2.67
CA ILE A 111 -4.60 -9.75 -2.15
C ILE A 111 -3.97 -9.85 -0.75
N LEU A 112 -3.15 -8.86 -0.38
CA LEU A 112 -2.58 -8.79 0.96
C LEU A 112 -3.68 -8.67 2.03
N SER A 113 -4.73 -7.93 1.71
CA SER A 113 -5.89 -7.80 2.61
C SER A 113 -6.75 -9.07 2.57
N GLN A 114 -6.77 -9.74 1.42
CA GLN A 114 -7.45 -11.03 1.28
C GLN A 114 -6.81 -12.08 2.19
N THR A 115 -5.52 -12.34 1.98
CA THR A 115 -4.77 -13.30 2.79
C THR A 115 -4.92 -13.00 4.29
N SER A 116 -4.73 -11.74 4.66
CA SER A 116 -4.89 -11.28 6.05
C SER A 116 -6.26 -11.70 6.62
N HIS A 117 -7.34 -11.37 5.90
CA HIS A 117 -8.69 -11.73 6.32
C HIS A 117 -8.87 -13.26 6.42
N ASP A 118 -8.51 -13.98 5.37
CA ASP A 118 -8.66 -15.45 5.34
C ASP A 118 -7.86 -16.13 6.47
N LEU A 119 -6.64 -15.68 6.70
CA LEU A 119 -5.83 -16.19 7.81
C LEU A 119 -6.46 -15.81 9.16
N ASN A 120 -7.07 -14.62 9.21
CA ASN A 120 -7.79 -14.15 10.40
C ASN A 120 -8.99 -15.07 10.69
N GLU A 121 -9.66 -15.53 9.63
CA GLU A 121 -10.75 -16.49 9.76
C GLU A 121 -10.22 -17.84 10.29
N CYS A 122 -8.99 -18.17 9.91
CA CYS A 122 -8.31 -19.37 10.43
C CYS A 122 -7.68 -19.10 11.81
N SER A 123 -7.96 -17.91 12.36
CA SER A 123 -7.47 -17.50 13.69
C SER A 123 -5.93 -17.46 13.76
N TRP A 124 -5.28 -17.48 12.60
CA TRP A 124 -3.81 -17.52 12.52
C TRP A 124 -3.24 -18.71 13.33
N SER A 125 -4.04 -19.77 13.48
CA SER A 125 -3.65 -20.94 14.28
C SER A 125 -2.38 -21.62 13.71
N LEU A 126 -1.44 -21.92 14.60
CA LEU A 126 -0.15 -22.52 14.21
C LEU A 126 -0.35 -23.91 13.56
N ASN A 127 -1.40 -24.62 13.99
CA ASN A 127 -1.72 -25.94 13.43
C ASN A 127 -1.91 -25.89 11.91
N ILE A 128 -2.39 -24.76 11.40
CA ILE A 128 -2.65 -24.60 9.96
C ILE A 128 -1.49 -23.88 9.25
N LEU A 129 -0.94 -22.84 9.89
CA LEU A 129 0.14 -22.05 9.29
C LEU A 129 1.51 -22.74 9.40
N ALA A 130 1.91 -23.09 10.62
CA ALA A 130 3.22 -23.71 10.87
C ALA A 130 3.26 -25.16 10.36
N ILE A 131 2.23 -25.94 10.71
CA ILE A 131 2.11 -27.32 10.23
C ILE A 131 1.30 -27.38 8.93
N ASN A 132 1.95 -27.15 7.81
CA ASN A 132 1.29 -27.11 6.51
C ASN A 132 1.63 -28.35 5.66
N LYS A 133 0.65 -29.22 5.46
CA LYS A 133 0.86 -30.45 4.66
C LYS A 133 0.71 -30.17 3.15
N PRO A 134 1.48 -30.91 2.31
CA PRO A 134 1.43 -30.76 0.84
C PRO A 134 0.01 -30.80 0.23
N GLN A 135 -0.92 -31.47 0.90
CA GLN A 135 -2.32 -31.52 0.44
C GLN A 135 -2.97 -30.12 0.40
N ASN A 136 -2.47 -29.20 1.23
CA ASN A 136 -3.01 -27.83 1.29
C ASN A 136 -2.52 -26.98 0.13
N LYS A 137 -1.23 -26.62 0.18
CA LYS A 137 -0.60 -25.69 -0.78
C LYS A 137 -1.30 -24.32 -0.85
N CYS A 138 -2.18 -24.05 0.10
CA CYS A 138 -2.84 -22.73 0.20
C CYS A 138 -1.96 -21.79 1.05
N ASP A 139 -0.72 -21.59 0.60
CA ASP A 139 0.29 -20.87 1.37
C ASP A 139 0.14 -19.34 1.22
N ASP A 140 -1.07 -18.83 1.47
CA ASP A 140 -1.35 -17.40 1.38
C ASP A 140 -0.44 -16.57 2.31
N LEU A 141 0.04 -17.18 3.39
CA LEU A 141 1.00 -16.54 4.28
C LEU A 141 2.32 -16.23 3.54
N ASP A 142 2.83 -17.21 2.81
CA ASP A 142 4.04 -17.03 2.00
C ASP A 142 3.75 -16.08 0.82
N ARG A 143 2.54 -16.17 0.28
CA ARG A 143 2.07 -15.24 -0.76
C ARG A 143 2.21 -13.78 -0.29
N PHE A 144 1.71 -13.52 0.93
CA PHE A 144 1.77 -12.18 1.52
C PHE A 144 3.21 -11.64 1.52
N VAL A 145 4.16 -12.47 1.96
CA VAL A 145 5.58 -12.09 2.04
C VAL A 145 6.14 -11.65 0.67
N MET A 146 6.06 -12.53 -0.32
CA MET A 146 6.60 -12.25 -1.66
C MET A 146 5.93 -11.02 -2.31
N VAL A 147 4.63 -10.85 -2.08
CA VAL A 147 3.89 -9.73 -2.66
C VAL A 147 4.10 -8.42 -1.88
N ALA A 148 4.40 -8.55 -0.58
CA ALA A 148 4.62 -7.37 0.27
C ALA A 148 5.95 -6.69 -0.04
N LYS A 149 7.03 -7.47 -0.17
CA LYS A 149 8.38 -6.92 -0.38
C LYS A 149 8.50 -6.14 -1.71
N THR A 150 7.52 -6.30 -2.61
CA THR A 150 7.54 -5.58 -3.89
C THR A 150 6.60 -4.36 -3.88
N VAL A 151 5.74 -4.26 -2.86
CA VAL A 151 4.78 -3.15 -2.76
C VAL A 151 5.43 -1.76 -2.88
N PRO A 152 6.47 -1.46 -2.07
CA PRO A 152 7.14 -0.15 -2.10
C PRO A 152 7.80 0.15 -3.45
N ASP A 153 8.21 -0.91 -4.16
CA ASP A 153 8.87 -0.77 -5.45
C ASP A 153 7.86 -0.40 -6.55
N ASP A 154 6.74 -1.10 -6.58
CA ASP A 154 5.65 -0.78 -7.51
C ASP A 154 5.09 0.62 -7.20
N ALA A 155 4.97 0.93 -5.91
CA ALA A 155 4.52 2.25 -5.47
C ALA A 155 5.48 3.34 -5.93
N LYS A 156 6.78 3.09 -5.80
CA LYS A 156 7.82 4.05 -6.20
C LYS A 156 7.65 4.48 -7.68
N GLN A 157 7.08 3.59 -8.50
CA GLN A 157 6.79 3.90 -9.91
C GLN A 157 5.73 5.00 -10.02
N LEU A 158 4.60 4.83 -9.33
CA LEU A 158 3.52 5.82 -9.32
C LEU A 158 3.99 7.11 -8.62
N THR A 159 4.68 6.94 -7.49
CA THR A 159 5.27 8.05 -6.73
C THR A 159 6.10 8.97 -7.63
N THR A 160 7.07 8.39 -8.36
CA THR A 160 7.94 9.16 -9.26
C THR A 160 7.11 9.84 -10.37
N THR A 161 6.13 9.12 -10.91
CA THR A 161 5.25 9.64 -11.96
C THR A 161 4.51 10.92 -11.51
N ILE A 162 3.88 10.86 -10.33
CA ILE A 162 3.18 12.02 -9.79
C ILE A 162 4.13 13.18 -9.51
N ASN A 163 5.26 12.88 -8.83
CA ASN A 163 6.28 13.90 -8.53
C ASN A 163 6.69 14.70 -9.77
N THR A 164 7.11 14.02 -10.84
CA THR A 164 7.56 14.69 -12.06
C THR A 164 6.42 15.44 -12.78
N ASN A 165 5.19 14.93 -12.65
CA ASN A 165 4.02 15.59 -13.27
C ASN A 165 3.26 16.46 -12.25
N ALA A 166 3.86 16.70 -11.08
CA ALA A 166 3.20 17.44 -9.99
C ALA A 166 2.74 18.83 -10.43
N GLU A 167 3.60 19.54 -11.17
CA GLU A 167 3.29 20.88 -11.65
C GLU A 167 2.13 20.87 -12.68
N ALA A 168 1.92 19.72 -13.32
CA ALA A 168 0.84 19.57 -14.31
C ALA A 168 -0.47 19.15 -13.64
N LEU A 169 -0.38 18.19 -12.73
CA LEU A 169 -1.53 17.74 -11.94
C LEU A 169 -2.05 18.87 -11.05
N PHE A 170 -1.14 19.48 -10.29
CA PHE A 170 -1.47 20.58 -9.40
C PHE A 170 -0.74 21.85 -9.88
N ARG A 171 -1.43 22.67 -10.67
CA ARG A 171 -0.81 23.87 -11.26
C ARG A 171 -0.57 24.94 -10.19
N PRO A 172 0.72 25.31 -9.95
CA PRO A 172 1.08 26.28 -8.89
C PRO A 172 0.46 27.68 -9.13
N GLY A 173 0.48 28.13 -10.38
CA GLY A 173 -0.06 29.44 -10.71
C GLY A 173 0.94 30.56 -10.46
N PRO A 174 0.46 31.73 -10.00
CA PRO A 174 1.33 32.87 -9.64
C PRO A 174 2.08 32.64 -8.31
N GLY A 175 3.29 32.07 -8.40
CA GLY A 175 4.07 31.75 -7.20
C GLY A 175 5.29 32.65 -7.00
N SER A 176 6.01 32.96 -8.09
CA SER A 176 7.22 33.77 -8.00
C SER A 176 7.28 34.82 -9.13
N MET A 1 -11.92 45.73 15.74
CA MET A 1 -12.79 45.37 16.89
C MET A 1 -13.22 43.89 16.85
N GLY A 2 -12.38 43.03 16.26
CA GLY A 2 -12.61 41.58 16.32
C GLY A 2 -13.63 41.05 15.31
N HIS A 3 -14.32 41.93 14.59
CA HIS A 3 -15.36 41.50 13.65
C HIS A 3 -14.79 41.03 12.30
N HIS A 4 -13.94 40.00 12.34
CA HIS A 4 -13.33 39.43 11.12
C HIS A 4 -13.10 37.92 11.30
N HIS A 5 -13.60 37.12 10.36
CA HIS A 5 -13.44 35.65 10.41
C HIS A 5 -12.80 35.10 9.13
N HIS A 6 -12.09 33.98 9.26
CA HIS A 6 -11.48 33.29 8.12
C HIS A 6 -11.35 31.79 8.39
N HIS A 7 -12.24 30.99 7.79
CA HIS A 7 -12.24 29.54 7.99
C HIS A 7 -12.35 28.78 6.65
N HIS A 8 -11.82 27.57 6.61
CA HIS A 8 -11.82 26.77 5.37
C HIS A 8 -11.66 25.27 5.67
N SER A 9 -12.35 24.44 4.90
CA SER A 9 -12.30 22.98 5.07
C SER A 9 -12.53 22.24 3.74
N HIS A 10 -11.92 21.07 3.59
CA HIS A 10 -12.05 20.28 2.37
C HIS A 10 -12.13 18.79 2.69
N MET A 11 -13.27 18.16 2.40
CA MET A 11 -13.44 16.73 2.68
C MET A 11 -14.18 15.99 1.55
N ASP A 12 -13.43 15.23 0.78
CA ASP A 12 -13.98 14.32 -0.23
C ASP A 12 -12.87 13.37 -0.73
N LYS A 13 -13.11 12.62 -1.80
CA LYS A 13 -12.15 11.63 -2.28
C LYS A 13 -11.03 12.26 -3.15
N ARG A 14 -11.31 13.43 -3.73
CA ARG A 14 -10.33 14.12 -4.56
C ARG A 14 -9.71 15.31 -3.80
N LEU A 15 -8.39 15.34 -3.74
CA LEU A 15 -7.67 16.34 -2.95
C LEU A 15 -7.22 17.56 -3.79
N PHE A 16 -7.10 18.72 -3.14
CA PHE A 16 -6.53 19.93 -3.75
C PHE A 16 -5.39 20.49 -2.88
N LEU A 17 -4.25 20.76 -3.49
CA LEU A 17 -3.09 21.31 -2.77
C LEU A 17 -2.07 21.91 -3.74
N ASP A 18 -0.95 22.40 -3.21
CA ASP A 18 0.11 22.99 -4.03
C ASP A 18 0.92 21.90 -4.74
N PRO A 19 1.10 22.01 -6.07
CA PRO A 19 1.85 21.01 -6.85
C PRO A 19 3.25 20.73 -6.27
N ASP A 20 3.90 21.79 -5.75
CA ASP A 20 5.21 21.66 -5.11
C ASP A 20 5.12 20.82 -3.81
N THR A 21 4.05 21.03 -3.04
CA THR A 21 3.86 20.35 -1.75
C THR A 21 3.43 18.90 -1.94
N ALA A 22 2.70 18.61 -3.01
CA ALA A 22 2.25 17.24 -3.29
C ALA A 22 3.41 16.24 -3.31
N ILE A 23 4.59 16.71 -3.70
CA ILE A 23 5.80 15.88 -3.76
C ILE A 23 6.24 15.42 -2.36
N GLU A 24 6.49 16.38 -1.46
CA GLU A 24 6.98 16.08 -0.11
C GLU A 24 6.00 15.15 0.65
N ARG A 25 4.70 15.40 0.49
CA ARG A 25 3.69 14.55 1.17
C ARG A 25 3.74 13.11 0.64
N LEU A 26 3.77 12.98 -0.69
CA LEU A 26 3.85 11.67 -1.33
C LEU A 26 5.15 10.95 -0.96
N GLN A 27 6.24 11.70 -0.86
CA GLN A 27 7.54 11.14 -0.45
C GLN A 27 7.47 10.53 0.95
N ARG A 28 6.79 11.23 1.86
CA ARG A 28 6.61 10.75 3.23
C ARG A 28 5.78 9.45 3.27
N LEU A 29 4.78 9.36 2.39
CA LEU A 29 3.94 8.15 2.29
C LEU A 29 4.72 6.94 1.73
N GLN A 30 5.46 7.17 0.63
CA GLN A 30 6.29 6.12 0.02
C GLN A 30 7.21 5.45 1.07
N GLN A 31 7.99 6.27 1.77
CA GLN A 31 8.93 5.77 2.77
C GLN A 31 8.20 5.12 3.96
N ALA A 32 7.04 5.66 4.31
CA ALA A 32 6.20 5.08 5.37
C ALA A 32 5.80 3.63 5.01
N LEU A 33 5.39 3.43 3.76
CA LEU A 33 5.06 2.09 3.26
C LEU A 33 6.26 1.13 3.40
N GLU A 34 7.45 1.62 3.07
CA GLU A 34 8.68 0.82 3.20
C GLU A 34 8.95 0.43 4.67
N MET A 35 8.57 1.29 5.61
CA MET A 35 8.68 0.97 7.04
C MET A 35 7.70 -0.16 7.43
N GLY A 36 6.50 -0.12 6.87
CA GLY A 36 5.52 -1.18 7.09
C GLY A 36 6.02 -2.53 6.59
N VAL A 37 6.51 -2.56 5.35
CA VAL A 37 7.10 -3.77 4.77
C VAL A 37 8.34 -4.23 5.56
N SER A 38 9.15 -3.26 6.00
CA SER A 38 10.32 -3.53 6.86
C SER A 38 9.90 -4.31 8.12
N SER A 39 8.90 -3.79 8.81
CA SER A 39 8.36 -4.44 10.02
C SER A 39 7.98 -5.90 9.74
N LEU A 40 7.36 -6.12 8.58
CA LEU A 40 6.97 -7.47 8.15
C LEU A 40 8.22 -8.36 7.97
N MET A 41 9.19 -7.87 7.19
CA MET A 41 10.41 -8.64 6.89
C MET A 41 11.08 -9.20 8.16
N ALA A 42 11.16 -8.37 9.20
CA ALA A 42 11.81 -8.77 10.45
C ALA A 42 11.01 -9.87 11.19
N LEU A 43 9.71 -9.96 10.90
CA LEU A 43 8.83 -10.90 11.61
C LEU A 43 8.40 -12.10 10.74
N VAL A 44 8.79 -12.10 9.47
CA VAL A 44 8.47 -13.21 8.56
C VAL A 44 9.23 -14.50 8.91
N THR A 45 10.56 -14.39 9.01
CA THR A 45 11.46 -15.55 9.13
C THR A 45 11.20 -16.57 8.01
N THR A 46 11.86 -16.36 6.86
CA THR A 46 11.66 -17.18 5.66
C THR A 46 11.98 -18.66 5.89
N ASP A 47 12.64 -18.96 7.00
CA ASP A 47 12.97 -20.35 7.37
C ASP A 47 11.70 -21.08 7.87
N TRP A 48 10.79 -21.39 6.95
CA TRP A 48 9.53 -22.07 7.29
C TRP A 48 9.78 -23.49 7.79
N ARG A 49 9.86 -23.65 9.11
CA ARG A 49 10.09 -24.95 9.75
C ARG A 49 10.05 -24.83 11.28
N CYS A 50 9.65 -25.91 11.95
CA CYS A 50 9.58 -25.97 13.43
C CYS A 50 8.37 -25.19 13.98
N TYR A 51 7.40 -25.95 14.48
CA TYR A 51 6.14 -25.40 14.99
C TYR A 51 6.37 -24.26 15.99
N GLY A 52 7.11 -24.53 17.05
CA GLY A 52 7.38 -23.52 18.07
C GLY A 52 8.09 -22.29 17.51
N TYR A 53 9.17 -22.50 16.75
CA TYR A 53 9.96 -21.41 16.18
C TYR A 53 9.08 -20.40 15.43
N MET A 54 8.18 -20.88 14.59
CA MET A 54 7.26 -20.01 13.84
C MET A 54 6.15 -19.45 14.76
N GLU A 55 5.63 -20.30 15.65
CA GLU A 55 4.54 -19.90 16.56
C GLU A 55 4.92 -18.70 17.44
N ARG A 56 6.15 -18.69 17.95
CA ARG A 56 6.58 -17.64 18.90
C ARG A 56 6.37 -16.22 18.33
N HIS A 57 6.65 -16.04 17.03
CA HIS A 57 6.51 -14.71 16.41
C HIS A 57 5.24 -14.61 15.55
N ILE A 58 4.33 -15.58 15.69
CA ILE A 58 3.08 -15.57 14.91
C ILE A 58 2.17 -14.40 15.35
N ASN A 59 2.32 -13.98 16.61
CA ASN A 59 1.51 -12.88 17.16
C ASN A 59 2.07 -11.51 16.73
N GLU A 60 3.37 -11.32 16.92
CA GLU A 60 4.04 -10.06 16.55
C GLU A 60 3.76 -9.67 15.08
N ILE A 61 4.00 -10.62 14.17
CA ILE A 61 3.89 -10.35 12.72
C ILE A 61 2.51 -9.83 12.31
N ARG A 62 1.47 -10.18 13.07
CA ARG A 62 0.10 -9.73 12.79
C ARG A 62 0.02 -8.19 12.79
N THR A 63 0.73 -7.57 13.72
CA THR A 63 0.80 -6.10 13.78
C THR A 63 1.50 -5.52 12.54
N ALA A 64 2.57 -6.19 12.12
CA ALA A 64 3.32 -5.76 10.93
C ALA A 64 2.46 -5.87 9.65
N VAL A 65 1.74 -6.99 9.52
CA VAL A 65 0.81 -7.18 8.40
C VAL A 65 -0.22 -6.03 8.33
N ASP A 66 -0.80 -5.71 9.48
CA ASP A 66 -1.73 -4.57 9.59
C ASP A 66 -1.05 -3.26 9.15
N LYS A 67 0.22 -3.09 9.51
CA LYS A 67 1.00 -1.90 9.10
C LYS A 67 1.19 -1.86 7.58
N VAL A 68 1.45 -3.02 6.98
CA VAL A 68 1.61 -3.11 5.52
C VAL A 68 0.38 -2.54 4.79
N GLU A 69 -0.80 -3.01 5.15
CA GLU A 69 -2.05 -2.49 4.57
C GLU A 69 -2.36 -1.07 5.07
N LEU A 70 -1.91 -0.73 6.28
CA LEU A 70 -2.14 0.60 6.85
C LEU A 70 -1.47 1.70 6.01
N PHE A 71 -0.14 1.66 5.90
CA PHE A 71 0.59 2.66 5.13
C PHE A 71 0.19 2.60 3.64
N LEU A 72 -0.06 1.39 3.15
CA LEU A 72 -0.57 1.20 1.78
C LEU A 72 -1.92 1.90 1.60
N LYS A 73 -2.79 1.77 2.60
CA LYS A 73 -4.12 2.40 2.56
C LYS A 73 -4.01 3.94 2.55
N GLU A 74 -3.12 4.47 3.37
CA GLU A 74 -2.87 5.93 3.39
C GLU A 74 -2.27 6.39 2.04
N TYR A 75 -1.35 5.60 1.50
CA TYR A 75 -0.74 5.89 0.20
C TYR A 75 -1.80 5.92 -0.91
N LEU A 76 -2.60 4.85 -1.00
CA LEU A 76 -3.68 4.79 -2.00
C LEU A 76 -4.68 5.94 -1.83
N HIS A 77 -5.01 6.28 -0.59
CA HIS A 77 -5.91 7.41 -0.29
C HIS A 77 -5.43 8.72 -0.96
N PHE A 78 -4.12 8.93 -0.96
CA PHE A 78 -3.52 10.14 -1.54
C PHE A 78 -3.48 10.05 -3.09
N VAL A 79 -2.86 9.00 -3.61
CA VAL A 79 -2.69 8.85 -5.06
C VAL A 79 -4.04 8.79 -5.80
N LYS A 80 -5.05 8.18 -5.19
CA LYS A 80 -6.41 8.15 -5.79
C LYS A 80 -6.96 9.58 -5.97
N GLY A 81 -6.65 10.45 -5.01
CA GLY A 81 -7.04 11.85 -5.13
C GLY A 81 -6.27 12.56 -6.25
N ALA A 82 -4.99 12.27 -6.36
CA ALA A 82 -4.16 12.81 -7.45
C ALA A 82 -4.68 12.34 -8.83
N VAL A 83 -4.87 11.03 -8.99
CA VAL A 83 -5.43 10.46 -10.23
C VAL A 83 -6.78 11.09 -10.56
N ALA A 84 -7.56 11.38 -9.52
CA ALA A 84 -8.86 12.06 -9.68
C ALA A 84 -8.68 13.46 -10.33
N ASN A 85 -7.58 14.15 -10.00
CA ASN A 85 -7.26 15.43 -10.63
C ASN A 85 -6.75 15.25 -12.06
N ALA A 86 -5.99 14.17 -12.28
CA ALA A 86 -5.46 13.86 -13.60
C ALA A 86 -6.58 13.66 -14.64
N ALA A 87 -7.77 13.33 -14.16
CA ALA A 87 -8.95 13.18 -15.04
C ALA A 87 -9.44 14.54 -15.59
N CYS A 88 -8.95 15.63 -15.01
CA CYS A 88 -9.32 16.99 -15.44
C CYS A 88 -8.28 17.57 -16.41
N LEU A 89 -7.28 16.77 -16.78
CA LEU A 89 -6.26 17.20 -17.73
C LEU A 89 -6.80 17.22 -19.17
N PRO A 90 -6.19 18.02 -20.08
CA PRO A 90 -6.60 18.07 -21.49
C PRO A 90 -6.35 16.74 -22.22
N GLU A 91 -5.43 15.94 -21.72
CA GLU A 91 -5.11 14.64 -22.30
C GLU A 91 -5.47 13.49 -21.34
N LEU A 92 -5.99 12.40 -21.88
CA LEU A 92 -6.29 11.21 -21.08
C LEU A 92 -5.02 10.35 -20.90
N ILE A 93 -4.00 10.64 -21.72
CA ILE A 93 -2.78 9.83 -21.77
C ILE A 93 -2.14 9.63 -20.38
N LEU A 94 -1.80 10.73 -19.70
CA LEU A 94 -1.20 10.66 -18.37
C LEU A 94 -2.12 9.95 -17.37
N HIS A 95 -3.42 10.25 -17.43
CA HIS A 95 -4.41 9.62 -16.54
C HIS A 95 -4.44 8.10 -16.74
N ASN A 96 -4.26 7.66 -17.99
CA ASN A 96 -4.23 6.23 -18.32
C ASN A 96 -2.93 5.58 -17.80
N LYS A 97 -1.80 6.22 -18.06
CA LYS A 97 -0.50 5.70 -17.63
C LYS A 97 -0.40 5.57 -16.10
N MET A 98 -0.79 6.61 -15.38
CA MET A 98 -0.68 6.61 -13.92
C MET A 98 -1.64 5.59 -13.27
N LYS A 99 -2.80 5.33 -13.89
CA LYS A 99 -3.75 4.37 -13.32
C LYS A 99 -3.35 2.91 -13.61
N ARG A 100 -2.84 2.65 -14.83
CA ARG A 100 -2.39 1.29 -15.18
C ARG A 100 -1.22 0.84 -14.30
N GLU A 101 -0.35 1.80 -13.94
CA GLU A 101 0.73 1.53 -12.99
C GLU A 101 0.22 1.52 -11.55
N LEU A 102 -0.83 2.28 -11.26
CA LEU A 102 -1.48 2.20 -9.95
C LEU A 102 -2.09 0.80 -9.75
N GLN A 103 -2.55 0.20 -10.86
CA GLN A 103 -3.06 -1.17 -10.84
C GLN A 103 -1.99 -2.17 -10.35
N ARG A 104 -0.71 -1.84 -10.56
CA ARG A 104 0.38 -2.67 -10.04
C ARG A 104 0.25 -2.84 -8.52
N VAL A 105 -0.08 -1.74 -7.86
CA VAL A 105 -0.20 -1.69 -6.40
C VAL A 105 -1.60 -2.15 -5.92
N GLU A 106 -2.64 -1.75 -6.64
CA GLU A 106 -4.01 -2.08 -6.27
C GLU A 106 -4.30 -3.59 -6.43
N ASP A 107 -3.89 -4.18 -7.56
CA ASP A 107 -4.00 -5.64 -7.75
C ASP A 107 -3.26 -6.39 -6.63
N SER A 108 -2.12 -5.88 -6.22
CA SER A 108 -1.38 -6.43 -5.08
C SER A 108 -2.19 -6.27 -3.78
N HIS A 109 -2.66 -5.06 -3.51
CA HIS A 109 -3.41 -4.79 -2.28
C HIS A 109 -4.61 -5.73 -2.10
N GLN A 110 -5.36 -5.98 -3.17
CA GLN A 110 -6.53 -6.85 -3.08
C GLN A 110 -6.16 -8.31 -2.75
N ILE A 111 -5.12 -8.86 -3.38
CA ILE A 111 -4.69 -10.23 -3.06
C ILE A 111 -4.06 -10.30 -1.66
N LEU A 112 -3.40 -9.21 -1.26
CA LEU A 112 -2.91 -9.07 0.12
C LEU A 112 -4.08 -9.09 1.10
N SER A 113 -5.14 -8.34 0.77
CA SER A 113 -6.37 -8.30 1.58
C SER A 113 -7.00 -9.71 1.68
N GLN A 114 -6.99 -10.45 0.58
CA GLN A 114 -7.50 -11.82 0.56
C GLN A 114 -6.75 -12.70 1.58
N THR A 115 -5.43 -12.76 1.44
CA THR A 115 -4.57 -13.59 2.30
C THR A 115 -4.54 -13.08 3.75
N SER A 116 -4.08 -11.83 3.93
CA SER A 116 -4.01 -11.19 5.25
C SER A 116 -5.28 -11.40 6.08
N HIS A 117 -6.42 -11.07 5.49
CA HIS A 117 -7.70 -11.18 6.20
C HIS A 117 -8.11 -12.64 6.40
N ASP A 118 -7.84 -13.50 5.43
CA ASP A 118 -8.16 -14.94 5.56
C ASP A 118 -7.42 -15.54 6.76
N LEU A 119 -6.14 -15.20 6.91
CA LEU A 119 -5.34 -15.61 8.07
C LEU A 119 -5.96 -15.09 9.37
N ASN A 120 -6.45 -13.85 9.33
CA ASN A 120 -7.12 -13.23 10.48
C ASN A 120 -8.42 -13.99 10.84
N GLU A 121 -9.16 -14.39 9.81
CA GLU A 121 -10.39 -15.16 10.00
C GLU A 121 -10.08 -16.58 10.52
N CYS A 122 -8.98 -17.15 10.02
CA CYS A 122 -8.53 -18.49 10.45
C CYS A 122 -7.75 -18.43 11.77
N SER A 123 -7.76 -17.26 12.42
CA SER A 123 -7.08 -17.06 13.72
C SER A 123 -5.56 -17.36 13.63
N TRP A 124 -5.03 -17.35 12.41
CA TRP A 124 -3.62 -17.69 12.17
C TRP A 124 -3.26 -19.09 12.69
N SER A 125 -4.21 -20.03 12.59
CA SER A 125 -4.02 -21.42 13.06
C SER A 125 -2.66 -21.99 12.62
N LEU A 126 -1.75 -22.11 13.59
CA LEU A 126 -0.39 -22.58 13.32
C LEU A 126 -0.34 -23.99 12.72
N ASN A 127 -1.28 -24.84 13.10
CA ASN A 127 -1.36 -26.21 12.57
C ASN A 127 -1.49 -26.20 11.03
N ILE A 128 -1.99 -25.08 10.48
CA ILE A 128 -2.09 -24.90 9.03
C ILE A 128 -0.94 -24.04 8.49
N LEU A 129 -0.43 -23.11 9.31
CA LEU A 129 0.65 -22.21 8.89
C LEU A 129 2.05 -22.83 9.10
N ALA A 130 2.36 -23.21 10.33
CA ALA A 130 3.67 -23.81 10.65
C ALA A 130 3.73 -25.29 10.24
N ILE A 131 2.57 -25.91 10.09
CA ILE A 131 2.47 -27.31 9.65
C ILE A 131 1.53 -27.40 8.42
N ASN A 132 1.56 -28.53 7.70
CA ASN A 132 0.64 -28.76 6.58
C ASN A 132 0.91 -27.82 5.38
N LYS A 133 1.65 -28.33 4.38
CA LYS A 133 1.87 -27.59 3.13
C LYS A 133 1.49 -28.46 1.91
N PRO A 134 0.45 -28.07 1.17
CA PRO A 134 -0.04 -28.85 0.00
C PRO A 134 1.05 -29.08 -1.06
N GLN A 135 1.68 -30.26 -0.99
CA GLN A 135 2.77 -30.62 -1.91
C GLN A 135 3.98 -29.66 -1.76
N ASN A 136 4.17 -29.16 -0.53
CA ASN A 136 5.24 -28.19 -0.24
C ASN A 136 5.12 -26.95 -1.15
N LYS A 137 4.36 -25.96 -0.71
CA LYS A 137 3.99 -24.83 -1.57
C LYS A 137 3.89 -23.53 -0.75
N CYS A 138 3.97 -22.39 -1.45
CA CYS A 138 3.85 -21.07 -0.80
C CYS A 138 2.46 -20.87 -0.16
N ASP A 139 2.43 -20.92 1.17
CA ASP A 139 1.19 -20.70 1.94
C ASP A 139 0.64 -19.28 1.70
N ASP A 140 -0.62 -19.05 2.11
CA ASP A 140 -1.23 -17.72 1.99
C ASP A 140 -0.35 -16.63 2.63
N LEU A 141 0.28 -16.97 3.76
CA LEU A 141 1.21 -16.06 4.43
C LEU A 141 2.44 -15.76 3.55
N ASP A 142 3.06 -16.82 3.01
CA ASP A 142 4.23 -16.66 2.14
C ASP A 142 3.85 -15.87 0.87
N ARG A 143 2.62 -16.09 0.37
CA ARG A 143 2.07 -15.34 -0.76
C ARG A 143 2.00 -13.84 -0.42
N PHE A 144 1.50 -13.53 0.78
CA PHE A 144 1.44 -12.15 1.26
C PHE A 144 2.85 -11.52 1.29
N VAL A 145 3.82 -12.26 1.85
CA VAL A 145 5.20 -11.77 1.99
C VAL A 145 5.87 -11.50 0.63
N MET A 146 5.87 -12.50 -0.25
CA MET A 146 6.52 -12.39 -1.57
C MET A 146 5.99 -11.18 -2.36
N VAL A 147 4.71 -10.88 -2.20
CA VAL A 147 4.11 -9.71 -2.87
C VAL A 147 4.34 -8.41 -2.07
N ALA A 148 4.20 -8.49 -0.74
CA ALA A 148 4.34 -7.31 0.13
C ALA A 148 5.71 -6.63 -0.03
N LYS A 149 6.76 -7.42 -0.20
CA LYS A 149 8.12 -6.87 -0.34
C LYS A 149 8.31 -6.13 -1.68
N THR A 150 7.49 -6.45 -2.69
CA THR A 150 7.59 -5.77 -3.99
C THR A 150 6.58 -4.62 -4.12
N VAL A 151 5.62 -4.53 -3.20
CA VAL A 151 4.63 -3.44 -3.20
C VAL A 151 5.29 -2.04 -3.26
N PRO A 152 6.29 -1.75 -2.38
CA PRO A 152 7.01 -0.45 -2.43
C PRO A 152 7.74 -0.22 -3.76
N ASP A 153 8.07 -1.32 -4.46
CA ASP A 153 8.74 -1.23 -5.76
C ASP A 153 7.74 -0.84 -6.87
N ASP A 154 6.57 -1.45 -6.86
CA ASP A 154 5.50 -1.08 -7.78
C ASP A 154 5.02 0.36 -7.50
N ALA A 155 4.85 0.70 -6.21
CA ALA A 155 4.49 2.06 -5.80
C ALA A 155 5.59 3.07 -6.14
N LYS A 156 6.84 2.60 -6.11
CA LYS A 156 8.01 3.42 -6.48
C LYS A 156 7.81 4.10 -7.84
N GLN A 157 7.11 3.41 -8.76
CA GLN A 157 6.79 3.97 -10.07
C GLN A 157 5.81 5.14 -9.96
N LEU A 158 4.72 4.92 -9.22
CA LEU A 158 3.68 5.95 -9.02
C LEU A 158 4.27 7.19 -8.35
N THR A 159 4.96 6.97 -7.24
CA THR A 159 5.62 8.06 -6.50
C THR A 159 6.45 8.94 -7.43
N THR A 160 7.34 8.32 -8.21
CA THR A 160 8.19 9.04 -9.15
C THR A 160 7.37 9.74 -10.24
N THR A 161 6.37 9.03 -10.79
CA THR A 161 5.51 9.57 -11.85
C THR A 161 4.80 10.87 -11.42
N ILE A 162 4.19 10.84 -10.22
CA ILE A 162 3.49 12.01 -9.70
C ILE A 162 4.46 13.16 -9.38
N ASN A 163 5.57 12.85 -8.71
CA ASN A 163 6.59 13.87 -8.37
C ASN A 163 7.05 14.67 -9.60
N THR A 164 7.23 13.98 -10.72
CA THR A 164 7.69 14.63 -11.96
C THR A 164 6.55 15.29 -12.75
N ASN A 165 5.32 14.82 -12.55
CA ASN A 165 4.16 15.37 -13.27
C ASN A 165 3.25 16.23 -12.37
N ALA A 166 3.65 16.43 -11.12
CA ALA A 166 2.86 17.22 -10.16
C ALA A 166 2.56 18.63 -10.70
N GLU A 167 3.56 19.24 -11.34
CA GLU A 167 3.44 20.56 -11.94
C GLU A 167 2.32 20.61 -13.01
N ALA A 168 2.00 19.45 -13.59
CA ALA A 168 0.93 19.36 -14.60
C ALA A 168 -0.40 18.90 -13.96
N LEU A 169 -0.31 18.02 -12.97
CA LEU A 169 -1.48 17.49 -12.28
C LEU A 169 -2.26 18.58 -11.54
N PHE A 170 -1.55 19.35 -10.70
CA PHE A 170 -2.16 20.40 -9.90
C PHE A 170 -1.83 21.79 -10.46
N ARG A 171 -2.85 22.64 -10.56
CA ARG A 171 -2.69 23.96 -11.17
C ARG A 171 -2.38 25.04 -10.11
N PRO A 172 -1.29 25.81 -10.29
CA PRO A 172 -0.92 26.87 -9.34
C PRO A 172 -1.91 28.06 -9.36
N GLY A 173 -2.37 28.42 -10.55
CA GLY A 173 -3.30 29.53 -10.70
C GLY A 173 -2.64 30.77 -11.29
N PRO A 174 -3.24 31.97 -11.11
CA PRO A 174 -2.66 33.24 -11.60
C PRO A 174 -1.60 33.83 -10.65
N GLY A 175 -1.14 33.04 -9.68
CA GLY A 175 -0.14 33.52 -8.71
C GLY A 175 0.51 32.40 -7.91
N SER A 176 1.51 32.75 -7.10
CA SER A 176 2.26 31.76 -6.29
C SER A 176 1.37 31.08 -5.23
N MET A 1 -7.11 43.42 7.50
CA MET A 1 -7.37 42.43 8.59
C MET A 1 -8.11 41.21 8.06
N GLY A 2 -7.56 40.01 8.32
CA GLY A 2 -8.18 38.77 7.88
C GLY A 2 -8.07 37.67 8.93
N HIS A 3 -9.19 37.00 9.24
CA HIS A 3 -9.17 35.91 10.22
C HIS A 3 -8.60 34.63 9.60
N HIS A 4 -7.27 34.55 9.54
CA HIS A 4 -6.57 33.42 8.92
C HIS A 4 -6.79 32.10 9.68
N HIS A 5 -7.96 31.50 9.51
CA HIS A 5 -8.29 30.19 10.10
C HIS A 5 -9.25 29.42 9.17
N HIS A 6 -8.82 28.25 8.70
CA HIS A 6 -9.65 27.42 7.81
C HIS A 6 -9.81 26.00 8.37
N HIS A 7 -10.83 25.29 7.89
CA HIS A 7 -11.11 23.92 8.35
C HIS A 7 -11.24 22.94 7.18
N HIS A 8 -12.27 23.16 6.34
CA HIS A 8 -12.45 22.33 5.14
C HIS A 8 -12.06 23.13 3.88
N SER A 9 -11.23 22.53 3.03
CA SER A 9 -10.77 23.19 1.79
C SER A 9 -11.71 22.89 0.61
N HIS A 10 -11.99 21.61 0.39
CA HIS A 10 -12.89 21.18 -0.69
C HIS A 10 -13.67 19.91 -0.30
N MET A 11 -14.84 19.72 -0.92
CA MET A 11 -15.63 18.49 -0.75
C MET A 11 -15.52 17.60 -2.01
N ASP A 12 -14.64 18.00 -2.93
CA ASP A 12 -14.43 17.27 -4.18
C ASP A 12 -13.86 15.86 -3.96
N LYS A 13 -13.92 15.02 -4.99
CA LYS A 13 -13.40 13.66 -4.91
C LYS A 13 -11.86 13.62 -4.99
N ARG A 14 -11.25 14.77 -5.30
CA ARG A 14 -9.79 14.87 -5.38
C ARG A 14 -9.22 15.82 -4.31
N LEU A 15 -7.96 15.62 -3.96
CA LEU A 15 -7.25 16.50 -3.03
C LEU A 15 -6.66 17.73 -3.76
N PHE A 16 -6.66 18.88 -3.10
CA PHE A 16 -6.09 20.10 -3.67
C PHE A 16 -4.93 20.64 -2.82
N LEU A 17 -3.74 20.69 -3.40
CA LEU A 17 -2.55 21.21 -2.72
C LEU A 17 -1.47 21.62 -3.74
N ASP A 18 -0.51 22.41 -3.29
CA ASP A 18 0.57 22.88 -4.16
C ASP A 18 1.50 21.72 -4.60
N PRO A 19 1.97 21.73 -5.86
CA PRO A 19 2.81 20.65 -6.41
C PRO A 19 4.07 20.41 -5.56
N ASP A 20 4.67 21.48 -5.08
CA ASP A 20 5.84 21.40 -4.18
C ASP A 20 5.52 20.60 -2.90
N THR A 21 4.35 20.87 -2.32
CA THR A 21 3.92 20.18 -1.10
C THR A 21 3.48 18.74 -1.40
N ALA A 22 2.90 18.53 -2.58
CA ALA A 22 2.42 17.21 -2.98
C ALA A 22 3.58 16.19 -3.10
N ILE A 23 4.68 16.61 -3.73
CA ILE A 23 5.85 15.76 -3.90
C ILE A 23 6.39 15.25 -2.54
N GLU A 24 6.61 16.17 -1.60
CA GLU A 24 7.15 15.79 -0.29
C GLU A 24 6.21 14.83 0.45
N ARG A 25 4.90 15.09 0.42
CA ARG A 25 3.93 14.21 1.09
C ARG A 25 3.96 12.80 0.48
N LEU A 26 3.93 12.72 -0.85
CA LEU A 26 3.96 11.43 -1.55
C LEU A 26 5.26 10.67 -1.25
N GLN A 27 6.37 11.41 -1.16
CA GLN A 27 7.67 10.83 -0.81
C GLN A 27 7.64 10.23 0.60
N ARG A 28 6.96 10.92 1.52
CA ARG A 28 6.80 10.43 2.89
C ARG A 28 5.95 9.16 2.93
N LEU A 29 4.85 9.15 2.17
CA LEU A 29 3.97 7.98 2.08
C LEU A 29 4.70 6.77 1.45
N GLN A 30 5.54 7.03 0.46
CA GLN A 30 6.40 6.00 -0.13
C GLN A 30 7.23 5.31 0.97
N GLN A 31 7.98 6.10 1.72
CA GLN A 31 8.82 5.58 2.82
C GLN A 31 7.95 5.03 3.97
N ALA A 32 6.77 5.61 4.18
CA ALA A 32 5.83 5.12 5.20
C ALA A 32 5.41 3.68 4.89
N LEU A 33 5.06 3.43 3.64
CA LEU A 33 4.77 2.07 3.18
C LEU A 33 5.99 1.16 3.40
N GLU A 34 7.17 1.68 3.07
CA GLU A 34 8.43 0.96 3.30
C GLU A 34 8.66 0.68 4.79
N MET A 35 8.13 1.53 5.68
CA MET A 35 8.22 1.27 7.13
C MET A 35 7.31 0.11 7.55
N GLY A 36 6.04 0.16 7.13
CA GLY A 36 5.13 -0.93 7.40
C GLY A 36 5.64 -2.27 6.89
N VAL A 37 6.14 -2.27 5.65
CA VAL A 37 6.79 -3.46 5.08
C VAL A 37 8.07 -3.81 5.86
N SER A 38 8.84 -2.80 6.27
CA SER A 38 10.07 -3.02 7.05
C SER A 38 9.77 -3.78 8.35
N SER A 39 8.62 -3.47 8.97
CA SER A 39 8.19 -4.19 10.17
C SER A 39 8.08 -5.70 9.90
N LEU A 40 7.55 -6.05 8.73
CA LEU A 40 7.49 -7.44 8.29
C LEU A 40 8.89 -8.00 8.00
N MET A 41 9.69 -7.24 7.26
CA MET A 41 11.09 -7.61 6.97
C MET A 41 11.92 -7.79 8.25
N ALA A 42 11.51 -7.14 9.33
CA ALA A 42 12.16 -7.32 10.63
C ALA A 42 11.78 -8.67 11.27
N LEU A 43 10.52 -9.07 11.07
CA LEU A 43 10.00 -10.33 11.61
C LEU A 43 10.48 -11.56 10.81
N VAL A 44 10.67 -11.38 9.51
CA VAL A 44 11.18 -12.48 8.67
C VAL A 44 12.73 -12.51 8.70
N THR A 45 13.27 -12.98 9.82
CA THR A 45 14.72 -13.14 9.96
C THR A 45 15.24 -14.25 9.04
N THR A 46 14.69 -15.44 9.21
CA THR A 46 14.96 -16.58 8.32
C THR A 46 13.64 -17.16 7.77
N ASP A 47 13.74 -18.02 6.77
CA ASP A 47 12.55 -18.66 6.18
C ASP A 47 11.79 -19.47 7.26
N TRP A 48 10.53 -19.12 7.48
CA TRP A 48 9.74 -19.71 8.56
C TRP A 48 9.42 -21.19 8.30
N ARG A 49 9.95 -22.06 9.16
CA ARG A 49 9.65 -23.49 9.11
C ARG A 49 9.79 -24.13 10.51
N CYS A 50 10.81 -23.69 11.25
CA CYS A 50 11.00 -24.14 12.63
C CYS A 50 9.81 -23.73 13.50
N TYR A 51 8.98 -24.71 13.87
CA TYR A 51 7.76 -24.46 14.65
C TYR A 51 7.99 -23.52 15.86
N GLY A 52 9.11 -23.71 16.56
CA GLY A 52 9.42 -22.88 17.72
C GLY A 52 9.47 -21.38 17.39
N TYR A 53 10.34 -20.99 16.47
CA TYR A 53 10.46 -19.58 16.06
C TYR A 53 9.21 -19.11 15.29
N MET A 54 8.63 -20.03 14.52
CA MET A 54 7.40 -19.74 13.76
C MET A 54 6.28 -19.26 14.70
N GLU A 55 5.93 -20.10 15.65
CA GLU A 55 4.89 -19.79 16.64
C GLU A 55 5.23 -18.52 17.44
N ARG A 56 6.49 -18.37 17.79
CA ARG A 56 6.94 -17.25 18.65
C ARG A 56 6.56 -15.87 18.06
N HIS A 57 6.66 -15.71 16.73
CA HIS A 57 6.42 -14.40 16.11
C HIS A 57 4.98 -14.26 15.56
N ILE A 58 4.14 -15.26 15.79
CA ILE A 58 2.75 -15.25 15.29
C ILE A 58 1.95 -14.06 15.83
N ASN A 59 1.97 -13.87 17.14
CA ASN A 59 1.27 -12.74 17.78
C ASN A 59 1.79 -11.39 17.27
N GLU A 60 3.07 -11.35 16.93
CA GLU A 60 3.73 -10.11 16.48
C GLU A 60 3.40 -9.77 15.02
N ILE A 61 3.52 -10.76 14.14
CA ILE A 61 3.35 -10.54 12.70
C ILE A 61 1.94 -10.05 12.33
N ARG A 62 0.94 -10.46 13.11
CA ARG A 62 -0.43 -10.02 12.89
C ARG A 62 -0.54 -8.48 12.89
N THR A 63 0.29 -7.83 13.70
CA THR A 63 0.34 -6.36 13.76
C THR A 63 1.02 -5.78 12.52
N ALA A 64 2.17 -6.35 12.14
CA ALA A 64 2.91 -5.90 10.95
C ALA A 64 2.05 -6.01 9.67
N VAL A 65 1.33 -7.11 9.54
CA VAL A 65 0.39 -7.31 8.43
C VAL A 65 -0.61 -6.14 8.35
N ASP A 66 -1.20 -5.79 9.49
CA ASP A 66 -2.10 -4.64 9.58
C ASP A 66 -1.41 -3.35 9.14
N LYS A 67 -0.14 -3.17 9.54
CA LYS A 67 0.61 -1.95 9.21
C LYS A 67 0.95 -1.85 7.71
N VAL A 68 1.21 -2.98 7.06
CA VAL A 68 1.42 -3.00 5.60
C VAL A 68 0.17 -2.44 4.90
N GLU A 69 -0.99 -2.99 5.23
CA GLU A 69 -2.27 -2.50 4.71
C GLU A 69 -2.58 -1.08 5.22
N LEU A 70 -2.10 -0.76 6.43
CA LEU A 70 -2.30 0.57 7.04
C LEU A 70 -1.67 1.69 6.21
N PHE A 71 -0.35 1.64 6.05
CA PHE A 71 0.38 2.67 5.29
C PHE A 71 0.01 2.63 3.80
N LEU A 72 -0.27 1.43 3.27
CA LEU A 72 -0.71 1.29 1.88
C LEU A 72 -2.10 1.91 1.68
N LYS A 73 -2.94 1.84 2.71
CA LYS A 73 -4.26 2.50 2.69
C LYS A 73 -4.10 4.01 2.55
N GLU A 74 -3.18 4.57 3.33
CA GLU A 74 -2.88 6.00 3.32
C GLU A 74 -2.25 6.41 1.98
N TYR A 75 -1.39 5.56 1.43
CA TYR A 75 -0.78 5.81 0.12
C TYR A 75 -1.85 5.87 -0.98
N LEU A 76 -2.66 4.82 -1.09
CA LEU A 76 -3.76 4.77 -2.06
C LEU A 76 -4.73 5.94 -1.87
N HIS A 77 -5.00 6.28 -0.61
CA HIS A 77 -5.87 7.42 -0.28
C HIS A 77 -5.36 8.73 -0.90
N PHE A 78 -4.05 8.84 -1.06
CA PHE A 78 -3.43 10.05 -1.62
C PHE A 78 -3.37 9.99 -3.16
N VAL A 79 -2.76 8.92 -3.70
CA VAL A 79 -2.59 8.77 -5.15
C VAL A 79 -3.92 8.79 -5.91
N LYS A 80 -4.96 8.17 -5.34
CA LYS A 80 -6.29 8.19 -5.96
C LYS A 80 -6.82 9.62 -6.10
N GLY A 81 -6.55 10.45 -5.10
CA GLY A 81 -6.89 11.87 -5.18
C GLY A 81 -6.13 12.58 -6.29
N ALA A 82 -4.84 12.27 -6.40
CA ALA A 82 -4.00 12.82 -7.47
C ALA A 82 -4.51 12.40 -8.87
N VAL A 83 -4.76 11.11 -9.06
CA VAL A 83 -5.31 10.59 -10.32
C VAL A 83 -6.68 11.25 -10.61
N ALA A 84 -7.46 11.51 -9.57
CA ALA A 84 -8.71 12.22 -9.70
C ALA A 84 -8.50 13.66 -10.23
N ASN A 85 -7.36 14.27 -9.88
CA ASN A 85 -6.98 15.58 -10.43
C ASN A 85 -6.56 15.46 -11.90
N ALA A 86 -5.83 14.40 -12.22
CA ALA A 86 -5.37 14.13 -13.59
C ALA A 86 -6.56 14.03 -14.58
N ALA A 87 -7.75 13.73 -14.04
CA ALA A 87 -8.97 13.67 -14.87
C ALA A 87 -9.37 15.06 -15.39
N CYS A 88 -8.83 16.11 -14.76
CA CYS A 88 -9.15 17.50 -15.16
C CYS A 88 -8.16 18.05 -16.18
N LEU A 89 -7.17 17.24 -16.58
CA LEU A 89 -6.16 17.64 -17.55
C LEU A 89 -6.74 17.76 -18.98
N PRO A 90 -6.11 18.58 -19.85
CA PRO A 90 -6.56 18.75 -21.25
C PRO A 90 -6.62 17.43 -22.03
N GLU A 91 -5.60 16.59 -21.86
CA GLU A 91 -5.58 15.26 -22.50
C GLU A 91 -5.62 14.14 -21.45
N LEU A 92 -6.45 13.12 -21.71
CA LEU A 92 -6.67 12.01 -20.78
C LEU A 92 -5.46 11.05 -20.74
N ILE A 93 -4.53 11.25 -21.67
CA ILE A 93 -3.37 10.37 -21.84
C ILE A 93 -2.63 10.11 -20.50
N LEU A 94 -2.18 11.18 -19.86
CA LEU A 94 -1.48 11.06 -18.57
C LEU A 94 -2.37 10.40 -17.50
N HIS A 95 -3.65 10.74 -17.50
CA HIS A 95 -4.61 10.17 -16.55
C HIS A 95 -4.68 8.64 -16.69
N ASN A 96 -4.56 8.16 -17.93
CA ASN A 96 -4.58 6.71 -18.20
C ASN A 96 -3.25 6.06 -17.74
N LYS A 97 -2.13 6.71 -18.06
CA LYS A 97 -0.80 6.18 -17.72
C LYS A 97 -0.63 5.92 -16.21
N MET A 98 -1.11 6.84 -15.38
CA MET A 98 -1.03 6.65 -13.92
C MET A 98 -1.98 5.56 -13.43
N LYS A 99 -3.25 5.62 -13.86
CA LYS A 99 -4.27 4.69 -13.36
C LYS A 99 -3.97 3.23 -13.75
N ARG A 100 -3.45 3.02 -14.96
CA ARG A 100 -3.14 1.66 -15.43
C ARG A 100 -2.13 0.95 -14.50
N GLU A 101 -1.07 1.65 -14.14
CA GLU A 101 -0.03 1.08 -13.28
C GLU A 101 -0.48 1.08 -11.81
N LEU A 102 -1.37 2.01 -11.46
CA LEU A 102 -1.97 2.04 -10.12
C LEU A 102 -2.74 0.74 -9.84
N GLN A 103 -3.29 0.14 -10.88
CA GLN A 103 -4.03 -1.12 -10.74
C GLN A 103 -3.09 -2.28 -10.37
N ARG A 104 -1.80 -2.11 -10.65
CA ARG A 104 -0.79 -3.04 -10.17
C ARG A 104 -0.64 -2.98 -8.64
N VAL A 105 -0.48 -1.76 -8.13
CA VAL A 105 -0.39 -1.55 -6.67
C VAL A 105 -1.67 -1.99 -5.96
N GLU A 106 -2.83 -1.65 -6.54
CA GLU A 106 -4.11 -2.09 -6.00
C GLU A 106 -4.30 -3.61 -6.14
N ASP A 107 -3.81 -4.17 -7.24
CA ASP A 107 -3.79 -5.64 -7.41
C ASP A 107 -3.01 -6.31 -6.28
N SER A 108 -1.79 -5.81 -6.03
CA SER A 108 -0.98 -6.28 -4.93
C SER A 108 -1.70 -6.08 -3.59
N HIS A 109 -2.31 -4.92 -3.40
CA HIS A 109 -3.06 -4.60 -2.18
C HIS A 109 -4.25 -5.56 -1.98
N GLN A 110 -4.98 -5.87 -3.05
CA GLN A 110 -6.17 -6.72 -2.93
C GLN A 110 -5.79 -8.17 -2.63
N ILE A 111 -4.70 -8.67 -3.21
CA ILE A 111 -4.23 -10.02 -2.91
C ILE A 111 -3.62 -10.10 -1.51
N LEU A 112 -3.00 -9.01 -1.04
CA LEU A 112 -2.55 -8.92 0.36
C LEU A 112 -3.76 -9.01 1.30
N SER A 113 -4.78 -8.21 1.00
CA SER A 113 -6.03 -8.22 1.77
C SER A 113 -6.67 -9.62 1.80
N GLN A 114 -6.76 -10.26 0.61
CA GLN A 114 -7.32 -11.61 0.49
C GLN A 114 -6.54 -12.62 1.34
N THR A 115 -5.21 -12.68 1.13
CA THR A 115 -4.36 -13.62 1.89
C THR A 115 -4.51 -13.40 3.41
N SER A 116 -4.35 -12.16 3.85
CA SER A 116 -4.53 -11.81 5.27
C SER A 116 -5.94 -12.19 5.76
N HIS A 117 -6.93 -11.99 4.90
CA HIS A 117 -8.32 -12.32 5.21
C HIS A 117 -8.47 -13.83 5.48
N ASP A 118 -7.96 -14.66 4.55
CA ASP A 118 -8.01 -16.12 4.72
C ASP A 118 -7.27 -16.57 5.98
N LEU A 119 -6.08 -15.99 6.22
CA LEU A 119 -5.30 -16.29 7.43
C LEU A 119 -6.13 -15.97 8.69
N ASN A 120 -6.83 -14.84 8.67
CA ASN A 120 -7.71 -14.46 9.77
C ASN A 120 -8.86 -15.46 9.93
N GLU A 121 -9.44 -15.88 8.81
CA GLU A 121 -10.51 -16.90 8.82
C GLU A 121 -9.98 -18.27 9.26
N CYS A 122 -8.65 -18.44 9.16
CA CYS A 122 -7.99 -19.65 9.67
C CYS A 122 -7.50 -19.46 11.12
N SER A 123 -7.92 -18.35 11.75
CA SER A 123 -7.60 -18.06 13.16
C SER A 123 -6.09 -17.92 13.40
N TRP A 124 -5.31 -17.80 12.31
CA TRP A 124 -3.84 -17.76 12.41
C TRP A 124 -3.28 -18.98 13.17
N SER A 125 -4.08 -20.04 13.26
CA SER A 125 -3.69 -21.24 14.01
C SER A 125 -2.47 -21.93 13.41
N LEU A 126 -1.49 -22.25 14.24
CA LEU A 126 -0.27 -22.93 13.81
C LEU A 126 -0.60 -24.28 13.18
N ASN A 127 -1.75 -24.85 13.57
CA ASN A 127 -2.30 -26.05 12.94
C ASN A 127 -2.31 -25.96 11.41
N ILE A 128 -2.66 -24.78 10.92
CA ILE A 128 -2.86 -24.54 9.48
C ILE A 128 -1.63 -23.88 8.84
N LEU A 129 -0.96 -23.01 9.60
CA LEU A 129 0.23 -22.30 9.10
C LEU A 129 1.52 -23.14 9.22
N ALA A 130 1.88 -23.51 10.44
CA ALA A 130 3.15 -24.21 10.71
C ALA A 130 3.06 -25.71 10.35
N ILE A 131 1.95 -26.34 10.71
CA ILE A 131 1.76 -27.78 10.46
C ILE A 131 1.13 -28.03 9.08
N ASN A 132 1.46 -27.18 8.10
CA ASN A 132 0.92 -27.30 6.74
C ASN A 132 1.79 -28.21 5.87
N LYS A 133 1.16 -28.90 4.91
CA LYS A 133 1.88 -29.78 3.97
C LYS A 133 2.15 -29.07 2.63
N PRO A 134 3.07 -29.60 1.79
CA PRO A 134 3.35 -29.04 0.46
C PRO A 134 2.26 -29.36 -0.59
N GLN A 135 1.35 -28.42 -0.81
CA GLN A 135 0.33 -28.54 -1.87
C GLN A 135 0.81 -27.88 -3.17
N ASN A 136 -0.08 -27.81 -4.16
CA ASN A 136 0.20 -27.02 -5.37
C ASN A 136 0.15 -25.53 -5.04
N LYS A 137 -0.84 -25.15 -4.24
CA LYS A 137 -0.99 -23.78 -3.74
C LYS A 137 -0.02 -23.50 -2.57
N CYS A 138 0.71 -22.41 -2.67
CA CYS A 138 1.55 -21.94 -1.55
C CYS A 138 0.68 -21.28 -0.48
N ASP A 139 1.10 -21.35 0.79
CA ASP A 139 0.31 -20.77 1.88
C ASP A 139 0.18 -19.24 1.71
N ASP A 140 -0.98 -18.71 2.05
CA ASP A 140 -1.28 -17.29 1.85
C ASP A 140 -0.36 -16.37 2.66
N LEU A 141 0.19 -16.89 3.76
CA LEU A 141 1.18 -16.14 4.55
C LEU A 141 2.44 -15.85 3.72
N ASP A 142 2.97 -16.89 3.08
CA ASP A 142 4.13 -16.75 2.20
C ASP A 142 3.82 -15.81 1.03
N ARG A 143 2.63 -15.98 0.43
CA ARG A 143 2.21 -15.13 -0.68
C ARG A 143 2.09 -13.65 -0.24
N PHE A 144 1.66 -13.42 0.99
CA PHE A 144 1.60 -12.06 1.55
C PHE A 144 3.01 -11.45 1.62
N VAL A 145 3.95 -12.21 2.18
CA VAL A 145 5.33 -11.73 2.37
C VAL A 145 6.05 -11.46 1.03
N MET A 146 6.02 -12.42 0.12
CA MET A 146 6.70 -12.30 -1.18
C MET A 146 6.21 -11.08 -1.97
N VAL A 147 4.92 -10.76 -1.84
CA VAL A 147 4.34 -9.59 -2.50
C VAL A 147 4.61 -8.29 -1.72
N ALA A 148 4.36 -8.32 -0.40
CA ALA A 148 4.52 -7.15 0.46
C ALA A 148 5.88 -6.48 0.29
N LYS A 149 6.94 -7.28 0.18
CA LYS A 149 8.31 -6.77 0.05
C LYS A 149 8.51 -5.95 -1.25
N THR A 150 7.78 -6.29 -2.31
CA THR A 150 7.92 -5.60 -3.60
C THR A 150 6.83 -4.55 -3.84
N VAL A 151 5.87 -4.45 -2.92
CA VAL A 151 4.78 -3.47 -3.03
C VAL A 151 5.30 -2.02 -3.06
N PRO A 152 6.18 -1.61 -2.12
CA PRO A 152 6.76 -0.25 -2.13
C PRO A 152 7.48 0.07 -3.44
N ASP A 153 8.11 -0.95 -4.04
CA ASP A 153 8.83 -0.79 -5.30
C ASP A 153 7.84 -0.67 -6.48
N ASP A 154 6.77 -1.46 -6.45
CA ASP A 154 5.72 -1.38 -7.48
C ASP A 154 4.99 -0.03 -7.39
N ALA A 155 4.71 0.39 -6.16
CA ALA A 155 4.10 1.71 -5.90
C ALA A 155 5.05 2.85 -6.28
N LYS A 156 6.35 2.61 -6.13
CA LYS A 156 7.38 3.60 -6.48
C LYS A 156 7.28 4.02 -7.96
N GLN A 157 6.69 3.15 -8.79
CA GLN A 157 6.35 3.51 -10.18
C GLN A 157 5.39 4.70 -10.20
N LEU A 158 4.29 4.56 -9.46
CA LEU A 158 3.30 5.63 -9.32
C LEU A 158 3.93 6.87 -8.67
N THR A 159 4.63 6.65 -7.55
CA THR A 159 5.32 7.72 -6.84
C THR A 159 6.18 8.57 -7.80
N THR A 160 6.99 7.90 -8.62
CA THR A 160 7.85 8.61 -9.59
C THR A 160 7.01 9.33 -10.64
N THR A 161 6.04 8.63 -11.21
CA THR A 161 5.17 9.20 -12.26
C THR A 161 4.46 10.48 -11.78
N ILE A 162 3.82 10.40 -10.62
CA ILE A 162 3.12 11.55 -10.05
C ILE A 162 4.09 12.70 -9.71
N ASN A 163 5.18 12.39 -9.03
CA ASN A 163 6.19 13.40 -8.67
C ASN A 163 6.74 14.15 -9.91
N THR A 164 7.10 13.40 -10.96
CA THR A 164 7.68 14.02 -12.15
C THR A 164 6.64 14.83 -12.95
N ASN A 165 5.37 14.46 -12.83
CA ASN A 165 4.28 15.21 -13.48
C ASN A 165 3.46 16.06 -12.48
N ALA A 166 3.97 16.20 -11.27
CA ALA A 166 3.26 16.93 -10.20
C ALA A 166 2.97 18.39 -10.59
N GLU A 167 3.95 19.01 -11.23
CA GLU A 167 3.81 20.40 -11.73
C GLU A 167 2.66 20.53 -12.75
N ALA A 168 2.36 19.44 -13.44
CA ALA A 168 1.26 19.42 -14.42
C ALA A 168 -0.07 19.03 -13.76
N LEU A 169 -0.01 18.07 -12.85
CA LEU A 169 -1.19 17.62 -12.10
C LEU A 169 -1.74 18.73 -11.20
N PHE A 170 -0.91 19.23 -10.31
CA PHE A 170 -1.30 20.30 -9.38
C PHE A 170 -0.80 21.66 -9.87
N ARG A 171 -1.10 21.95 -11.12
CA ARG A 171 -0.64 23.19 -11.77
C ARG A 171 -1.14 24.44 -10.99
N PRO A 172 -0.23 25.33 -10.57
CA PRO A 172 -0.61 26.54 -9.80
C PRO A 172 -1.43 27.54 -10.62
N GLY A 173 -1.43 27.37 -11.95
CA GLY A 173 -2.26 28.20 -12.82
C GLY A 173 -1.65 29.56 -13.13
N PRO A 174 -2.48 30.58 -13.39
CA PRO A 174 -2.00 31.94 -13.74
C PRO A 174 -1.29 32.63 -12.55
N GLY A 175 0.01 32.87 -12.70
CA GLY A 175 0.78 33.53 -11.65
C GLY A 175 2.27 33.61 -11.97
N SER A 176 2.96 34.56 -11.34
CA SER A 176 4.41 34.75 -11.53
C SER A 176 4.99 35.79 -10.55
N MET A 1 -38.48 11.08 17.34
CA MET A 1 -37.20 10.86 16.60
C MET A 1 -36.01 11.42 17.39
N GLY A 2 -34.86 10.75 17.28
CA GLY A 2 -33.67 11.17 18.02
C GLY A 2 -32.94 10.02 18.69
N HIS A 3 -31.97 10.34 19.55
CA HIS A 3 -31.16 9.35 20.28
C HIS A 3 -30.18 8.61 19.35
N HIS A 4 -30.68 8.06 18.24
CA HIS A 4 -29.85 7.36 17.25
C HIS A 4 -28.70 8.27 16.75
N HIS A 5 -27.49 7.72 16.68
CA HIS A 5 -26.30 8.52 16.36
C HIS A 5 -26.23 8.88 14.86
N HIS A 6 -26.15 10.17 14.57
CA HIS A 6 -26.16 10.67 13.19
C HIS A 6 -24.76 10.65 12.56
N HIS A 7 -24.25 9.46 12.26
CA HIS A 7 -22.93 9.32 11.64
C HIS A 7 -23.03 8.95 10.14
N HIS A 8 -23.09 9.97 9.30
CA HIS A 8 -23.10 9.80 7.84
C HIS A 8 -21.74 10.22 7.24
N SER A 9 -20.69 10.16 8.06
CA SER A 9 -19.35 10.63 7.68
C SER A 9 -18.88 10.09 6.32
N HIS A 10 -18.43 11.01 5.45
CA HIS A 10 -17.97 10.67 4.11
C HIS A 10 -16.74 11.50 3.70
N MET A 11 -15.58 10.84 3.61
CA MET A 11 -14.32 11.52 3.25
C MET A 11 -14.27 11.90 1.76
N ASP A 12 -13.48 12.94 1.45
CA ASP A 12 -13.26 13.37 0.06
C ASP A 12 -12.46 12.31 -0.73
N LYS A 13 -12.73 12.22 -2.04
CA LYS A 13 -12.00 11.28 -2.91
C LYS A 13 -10.80 11.94 -3.61
N ARG A 14 -10.81 13.27 -3.69
CA ARG A 14 -9.72 14.00 -4.36
C ARG A 14 -9.09 15.05 -3.44
N LEU A 15 -7.88 15.50 -3.77
CA LEU A 15 -7.13 16.44 -2.93
C LEU A 15 -6.69 17.70 -3.71
N PHE A 16 -6.52 18.80 -3.00
CA PHE A 16 -6.05 20.07 -3.59
C PHE A 16 -4.87 20.65 -2.80
N LEU A 17 -3.73 20.79 -3.46
CA LEU A 17 -2.52 21.32 -2.80
C LEU A 17 -1.47 21.76 -3.84
N ASP A 18 -0.47 22.50 -3.40
CA ASP A 18 0.60 22.96 -4.28
C ASP A 18 1.43 21.79 -4.83
N PRO A 19 1.74 21.80 -6.15
CA PRO A 19 2.50 20.72 -6.80
C PRO A 19 3.87 20.51 -6.14
N ASP A 20 4.54 21.61 -5.81
CA ASP A 20 5.84 21.58 -5.14
C ASP A 20 5.76 20.88 -3.77
N THR A 21 4.65 21.09 -3.07
CA THR A 21 4.42 20.49 -1.75
C THR A 21 3.99 19.01 -1.87
N ALA A 22 3.16 18.71 -2.86
CA ALA A 22 2.65 17.35 -3.06
C ALA A 22 3.80 16.33 -3.22
N ILE A 23 4.90 16.77 -3.82
CA ILE A 23 6.08 15.92 -3.99
C ILE A 23 6.57 15.33 -2.66
N GLU A 24 6.86 16.19 -1.68
CA GLU A 24 7.33 15.71 -0.37
C GLU A 24 6.23 14.88 0.32
N ARG A 25 4.97 15.30 0.17
CA ARG A 25 3.83 14.61 0.78
C ARG A 25 3.76 13.14 0.33
N LEU A 26 3.79 12.93 -0.98
CA LEU A 26 3.71 11.59 -1.55
C LEU A 26 4.96 10.76 -1.21
N GLN A 27 6.11 11.44 -1.10
CA GLN A 27 7.36 10.79 -0.68
C GLN A 27 7.24 10.24 0.75
N ARG A 28 6.63 11.03 1.63
CA ARG A 28 6.41 10.61 3.03
C ARG A 28 5.62 9.31 3.11
N LEU A 29 4.50 9.25 2.38
CA LEU A 29 3.64 8.07 2.40
C LEU A 29 4.33 6.84 1.78
N GLN A 30 5.15 7.07 0.75
CA GLN A 30 5.94 6.00 0.13
C GLN A 30 6.96 5.45 1.14
N GLN A 31 7.68 6.35 1.81
CA GLN A 31 8.63 5.96 2.87
C GLN A 31 7.90 5.25 4.03
N ALA A 32 6.71 5.75 4.38
CA ALA A 32 5.90 5.15 5.43
C ALA A 32 5.53 3.70 5.08
N LEU A 33 5.15 3.48 3.82
CA LEU A 33 4.87 2.14 3.32
C LEU A 33 6.09 1.23 3.49
N GLU A 34 7.29 1.78 3.18
CA GLU A 34 8.54 1.04 3.37
C GLU A 34 8.76 0.67 4.85
N MET A 35 8.29 1.53 5.78
CA MET A 35 8.36 1.22 7.22
C MET A 35 7.57 -0.06 7.54
N GLY A 36 6.32 -0.10 7.08
CA GLY A 36 5.48 -1.28 7.31
C GLY A 36 6.08 -2.55 6.72
N VAL A 37 6.52 -2.47 5.47
CA VAL A 37 7.17 -3.59 4.79
C VAL A 37 8.47 -4.01 5.52
N SER A 38 9.24 -3.00 5.96
CA SER A 38 10.47 -3.26 6.72
C SER A 38 10.18 -4.05 8.00
N SER A 39 9.13 -3.64 8.71
CA SER A 39 8.66 -4.35 9.90
C SER A 39 8.36 -5.82 9.58
N LEU A 40 7.73 -6.05 8.44
CA LEU A 40 7.44 -7.40 7.97
C LEU A 40 8.73 -8.19 7.70
N MET A 41 9.66 -7.58 6.96
CA MET A 41 10.95 -8.20 6.62
C MET A 41 11.68 -8.71 7.87
N ALA A 42 11.61 -7.94 8.96
CA ALA A 42 12.27 -8.31 10.22
C ALA A 42 11.65 -9.58 10.85
N LEU A 43 10.37 -9.84 10.52
CA LEU A 43 9.66 -11.00 11.06
C LEU A 43 9.59 -12.16 10.05
N VAL A 44 9.85 -11.87 8.77
CA VAL A 44 9.86 -12.89 7.73
C VAL A 44 11.07 -13.84 7.88
N THR A 45 10.78 -15.08 8.28
CA THR A 45 11.83 -16.10 8.45
C THR A 45 11.48 -17.37 7.68
N THR A 46 12.34 -17.76 6.72
CA THR A 46 12.10 -18.94 5.87
C THR A 46 11.83 -20.22 6.69
N ASP A 47 12.17 -20.20 7.98
CA ASP A 47 12.01 -21.35 8.88
C ASP A 47 10.54 -21.55 9.33
N TRP A 48 9.58 -21.12 8.49
CA TRP A 48 8.14 -21.20 8.81
C TRP A 48 7.72 -22.59 9.33
N ARG A 49 8.34 -23.64 8.80
CA ARG A 49 7.98 -25.02 9.13
C ARG A 49 8.26 -25.38 10.62
N CYS A 50 9.15 -24.62 11.25
CA CYS A 50 9.50 -24.88 12.66
C CYS A 50 8.39 -24.37 13.60
N TYR A 51 7.62 -25.29 14.18
CA TYR A 51 6.43 -24.95 14.98
C TYR A 51 6.71 -23.91 16.07
N GLY A 52 7.56 -24.25 17.04
CA GLY A 52 7.85 -23.34 18.14
C GLY A 52 8.44 -22.01 17.67
N TYR A 53 9.43 -22.08 16.78
CA TYR A 53 10.08 -20.89 16.22
C TYR A 53 9.06 -19.97 15.51
N MET A 54 8.10 -20.57 14.81
CA MET A 54 7.04 -19.81 14.14
C MET A 54 5.99 -19.31 15.14
N GLU A 55 5.69 -20.12 16.15
CA GLU A 55 4.72 -19.74 17.19
C GLU A 55 5.20 -18.48 17.95
N ARG A 56 6.51 -18.32 18.04
CA ARG A 56 7.11 -17.12 18.66
C ARG A 56 7.03 -15.90 17.72
N HIS A 57 6.47 -16.09 16.53
CA HIS A 57 6.27 -14.99 15.57
C HIS A 57 4.78 -14.75 15.26
N ILE A 58 3.95 -15.78 15.49
CA ILE A 58 2.55 -15.79 15.05
C ILE A 58 1.77 -14.51 15.42
N ASN A 59 1.96 -14.01 16.65
CA ASN A 59 1.24 -12.83 17.12
C ASN A 59 1.89 -11.52 16.63
N GLU A 60 3.22 -11.47 16.69
CA GLU A 60 3.98 -10.26 16.28
C GLU A 60 3.77 -9.95 14.79
N ILE A 61 3.84 -10.97 13.94
CA ILE A 61 3.72 -10.78 12.50
C ILE A 61 2.35 -10.17 12.11
N ARG A 62 1.32 -10.47 12.90
CA ARG A 62 -0.03 -9.91 12.66
C ARG A 62 0.00 -8.37 12.70
N THR A 63 0.89 -7.81 13.51
CA THR A 63 1.02 -6.34 13.61
C THR A 63 1.70 -5.75 12.36
N ALA A 64 2.82 -6.36 11.95
CA ALA A 64 3.54 -5.90 10.75
C ALA A 64 2.68 -6.04 9.48
N VAL A 65 2.01 -7.18 9.35
CA VAL A 65 1.07 -7.42 8.24
C VAL A 65 0.01 -6.31 8.19
N ASP A 66 -0.53 -5.95 9.35
CA ASP A 66 -1.51 -4.88 9.46
C ASP A 66 -0.91 -3.52 9.05
N LYS A 67 0.35 -3.29 9.42
CA LYS A 67 1.05 -2.05 9.06
C LYS A 67 1.22 -1.91 7.54
N VAL A 68 1.60 -3.00 6.87
CA VAL A 68 1.73 -3.00 5.40
C VAL A 68 0.42 -2.51 4.75
N GLU A 69 -0.68 -3.14 5.12
CA GLU A 69 -2.01 -2.75 4.62
C GLU A 69 -2.39 -1.33 5.05
N LEU A 70 -2.02 -0.95 6.27
CA LEU A 70 -2.33 0.38 6.80
C LEU A 70 -1.71 1.50 5.95
N PHE A 71 -0.37 1.50 5.87
CA PHE A 71 0.35 2.54 5.13
C PHE A 71 0.01 2.51 3.63
N LEU A 72 -0.23 1.32 3.09
CA LEU A 72 -0.63 1.17 1.69
C LEU A 72 -2.03 1.74 1.45
N LYS A 73 -2.93 1.54 2.41
CA LYS A 73 -4.29 2.09 2.35
C LYS A 73 -4.26 3.62 2.35
N GLU A 74 -3.45 4.20 3.24
CA GLU A 74 -3.27 5.66 3.30
C GLU A 74 -2.65 6.18 1.98
N TYR A 75 -1.69 5.44 1.46
CA TYR A 75 -1.02 5.77 0.19
C TYR A 75 -2.03 5.82 -0.96
N LEU A 76 -2.85 4.78 -1.08
CA LEU A 76 -3.86 4.68 -2.14
C LEU A 76 -4.81 5.89 -2.15
N HIS A 77 -5.29 6.28 -0.96
CA HIS A 77 -6.21 7.42 -0.86
C HIS A 77 -5.59 8.72 -1.41
N PHE A 78 -4.27 8.86 -1.24
CA PHE A 78 -3.56 10.06 -1.70
C PHE A 78 -3.37 10.05 -3.23
N VAL A 79 -2.79 8.97 -3.75
CA VAL A 79 -2.53 8.87 -5.20
C VAL A 79 -3.83 8.92 -6.02
N LYS A 80 -4.89 8.29 -5.53
CA LYS A 80 -6.19 8.33 -6.20
C LYS A 80 -6.75 9.76 -6.24
N GLY A 81 -6.41 10.55 -5.21
CA GLY A 81 -6.77 11.97 -5.20
C GLY A 81 -6.06 12.75 -6.31
N ALA A 82 -4.79 12.43 -6.53
CA ALA A 82 -4.01 13.02 -7.63
C ALA A 82 -4.57 12.58 -9.00
N VAL A 83 -4.74 11.28 -9.18
CA VAL A 83 -5.32 10.72 -10.42
C VAL A 83 -6.68 11.34 -10.73
N ALA A 84 -7.47 11.63 -9.69
CA ALA A 84 -8.74 12.34 -9.85
C ALA A 84 -8.55 13.71 -10.50
N ASN A 85 -7.50 14.42 -10.11
CA ASN A 85 -7.17 15.72 -10.70
C ASN A 85 -6.68 15.57 -12.14
N ALA A 86 -5.95 14.48 -12.42
CA ALA A 86 -5.46 14.17 -13.76
C ALA A 86 -6.60 14.05 -14.78
N ALA A 87 -7.81 13.79 -14.30
CA ALA A 87 -8.98 13.65 -15.17
C ALA A 87 -9.39 14.98 -15.84
N CYS A 88 -8.69 16.07 -15.50
CA CYS A 88 -8.97 17.39 -16.11
C CYS A 88 -7.92 17.74 -17.19
N LEU A 89 -6.97 16.84 -17.42
CA LEU A 89 -5.87 17.09 -18.38
C LEU A 89 -6.36 16.97 -19.84
N PRO A 90 -5.75 17.73 -20.78
CA PRO A 90 -6.12 17.72 -22.21
C PRO A 90 -6.15 16.31 -22.82
N GLU A 91 -5.06 15.55 -22.64
CA GLU A 91 -5.01 14.15 -23.10
C GLU A 91 -5.17 13.18 -21.92
N LEU A 92 -6.01 12.16 -22.10
CA LEU A 92 -6.33 11.20 -21.04
C LEU A 92 -5.14 10.25 -20.80
N ILE A 93 -4.23 10.19 -21.77
CA ILE A 93 -3.07 9.27 -21.73
C ILE A 93 -2.37 9.24 -20.36
N LEU A 94 -1.96 10.40 -19.85
CA LEU A 94 -1.29 10.47 -18.54
C LEU A 94 -2.19 9.90 -17.43
N HIS A 95 -3.48 10.23 -17.48
CA HIS A 95 -4.45 9.69 -16.52
C HIS A 95 -4.55 8.17 -16.64
N ASN A 96 -4.40 7.65 -17.86
CA ASN A 96 -4.44 6.22 -18.12
C ASN A 96 -3.19 5.51 -17.57
N LYS A 97 -2.02 6.07 -17.84
CA LYS A 97 -0.75 5.49 -17.39
C LYS A 97 -0.70 5.36 -15.86
N MET A 98 -0.94 6.48 -15.15
CA MET A 98 -0.91 6.47 -13.68
C MET A 98 -1.86 5.43 -13.07
N LYS A 99 -3.10 5.37 -13.56
CA LYS A 99 -4.09 4.43 -13.02
C LYS A 99 -3.69 2.97 -13.32
N ARG A 100 -3.13 2.72 -14.51
CA ARG A 100 -2.70 1.37 -14.88
C ARG A 100 -1.51 0.91 -14.02
N GLU A 101 -0.54 1.80 -13.78
CA GLU A 101 0.55 1.50 -12.84
C GLU A 101 0.00 1.27 -11.43
N LEU A 102 -1.02 2.06 -11.08
CA LEU A 102 -1.70 1.92 -9.79
C LEU A 102 -2.44 0.57 -9.69
N GLN A 103 -2.87 0.02 -10.83
CA GLN A 103 -3.56 -1.28 -10.84
C GLN A 103 -2.64 -2.41 -10.36
N ARG A 104 -1.34 -2.25 -10.58
CA ARG A 104 -0.36 -3.18 -10.02
C ARG A 104 -0.34 -3.07 -8.48
N VAL A 105 -0.37 -1.85 -7.97
CA VAL A 105 -0.39 -1.60 -6.54
C VAL A 105 -1.70 -2.09 -5.89
N GLU A 106 -2.83 -1.85 -6.56
CA GLU A 106 -4.14 -2.29 -6.07
C GLU A 106 -4.28 -3.82 -6.19
N ASP A 107 -3.86 -4.38 -7.32
CA ASP A 107 -3.81 -5.85 -7.50
C ASP A 107 -3.01 -6.51 -6.37
N SER A 108 -1.87 -5.91 -6.03
CA SER A 108 -1.07 -6.36 -4.89
C SER A 108 -1.87 -6.22 -3.58
N HIS A 109 -2.40 -5.03 -3.33
CA HIS A 109 -3.13 -4.73 -2.10
C HIS A 109 -4.34 -5.65 -1.89
N GLN A 110 -5.08 -5.96 -2.95
CA GLN A 110 -6.27 -6.81 -2.84
C GLN A 110 -5.90 -8.26 -2.46
N ILE A 111 -4.85 -8.81 -3.08
CA ILE A 111 -4.42 -10.17 -2.74
C ILE A 111 -3.76 -10.22 -1.35
N LEU A 112 -3.10 -9.13 -0.96
CA LEU A 112 -2.57 -8.98 0.40
C LEU A 112 -3.72 -8.98 1.42
N SER A 113 -4.75 -8.18 1.12
CA SER A 113 -5.95 -8.09 1.97
C SER A 113 -6.66 -9.44 2.11
N GLN A 114 -6.92 -10.10 0.98
CA GLN A 114 -7.65 -11.38 1.00
C GLN A 114 -6.88 -12.50 1.71
N THR A 115 -5.55 -12.52 1.54
CA THR A 115 -4.70 -13.50 2.27
C THR A 115 -4.69 -13.20 3.77
N SER A 116 -4.28 -11.98 4.12
CA SER A 116 -4.29 -11.54 5.54
C SER A 116 -5.66 -11.78 6.20
N HIS A 117 -6.72 -11.44 5.47
CA HIS A 117 -8.09 -11.67 5.96
C HIS A 117 -8.35 -13.16 6.19
N ASP A 118 -8.02 -13.96 5.19
CA ASP A 118 -8.21 -15.42 5.24
C ASP A 118 -7.48 -16.02 6.45
N LEU A 119 -6.24 -15.58 6.66
CA LEU A 119 -5.46 -16.02 7.83
C LEU A 119 -6.16 -15.60 9.14
N ASN A 120 -6.75 -14.41 9.15
CA ASN A 120 -7.52 -13.95 10.29
C ASN A 120 -8.81 -14.77 10.46
N GLU A 121 -9.36 -15.24 9.34
CA GLU A 121 -10.55 -16.08 9.35
C GLU A 121 -10.26 -17.47 9.91
N CYS A 122 -9.02 -17.94 9.73
CA CYS A 122 -8.58 -19.21 10.33
C CYS A 122 -7.89 -18.94 11.70
N SER A 123 -8.03 -17.71 12.19
CA SER A 123 -7.52 -17.32 13.52
C SER A 123 -5.99 -17.42 13.62
N TRP A 124 -5.32 -17.47 12.46
CA TRP A 124 -3.85 -17.66 12.43
C TRP A 124 -3.45 -18.93 13.18
N SER A 125 -4.31 -19.94 13.14
CA SER A 125 -4.08 -21.20 13.86
C SER A 125 -2.82 -21.92 13.36
N LEU A 126 -1.91 -22.18 14.30
CA LEU A 126 -0.62 -22.83 14.00
C LEU A 126 -0.84 -24.21 13.34
N ASN A 127 -1.98 -24.82 13.64
CA ASN A 127 -2.35 -26.14 13.08
C ASN A 127 -2.27 -26.16 11.54
N ILE A 128 -2.53 -25.02 10.90
CA ILE A 128 -2.49 -24.91 9.44
C ILE A 128 -1.17 -24.30 8.95
N LEU A 129 -0.68 -23.29 9.66
CA LEU A 129 0.51 -22.55 9.24
C LEU A 129 1.82 -23.28 9.60
N ALA A 130 2.04 -23.52 10.89
CA ALA A 130 3.29 -24.15 11.36
C ALA A 130 3.23 -25.68 11.24
N ILE A 131 2.15 -26.27 11.74
CA ILE A 131 1.90 -27.71 11.61
C ILE A 131 1.29 -28.00 10.22
N ASN A 132 1.91 -27.43 9.19
CA ASN A 132 1.37 -27.48 7.83
C ASN A 132 1.28 -28.91 7.29
N LYS A 133 0.09 -29.50 7.42
CA LYS A 133 -0.17 -30.83 6.86
C LYS A 133 0.13 -30.87 5.35
N PRO A 134 0.84 -31.91 4.87
CA PRO A 134 1.31 -32.00 3.47
C PRO A 134 0.17 -31.94 2.43
N GLN A 135 -1.08 -31.98 2.90
CA GLN A 135 -2.25 -31.86 2.02
C GLN A 135 -2.44 -30.43 1.51
N ASN A 136 -1.95 -29.45 2.25
CA ASN A 136 -2.09 -28.03 1.90
C ASN A 136 -0.91 -27.56 1.03
N LYS A 137 -1.08 -27.57 -0.29
CA LYS A 137 -0.04 -27.09 -1.21
C LYS A 137 -0.30 -25.63 -1.63
N CYS A 138 -1.39 -25.04 -1.12
CA CYS A 138 -1.72 -23.64 -1.39
C CYS A 138 -1.16 -22.73 -0.28
N ASP A 139 -0.40 -21.72 -0.68
CA ASP A 139 0.29 -20.84 0.28
C ASP A 139 -0.24 -19.40 0.21
N ASP A 140 -1.07 -19.01 1.18
CA ASP A 140 -1.45 -17.60 1.36
C ASP A 140 -0.38 -16.83 2.16
N LEU A 141 0.34 -17.53 3.05
CA LEU A 141 1.24 -16.87 4.01
C LEU A 141 2.47 -16.23 3.35
N ASP A 142 3.27 -17.02 2.64
CA ASP A 142 4.47 -16.48 1.98
C ASP A 142 4.07 -15.68 0.73
N ARG A 143 2.89 -15.98 0.18
CA ARG A 143 2.31 -15.19 -0.91
C ARG A 143 2.23 -13.71 -0.52
N PHE A 144 1.77 -13.45 0.71
CA PHE A 144 1.73 -12.09 1.24
C PHE A 144 3.13 -11.46 1.25
N VAL A 145 4.11 -12.23 1.73
CA VAL A 145 5.50 -11.77 1.84
C VAL A 145 6.09 -11.38 0.47
N MET A 146 6.14 -12.34 -0.46
CA MET A 146 6.75 -12.13 -1.78
C MET A 146 6.19 -10.89 -2.50
N VAL A 147 4.90 -10.61 -2.28
CA VAL A 147 4.26 -9.44 -2.89
C VAL A 147 4.54 -8.16 -2.08
N ALA A 148 4.26 -8.21 -0.78
CA ALA A 148 4.40 -7.05 0.10
C ALA A 148 5.80 -6.42 0.04
N LYS A 149 6.82 -7.23 -0.19
CA LYS A 149 8.21 -6.75 -0.24
C LYS A 149 8.48 -5.87 -1.48
N THR A 150 7.72 -6.09 -2.56
CA THR A 150 7.91 -5.30 -3.81
C THR A 150 6.90 -4.14 -3.92
N VAL A 151 5.84 -4.20 -3.12
CA VAL A 151 4.79 -3.16 -3.15
C VAL A 151 5.35 -1.72 -3.01
N PRO A 152 6.26 -1.45 -2.05
CA PRO A 152 6.87 -0.11 -1.89
C PRO A 152 7.60 0.36 -3.16
N ASP A 153 8.12 -0.60 -3.94
CA ASP A 153 8.84 -0.28 -5.18
C ASP A 153 7.85 -0.03 -6.33
N ASP A 154 6.83 -0.89 -6.46
CA ASP A 154 5.75 -0.66 -7.42
C ASP A 154 5.04 0.67 -7.13
N ALA A 155 4.87 0.97 -5.85
CA ALA A 155 4.28 2.25 -5.43
C ALA A 155 5.25 3.41 -5.71
N LYS A 156 6.54 3.16 -5.51
CA LYS A 156 7.58 4.17 -5.79
C LYS A 156 7.51 4.63 -7.26
N GLN A 157 7.04 3.76 -8.15
CA GLN A 157 6.77 4.13 -9.54
C GLN A 157 5.71 5.23 -9.62
N LEU A 158 4.54 4.97 -9.03
CA LEU A 158 3.45 5.97 -8.96
C LEU A 158 3.95 7.27 -8.35
N THR A 159 4.69 7.16 -7.25
CA THR A 159 5.31 8.32 -6.60
C THR A 159 6.14 9.14 -7.59
N THR A 160 6.99 8.46 -8.35
CA THR A 160 7.86 9.13 -9.34
C THR A 160 7.03 9.79 -10.46
N THR A 161 6.12 9.04 -11.07
CA THR A 161 5.28 9.54 -12.15
C THR A 161 4.49 10.80 -11.74
N ILE A 162 3.85 10.74 -10.58
CA ILE A 162 3.10 11.89 -10.06
C ILE A 162 4.01 13.09 -9.78
N ASN A 163 5.15 12.84 -9.12
CA ASN A 163 6.11 13.90 -8.80
C ASN A 163 6.65 14.61 -10.05
N THR A 164 6.97 13.85 -11.10
CA THR A 164 7.54 14.44 -12.32
C THR A 164 6.47 15.16 -13.16
N ASN A 165 5.20 14.78 -12.98
CA ASN A 165 4.08 15.45 -13.67
C ASN A 165 3.27 16.35 -12.72
N ALA A 166 3.78 16.57 -11.50
CA ALA A 166 3.09 17.35 -10.48
C ALA A 166 2.73 18.77 -10.97
N GLU A 167 3.67 19.40 -11.67
CA GLU A 167 3.47 20.73 -12.26
C GLU A 167 2.21 20.80 -13.15
N ALA A 168 1.82 19.66 -13.72
CA ALA A 168 0.62 19.58 -14.55
C ALA A 168 -0.60 19.07 -13.76
N LEU A 169 -0.35 18.14 -12.83
CA LEU A 169 -1.41 17.53 -12.03
C LEU A 169 -2.02 18.52 -11.02
N PHE A 170 -1.18 19.33 -10.40
CA PHE A 170 -1.63 20.26 -9.35
C PHE A 170 -1.39 21.72 -9.76
N ARG A 171 -2.43 22.54 -9.64
CA ARG A 171 -2.33 23.97 -9.95
C ARG A 171 -2.59 24.83 -8.70
N PRO A 172 -1.59 25.60 -8.24
CA PRO A 172 -1.74 26.46 -7.05
C PRO A 172 -2.58 27.70 -7.31
N GLY A 173 -2.63 28.13 -8.58
CA GLY A 173 -3.45 29.28 -8.95
C GLY A 173 -3.06 29.86 -10.31
N PRO A 174 -3.98 30.52 -11.01
CA PRO A 174 -3.71 31.17 -12.31
C PRO A 174 -2.64 32.28 -12.20
N GLY A 175 -2.63 32.97 -11.07
CA GLY A 175 -1.66 34.03 -10.83
C GLY A 175 -0.22 33.55 -10.77
N SER A 176 0.04 32.52 -9.96
CA SER A 176 1.41 31.99 -9.78
C SER A 176 1.41 30.64 -9.03
N MET A 1 -23.42 7.90 8.56
CA MET A 1 -22.18 7.98 7.73
C MET A 1 -21.17 6.88 8.10
N GLY A 2 -19.97 6.98 7.55
CA GLY A 2 -18.94 5.97 7.78
C GLY A 2 -18.55 5.82 9.25
N HIS A 3 -19.25 4.92 9.96
CA HIS A 3 -18.96 4.62 11.37
C HIS A 3 -18.33 3.23 11.51
N HIS A 4 -18.15 2.54 10.39
CA HIS A 4 -17.53 1.20 10.37
C HIS A 4 -16.17 1.18 11.09
N HIS A 5 -15.52 2.34 11.11
CA HIS A 5 -14.31 2.54 11.92
C HIS A 5 -14.11 4.04 12.17
N HIS A 6 -13.32 4.39 13.19
CA HIS A 6 -13.13 5.80 13.55
C HIS A 6 -12.61 6.65 12.37
N HIS A 7 -13.01 7.91 12.34
CA HIS A 7 -12.77 8.79 11.19
C HIS A 7 -11.29 9.14 10.99
N HIS A 8 -10.58 8.27 10.27
CA HIS A 8 -9.21 8.52 9.84
C HIS A 8 -9.04 8.10 8.36
N SER A 9 -8.13 8.77 7.66
CA SER A 9 -7.84 8.49 6.23
C SER A 9 -8.96 8.99 5.30
N HIS A 10 -10.22 8.78 5.67
CA HIS A 10 -11.37 9.17 4.85
C HIS A 10 -11.32 10.65 4.41
N MET A 11 -11.25 10.84 3.10
CA MET A 11 -11.29 12.18 2.49
C MET A 11 -12.20 12.15 1.25
N ASP A 12 -12.32 13.28 0.57
CA ASP A 12 -13.11 13.34 -0.66
C ASP A 12 -12.42 12.57 -1.82
N LYS A 13 -13.11 12.49 -2.96
CA LYS A 13 -12.62 11.71 -4.11
C LYS A 13 -11.58 12.47 -4.95
N ARG A 14 -10.99 13.50 -4.36
CA ARG A 14 -9.85 14.22 -4.96
C ARG A 14 -9.23 15.18 -3.93
N LEU A 15 -7.90 15.26 -3.92
CA LEU A 15 -7.17 16.08 -2.95
C LEU A 15 -6.78 17.46 -3.52
N PHE A 16 -6.71 18.45 -2.65
CA PHE A 16 -6.37 19.83 -3.05
C PHE A 16 -5.13 20.34 -2.29
N LEU A 17 -4.06 20.64 -3.03
CA LEU A 17 -2.80 21.11 -2.42
C LEU A 17 -1.86 21.71 -3.48
N ASP A 18 -0.66 22.08 -3.06
CA ASP A 18 0.35 22.63 -3.99
C ASP A 18 1.08 21.51 -4.76
N PRO A 19 1.43 21.75 -6.05
CA PRO A 19 2.18 20.77 -6.86
C PRO A 19 3.53 20.41 -6.22
N ASP A 20 4.26 21.42 -5.76
CA ASP A 20 5.53 21.22 -5.09
C ASP A 20 5.34 20.47 -3.75
N THR A 21 4.36 20.91 -2.96
CA THR A 21 4.06 20.26 -1.66
C THR A 21 3.66 18.78 -1.85
N ALA A 22 2.93 18.49 -2.91
CA ALA A 22 2.49 17.11 -3.19
C ALA A 22 3.69 16.13 -3.22
N ILE A 23 4.82 16.61 -3.74
CA ILE A 23 6.06 15.82 -3.79
C ILE A 23 6.48 15.34 -2.40
N GLU A 24 6.62 16.27 -1.44
CA GLU A 24 7.01 15.90 -0.08
C GLU A 24 5.95 15.00 0.58
N ARG A 25 4.67 15.34 0.35
CA ARG A 25 3.55 14.56 0.90
C ARG A 25 3.66 13.07 0.52
N LEU A 26 3.72 12.82 -0.78
CA LEU A 26 3.75 11.44 -1.31
C LEU A 26 5.03 10.71 -0.87
N GLN A 27 6.14 11.45 -0.79
CA GLN A 27 7.41 10.87 -0.34
C GLN A 27 7.34 10.43 1.13
N ARG A 28 6.61 11.20 1.95
CA ARG A 28 6.40 10.83 3.36
C ARG A 28 5.60 9.53 3.47
N LEU A 29 4.55 9.41 2.67
CA LEU A 29 3.75 8.18 2.63
C LEU A 29 4.59 6.98 2.17
N GLN A 30 5.45 7.20 1.18
CA GLN A 30 6.40 6.17 0.74
C GLN A 30 7.28 5.71 1.91
N GLN A 31 7.92 6.67 2.59
CA GLN A 31 8.78 6.37 3.73
C GLN A 31 8.03 5.63 4.85
N ALA A 32 6.78 6.01 5.09
CA ALA A 32 5.94 5.33 6.07
C ALA A 32 5.67 3.88 5.65
N LEU A 33 5.39 3.68 4.38
CA LEU A 33 5.22 2.34 3.81
C LEU A 33 6.50 1.52 3.96
N GLU A 34 7.65 2.15 3.69
CA GLU A 34 8.97 1.55 3.90
C GLU A 34 9.10 0.98 5.33
N MET A 35 8.68 1.79 6.32
CA MET A 35 8.72 1.36 7.72
C MET A 35 7.80 0.16 7.97
N GLY A 36 6.57 0.21 7.45
CA GLY A 36 5.63 -0.89 7.61
C GLY A 36 6.16 -2.21 7.05
N VAL A 37 6.67 -2.16 5.83
CA VAL A 37 7.27 -3.34 5.20
C VAL A 37 8.53 -3.79 5.95
N SER A 38 9.31 -2.84 6.43
CA SER A 38 10.52 -3.13 7.24
C SER A 38 10.15 -3.97 8.48
N SER A 39 9.08 -3.57 9.16
CA SER A 39 8.57 -4.31 10.32
C SER A 39 8.29 -5.78 9.96
N LEU A 40 7.59 -5.99 8.84
CA LEU A 40 7.30 -7.34 8.35
C LEU A 40 8.59 -8.11 8.01
N MET A 41 9.49 -7.47 7.26
CA MET A 41 10.75 -8.10 6.85
C MET A 41 11.59 -8.54 8.06
N ALA A 42 11.39 -7.89 9.21
CA ALA A 42 12.06 -8.27 10.45
C ALA A 42 11.33 -9.43 11.15
N LEU A 43 10.02 -9.53 10.94
CA LEU A 43 9.18 -10.53 11.61
C LEU A 43 8.98 -11.81 10.77
N VAL A 44 9.38 -11.77 9.51
CA VAL A 44 9.32 -12.95 8.64
C VAL A 44 10.48 -13.93 8.95
N THR A 45 10.65 -14.95 8.11
CA THR A 45 11.68 -15.97 8.34
C THR A 45 12.20 -16.55 7.02
N THR A 46 13.46 -17.00 7.02
CA THR A 46 14.06 -17.65 5.85
C THR A 46 13.18 -18.80 5.32
N ASP A 47 12.66 -19.60 6.24
CA ASP A 47 11.70 -20.66 5.92
C ASP A 47 10.95 -21.12 7.17
N TRP A 48 9.64 -21.25 7.07
CA TRP A 48 8.78 -21.60 8.22
C TRP A 48 8.68 -23.12 8.41
N ARG A 49 9.74 -23.84 8.05
CA ARG A 49 9.75 -25.31 8.10
C ARG A 49 10.06 -25.86 9.50
N CYS A 50 9.83 -25.04 10.53
CA CYS A 50 10.06 -25.45 11.93
C CYS A 50 9.08 -24.75 12.87
N TYR A 51 8.25 -25.53 13.57
CA TYR A 51 7.21 -24.99 14.46
C TYR A 51 7.78 -24.01 15.50
N GLY A 52 8.79 -24.46 16.25
CA GLY A 52 9.40 -23.62 17.28
C GLY A 52 10.04 -22.35 16.72
N TYR A 53 10.44 -22.39 15.46
CA TYR A 53 11.07 -21.23 14.80
C TYR A 53 10.00 -20.25 14.25
N MET A 54 8.85 -20.80 13.88
CA MET A 54 7.74 -19.99 13.35
C MET A 54 6.89 -19.35 14.47
N GLU A 55 6.43 -20.19 15.40
CA GLU A 55 5.52 -19.75 16.49
C GLU A 55 6.01 -18.49 17.22
N ARG A 56 7.29 -18.45 17.55
CA ARG A 56 7.86 -17.39 18.40
C ARG A 56 7.59 -15.96 17.87
N HIS A 57 7.55 -15.80 16.55
CA HIS A 57 7.35 -14.45 15.97
C HIS A 57 5.92 -14.26 15.41
N ILE A 58 5.01 -15.17 15.76
CA ILE A 58 3.61 -15.07 15.31
C ILE A 58 2.88 -13.87 15.94
N ASN A 59 3.02 -13.71 17.25
CA ASN A 59 2.31 -12.65 17.99
C ASN A 59 2.56 -11.26 17.37
N GLU A 60 3.78 -11.02 16.92
CA GLU A 60 4.15 -9.72 16.34
C GLU A 60 3.82 -9.63 14.85
N ILE A 61 4.13 -10.68 14.08
CA ILE A 61 3.86 -10.67 12.64
C ILE A 61 2.34 -10.56 12.36
N ARG A 62 1.54 -11.04 13.32
CA ARG A 62 0.07 -10.91 13.25
C ARG A 62 -0.35 -9.44 13.12
N THR A 63 0.36 -8.57 13.84
CA THR A 63 0.13 -7.12 13.76
C THR A 63 0.76 -6.54 12.48
N ALA A 64 1.98 -6.97 12.19
CA ALA A 64 2.71 -6.49 11.00
C ALA A 64 1.87 -6.61 9.72
N VAL A 65 1.20 -7.76 9.55
CA VAL A 65 0.31 -7.98 8.40
C VAL A 65 -0.77 -6.88 8.31
N ASP A 66 -1.39 -6.56 9.43
CA ASP A 66 -2.40 -5.49 9.50
C ASP A 66 -1.77 -4.12 9.18
N LYS A 67 -0.52 -3.91 9.64
CA LYS A 67 0.20 -2.65 9.41
C LYS A 67 0.51 -2.46 7.92
N VAL A 68 1.11 -3.46 7.29
CA VAL A 68 1.48 -3.40 5.87
C VAL A 68 0.26 -3.06 5.00
N GLU A 69 -0.85 -3.74 5.25
CA GLU A 69 -2.10 -3.48 4.52
C GLU A 69 -2.62 -2.07 4.86
N LEU A 70 -2.48 -1.67 6.12
CA LEU A 70 -2.87 -0.31 6.57
C LEU A 70 -2.10 0.77 5.79
N PHE A 71 -0.78 0.77 5.89
CA PHE A 71 0.06 1.77 5.21
C PHE A 71 -0.15 1.74 3.69
N LEU A 72 -0.33 0.55 3.13
CA LEU A 72 -0.65 0.38 1.70
C LEU A 72 -2.00 1.06 1.37
N LYS A 73 -2.97 0.90 2.28
CA LYS A 73 -4.31 1.47 2.10
C LYS A 73 -4.27 3.00 2.19
N GLU A 74 -3.39 3.51 3.05
CA GLU A 74 -3.16 4.95 3.17
C GLU A 74 -2.53 5.52 1.90
N TYR A 75 -1.48 4.85 1.42
CA TYR A 75 -0.77 5.28 0.21
C TYR A 75 -1.71 5.29 -1.02
N LEU A 76 -2.33 4.15 -1.30
CA LEU A 76 -3.25 4.03 -2.45
C LEU A 76 -4.38 5.07 -2.40
N HIS A 77 -4.78 5.46 -1.18
CA HIS A 77 -5.84 6.45 -1.01
C HIS A 77 -5.39 7.83 -1.56
N PHE A 78 -4.12 8.16 -1.36
CA PHE A 78 -3.56 9.45 -1.81
C PHE A 78 -3.40 9.48 -3.33
N VAL A 79 -2.73 8.47 -3.89
CA VAL A 79 -2.49 8.42 -5.34
C VAL A 79 -3.79 8.44 -6.16
N LYS A 80 -4.83 7.78 -5.64
CA LYS A 80 -6.15 7.82 -6.27
C LYS A 80 -6.69 9.26 -6.34
N GLY A 81 -6.41 10.06 -5.31
CA GLY A 81 -6.78 11.47 -5.32
C GLY A 81 -6.02 12.28 -6.36
N ALA A 82 -4.75 11.92 -6.57
CA ALA A 82 -3.93 12.56 -7.61
C ALA A 82 -4.46 12.24 -9.01
N VAL A 83 -4.65 10.94 -9.29
CA VAL A 83 -5.20 10.48 -10.58
C VAL A 83 -6.54 11.17 -10.88
N ALA A 84 -7.31 11.44 -9.82
CA ALA A 84 -8.55 12.20 -9.96
C ALA A 84 -8.31 13.59 -10.56
N ASN A 85 -7.28 14.29 -10.05
CA ASN A 85 -6.92 15.62 -10.58
C ASN A 85 -6.40 15.52 -12.02
N ALA A 86 -5.74 14.41 -12.34
CA ALA A 86 -5.25 14.15 -13.70
C ALA A 86 -6.40 14.10 -14.72
N ALA A 87 -7.62 13.82 -14.24
CA ALA A 87 -8.80 13.79 -15.10
C ALA A 87 -9.29 15.20 -15.46
N CYS A 88 -8.79 16.21 -14.74
CA CYS A 88 -9.16 17.61 -14.99
C CYS A 88 -8.27 18.24 -16.08
N LEU A 89 -7.25 17.50 -16.51
CA LEU A 89 -6.33 17.95 -17.56
C LEU A 89 -7.00 17.95 -18.94
N PRO A 90 -6.48 18.76 -19.90
CA PRO A 90 -7.05 18.84 -21.26
C PRO A 90 -6.92 17.53 -22.05
N GLU A 91 -6.08 16.62 -21.57
CA GLU A 91 -5.85 15.34 -22.23
C GLU A 91 -6.14 14.16 -21.29
N LEU A 92 -6.63 13.06 -21.85
CA LEU A 92 -6.85 11.84 -21.06
C LEU A 92 -5.57 10.97 -21.09
N ILE A 93 -4.65 11.34 -21.98
CA ILE A 93 -3.43 10.55 -22.22
C ILE A 93 -2.61 10.33 -20.94
N LEU A 94 -2.21 11.42 -20.29
CA LEU A 94 -1.46 11.32 -19.01
C LEU A 94 -2.29 10.57 -17.95
N HIS A 95 -3.60 10.83 -17.91
CA HIS A 95 -4.49 10.13 -16.98
C HIS A 95 -4.44 8.61 -17.21
N ASN A 96 -4.32 8.21 -18.49
CA ASN A 96 -4.18 6.80 -18.86
C ASN A 96 -2.81 6.26 -18.41
N LYS A 97 -1.73 6.96 -18.80
CA LYS A 97 -0.37 6.54 -18.47
C LYS A 97 -0.21 6.18 -16.98
N MET A 98 -0.64 7.09 -16.10
CA MET A 98 -0.45 6.91 -14.66
C MET A 98 -1.41 5.86 -14.06
N LYS A 99 -2.62 5.75 -14.61
CA LYS A 99 -3.61 4.80 -14.05
C LYS A 99 -3.25 3.34 -14.37
N ARG A 100 -2.67 3.10 -15.55
CA ARG A 100 -2.29 1.74 -15.95
C ARG A 100 -1.29 1.11 -14.96
N GLU A 101 -0.18 1.80 -14.71
CA GLU A 101 0.83 1.30 -13.78
C GLU A 101 0.28 1.28 -12.34
N LEU A 102 -0.69 2.15 -12.05
CA LEU A 102 -1.41 2.12 -10.77
C LEU A 102 -2.26 0.83 -10.65
N GLN A 103 -2.89 0.44 -11.75
CA GLN A 103 -3.69 -0.79 -11.77
C GLN A 103 -2.82 -2.03 -11.49
N ARG A 104 -1.57 -1.96 -11.94
CA ARG A 104 -0.58 -2.99 -11.61
C ARG A 104 -0.36 -3.08 -10.09
N VAL A 105 -0.32 -1.93 -9.44
CA VAL A 105 -0.18 -1.85 -7.99
C VAL A 105 -1.42 -2.43 -7.29
N GLU A 106 -2.59 -1.90 -7.64
CA GLU A 106 -3.85 -2.33 -7.02
C GLU A 106 -4.15 -3.81 -7.28
N ASP A 107 -4.22 -4.21 -8.55
CA ASP A 107 -4.60 -5.58 -8.93
C ASP A 107 -3.68 -6.64 -8.28
N SER A 108 -2.41 -6.29 -8.08
CA SER A 108 -1.45 -7.21 -7.47
C SER A 108 -1.51 -7.18 -5.94
N HIS A 109 -1.67 -5.98 -5.36
CA HIS A 109 -1.62 -5.82 -3.90
C HIS A 109 -2.99 -6.01 -3.22
N GLN A 110 -4.09 -5.89 -3.96
CA GLN A 110 -5.44 -6.09 -3.41
C GLN A 110 -5.56 -7.46 -2.71
N ILE A 111 -4.82 -8.44 -3.21
CA ILE A 111 -4.82 -9.79 -2.64
C ILE A 111 -4.28 -9.80 -1.19
N LEU A 112 -3.49 -8.79 -0.85
CA LEU A 112 -2.95 -8.65 0.51
C LEU A 112 -4.07 -8.37 1.52
N SER A 113 -5.12 -7.67 1.07
CA SER A 113 -6.31 -7.46 1.90
C SER A 113 -7.10 -8.77 2.05
N GLN A 114 -7.13 -9.55 0.97
CA GLN A 114 -7.79 -10.87 0.98
C GLN A 114 -7.06 -11.84 1.94
N THR A 115 -5.73 -11.84 1.88
CA THR A 115 -4.91 -12.71 2.73
C THR A 115 -4.91 -12.24 4.19
N SER A 116 -4.61 -10.96 4.42
CA SER A 116 -4.67 -10.37 5.77
C SER A 116 -5.99 -10.71 6.45
N HIS A 117 -7.09 -10.52 5.71
CA HIS A 117 -8.42 -10.89 6.16
C HIS A 117 -8.52 -12.40 6.44
N ASP A 118 -8.05 -13.21 5.50
CA ASP A 118 -8.18 -14.68 5.58
C ASP A 118 -7.46 -15.23 6.83
N LEU A 119 -6.24 -14.76 7.06
CA LEU A 119 -5.44 -15.16 8.24
C LEU A 119 -6.15 -14.82 9.54
N ASN A 120 -6.95 -13.76 9.53
CA ASN A 120 -7.68 -13.30 10.71
C ASN A 120 -8.92 -14.18 10.95
N GLU A 121 -9.52 -14.61 9.86
CA GLU A 121 -10.69 -15.51 9.90
C GLU A 121 -10.33 -16.85 10.54
N CYS A 122 -9.12 -17.34 10.23
CA CYS A 122 -8.62 -18.58 10.83
C CYS A 122 -7.93 -18.30 12.18
N SER A 123 -8.12 -17.08 12.70
CA SER A 123 -7.57 -16.66 14.00
C SER A 123 -6.08 -16.96 14.16
N TRP A 124 -5.34 -16.98 13.05
CA TRP A 124 -3.90 -17.26 13.05
C TRP A 124 -3.58 -18.58 13.77
N SER A 125 -4.30 -19.64 13.38
CA SER A 125 -4.10 -20.97 13.94
C SER A 125 -2.75 -21.57 13.52
N LEU A 126 -1.82 -21.69 14.48
CA LEU A 126 -0.51 -22.32 14.24
C LEU A 126 -0.66 -23.74 13.68
N ASN A 127 -1.76 -24.40 14.06
CA ASN A 127 -2.08 -25.75 13.56
C ASN A 127 -2.10 -25.77 12.02
N ILE A 128 -2.47 -24.65 11.41
CA ILE A 128 -2.53 -24.54 9.95
C ILE A 128 -1.26 -23.84 9.39
N LEU A 129 -0.83 -22.77 10.05
CA LEU A 129 0.28 -21.94 9.56
C LEU A 129 1.65 -22.65 9.70
N ALA A 130 1.98 -23.08 10.91
CA ALA A 130 3.28 -23.71 11.18
C ALA A 130 3.28 -25.21 10.79
N ILE A 131 2.22 -25.92 11.17
CA ILE A 131 2.11 -27.35 10.90
C ILE A 131 1.52 -27.60 9.48
N ASN A 132 1.67 -26.60 8.60
CA ASN A 132 1.11 -26.67 7.25
C ASN A 132 1.65 -27.87 6.45
N LYS A 133 0.81 -28.40 5.57
CA LYS A 133 1.14 -29.57 4.75
C LYS A 133 1.54 -29.17 3.32
N PRO A 134 2.17 -30.09 2.55
CA PRO A 134 2.56 -29.81 1.16
C PRO A 134 1.35 -29.68 0.21
N GLN A 135 0.88 -28.45 -0.01
CA GLN A 135 -0.17 -28.17 -0.99
C GLN A 135 0.38 -28.20 -2.42
N ASN A 136 -0.52 -28.15 -3.40
CA ASN A 136 -0.12 -28.12 -4.82
C ASN A 136 0.17 -26.69 -5.29
N LYS A 137 0.09 -25.72 -4.37
CA LYS A 137 0.35 -24.32 -4.70
C LYS A 137 0.99 -23.58 -3.51
N CYS A 138 1.56 -22.41 -3.77
CA CYS A 138 2.06 -21.53 -2.70
C CYS A 138 0.88 -20.87 -1.96
N ASP A 139 0.76 -21.13 -0.66
CA ASP A 139 -0.39 -20.68 0.13
C ASP A 139 -0.47 -19.15 0.28
N ASP A 140 -1.60 -18.69 0.82
CA ASP A 140 -1.88 -17.26 1.00
C ASP A 140 -0.86 -16.57 1.94
N LEU A 141 -0.41 -17.27 2.98
CA LEU A 141 0.59 -16.70 3.91
C LEU A 141 1.90 -16.37 3.18
N ASP A 142 2.47 -17.37 2.48
CA ASP A 142 3.65 -17.16 1.65
C ASP A 142 3.40 -16.02 0.64
N ARG A 143 2.24 -16.08 -0.01
CA ARG A 143 1.83 -15.07 -0.98
C ARG A 143 1.86 -13.65 -0.40
N PHE A 144 1.33 -13.48 0.81
CA PHE A 144 1.32 -12.16 1.45
C PHE A 144 2.75 -11.58 1.55
N VAL A 145 3.67 -12.36 2.12
CA VAL A 145 5.04 -11.92 2.32
C VAL A 145 5.73 -11.55 0.99
N MET A 146 5.70 -12.45 0.02
CA MET A 146 6.35 -12.21 -1.28
C MET A 146 5.72 -11.00 -2.02
N VAL A 147 4.40 -10.84 -1.92
CA VAL A 147 3.71 -9.72 -2.57
C VAL A 147 3.80 -8.43 -1.74
N ALA A 148 4.06 -8.56 -0.45
CA ALA A 148 4.23 -7.40 0.43
C ALA A 148 5.59 -6.71 0.24
N LYS A 149 6.65 -7.50 0.13
CA LYS A 149 8.01 -6.96 -0.02
C LYS A 149 8.18 -6.21 -1.35
N THR A 150 7.30 -6.45 -2.32
CA THR A 150 7.34 -5.73 -3.61
C THR A 150 6.42 -4.50 -3.61
N VAL A 151 5.57 -4.38 -2.59
CA VAL A 151 4.65 -3.23 -2.48
C VAL A 151 5.38 -1.87 -2.52
N PRO A 152 6.43 -1.67 -1.71
CA PRO A 152 7.17 -0.39 -1.69
C PRO A 152 7.84 -0.07 -3.03
N ASP A 153 8.03 -1.10 -3.87
CA ASP A 153 8.63 -0.93 -5.19
C ASP A 153 7.57 -0.45 -6.21
N ASP A 154 6.49 -1.22 -6.34
CA ASP A 154 5.38 -0.84 -7.23
C ASP A 154 4.81 0.54 -6.85
N ALA A 155 4.73 0.80 -5.55
CA ALA A 155 4.31 2.11 -5.06
C ALA A 155 5.32 3.20 -5.45
N LYS A 156 6.60 2.90 -5.26
CA LYS A 156 7.67 3.85 -5.59
C LYS A 156 7.63 4.27 -7.07
N GLN A 157 7.05 3.42 -7.91
CA GLN A 157 6.82 3.76 -9.32
C GLN A 157 5.91 4.99 -9.44
N LEU A 158 4.71 4.87 -8.87
CA LEU A 158 3.75 5.98 -8.84
C LEU A 158 4.31 7.18 -8.04
N THR A 159 5.03 6.88 -6.96
CA THR A 159 5.68 7.91 -6.14
C THR A 159 6.62 8.78 -6.99
N THR A 160 7.20 8.19 -8.03
CA THR A 160 8.06 8.94 -8.96
C THR A 160 7.22 9.62 -10.07
N THR A 161 6.30 8.86 -10.66
CA THR A 161 5.46 9.35 -11.76
C THR A 161 4.65 10.60 -11.37
N ILE A 162 3.92 10.52 -10.26
CA ILE A 162 3.11 11.65 -9.78
C ILE A 162 4.00 12.88 -9.49
N ASN A 163 5.08 12.65 -8.75
CA ASN A 163 6.02 13.73 -8.40
C ASN A 163 6.62 14.42 -9.65
N THR A 164 7.06 13.64 -10.64
CA THR A 164 7.69 14.21 -11.85
C THR A 164 6.65 14.95 -12.74
N ASN A 165 5.37 14.59 -12.60
CA ASN A 165 4.30 15.28 -13.34
C ASN A 165 3.43 16.15 -12.41
N ALA A 166 3.86 16.31 -11.15
CA ALA A 166 3.11 17.08 -10.15
C ALA A 166 2.81 18.51 -10.62
N GLU A 167 3.77 19.11 -11.31
CA GLU A 167 3.62 20.47 -11.86
C GLU A 167 2.36 20.61 -12.74
N ALA A 168 1.96 19.52 -13.38
CA ALA A 168 0.76 19.52 -14.23
C ALA A 168 -0.47 18.99 -13.47
N LEU A 169 -0.27 17.94 -12.68
CA LEU A 169 -1.37 17.29 -11.93
C LEU A 169 -2.03 18.24 -10.91
N PHE A 170 -1.22 19.09 -10.29
CA PHE A 170 -1.72 20.00 -9.24
C PHE A 170 -1.49 21.47 -9.62
N ARG A 171 -1.57 21.75 -10.91
CA ARG A 171 -1.38 23.12 -11.43
C ARG A 171 -2.37 24.12 -10.80
N PRO A 172 -1.87 25.13 -10.06
CA PRO A 172 -2.74 26.09 -9.37
C PRO A 172 -3.42 27.09 -10.33
N GLY A 173 -2.63 27.70 -11.22
CA GLY A 173 -3.20 28.61 -12.20
C GLY A 173 -2.21 29.66 -12.72
N PRO A 174 -2.68 30.63 -13.52
CA PRO A 174 -1.83 31.68 -14.09
C PRO A 174 -1.45 32.77 -13.05
N GLY A 175 -0.15 32.97 -12.85
CA GLY A 175 0.33 33.93 -11.86
C GLY A 175 1.49 33.37 -11.03
N SER A 176 1.21 32.29 -10.29
CA SER A 176 2.23 31.61 -9.48
C SER A 176 1.82 30.17 -9.17
#